data_9UXE
#
_entry.id   9UXE
#
_cell.length_a   1.00
_cell.length_b   1.00
_cell.length_c   1.00
_cell.angle_alpha   90.00
_cell.angle_beta   90.00
_cell.angle_gamma   90.00
#
_symmetry.space_group_name_H-M   'P 1'
#
loop_
_entity.id
_entity.type
_entity.pdbx_description
1 polymer 'Spike glycoprotein'
2 polymer 'Antibody KXD355, heavy chain'
3 polymer 'Antibody KXD355, light chain'
4 branched beta-D-mannopyranose-(1-4)-2-acetamido-2-deoxy-beta-D-glucopyranose-(1-4)-[alpha-L-fucopyranose-(1-6)]2-acetamido-2-deoxy-beta-D-glucopyranose
5 branched 2-acetamido-2-deoxy-beta-D-glucopyranose-(1-4)-2-acetamido-2-deoxy-beta-D-glucopyranose
6 non-polymer 2-acetamido-2-deoxy-beta-D-glucopyranose
#
loop_
_entity_poly.entity_id
_entity_poly.type
_entity_poly.pdbx_seq_one_letter_code
_entity_poly.pdbx_strand_id
1 'polypeptide(L)'
;MFVFLVLLPLVSSQCVNLTTRTQLPPAYTNSFTRGVYYPDKVFRSSVLHSTQDLFLPFFSNVTWFHAIHVSGTNGTKRFD
NPVLPFNDGVYFASTEKSNIIRGWIFGTTLDSKTQSLLIVNNATNVVIKVCEFQFCNDPFLGVYYHKNNKSWMESEFRVY
SSANNCTFEYVSQPFLMDLEGKQGNFKNLREFVFKNIDGYFKIYSKHTPINLVRDLPQGFSALEPLVDLPIGINITRFQT
LLALHRSYLTPGDSSSGWTAGAAAYYVGYLQPRTFLLKYNENGTITDAVDCALDPLSETKCTLKSFTVEKGIYQTSNFRV
QPTESIVRFPNITNLCPFGEVFNATRFASVYAWNRKRISNCVADYSVLYNSASFSTFKCYGVSPTKLNDLCFTNVYADSF
VIRGDEVRQIAPGQTGKIADYNYKLPDDFTGCVIAWNSNNLDSKVGGNYNYLYRLFRKSNLKPFERDISTEIYQAGSTPC
NGVEGFNCYFPLQSYGFQPTNGVGYQPYRVVVLSFELLHAPATVCGPKKSTNLVKNKCVNFNFNGLTGTGVLTESNKKFL
PFQQFGRDIADTTDAVRDPQTLEILDITPCSFGGVSVITPGTNTSNQVAVLYQDVNCTEVPVAIHADQLTPTWRVYSTGS
NVFQTRAGCLIGAEHVNNSYECDIPIGAGICASYQTQTNSPGSASSVASQSIIAYTMSLGAENSVAYSNNSIAIPTNFTI
SVTTEILPVSMTKTSVDCTMYICGDSTECSNLLLQYGSFCTQLNRALTGIAVEQDKNTQEVFAQVKQIYKTPPIKDFGGF
NFSQILPDPSKPSKRSPIEDLLFNKVTLADAGFIKQYGDCLGDIAARDLICAQKFNGLTVLPPLLTDEMIAQYTSALLAG
TITSGWTFGAGPALQIPFPMQMAYRFNGIGVTQNVLYENQKLIANQFNSAIGKIQDSLSSTPSALGKLQDVVNQNAQALN
TLVKQLSSNFGAISSVLNDILSRLDPPEAEVQIDRLITGRLQSLQTYVTQQLIRAAEIRASANLAATKMSECVLGQSKRV
DFCGKGYHLMSFPQSAPHGVVFLHVTYVPAQEKNFTTAPAICHDGKAHFPREGVFVSNGTHWFVTQRNFYEPQIITTDNT
FVSGNCDVVIGIVNNTVYDPLQPELDSFKEELDKYFKNHTSPDVDLGDISGINASVVNIQKEIDRLNEVAKNLNESLIDL
QELGKYEQGSGYIPEAPRDGQAYVRKDGEWVLLSTFLGRSLEVLFQGPGHHHHHHHHSA
;
A,B,C
2 'polypeptide(L)'
;EVQLVESGGGLVQPGGSLRLSCAASGFTFSGYWMHWVRQAPGKGLVWVSRVNRDGSDADYADSVKGRFTISKDNAKNTLF
LQMNSLRTEDTAVYYCVREATTFGVIIMPEWYFDLWGRGTLVTVSSASTKGPSVFPLAPSSKSTSGGTAALGCLVKDYFP
EPVTVSWNSGALTSGVHTFPAVLQSSGLYSLSSVVTVPSSSLGTQTYICNVNHKPSNTKVDKRVEPKSCDKHHHHHH
;
D,H,J
3 'polypeptide(L)'
;EIVMTQSPGTLSLSPGERATLSCRASQSDSSNSLAWYQQEPGQAPRLLIHDASSRATGIPDRFSGSGSGTDFTLIISRLE
PEDFAVYYCQLYGSFGQGTRLEIKRTVAAPSVFIFPPSDEQLKSGTASVVCLLNNFYPREAKVQWKVDNALQSGNSQESV
TEQDSKDSTYSLSSTLTLSKADYEKHKVYACEVTHQGLSSPVTKSFNRGEC
;
E,L,K
#
loop_
_chem_comp.id
_chem_comp.type
_chem_comp.name
_chem_comp.formula
BMA D-saccharide, beta linking beta-D-mannopyranose 'C6 H12 O6'
FUC L-saccharide, alpha linking alpha-L-fucopyranose 'C6 H12 O5'
NAG D-saccharide, beta linking 2-acetamido-2-deoxy-beta-D-glucopyranose 'C8 H15 N O6'
#
# COMPACT_ATOMS: atom_id res chain seq x y z
N GLN A 14 -61.18 35.50 3.49
CA GLN A 14 -59.75 35.16 3.42
C GLN A 14 -59.41 34.56 2.06
N CYS A 15 -60.23 33.62 1.60
CA CYS A 15 -60.09 33.06 0.27
C CYS A 15 -61.42 32.43 -0.13
N VAL A 16 -61.69 32.44 -1.43
CA VAL A 16 -62.95 31.97 -1.98
C VAL A 16 -62.68 31.08 -3.20
N ASN A 17 -63.42 29.98 -3.28
CA ASN A 17 -63.33 29.09 -4.44
C ASN A 17 -64.16 29.68 -5.58
N LEU A 18 -63.48 30.05 -6.67
CA LEU A 18 -64.14 30.78 -7.75
C LEU A 18 -65.05 29.84 -8.56
N THR A 19 -65.81 30.46 -9.46
CA THR A 19 -66.81 29.77 -10.28
C THR A 19 -66.84 30.46 -11.63
N THR A 20 -67.92 30.23 -12.38
CA THR A 20 -68.13 30.84 -13.71
C THR A 20 -66.96 30.52 -14.65
N ARG A 21 -66.58 29.25 -14.68
CA ARG A 21 -65.52 28.77 -15.55
C ARG A 21 -66.03 27.59 -16.36
N THR A 22 -65.39 27.35 -17.50
CA THR A 22 -65.76 26.26 -18.40
C THR A 22 -64.69 25.18 -18.35
N GLN A 23 -65.11 23.93 -18.15
CA GLN A 23 -64.19 22.80 -18.09
C GLN A 23 -63.89 22.34 -19.51
N LEU A 24 -62.68 22.64 -19.98
CA LEU A 24 -62.24 22.31 -21.33
C LEU A 24 -60.86 21.69 -21.28
N PRO A 25 -60.57 20.72 -22.15
CA PRO A 25 -59.22 20.18 -22.20
C PRO A 25 -58.23 21.23 -22.65
N PRO A 26 -56.99 21.15 -22.16
CA PRO A 26 -56.00 22.19 -22.48
C PRO A 26 -55.61 22.17 -23.94
N ALA A 27 -55.10 23.31 -24.41
CA ALA A 27 -54.61 23.41 -25.77
C ALA A 27 -53.19 22.85 -25.85
N TYR A 28 -52.76 22.51 -27.06
CA TYR A 28 -51.40 22.04 -27.31
C TYR A 28 -50.79 22.86 -28.42
N THR A 29 -49.60 23.42 -28.18
CA THR A 29 -48.95 24.29 -29.16
C THR A 29 -47.51 23.86 -29.38
N ASN A 30 -47.08 23.80 -30.63
CA ASN A 30 -45.75 23.31 -30.95
C ASN A 30 -44.70 24.34 -30.54
N SER A 31 -43.83 23.95 -29.62
CA SER A 31 -42.73 24.81 -29.18
C SER A 31 -41.60 24.69 -30.19
N PHE A 32 -41.35 25.77 -30.92
CA PHE A 32 -40.28 25.84 -31.90
C PHE A 32 -38.98 26.11 -31.15
N THR A 33 -37.95 26.55 -31.85
CA THR A 33 -36.64 26.72 -31.21
C THR A 33 -36.72 27.86 -30.21
N ARG A 34 -36.94 27.51 -28.94
CA ARG A 34 -37.09 28.44 -27.83
C ARG A 34 -36.65 27.73 -26.57
N GLY A 35 -36.69 28.46 -25.45
CA GLY A 35 -36.37 27.86 -24.17
C GLY A 35 -34.95 27.36 -24.04
N VAL A 36 -34.00 28.06 -24.66
CA VAL A 36 -32.60 27.71 -24.59
C VAL A 36 -31.88 28.82 -23.84
N TYR A 37 -31.22 28.46 -22.74
CA TYR A 37 -30.58 29.39 -21.84
C TYR A 37 -29.06 29.20 -21.89
N TYR A 38 -28.36 29.94 -21.03
CA TYR A 38 -26.92 29.76 -20.86
C TYR A 38 -26.70 28.74 -19.75
N PRO A 39 -26.17 27.56 -20.05
CA PRO A 39 -26.01 26.54 -19.00
C PRO A 39 -25.03 26.94 -17.91
N ASP A 40 -24.16 27.91 -18.15
CA ASP A 40 -23.17 28.31 -17.17
C ASP A 40 -22.71 29.73 -17.49
N LYS A 41 -22.33 30.47 -16.45
CA LYS A 41 -21.94 31.87 -16.60
C LYS A 41 -20.59 32.06 -17.28
N VAL A 42 -19.97 31.01 -17.80
CA VAL A 42 -18.68 31.15 -18.47
C VAL A 42 -18.88 31.84 -19.80
N PHE A 43 -18.07 32.87 -20.06
CA PHE A 43 -18.10 33.53 -21.35
C PHE A 43 -17.43 32.67 -22.41
N ARG A 44 -18.02 32.66 -23.60
CA ARG A 44 -17.44 31.98 -24.75
C ARG A 44 -17.68 32.82 -26.00
N SER A 45 -16.78 32.67 -26.98
CA SER A 45 -16.88 33.49 -28.18
C SER A 45 -16.39 32.68 -29.38
N SER A 46 -17.19 32.68 -30.45
CA SER A 46 -16.84 32.04 -31.71
C SER A 46 -16.45 30.58 -31.52
N VAL A 47 -17.21 29.88 -30.67
CA VAL A 47 -16.96 28.47 -30.37
C VAL A 47 -18.29 27.74 -30.38
N LEU A 48 -18.34 26.58 -31.04
CA LEU A 48 -19.53 25.75 -31.08
C LEU A 48 -19.50 24.76 -29.91
N HIS A 49 -19.68 25.30 -28.71
CA HIS A 49 -19.63 24.50 -27.49
C HIS A 49 -20.85 23.60 -27.40
N SER A 50 -20.61 22.35 -27.00
CA SER A 50 -21.67 21.36 -26.83
C SER A 50 -21.77 21.00 -25.35
N THR A 51 -22.99 20.97 -24.83
CA THR A 51 -23.20 20.68 -23.42
C THR A 51 -24.37 19.73 -23.24
N GLN A 52 -24.31 18.96 -22.15
CA GLN A 52 -25.35 18.02 -21.76
C GLN A 52 -26.07 18.60 -20.56
N ASP A 53 -27.34 18.96 -20.73
CA ASP A 53 -28.06 19.60 -19.63
C ASP A 53 -29.56 19.48 -19.87
N LEU A 54 -30.32 19.85 -18.84
CA LEU A 54 -31.78 19.77 -18.86
C LEU A 54 -32.30 20.90 -19.74
N PHE A 55 -32.51 20.62 -21.01
CA PHE A 55 -33.01 21.60 -21.96
C PHE A 55 -34.42 21.26 -22.39
N LEU A 56 -35.03 22.18 -23.16
CA LEU A 56 -36.33 21.96 -23.75
C LEU A 56 -36.15 21.37 -25.13
N PRO A 57 -36.54 20.12 -25.38
CA PRO A 57 -36.37 19.54 -26.71
C PRO A 57 -37.13 20.34 -27.76
N PHE A 58 -36.52 20.50 -28.93
CA PHE A 58 -37.15 21.23 -30.00
C PHE A 58 -38.30 20.42 -30.60
N PHE A 59 -39.34 21.14 -31.05
CA PHE A 59 -40.49 20.54 -31.72
C PHE A 59 -41.20 19.50 -30.85
N SER A 60 -41.38 19.82 -29.58
CA SER A 60 -42.34 19.13 -28.74
C SER A 60 -43.58 19.99 -28.61
N ASN A 61 -44.69 19.39 -28.19
CA ASN A 61 -45.85 20.19 -27.84
C ASN A 61 -45.84 20.59 -26.37
N VAL A 62 -46.04 21.90 -26.17
CA VAL A 62 -46.16 22.57 -24.88
C VAL A 62 -47.64 22.69 -24.56
N THR A 63 -47.98 22.58 -23.28
CA THR A 63 -49.37 22.70 -22.87
C THR A 63 -49.75 24.17 -22.81
N TRP A 64 -50.80 24.54 -23.54
CA TRP A 64 -51.32 25.90 -23.61
C TRP A 64 -52.51 26.02 -22.67
N PHE A 65 -52.36 26.84 -21.62
CA PHE A 65 -53.44 27.17 -20.70
C PHE A 65 -53.75 28.66 -20.84
N HIS A 66 -55.02 28.98 -21.01
CA HIS A 66 -55.45 30.36 -21.22
C HIS A 66 -56.48 30.74 -20.17
N ALA A 67 -56.46 32.02 -19.78
CA ALA A 67 -57.42 32.56 -18.83
C ALA A 67 -58.30 33.57 -19.56
N ILE A 68 -59.61 33.37 -19.49
CA ILE A 68 -60.57 34.19 -20.20
C ILE A 68 -61.89 34.13 -19.45
N HIS A 69 -62.60 35.26 -19.40
CA HIS A 69 -63.90 35.32 -18.74
C HIS A 69 -64.98 35.76 -19.72
N LYS A 77 -64.04 30.74 -21.69
CA LYS A 77 -64.62 31.36 -20.50
C LYS A 77 -64.14 30.66 -19.23
N ARG A 78 -62.87 30.28 -19.21
CA ARG A 78 -62.27 29.59 -18.07
C ARG A 78 -61.09 30.40 -17.54
N PHE A 79 -61.07 30.59 -16.22
CA PHE A 79 -59.95 31.21 -15.54
C PHE A 79 -59.11 30.19 -14.78
N ASP A 80 -59.28 28.91 -15.10
CA ASP A 80 -58.63 27.85 -14.33
C ASP A 80 -57.11 27.89 -14.51
N ASN A 81 -56.41 27.74 -13.39
CA ASN A 81 -54.95 27.57 -13.37
C ASN A 81 -54.61 26.39 -12.46
N PRO A 82 -54.90 25.16 -12.92
CA PRO A 82 -54.71 24.00 -12.05
C PRO A 82 -53.24 23.74 -11.74
N VAL A 83 -53.02 23.00 -10.65
CA VAL A 83 -51.67 22.62 -10.27
C VAL A 83 -51.08 21.68 -11.32
N LEU A 84 -49.77 21.79 -11.52
CA LEU A 84 -49.05 21.01 -12.52
C LEU A 84 -47.83 20.35 -11.90
N PRO A 85 -47.42 19.19 -12.43
CA PRO A 85 -46.22 18.53 -11.93
C PRO A 85 -44.96 19.30 -12.28
N PHE A 86 -43.91 19.04 -11.51
CA PHE A 86 -42.58 19.64 -11.64
C PHE A 86 -41.54 18.55 -11.74
N ASN A 87 -41.78 17.59 -12.65
CA ASN A 87 -40.95 16.39 -12.74
C ASN A 87 -39.47 16.71 -12.75
N ASP A 88 -39.01 17.45 -13.76
CA ASP A 88 -37.61 17.88 -13.83
C ASP A 88 -37.59 19.24 -14.53
N GLY A 89 -37.66 20.30 -13.73
CA GLY A 89 -37.66 21.66 -14.27
C GLY A 89 -38.92 21.98 -15.04
N VAL A 90 -39.21 23.27 -15.21
CA VAL A 90 -40.39 23.69 -15.97
C VAL A 90 -40.04 24.91 -16.82
N TYR A 91 -40.46 24.90 -18.08
CA TYR A 91 -40.37 26.06 -18.95
C TYR A 91 -41.73 26.73 -18.97
N PHE A 92 -41.78 28.01 -18.60
CA PHE A 92 -43.00 28.78 -18.42
C PHE A 92 -42.94 30.00 -19.32
N ALA A 93 -43.86 30.09 -20.28
CA ALA A 93 -43.86 31.21 -21.22
C ALA A 93 -45.18 31.94 -21.13
N SER A 94 -45.12 33.27 -21.30
CA SER A 94 -46.36 34.06 -21.20
C SER A 94 -46.27 35.31 -22.07
N THR A 95 -47.37 35.58 -22.77
CA THR A 95 -47.58 36.84 -23.48
C THR A 95 -48.79 37.55 -22.88
N GLU A 96 -48.62 38.83 -22.55
CA GLU A 96 -49.71 39.61 -21.98
C GLU A 96 -49.33 41.08 -21.99
N LYS A 97 -50.35 41.93 -21.95
CA LYS A 97 -50.17 43.36 -21.79
C LYS A 97 -50.85 43.91 -20.53
N SER A 98 -51.89 43.25 -20.04
CA SER A 98 -52.57 43.66 -18.83
C SER A 98 -51.90 43.15 -17.56
N ASN A 99 -50.83 42.36 -17.69
CA ASN A 99 -50.06 41.85 -16.56
C ASN A 99 -50.95 41.04 -15.61
N ILE A 100 -51.74 40.13 -16.18
CA ILE A 100 -52.60 39.28 -15.38
C ILE A 100 -51.75 38.34 -14.51
N ILE A 101 -50.78 37.68 -15.12
CA ILE A 101 -49.93 36.72 -14.41
C ILE A 101 -48.91 37.49 -13.58
N ARG A 102 -48.83 37.17 -12.29
CA ARG A 102 -47.94 37.87 -11.37
C ARG A 102 -46.84 36.98 -10.79
N GLY A 103 -47.20 35.86 -10.18
CA GLY A 103 -46.20 35.05 -9.51
C GLY A 103 -46.42 33.55 -9.66
N TRP A 104 -45.70 32.74 -8.88
CA TRP A 104 -45.86 31.30 -8.93
C TRP A 104 -45.70 30.72 -7.53
N ILE A 105 -46.30 29.54 -7.32
CA ILE A 105 -46.08 28.77 -6.10
C ILE A 105 -45.51 27.41 -6.49
N PHE A 106 -44.58 26.92 -5.65
CA PHE A 106 -43.91 25.65 -5.81
C PHE A 106 -43.90 24.94 -4.47
N GLY A 107 -43.98 23.62 -4.50
CA GLY A 107 -43.89 22.84 -3.28
C GLY A 107 -44.38 21.43 -3.49
N THR A 108 -44.14 20.60 -2.47
CA THR A 108 -44.47 19.18 -2.56
C THR A 108 -45.96 18.94 -2.36
N THR A 109 -46.50 19.37 -1.22
CA THR A 109 -47.90 19.15 -0.89
C THR A 109 -48.75 20.41 -1.03
N LEU A 110 -48.14 21.56 -1.30
CA LEU A 110 -48.85 22.82 -1.50
C LEU A 110 -49.65 23.24 -0.27
N ASP A 111 -49.16 22.88 0.91
CA ASP A 111 -49.75 23.31 2.17
C ASP A 111 -48.68 23.24 3.25
N SER A 112 -49.10 23.29 4.50
CA SER A 112 -48.17 23.28 5.63
C SER A 112 -47.54 21.91 5.78
N LYS A 113 -46.78 21.72 6.85
CA LYS A 113 -46.02 20.53 7.22
C LYS A 113 -44.74 20.39 6.38
N THR A 114 -44.52 21.25 5.39
CA THR A 114 -43.30 21.22 4.60
C THR A 114 -43.05 22.60 4.04
N GLN A 115 -41.81 22.83 3.60
CA GLN A 115 -41.42 24.11 3.04
C GLN A 115 -42.09 24.32 1.68
N SER A 116 -42.41 25.58 1.39
CA SER A 116 -42.99 25.97 0.11
C SER A 116 -42.32 27.24 -0.37
N LEU A 117 -42.17 27.35 -1.69
CA LEU A 117 -41.49 28.48 -2.32
C LEU A 117 -42.50 29.27 -3.12
N LEU A 118 -42.63 30.57 -2.85
CA LEU A 118 -43.62 31.36 -3.57
C LEU A 118 -42.98 32.67 -4.00
N ILE A 119 -43.29 33.11 -5.22
CA ILE A 119 -42.70 34.29 -5.82
C ILE A 119 -43.84 35.21 -6.23
N VAL A 120 -43.96 36.37 -5.57
CA VAL A 120 -44.99 37.34 -5.91
C VAL A 120 -44.32 38.69 -6.15
N ASN A 121 -45.00 39.55 -6.90
CA ASN A 121 -44.65 40.97 -7.00
C ASN A 121 -45.88 41.77 -6.59
N ASN A 122 -45.92 42.22 -5.34
CA ASN A 122 -47.03 43.01 -4.84
C ASN A 122 -46.93 44.43 -5.38
N ALA A 123 -47.81 45.31 -4.86
CA ALA A 123 -47.93 46.66 -5.41
C ALA A 123 -46.63 47.43 -5.28
N THR A 124 -45.94 47.31 -4.15
CA THR A 124 -44.73 48.09 -3.91
C THR A 124 -43.46 47.32 -4.26
N ASN A 125 -43.45 46.01 -4.05
CA ASN A 125 -42.19 45.28 -3.96
C ASN A 125 -42.32 43.92 -4.63
N VAL A 126 -41.17 43.35 -4.98
CA VAL A 126 -41.07 41.97 -5.44
C VAL A 126 -40.59 41.13 -4.27
N VAL A 127 -41.41 40.19 -3.83
CA VAL A 127 -41.15 39.43 -2.60
C VAL A 127 -41.07 37.94 -2.94
N ILE A 128 -39.99 37.31 -2.51
CA ILE A 128 -39.80 35.87 -2.66
C ILE A 128 -39.79 35.26 -1.26
N LYS A 129 -40.70 34.32 -1.00
CA LYS A 129 -40.87 33.78 0.34
C LYS A 129 -40.76 32.26 0.30
N VAL A 130 -39.78 31.72 1.01
CA VAL A 130 -39.68 30.29 1.24
C VAL A 130 -40.11 30.06 2.70
N CYS A 131 -41.34 29.58 2.85
CA CYS A 131 -41.97 29.40 4.15
C CYS A 131 -43.00 28.28 4.02
N GLU A 132 -43.45 27.78 5.18
CA GLU A 132 -44.45 26.72 5.23
C GLU A 132 -45.84 27.36 5.31
N PHE A 133 -46.35 27.76 4.15
CA PHE A 133 -47.66 28.37 4.08
C PHE A 133 -48.75 27.32 4.10
N GLN A 134 -49.97 27.78 4.38
CA GLN A 134 -51.18 26.96 4.28
C GLN A 134 -52.04 27.56 3.17
N PHE A 135 -51.78 27.12 1.94
CA PHE A 135 -52.48 27.67 0.79
C PHE A 135 -53.91 27.16 0.72
N CYS A 136 -54.80 28.02 0.20
CA CYS A 136 -56.16 27.60 -0.07
C CYS A 136 -56.20 26.74 -1.33
N ASN A 137 -57.38 26.24 -1.67
CA ASN A 137 -57.53 25.40 -2.86
C ASN A 137 -57.32 26.21 -4.13
N ASP A 138 -57.76 27.47 -4.13
CA ASP A 138 -57.66 28.35 -5.30
C ASP A 138 -57.03 29.67 -4.90
N PRO A 139 -55.70 29.73 -4.82
CA PRO A 139 -55.04 31.01 -4.53
C PRO A 139 -55.08 31.94 -5.74
N PHE A 140 -55.28 33.23 -5.47
CA PHE A 140 -55.19 34.25 -6.51
C PHE A 140 -55.09 35.63 -5.87
N LEU A 141 -55.21 36.66 -6.70
CA LEU A 141 -55.10 38.06 -6.32
C LEU A 141 -56.32 38.81 -6.84
N GLY A 142 -56.35 40.12 -6.59
CA GLY A 142 -57.44 40.94 -7.09
C GLY A 142 -57.18 42.43 -6.90
N VAL A 143 -57.35 43.20 -7.97
CA VAL A 143 -57.12 44.63 -7.94
C VAL A 143 -58.42 45.31 -8.35
N TYR A 144 -59.05 46.01 -7.41
CA TYR A 144 -60.29 46.70 -7.68
C TYR A 144 -60.03 47.96 -8.51
N TYR A 145 -60.94 48.23 -9.44
CA TYR A 145 -60.87 49.43 -10.28
C TYR A 145 -61.84 50.45 -9.69
N HIS A 146 -61.31 51.40 -8.94
CA HIS A 146 -62.12 52.45 -8.32
C HIS A 146 -62.24 53.62 -9.29
N LYS A 147 -63.46 53.90 -9.72
CA LYS A 147 -63.72 55.00 -10.65
C LYS A 147 -63.97 56.31 -9.90
N ASN A 148 -63.06 56.64 -8.98
CA ASN A 148 -63.11 57.88 -8.22
C ASN A 148 -61.99 58.84 -8.60
N ASN A 149 -60.75 58.34 -8.64
CA ASN A 149 -59.61 59.12 -9.10
C ASN A 149 -58.92 58.48 -10.30
N LYS A 150 -59.58 57.52 -10.97
CA LYS A 150 -59.04 56.84 -12.14
C LYS A 150 -57.72 56.14 -11.82
N SER A 151 -57.79 55.17 -10.91
CA SER A 151 -56.63 54.40 -10.51
C SER A 151 -57.06 53.01 -10.08
N TRP A 152 -56.11 52.08 -10.10
CA TRP A 152 -56.34 50.70 -9.69
C TRP A 152 -55.73 50.48 -8.31
N MET A 153 -56.54 50.00 -7.37
CA MET A 153 -56.11 49.75 -6.01
C MET A 153 -55.97 48.24 -5.79
N GLU A 154 -54.80 47.82 -5.30
CA GLU A 154 -54.57 46.43 -4.95
C GLU A 154 -55.22 46.17 -3.59
N SER A 155 -56.32 45.43 -3.60
CA SER A 155 -57.09 45.20 -2.38
C SER A 155 -57.25 43.74 -1.99
N GLU A 156 -57.29 42.81 -2.94
CA GLU A 156 -57.50 41.41 -2.66
C GLU A 156 -56.19 40.66 -2.85
N PHE A 157 -55.78 39.90 -1.82
CA PHE A 157 -54.56 39.10 -1.85
C PHE A 157 -54.88 37.79 -1.15
N ARG A 158 -55.45 36.83 -1.88
CA ARG A 158 -56.00 35.63 -1.26
C ARG A 158 -55.24 34.43 -1.80
N VAL A 159 -54.07 34.16 -1.22
CA VAL A 159 -53.21 33.10 -1.71
C VAL A 159 -52.96 32.07 -0.61
N TYR A 160 -52.65 32.54 0.59
CA TYR A 160 -52.43 31.66 1.73
C TYR A 160 -53.19 32.17 2.94
N SER A 161 -53.38 31.28 3.91
CA SER A 161 -54.05 31.60 5.16
C SER A 161 -53.08 31.88 6.30
N SER A 162 -51.99 31.12 6.39
CA SER A 162 -51.02 31.28 7.47
C SER A 162 -49.61 31.11 6.91
N ALA A 163 -48.64 31.68 7.63
CA ALA A 163 -47.23 31.60 7.27
C ALA A 163 -46.43 31.40 8.55
N ASN A 164 -46.00 30.17 8.79
CA ASN A 164 -45.25 29.82 10.00
C ASN A 164 -43.97 29.11 9.61
N ASN A 165 -42.99 29.15 10.52
CA ASN A 165 -41.67 28.56 10.31
C ASN A 165 -41.02 29.11 9.04
N CYS A 166 -41.17 30.41 8.80
CA CYS A 166 -40.60 31.02 7.61
C CYS A 166 -39.08 31.01 7.69
N THR A 167 -38.44 30.62 6.59
CA THR A 167 -36.99 30.49 6.53
C THR A 167 -36.33 31.53 5.63
N PHE A 168 -36.81 31.69 4.40
CA PHE A 168 -36.18 32.61 3.47
C PHE A 168 -37.15 33.73 3.14
N GLU A 169 -36.66 34.97 3.22
CA GLU A 169 -37.44 36.16 2.89
C GLU A 169 -36.61 37.03 1.95
N TYR A 170 -37.21 37.47 0.85
CA TYR A 170 -36.58 38.41 -0.06
C TYR A 170 -37.50 39.58 -0.32
N VAL A 171 -36.96 40.78 -0.13
CA VAL A 171 -37.66 42.05 -0.22
C VAL A 171 -36.85 42.97 -1.14
N SER A 172 -37.51 43.53 -2.14
CA SER A 172 -36.84 44.34 -3.16
C SER A 172 -36.98 45.82 -2.86
N GLN A 173 -36.61 46.65 -3.84
CA GLN A 173 -36.80 48.09 -3.71
C GLN A 173 -38.18 48.50 -4.21
N PRO A 174 -38.74 49.59 -3.68
CA PRO A 174 -40.08 50.02 -4.09
C PRO A 174 -40.14 50.40 -5.56
N PHE A 175 -41.27 50.14 -6.18
CA PHE A 175 -41.50 50.45 -7.59
C PHE A 175 -43.01 50.52 -7.84
N LEU A 176 -43.39 50.62 -9.11
CA LEU A 176 -44.79 50.70 -9.51
C LEU A 176 -44.99 49.89 -10.78
N MET A 177 -46.26 49.60 -11.08
CA MET A 177 -46.60 48.95 -12.33
C MET A 177 -47.88 49.58 -12.87
N ASP A 178 -48.51 48.91 -13.83
CA ASP A 178 -49.65 49.44 -14.57
C ASP A 178 -50.99 49.08 -13.93
N LEU A 179 -51.19 47.81 -13.62
CA LEU A 179 -52.38 47.28 -12.92
C LEU A 179 -53.67 47.44 -13.72
N GLU A 180 -53.61 47.83 -14.97
CA GLU A 180 -54.81 48.03 -15.77
C GLU A 180 -55.02 46.86 -16.74
N GLY A 181 -56.29 46.54 -16.98
CA GLY A 181 -56.65 45.42 -17.85
C GLY A 181 -56.94 45.91 -19.25
N LYS A 182 -56.27 45.28 -20.22
CA LYS A 182 -56.46 45.61 -21.62
C LYS A 182 -57.60 44.80 -22.23
N PHE A 186 -49.37 39.43 -28.82
CA PHE A 186 -49.78 40.72 -28.25
C PHE A 186 -48.70 41.77 -28.46
N LYS A 187 -48.05 42.18 -27.38
CA LYS A 187 -47.01 43.20 -27.43
C LYS A 187 -45.67 42.76 -26.86
N ASN A 188 -45.68 41.93 -25.82
CA ASN A 188 -44.44 41.50 -25.18
C ASN A 188 -44.52 40.03 -24.78
N LEU A 189 -43.35 39.41 -24.67
CA LEU A 189 -43.18 38.01 -24.34
C LEU A 189 -42.18 37.88 -23.20
N ARG A 190 -42.56 37.13 -22.17
CA ARG A 190 -41.69 36.80 -21.04
C ARG A 190 -41.49 35.29 -21.01
N GLU A 191 -40.23 34.86 -21.04
CA GLU A 191 -39.91 33.45 -20.96
C GLU A 191 -39.13 33.20 -19.68
N PHE A 192 -39.46 32.11 -18.99
CA PHE A 192 -38.79 31.74 -17.76
C PHE A 192 -38.52 30.24 -17.78
N VAL A 193 -37.40 29.86 -17.18
CA VAL A 193 -37.02 28.48 -17.00
C VAL A 193 -36.69 28.28 -15.53
N PHE A 194 -37.35 27.31 -14.91
CA PHE A 194 -37.20 27.04 -13.48
C PHE A 194 -36.50 25.70 -13.32
N LYS A 195 -35.39 25.69 -12.59
CA LYS A 195 -34.65 24.47 -12.33
C LYS A 195 -34.37 24.34 -10.84
N ASN A 196 -34.47 23.13 -10.31
CA ASN A 196 -34.18 22.86 -8.91
C ASN A 196 -33.14 21.75 -8.85
N ILE A 197 -31.90 22.12 -8.53
CA ILE A 197 -30.81 21.15 -8.46
C ILE A 197 -29.65 21.78 -7.70
N ASP A 198 -28.84 20.92 -7.06
CA ASP A 198 -27.65 21.35 -6.31
C ASP A 198 -28.01 22.32 -5.19
N GLY A 199 -29.16 22.10 -4.57
CA GLY A 199 -29.63 23.00 -3.52
C GLY A 199 -29.92 24.40 -4.04
N TYR A 200 -30.22 24.53 -5.32
CA TYR A 200 -30.44 25.82 -5.95
C TYR A 200 -31.75 25.79 -6.72
N PHE A 201 -32.37 26.97 -6.83
CA PHE A 201 -33.55 27.22 -7.65
C PHE A 201 -33.12 28.28 -8.65
N LYS A 202 -32.68 27.83 -9.82
CA LYS A 202 -32.21 28.72 -10.86
C LYS A 202 -33.38 29.20 -11.71
N ILE A 203 -33.44 30.51 -11.93
CA ILE A 203 -34.46 31.12 -12.77
C ILE A 203 -33.75 31.78 -13.94
N TYR A 204 -34.13 31.39 -15.16
CA TYR A 204 -33.60 31.99 -16.37
C TYR A 204 -34.73 32.75 -17.06
N SER A 205 -34.47 34.01 -17.40
CA SER A 205 -35.52 34.90 -17.87
C SER A 205 -35.11 35.57 -19.18
N LYS A 206 -36.11 35.90 -19.99
CA LYS A 206 -35.86 36.68 -21.20
C LYS A 206 -37.11 37.48 -21.54
N HIS A 207 -36.88 38.71 -22.02
CA HIS A 207 -37.94 39.66 -22.37
C HIS A 207 -37.76 40.08 -23.82
N THR A 208 -38.70 39.69 -24.68
CA THR A 208 -38.65 40.14 -26.06
C THR A 208 -40.02 40.51 -26.57
N PRO A 209 -40.14 41.47 -27.47
CA PRO A 209 -41.46 41.85 -27.99
C PRO A 209 -42.10 40.72 -28.78
N ILE A 210 -43.44 40.69 -28.76
CA ILE A 210 -44.22 39.68 -29.45
C ILE A 210 -45.18 40.37 -30.41
N ASN A 211 -45.61 39.62 -31.44
CA ASN A 211 -46.58 40.12 -32.39
C ASN A 211 -47.66 39.08 -32.72
N LEU A 212 -47.69 37.95 -32.02
CA LEU A 212 -48.64 36.89 -32.30
C LEU A 212 -49.44 36.55 -31.04
N VAL A 213 -50.69 36.12 -31.25
CA VAL A 213 -51.61 35.84 -30.16
C VAL A 213 -51.86 34.36 -29.96
N ARG A 214 -51.49 33.51 -30.92
CA ARG A 214 -51.85 32.09 -30.87
C ARG A 214 -50.67 31.16 -30.73
N ASP A 215 -49.44 31.62 -30.98
CA ASP A 215 -48.30 30.72 -31.00
C ASP A 215 -47.04 31.50 -30.70
N LEU A 216 -46.06 30.81 -30.12
CA LEU A 216 -44.76 31.42 -29.90
C LEU A 216 -44.10 31.73 -31.23
N PRO A 217 -43.53 32.93 -31.39
CA PRO A 217 -42.88 33.26 -32.66
C PRO A 217 -41.69 32.33 -32.93
N GLN A 218 -41.43 32.10 -34.21
CA GLN A 218 -40.36 31.21 -34.65
C GLN A 218 -39.07 32.02 -34.71
N GLY A 219 -38.25 31.88 -33.69
CA GLY A 219 -36.98 32.58 -33.64
C GLY A 219 -36.22 32.16 -32.41
N PHE A 220 -34.91 32.37 -32.46
CA PHE A 220 -34.02 31.93 -31.40
C PHE A 220 -33.65 33.12 -30.52
N SER A 221 -33.90 32.99 -29.22
CA SER A 221 -33.54 34.01 -28.24
C SER A 221 -32.93 33.32 -27.04
N ALA A 222 -31.70 33.71 -26.68
CA ALA A 222 -31.02 33.12 -25.54
C ALA A 222 -31.57 33.71 -24.25
N LEU A 223 -31.90 32.85 -23.30
CA LEU A 223 -32.45 33.28 -22.01
C LEU A 223 -31.31 33.47 -21.04
N GLU A 224 -30.96 34.73 -20.76
CA GLU A 224 -29.92 35.02 -19.80
C GLU A 224 -30.38 34.66 -18.40
N PRO A 225 -29.48 34.18 -17.55
CA PRO A 225 -29.86 33.86 -16.17
C PRO A 225 -30.24 35.12 -15.41
N LEU A 226 -31.35 35.03 -14.65
CA LEU A 226 -31.82 36.17 -13.87
C LEU A 226 -31.29 36.11 -12.44
N VAL A 227 -31.65 35.06 -11.69
CA VAL A 227 -31.20 34.90 -10.31
C VAL A 227 -31.14 33.41 -10.00
N ASP A 228 -30.09 33.01 -9.28
CA ASP A 228 -29.98 31.67 -8.71
C ASP A 228 -30.26 31.78 -7.21
N LEU A 229 -31.38 31.19 -6.77
CA LEU A 229 -31.75 31.27 -5.36
C LEU A 229 -31.17 30.09 -4.59
N PRO A 230 -30.33 30.32 -3.59
CA PRO A 230 -29.83 29.21 -2.75
C PRO A 230 -30.87 28.78 -1.72
N ILE A 231 -31.79 27.92 -2.15
CA ILE A 231 -32.92 27.48 -1.34
C ILE A 231 -32.71 26.07 -0.81
N GLY A 232 -32.62 25.09 -1.70
CA GLY A 232 -32.46 23.71 -1.30
C GLY A 232 -33.67 23.11 -0.60
N ILE A 233 -34.81 23.09 -1.28
CA ILE A 233 -36.02 22.46 -0.78
C ILE A 233 -36.53 21.49 -1.85
N ASN A 234 -37.30 20.50 -1.42
CA ASN A 234 -37.73 19.44 -2.31
C ASN A 234 -39.11 19.82 -2.86
N ILE A 235 -39.22 19.85 -4.18
CA ILE A 235 -40.39 20.40 -4.86
C ILE A 235 -40.93 19.35 -5.83
N THR A 236 -42.25 19.22 -5.86
CA THR A 236 -42.92 18.25 -6.73
C THR A 236 -44.00 18.89 -7.62
N ARG A 237 -44.72 19.88 -7.11
CA ARG A 237 -45.85 20.47 -7.83
C ARG A 237 -45.72 21.99 -7.82
N PHE A 238 -46.43 22.62 -8.74
CA PHE A 238 -46.38 24.07 -8.86
C PHE A 238 -47.64 24.57 -9.55
N GLN A 239 -47.89 25.87 -9.41
CA GLN A 239 -48.98 26.50 -10.14
C GLN A 239 -48.75 28.00 -10.24
N THR A 240 -49.51 28.62 -11.13
CA THR A 240 -49.30 30.02 -11.50
C THR A 240 -50.30 30.93 -10.80
N LEU A 241 -49.94 32.21 -10.70
CA LEU A 241 -50.75 33.23 -10.05
C LEU A 241 -51.31 34.20 -11.08
N LEU A 242 -52.56 34.59 -10.88
CA LEU A 242 -53.21 35.57 -11.73
C LEU A 242 -53.96 36.57 -10.86
N ALA A 243 -53.94 37.83 -11.28
CA ALA A 243 -54.58 38.91 -10.54
C ALA A 243 -55.90 39.26 -11.22
N LEU A 244 -56.99 39.20 -10.47
CA LEU A 244 -58.31 39.49 -11.02
C LEU A 244 -58.48 40.99 -11.20
N HIS A 245 -59.18 41.38 -12.26
CA HIS A 245 -59.46 42.78 -12.57
C HIS A 245 -60.97 42.99 -12.43
N ARG A 246 -61.40 43.38 -11.23
CA ARG A 246 -62.81 43.60 -10.96
C ARG A 246 -63.16 45.08 -11.17
N SER A 247 -64.34 45.31 -11.76
CA SER A 247 -64.79 46.65 -12.07
C SER A 247 -66.30 46.73 -11.84
N TYR A 248 -66.85 47.94 -12.01
CA TYR A 248 -68.27 48.14 -11.79
C TYR A 248 -69.12 47.45 -12.86
N LEU A 249 -68.59 47.28 -14.07
CA LEU A 249 -69.35 46.67 -15.15
C LEU A 249 -69.68 45.21 -14.88
N THR A 250 -68.89 44.52 -14.07
CA THR A 250 -69.11 43.12 -13.78
C THR A 250 -69.87 42.99 -12.46
N PRO A 251 -71.12 42.54 -12.48
CA PRO A 251 -71.85 42.34 -11.22
C PRO A 251 -71.56 40.97 -10.63
N GLY A 252 -72.06 40.77 -9.41
CA GLY A 252 -71.91 39.49 -8.74
C GLY A 252 -71.48 39.58 -7.29
N ASP A 253 -70.64 38.65 -6.87
CA ASP A 253 -70.20 38.55 -5.48
C ASP A 253 -68.72 38.19 -5.49
N SER A 254 -68.21 37.71 -4.35
CA SER A 254 -66.81 37.34 -4.25
C SER A 254 -66.43 36.20 -5.18
N SER A 255 -67.41 35.45 -5.69
CA SER A 255 -67.15 34.32 -6.56
C SER A 255 -67.54 34.54 -8.01
N SER A 256 -68.28 35.61 -8.32
CA SER A 256 -68.73 35.86 -9.69
C SER A 256 -68.54 37.29 -10.17
N GLY A 257 -68.22 38.23 -9.29
CA GLY A 257 -68.06 39.61 -9.68
C GLY A 257 -66.65 39.95 -10.14
N TRP A 258 -66.18 39.30 -11.20
CA TRP A 258 -64.84 39.53 -11.71
C TRP A 258 -64.79 39.18 -13.19
N THR A 259 -63.75 39.66 -13.85
CA THR A 259 -63.54 39.40 -15.27
C THR A 259 -62.05 39.21 -15.51
N ALA A 260 -61.70 38.82 -16.74
CA ALA A 260 -60.33 38.51 -17.11
C ALA A 260 -59.92 39.32 -18.33
N GLY A 261 -58.62 39.40 -18.56
CA GLY A 261 -58.08 40.10 -19.70
C GLY A 261 -57.30 39.19 -20.62
N ALA A 262 -56.24 39.71 -21.23
CA ALA A 262 -55.40 38.92 -22.13
C ALA A 262 -54.39 38.14 -21.30
N ALA A 263 -54.77 36.92 -20.92
CA ALA A 263 -53.91 36.06 -20.11
C ALA A 263 -53.76 34.70 -20.78
N ALA A 264 -52.52 34.30 -21.01
CA ALA A 264 -52.21 33.01 -21.62
C ALA A 264 -50.81 32.60 -21.21
N TYR A 265 -50.60 31.30 -21.00
CA TYR A 265 -49.30 30.82 -20.59
C TYR A 265 -49.13 29.36 -21.03
N TYR A 266 -47.88 29.00 -21.28
CA TYR A 266 -47.53 27.67 -21.76
C TYR A 266 -46.56 27.03 -20.78
N VAL A 267 -46.74 25.73 -20.58
CA VAL A 267 -45.96 24.92 -19.66
C VAL A 267 -45.33 23.77 -20.43
N GLY A 268 -43.99 23.72 -20.43
CA GLY A 268 -43.26 22.61 -20.97
C GLY A 268 -42.33 22.03 -19.92
N TYR A 269 -41.81 20.84 -20.21
CA TYR A 269 -40.96 20.12 -19.27
C TYR A 269 -39.59 19.89 -19.90
N LEU A 270 -38.55 20.29 -19.17
CA LEU A 270 -37.19 20.05 -19.63
C LEU A 270 -36.83 18.58 -19.48
N GLN A 271 -35.93 18.12 -20.34
CA GLN A 271 -35.44 16.76 -20.38
C GLN A 271 -33.92 16.78 -20.51
N PRO A 272 -33.25 15.68 -20.11
CA PRO A 272 -31.79 15.63 -20.21
C PRO A 272 -31.30 15.42 -21.63
N ARG A 273 -31.20 16.51 -22.38
CA ARG A 273 -30.75 16.47 -23.76
C ARG A 273 -29.32 17.02 -23.88
N THR A 274 -28.70 16.71 -25.02
CA THR A 274 -27.39 17.24 -25.37
C THR A 274 -27.56 18.24 -26.51
N PHE A 275 -27.06 19.45 -26.30
CA PHE A 275 -27.26 20.55 -27.23
C PHE A 275 -25.91 21.05 -27.73
N LEU A 276 -25.95 21.66 -28.91
CA LEU A 276 -24.79 22.30 -29.52
C LEU A 276 -25.13 23.77 -29.72
N LEU A 277 -24.52 24.64 -28.92
CA LEU A 277 -24.79 26.06 -28.99
C LEU A 277 -23.79 26.74 -29.94
N LYS A 278 -24.20 27.89 -30.46
CA LYS A 278 -23.37 28.67 -31.37
C LYS A 278 -23.16 30.07 -30.78
N TYR A 279 -22.09 30.21 -29.99
CA TYR A 279 -21.71 31.52 -29.49
C TYR A 279 -21.09 32.34 -30.61
N ASN A 280 -21.58 33.56 -30.78
CA ASN A 280 -21.04 34.43 -31.82
C ASN A 280 -19.82 35.18 -31.25
N GLU A 281 -19.33 36.17 -32.01
CA GLU A 281 -18.16 36.92 -31.57
C GLU A 281 -18.46 37.78 -30.34
N ASN A 282 -19.73 38.10 -30.09
CA ASN A 282 -20.10 38.92 -28.95
C ASN A 282 -20.44 38.10 -27.70
N GLY A 283 -20.53 36.79 -27.81
CA GLY A 283 -20.78 35.94 -26.66
C GLY A 283 -22.20 35.48 -26.48
N THR A 284 -23.12 35.91 -27.34
CA THR A 284 -24.52 35.52 -27.21
C THR A 284 -24.81 34.28 -28.05
N ILE A 285 -25.64 33.39 -27.51
CA ILE A 285 -26.01 32.17 -28.21
C ILE A 285 -26.99 32.51 -29.32
N THR A 286 -26.50 32.54 -30.55
CA THR A 286 -27.33 32.91 -31.69
C THR A 286 -28.10 31.74 -32.30
N ASP A 287 -27.64 30.51 -32.09
CA ASP A 287 -28.34 29.36 -32.65
C ASP A 287 -27.99 28.13 -31.81
N ALA A 288 -28.82 27.09 -31.99
CA ALA A 288 -28.62 25.84 -31.26
C ALA A 288 -29.07 24.67 -32.11
N VAL A 289 -28.50 23.51 -31.82
CA VAL A 289 -28.84 22.27 -32.50
C VAL A 289 -29.09 21.20 -31.44
N ASP A 290 -30.23 20.51 -31.55
CA ASP A 290 -30.57 19.44 -30.63
C ASP A 290 -30.11 18.11 -31.23
N CYS A 291 -29.21 17.42 -30.53
CA CYS A 291 -28.58 16.23 -31.10
C CYS A 291 -29.61 15.13 -31.40
N ALA A 292 -30.57 14.93 -30.51
CA ALA A 292 -31.49 13.81 -30.60
C ALA A 292 -32.78 14.14 -31.36
N LEU A 293 -32.87 15.32 -31.98
CA LEU A 293 -34.10 15.70 -32.65
C LEU A 293 -34.36 14.82 -33.87
N ASP A 294 -33.36 14.67 -34.74
CA ASP A 294 -33.51 13.91 -35.97
C ASP A 294 -32.12 13.51 -36.45
N PRO A 295 -32.03 12.55 -37.38
CA PRO A 295 -30.70 12.13 -37.85
C PRO A 295 -29.86 13.26 -38.43
N LEU A 296 -30.47 14.23 -39.10
CA LEU A 296 -29.71 15.34 -39.63
C LEU A 296 -29.05 16.14 -38.51
N SER A 297 -29.81 16.44 -37.46
CA SER A 297 -29.24 17.19 -36.35
C SER A 297 -28.21 16.36 -35.59
N GLU A 298 -28.40 15.04 -35.51
CA GLU A 298 -27.39 14.19 -34.90
C GLU A 298 -26.09 14.23 -35.70
N THR A 299 -26.19 14.21 -37.03
CA THR A 299 -25.01 14.34 -37.86
C THR A 299 -24.35 15.69 -37.66
N LYS A 300 -25.14 16.76 -37.59
CA LYS A 300 -24.58 18.09 -37.36
C LYS A 300 -23.85 18.16 -36.01
N CYS A 301 -24.45 17.58 -34.97
CA CYS A 301 -23.89 17.66 -33.63
C CYS A 301 -22.73 16.69 -33.42
N THR A 302 -22.61 15.66 -34.26
CA THR A 302 -21.44 14.80 -34.21
C THR A 302 -20.22 15.48 -34.81
N LEU A 303 -20.41 16.23 -35.90
CA LEU A 303 -19.31 16.90 -36.58
C LEU A 303 -18.92 18.23 -35.92
N LYS A 304 -19.63 18.64 -34.87
CA LYS A 304 -19.36 19.91 -34.20
C LYS A 304 -19.46 21.08 -35.17
N SER A 305 -20.43 21.02 -36.08
CA SER A 305 -20.62 22.08 -37.07
C SER A 305 -22.08 22.19 -37.43
N PHE A 306 -22.49 23.38 -37.84
CA PHE A 306 -23.87 23.63 -38.25
C PHE A 306 -24.11 23.32 -39.73
N THR A 307 -23.05 23.08 -40.51
CA THR A 307 -23.17 22.72 -41.90
C THR A 307 -22.51 21.38 -42.15
N VAL A 308 -23.22 20.48 -42.83
CA VAL A 308 -22.74 19.15 -43.13
C VAL A 308 -22.60 19.02 -44.65
N GLU A 309 -21.42 18.64 -45.10
CA GLU A 309 -21.17 18.47 -46.52
C GLU A 309 -21.73 17.14 -47.02
N LYS A 310 -21.76 17.00 -48.34
CA LYS A 310 -22.27 15.78 -48.95
C LYS A 310 -21.42 14.58 -48.55
N GLY A 311 -22.08 13.50 -48.17
CA GLY A 311 -21.40 12.29 -47.80
C GLY A 311 -22.22 11.48 -46.81
N ILE A 312 -21.61 10.42 -46.31
CA ILE A 312 -22.23 9.52 -45.34
C ILE A 312 -21.39 9.52 -44.08
N TYR A 313 -22.01 9.74 -42.93
CA TYR A 313 -21.32 9.93 -41.67
C TYR A 313 -21.83 8.93 -40.64
N GLN A 314 -20.90 8.35 -39.88
CA GLN A 314 -21.25 7.44 -38.80
C GLN A 314 -21.56 8.26 -37.55
N THR A 315 -22.78 8.15 -37.05
CA THR A 315 -23.23 8.98 -35.93
C THR A 315 -23.31 8.21 -34.63
N SER A 316 -24.05 7.11 -34.58
CA SER A 316 -24.24 6.37 -33.34
C SER A 316 -24.48 4.90 -33.69
N ASN A 317 -25.01 4.14 -32.74
CA ASN A 317 -25.27 2.73 -32.93
C ASN A 317 -26.70 2.39 -32.54
N PHE A 318 -27.34 1.59 -33.38
CA PHE A 318 -28.66 1.05 -33.07
C PHE A 318 -28.52 -0.21 -32.24
N ARG A 319 -29.42 -0.35 -31.26
CA ARG A 319 -29.37 -1.46 -30.31
C ARG A 319 -30.79 -1.73 -29.83
N VAL A 320 -31.14 -3.01 -29.72
CA VAL A 320 -32.48 -3.40 -29.28
C VAL A 320 -32.50 -3.45 -27.76
N GLN A 321 -33.34 -2.61 -27.16
CA GLN A 321 -33.44 -2.58 -25.71
C GLN A 321 -34.22 -3.80 -25.20
N PRO A 322 -33.86 -4.31 -24.03
CA PRO A 322 -34.60 -5.43 -23.45
C PRO A 322 -35.99 -5.02 -23.01
N THR A 323 -36.88 -6.00 -22.92
CA THR A 323 -38.28 -5.78 -22.57
C THR A 323 -38.67 -6.31 -21.20
N GLU A 324 -38.23 -7.51 -20.84
CA GLU A 324 -38.65 -8.15 -19.60
C GLU A 324 -37.44 -8.63 -18.82
N SER A 325 -37.66 -8.89 -17.53
CA SER A 325 -36.65 -9.44 -16.65
C SER A 325 -37.02 -10.88 -16.30
N ILE A 326 -36.07 -11.80 -16.47
CA ILE A 326 -36.29 -13.22 -16.25
C ILE A 326 -35.31 -13.69 -15.19
N VAL A 327 -35.82 -14.36 -14.16
CA VAL A 327 -35.00 -14.94 -13.10
C VAL A 327 -35.31 -16.43 -13.05
N ARG A 328 -34.27 -17.25 -13.07
CA ARG A 328 -34.41 -18.71 -13.09
C ARG A 328 -33.53 -19.30 -12.00
N PHE A 329 -34.13 -19.67 -10.88
CA PHE A 329 -33.45 -20.24 -9.73
C PHE A 329 -34.00 -21.64 -9.43
N PRO A 330 -33.21 -22.49 -8.78
CA PRO A 330 -33.65 -23.87 -8.54
C PRO A 330 -34.87 -23.93 -7.63
N ASN A 331 -35.58 -25.05 -7.75
CA ASN A 331 -36.86 -25.31 -7.11
C ASN A 331 -36.72 -25.60 -5.62
N ILE A 332 -35.49 -25.61 -5.10
CA ILE A 332 -35.26 -25.88 -3.69
C ILE A 332 -35.81 -24.72 -2.85
N THR A 333 -36.29 -25.05 -1.66
CA THR A 333 -36.85 -24.06 -0.74
C THR A 333 -36.32 -24.20 0.68
N ASN A 334 -35.76 -25.36 1.04
CA ASN A 334 -35.27 -25.58 2.39
C ASN A 334 -34.23 -24.53 2.79
N LEU A 335 -34.51 -23.82 3.87
CA LEU A 335 -33.62 -22.75 4.32
C LEU A 335 -32.32 -23.32 4.86
N CYS A 336 -31.25 -22.57 4.67
CA CYS A 336 -29.94 -23.00 5.13
C CYS A 336 -29.89 -23.03 6.66
N PRO A 337 -29.14 -23.96 7.24
CA PRO A 337 -29.03 -24.07 8.71
C PRO A 337 -28.04 -23.08 9.30
N PHE A 338 -28.22 -21.81 8.95
CA PHE A 338 -27.28 -20.75 9.40
C PHE A 338 -27.46 -20.52 10.88
N GLY A 339 -28.71 -20.60 11.33
CA GLY A 339 -28.99 -20.28 12.75
C GLY A 339 -28.27 -21.27 13.64
N GLU A 340 -28.22 -22.54 13.25
CA GLU A 340 -27.62 -23.55 14.15
C GLU A 340 -26.14 -23.21 14.38
N VAL A 341 -25.40 -22.83 13.33
CA VAL A 341 -23.99 -22.39 13.57
C VAL A 341 -23.97 -21.13 14.44
N PHE A 342 -24.82 -20.16 14.15
CA PHE A 342 -24.75 -18.87 14.89
C PHE A 342 -25.20 -19.04 16.33
N ASN A 343 -26.22 -19.86 16.58
CA ASN A 343 -26.80 -19.99 17.94
C ASN A 343 -26.09 -21.05 18.78
N ALA A 344 -25.11 -21.77 18.23
CA ALA A 344 -24.55 -22.91 19.01
C ALA A 344 -23.93 -22.38 20.30
N THR A 345 -24.20 -23.08 21.41
CA THR A 345 -23.72 -22.60 22.72
C THR A 345 -22.21 -22.59 22.81
N ARG A 346 -21.53 -23.60 22.28
CA ARG A 346 -20.05 -23.65 22.47
C ARG A 346 -19.34 -23.38 21.13
N PHE A 347 -18.33 -22.50 21.13
CA PHE A 347 -17.56 -22.18 19.90
C PHE A 347 -16.11 -22.65 20.11
N ALA A 348 -15.60 -23.47 19.20
CA ALA A 348 -14.23 -24.04 19.34
C ALA A 348 -13.17 -22.95 19.45
N SER A 349 -12.01 -23.28 20.03
CA SER A 349 -10.97 -22.28 20.19
C SER A 349 -10.40 -21.86 18.84
N VAL A 350 -9.52 -20.85 18.88
CA VAL A 350 -8.97 -20.29 17.65
C VAL A 350 -8.06 -21.31 16.96
N TYR A 351 -7.22 -22.00 17.72
CA TYR A 351 -6.30 -22.95 17.12
C TYR A 351 -7.00 -24.18 16.56
N ALA A 352 -8.27 -24.37 16.89
CA ALA A 352 -9.08 -25.47 16.37
C ALA A 352 -10.44 -24.94 15.91
N TRP A 353 -10.41 -23.87 15.12
CA TRP A 353 -11.63 -23.23 14.65
C TRP A 353 -12.52 -24.22 13.90
N ASN A 354 -13.81 -24.20 14.19
CA ASN A 354 -14.71 -25.20 13.62
C ASN A 354 -15.22 -24.76 12.26
N ARG A 355 -15.03 -25.60 11.25
CA ARG A 355 -15.46 -25.32 9.89
C ARG A 355 -16.65 -26.19 9.52
N LYS A 356 -17.69 -25.57 8.96
CA LYS A 356 -18.87 -26.29 8.50
C LYS A 356 -19.16 -25.90 7.06
N ARG A 357 -19.52 -26.90 6.25
CA ARG A 357 -19.85 -26.67 4.84
C ARG A 357 -21.36 -26.56 4.69
N ILE A 358 -21.81 -25.53 3.97
CA ILE A 358 -23.22 -25.26 3.73
C ILE A 358 -23.46 -25.31 2.23
N SER A 359 -24.45 -26.11 1.84
CA SER A 359 -24.74 -26.37 0.43
C SER A 359 -26.19 -26.82 0.31
N ASN A 360 -26.71 -26.73 -0.90
CA ASN A 360 -28.03 -27.26 -1.26
C ASN A 360 -29.11 -26.74 -0.31
N CYS A 361 -29.24 -25.42 -0.29
CA CYS A 361 -30.23 -24.76 0.54
C CYS A 361 -30.38 -23.31 0.06
N VAL A 362 -31.43 -22.66 0.53
CA VAL A 362 -31.70 -21.26 0.22
C VAL A 362 -31.35 -20.44 1.45
N ALA A 363 -30.32 -19.60 1.33
CA ALA A 363 -29.89 -18.75 2.42
C ALA A 363 -30.63 -17.42 2.39
N ASP A 364 -30.56 -16.70 3.51
CA ASP A 364 -31.20 -15.39 3.61
C ASP A 364 -30.30 -14.51 4.47
N TYR A 365 -29.47 -13.70 3.83
CA TYR A 365 -28.53 -12.85 4.53
C TYR A 365 -29.14 -11.51 4.96
N SER A 366 -30.36 -11.20 4.52
CA SER A 366 -30.99 -9.94 4.90
C SER A 366 -31.23 -9.89 6.41
N VAL A 367 -31.71 -10.99 6.99
CA VAL A 367 -31.99 -11.00 8.42
C VAL A 367 -30.70 -10.88 9.23
N LEU A 368 -29.62 -11.48 8.75
CA LEU A 368 -28.35 -11.38 9.46
C LEU A 368 -27.78 -9.97 9.34
N TYR A 369 -27.81 -9.39 8.15
CA TYR A 369 -27.24 -8.06 7.95
C TYR A 369 -28.03 -7.00 8.69
N ASN A 370 -29.36 -7.11 8.70
CA ASN A 370 -30.20 -6.11 9.34
C ASN A 370 -30.30 -6.30 10.85
N SER A 371 -29.74 -7.38 11.39
CA SER A 371 -29.78 -7.59 12.83
C SER A 371 -28.89 -6.58 13.55
N ALA A 372 -29.38 -6.07 14.68
CA ALA A 372 -28.62 -5.11 15.46
C ALA A 372 -27.72 -5.75 16.50
N SER A 373 -27.84 -7.07 16.72
CA SER A 373 -26.97 -7.74 17.68
C SER A 373 -25.53 -7.77 17.19
N PHE A 374 -25.33 -7.77 15.88
CA PHE A 374 -24.02 -8.03 15.33
C PHE A 374 -23.14 -6.80 15.51
N SER A 375 -21.89 -7.02 15.93
CA SER A 375 -21.00 -5.90 16.18
C SER A 375 -20.17 -5.53 14.95
N THR A 376 -19.60 -6.50 14.24
CA THR A 376 -18.89 -6.22 13.01
C THR A 376 -19.40 -7.11 11.89
N PHE A 377 -19.68 -6.49 10.74
CA PHE A 377 -20.18 -7.12 9.52
C PHE A 377 -19.38 -6.54 8.35
N LYS A 378 -18.24 -7.14 8.03
CA LYS A 378 -17.40 -6.63 6.95
C LYS A 378 -17.29 -7.67 5.84
N CYS A 379 -17.67 -7.30 4.63
CA CYS A 379 -17.63 -8.21 3.49
C CYS A 379 -16.61 -7.74 2.49
N TYR A 380 -15.68 -8.62 2.14
CA TYR A 380 -14.59 -8.35 1.22
C TYR A 380 -14.86 -9.07 -0.09
N GLY A 381 -14.86 -8.33 -1.20
CA GLY A 381 -15.14 -8.87 -2.50
C GLY A 381 -16.61 -8.87 -2.88
N VAL A 382 -17.50 -8.74 -1.92
CA VAL A 382 -18.94 -8.72 -2.15
C VAL A 382 -19.54 -7.62 -1.29
N SER A 383 -20.55 -6.93 -1.83
CA SER A 383 -21.19 -5.94 -0.97
C SER A 383 -22.25 -6.61 -0.11
N PRO A 384 -22.38 -6.19 1.16
CA PRO A 384 -23.38 -6.82 2.04
C PRO A 384 -24.81 -6.60 1.60
N THR A 385 -25.08 -5.58 0.78
CA THR A 385 -26.44 -5.28 0.37
C THR A 385 -26.91 -6.10 -0.82
N LYS A 386 -26.07 -6.97 -1.37
CA LYS A 386 -26.43 -7.75 -2.55
C LYS A 386 -26.25 -9.25 -2.33
N LEU A 387 -26.00 -9.68 -1.08
CA LEU A 387 -25.79 -11.10 -0.82
C LEU A 387 -27.02 -11.93 -1.12
N ASN A 388 -28.20 -11.32 -1.17
CA ASN A 388 -29.42 -12.03 -1.48
C ASN A 388 -29.68 -12.13 -2.98
N ASP A 389 -28.81 -11.56 -3.81
CA ASP A 389 -28.97 -11.62 -5.26
C ASP A 389 -28.00 -12.57 -5.94
N LEU A 390 -27.06 -13.15 -5.21
CA LEU A 390 -26.02 -13.98 -5.80
C LEU A 390 -26.25 -15.46 -5.49
N CYS A 391 -25.62 -16.30 -6.28
CA CYS A 391 -25.62 -17.74 -6.08
C CYS A 391 -24.20 -18.22 -5.91
N PHE A 392 -23.95 -19.01 -4.89
CA PHE A 392 -22.62 -19.50 -4.55
C PHE A 392 -22.55 -21.01 -4.73
N THR A 393 -21.37 -21.49 -5.09
CA THR A 393 -21.19 -22.93 -5.28
C THR A 393 -21.16 -23.66 -3.94
N ASN A 394 -20.52 -23.06 -2.94
CA ASN A 394 -20.47 -23.58 -1.58
C ASN A 394 -20.35 -22.40 -0.62
N VAL A 395 -20.70 -22.62 0.63
CA VAL A 395 -20.45 -21.65 1.68
C VAL A 395 -19.69 -22.34 2.81
N TYR A 396 -18.64 -21.70 3.30
CA TYR A 396 -17.91 -22.20 4.46
C TYR A 396 -18.19 -21.29 5.65
N ALA A 397 -18.59 -21.88 6.76
CA ALA A 397 -18.86 -21.14 7.99
C ALA A 397 -17.84 -21.59 9.02
N ASP A 398 -16.88 -20.72 9.33
CA ASP A 398 -15.84 -21.01 10.31
C ASP A 398 -16.11 -20.20 11.57
N SER A 399 -16.17 -20.90 12.71
CA SER A 399 -16.54 -20.29 13.98
C SER A 399 -15.40 -20.44 14.97
N PHE A 400 -15.19 -19.37 15.75
CA PHE A 400 -14.23 -19.39 16.85
C PHE A 400 -14.52 -18.19 17.76
N VAL A 401 -13.73 -18.09 18.83
CA VAL A 401 -13.88 -17.04 19.83
C VAL A 401 -12.56 -16.30 19.97
N ILE A 402 -12.58 -14.98 19.85
CA ILE A 402 -11.38 -14.15 19.92
C ILE A 402 -11.68 -12.94 20.81
N ARG A 403 -10.62 -12.32 21.30
CA ARG A 403 -10.83 -11.14 22.12
C ARG A 403 -10.93 -9.89 21.25
N GLY A 404 -11.38 -8.81 21.85
CA GLY A 404 -11.66 -7.59 21.09
C GLY A 404 -10.42 -7.01 20.44
N ASP A 405 -9.32 -6.95 21.19
CA ASP A 405 -8.13 -6.25 20.69
C ASP A 405 -7.58 -6.87 19.41
N GLU A 406 -7.97 -8.10 19.08
CA GLU A 406 -7.50 -8.78 17.90
C GLU A 406 -8.57 -9.02 16.84
N VAL A 407 -9.77 -8.43 16.99
CA VAL A 407 -10.80 -8.70 15.98
C VAL A 407 -10.34 -8.19 14.62
N ARG A 408 -9.62 -7.07 14.60
CA ARG A 408 -9.13 -6.51 13.35
C ARG A 408 -8.12 -7.42 12.67
N GLN A 409 -7.53 -8.37 13.40
CA GLN A 409 -6.57 -9.28 12.78
C GLN A 409 -7.21 -10.26 11.81
N ILE A 410 -8.55 -10.40 11.84
CA ILE A 410 -9.24 -11.30 10.92
C ILE A 410 -9.62 -10.44 9.72
N ALA A 411 -8.73 -10.43 8.73
CA ALA A 411 -8.88 -9.66 7.50
C ALA A 411 -7.72 -10.01 6.56
N PRO A 412 -7.89 -9.85 5.25
CA PRO A 412 -6.79 -10.18 4.33
C PRO A 412 -5.57 -9.30 4.57
N GLY A 413 -4.40 -9.91 4.47
CA GLY A 413 -3.14 -9.18 4.56
C GLY A 413 -2.91 -8.47 5.87
N GLN A 414 -3.18 -9.14 6.99
CA GLN A 414 -2.98 -8.58 8.31
C GLN A 414 -1.78 -9.22 8.99
N THR A 415 -1.28 -8.54 10.02
CA THR A 415 -0.16 -9.01 10.83
C THR A 415 -0.61 -9.08 12.28
N GLY A 416 -0.35 -10.22 12.91
CA GLY A 416 -0.74 -10.42 14.29
C GLY A 416 -0.59 -11.88 14.66
N LYS A 417 -0.74 -12.14 15.96
CA LYS A 417 -0.58 -13.50 16.45
C LYS A 417 -1.63 -14.43 15.87
N ILE A 418 -2.90 -13.97 15.84
CA ILE A 418 -3.96 -14.79 15.25
C ILE A 418 -3.75 -14.94 13.75
N ALA A 419 -3.42 -13.85 13.06
CA ALA A 419 -3.24 -13.89 11.61
C ALA A 419 -2.01 -14.66 11.19
N ASP A 420 -1.09 -14.97 12.10
CA ASP A 420 0.14 -15.66 11.75
C ASP A 420 0.20 -17.10 12.25
N TYR A 421 -0.33 -17.39 13.44
CA TYR A 421 -0.18 -18.69 14.04
C TYR A 421 -1.48 -19.46 14.26
N ASN A 422 -2.63 -18.81 14.13
CA ASN A 422 -3.91 -19.45 14.41
C ASN A 422 -4.78 -19.61 13.18
N TYR A 423 -5.07 -18.52 12.47
CA TYR A 423 -6.04 -18.56 11.37
C TYR A 423 -5.74 -17.39 10.44
N LYS A 424 -5.32 -17.70 9.22
CA LYS A 424 -4.95 -16.70 8.22
C LYS A 424 -5.96 -16.73 7.08
N LEU A 425 -6.42 -15.55 6.67
CA LEU A 425 -7.29 -15.48 5.51
C LEU A 425 -6.47 -15.24 4.24
N PRO A 426 -6.91 -15.79 3.10
CA PRO A 426 -6.20 -15.52 1.86
C PRO A 426 -6.31 -14.05 1.46
N ASP A 427 -5.28 -13.58 0.75
CA ASP A 427 -5.26 -12.18 0.33
C ASP A 427 -6.43 -11.87 -0.59
N ASP A 428 -6.73 -12.77 -1.53
CA ASP A 428 -7.88 -12.61 -2.42
C ASP A 428 -9.13 -13.25 -1.83
N PHE A 429 -9.42 -12.90 -0.58
CA PHE A 429 -10.57 -13.47 0.11
C PHE A 429 -11.86 -12.92 -0.47
N THR A 430 -12.90 -13.78 -0.52
CA THR A 430 -14.22 -13.39 -0.99
C THR A 430 -15.23 -13.92 0.04
N GLY A 431 -15.78 -13.03 0.84
CA GLY A 431 -16.73 -13.45 1.85
C GLY A 431 -16.84 -12.40 2.94
N CYS A 432 -17.55 -12.76 3.99
CA CYS A 432 -17.86 -11.82 5.07
C CYS A 432 -17.29 -12.32 6.39
N VAL A 433 -16.77 -11.38 7.17
CA VAL A 433 -16.36 -11.60 8.56
C VAL A 433 -17.42 -11.00 9.46
N ILE A 434 -17.92 -11.80 10.39
CA ILE A 434 -19.03 -11.47 11.26
C ILE A 434 -18.59 -11.71 12.69
N ALA A 435 -18.91 -10.79 13.59
CA ALA A 435 -18.58 -11.04 14.98
C ALA A 435 -19.46 -10.24 15.90
N TRP A 436 -19.68 -10.77 17.10
CA TRP A 436 -20.56 -10.13 18.07
C TRP A 436 -19.99 -10.31 19.46
N ASN A 437 -20.42 -9.45 20.38
CA ASN A 437 -20.01 -9.58 21.78
C ASN A 437 -20.67 -10.80 22.41
N SER A 438 -19.93 -11.48 23.29
CA SER A 438 -20.39 -12.70 23.93
C SER A 438 -20.04 -12.70 25.42
N ASN A 439 -20.35 -11.58 26.09
CA ASN A 439 -20.00 -11.45 27.49
C ASN A 439 -20.82 -12.36 28.39
N ASN A 440 -22.06 -12.65 27.99
CA ASN A 440 -22.97 -13.43 28.81
C ASN A 440 -23.13 -14.85 28.29
N LEU A 441 -22.38 -15.23 27.26
CA LEU A 441 -22.47 -16.55 26.63
C LEU A 441 -21.35 -17.48 27.09
N ASP A 442 -20.10 -17.01 27.01
CA ASP A 442 -18.93 -17.80 27.39
C ASP A 442 -18.33 -17.34 28.71
N SER A 443 -18.12 -16.02 28.84
CA SER A 443 -17.44 -15.47 30.06
C SER A 443 -17.94 -16.18 31.32
N LYS A 444 -17.03 -16.80 32.07
CA LYS A 444 -17.41 -17.58 33.27
C LYS A 444 -16.70 -17.00 34.51
N VAL A 445 -17.42 -16.82 35.62
CA VAL A 445 -16.75 -16.37 36.89
C VAL A 445 -15.50 -17.25 37.06
N GLY A 446 -14.32 -16.66 37.25
CA GLY A 446 -13.13 -17.46 37.25
C GLY A 446 -12.44 -17.57 35.90
N GLY A 447 -13.15 -17.28 34.83
CA GLY A 447 -12.54 -17.32 33.50
C GLY A 447 -12.74 -18.64 32.81
N ASN A 448 -12.69 -18.61 31.48
CA ASN A 448 -12.82 -19.80 30.66
C ASN A 448 -11.43 -20.36 30.38
N TYR A 449 -11.15 -21.56 30.89
CA TYR A 449 -9.88 -22.22 30.65
C TYR A 449 -9.92 -23.15 29.44
N ASN A 450 -11.09 -23.36 28.84
CA ASN A 450 -11.23 -24.25 27.71
C ASN A 450 -10.91 -23.59 26.38
N TYR A 451 -10.76 -22.27 26.35
CA TYR A 451 -10.45 -21.54 25.12
C TYR A 451 -8.96 -21.23 25.10
N LEU A 452 -8.27 -21.77 24.09
CA LEU A 452 -6.83 -21.68 23.99
C LEU A 452 -6.46 -20.97 22.69
N TYR A 453 -5.26 -20.38 22.68
CA TYR A 453 -4.72 -19.85 21.43
C TYR A 453 -3.24 -20.14 21.34
N ARG A 454 -2.76 -20.23 20.10
CA ARG A 454 -1.37 -20.55 19.80
C ARG A 454 -0.57 -19.26 19.77
N LEU A 455 0.21 -19.03 20.82
CA LEU A 455 1.11 -17.88 20.88
C LEU A 455 2.45 -18.15 20.24
N PHE A 456 2.86 -19.42 20.16
CA PHE A 456 4.17 -19.80 19.67
C PHE A 456 4.02 -20.80 18.53
N ARG A 457 4.73 -20.55 17.42
CA ARG A 457 4.74 -21.50 16.31
C ARG A 457 6.08 -21.40 15.60
N LYS A 458 6.49 -22.52 15.01
CA LYS A 458 7.81 -22.58 14.37
C LYS A 458 7.87 -21.71 13.12
N SER A 459 6.81 -21.69 12.33
CA SER A 459 6.79 -20.96 11.07
C SER A 459 5.42 -20.32 10.88
N ASN A 460 5.35 -19.39 9.93
CA ASN A 460 4.09 -18.71 9.63
C ASN A 460 3.10 -19.69 8.99
N LEU A 461 1.83 -19.33 9.07
CA LEU A 461 0.76 -20.19 8.59
C LEU A 461 0.44 -19.92 7.12
N LYS A 462 -0.39 -20.79 6.55
CA LYS A 462 -0.99 -20.65 5.23
C LYS A 462 -2.48 -20.37 5.36
N PRO A 463 -3.09 -19.73 4.37
CA PRO A 463 -4.53 -19.46 4.46
C PRO A 463 -5.34 -20.74 4.59
N PHE A 464 -6.36 -20.69 5.45
CA PHE A 464 -7.27 -21.81 5.70
C PHE A 464 -6.51 -23.08 6.09
N GLU A 465 -5.49 -22.92 6.93
CA GLU A 465 -4.71 -24.04 7.44
C GLU A 465 -4.76 -24.05 8.96
N ARG A 466 -4.93 -25.24 9.53
CA ARG A 466 -5.12 -25.43 10.95
C ARG A 466 -3.97 -26.22 11.54
N ASP A 467 -3.54 -25.84 12.75
CA ASP A 467 -2.48 -26.53 13.47
C ASP A 467 -3.01 -26.92 14.85
N ILE A 468 -2.93 -28.20 15.18
CA ILE A 468 -3.40 -28.71 16.45
C ILE A 468 -2.29 -29.36 17.27
N SER A 469 -1.09 -29.49 16.72
CA SER A 469 0.00 -30.14 17.43
C SER A 469 0.38 -29.35 18.67
N THR A 470 0.69 -30.07 19.75
CA THR A 470 1.07 -29.48 21.02
C THR A 470 2.55 -29.70 21.34
N GLU A 471 3.38 -29.78 20.31
CA GLU A 471 4.81 -29.95 20.53
C GLU A 471 5.39 -28.73 21.22
N ILE A 472 6.29 -28.99 22.18
CA ILE A 472 6.95 -27.90 22.90
C ILE A 472 7.82 -27.13 21.92
N TYR A 473 7.56 -25.83 21.79
CA TYR A 473 8.42 -24.99 20.95
C TYR A 473 9.83 -24.95 21.52
N GLN A 474 10.81 -25.15 20.64
CA GLN A 474 12.21 -24.95 20.99
C GLN A 474 12.53 -23.47 20.83
N ALA A 475 12.19 -22.70 21.87
CA ALA A 475 12.46 -21.27 21.84
C ALA A 475 13.96 -21.00 21.83
N GLY A 476 14.69 -21.65 22.75
CA GLY A 476 16.13 -21.52 22.77
C GLY A 476 16.81 -22.40 21.75
N SER A 477 18.11 -22.14 21.56
CA SER A 477 18.90 -23.00 20.69
C SER A 477 19.13 -24.38 21.30
N THR A 478 19.09 -24.46 22.63
CA THR A 478 19.25 -25.74 23.30
C THR A 478 18.06 -26.65 23.01
N PRO A 479 18.28 -27.86 22.48
CA PRO A 479 17.16 -28.78 22.24
C PRO A 479 16.60 -29.29 23.57
N CYS A 480 15.27 -29.24 23.69
CA CYS A 480 14.60 -29.69 24.90
C CYS A 480 14.05 -31.11 24.79
N ASN A 481 13.84 -31.61 23.57
CA ASN A 481 13.34 -32.97 23.34
C ASN A 481 12.02 -33.21 24.09
N GLY A 482 11.10 -32.25 23.96
CA GLY A 482 9.80 -32.36 24.59
C GLY A 482 9.77 -32.14 26.08
N VAL A 483 10.76 -31.42 26.63
CA VAL A 483 10.82 -31.13 28.05
C VAL A 483 10.60 -29.63 28.23
N GLU A 484 9.61 -29.28 29.05
CA GLU A 484 9.31 -27.87 29.30
C GLU A 484 10.34 -27.28 30.27
N GLY A 485 10.38 -25.95 30.29
CA GLY A 485 11.30 -25.24 31.16
C GLY A 485 11.67 -23.91 30.54
N PHE A 486 12.85 -23.42 30.92
CA PHE A 486 13.35 -22.15 30.40
C PHE A 486 13.68 -22.29 28.92
N ASN A 487 13.30 -21.27 28.15
CA ASN A 487 13.51 -21.23 26.70
C ASN A 487 12.83 -22.39 25.98
N CYS A 488 11.75 -22.90 26.55
CA CYS A 488 10.94 -23.93 25.90
C CYS A 488 9.53 -23.85 26.49
N TYR A 489 8.60 -23.34 25.70
CA TYR A 489 7.26 -23.02 26.19
C TYR A 489 6.21 -23.86 25.48
N PHE A 490 5.10 -24.10 26.18
CA PHE A 490 3.97 -24.78 25.58
C PHE A 490 3.26 -23.82 24.62
N PRO A 491 3.08 -24.20 23.35
CA PRO A 491 2.57 -23.24 22.36
C PRO A 491 1.16 -22.72 22.64
N LEU A 492 0.37 -23.42 23.45
CA LEU A 492 -1.01 -23.05 23.69
C LEU A 492 -1.13 -22.35 25.04
N GLN A 493 -1.88 -21.25 25.09
CA GLN A 493 -2.18 -20.61 26.37
C GLN A 493 -3.65 -20.21 26.43
N SER A 494 -4.15 -20.17 27.67
CA SER A 494 -5.54 -19.92 27.99
C SER A 494 -5.85 -18.42 27.97
N TYR A 495 -7.14 -18.10 27.97
CA TYR A 495 -7.62 -16.73 27.90
C TYR A 495 -8.07 -16.18 29.25
N GLY A 496 -8.79 -16.99 30.03
CA GLY A 496 -9.27 -16.56 31.33
C GLY A 496 -10.27 -15.42 31.23
N PHE A 497 -11.23 -15.55 30.31
CA PHE A 497 -12.20 -14.49 30.09
C PHE A 497 -13.08 -14.26 31.31
N GLN A 498 -12.92 -13.11 31.96
CA GLN A 498 -13.72 -12.75 33.12
C GLN A 498 -14.77 -11.70 32.74
N PRO A 499 -15.97 -11.78 33.31
CA PRO A 499 -17.01 -10.79 32.97
C PRO A 499 -16.64 -9.38 33.37
N THR A 500 -15.77 -9.20 34.36
CA THR A 500 -15.39 -7.88 34.84
C THR A 500 -14.35 -7.20 33.94
N ASN A 501 -13.64 -7.98 33.12
CA ASN A 501 -12.58 -7.41 32.29
C ASN A 501 -13.14 -6.38 31.31
N GLY A 502 -12.24 -5.57 30.77
CA GLY A 502 -12.64 -4.55 29.83
C GLY A 502 -13.12 -5.13 28.52
N VAL A 503 -13.82 -4.28 27.76
CA VAL A 503 -14.38 -4.71 26.48
C VAL A 503 -13.28 -5.08 25.48
N GLY A 504 -12.06 -4.58 25.69
CA GLY A 504 -10.96 -4.95 24.80
C GLY A 504 -10.58 -6.41 24.91
N TYR A 505 -10.63 -6.96 26.13
CA TYR A 505 -10.27 -8.36 26.37
C TYR A 505 -11.49 -9.25 26.51
N GLN A 506 -12.66 -8.73 26.21
CA GLN A 506 -13.90 -9.45 26.44
C GLN A 506 -14.15 -10.38 25.25
N PRO A 507 -14.73 -11.57 25.46
CA PRO A 507 -14.91 -12.49 24.34
C PRO A 507 -15.78 -11.92 23.22
N TYR A 508 -15.45 -12.32 22.00
CA TYR A 508 -16.18 -11.97 20.79
C TYR A 508 -16.31 -13.23 19.97
N ARG A 509 -17.54 -13.59 19.62
CA ARG A 509 -17.79 -14.78 18.82
C ARG A 509 -17.74 -14.39 17.35
N VAL A 510 -16.82 -15.03 16.61
CA VAL A 510 -16.51 -14.69 15.23
C VAL A 510 -16.92 -15.85 14.33
N VAL A 511 -17.71 -15.54 13.32
CA VAL A 511 -18.09 -16.47 12.26
C VAL A 511 -17.68 -15.85 10.92
N VAL A 512 -16.98 -16.63 10.11
CA VAL A 512 -16.54 -16.21 8.79
C VAL A 512 -17.31 -17.01 7.77
N LEU A 513 -18.06 -16.33 6.90
CA LEU A 513 -18.78 -16.94 5.80
C LEU A 513 -17.96 -16.71 4.54
N SER A 514 -17.23 -17.73 4.11
CA SER A 514 -16.39 -17.66 2.93
C SER A 514 -17.13 -18.29 1.76
N PHE A 515 -17.34 -17.50 0.71
CA PHE A 515 -17.92 -17.98 -0.53
C PHE A 515 -16.85 -18.06 -1.61
N GLU A 516 -17.10 -18.91 -2.59
CA GLU A 516 -16.31 -18.94 -3.82
C GLU A 516 -17.26 -18.80 -4.99
N LEU A 517 -16.90 -17.94 -5.94
CA LEU A 517 -17.70 -17.70 -7.14
C LEU A 517 -16.88 -18.17 -8.34
N LEU A 518 -16.99 -19.46 -8.64
CA LEU A 518 -16.23 -20.05 -9.74
C LEU A 518 -17.16 -20.88 -10.62
N HIS A 519 -16.57 -21.62 -11.56
CA HIS A 519 -17.34 -22.44 -12.48
C HIS A 519 -17.83 -23.69 -11.77
N ALA A 520 -19.12 -23.73 -11.46
CA ALA A 520 -19.75 -24.86 -10.80
C ALA A 520 -21.26 -24.61 -10.75
N PRO A 521 -22.07 -25.67 -10.68
CA PRO A 521 -23.51 -25.48 -10.49
C PRO A 521 -23.82 -25.03 -9.06
N ALA A 522 -24.22 -23.77 -8.92
CA ALA A 522 -24.46 -23.21 -7.59
C ALA A 522 -25.58 -23.95 -6.87
N THR A 523 -25.35 -24.27 -5.60
CA THR A 523 -26.32 -24.98 -4.80
C THR A 523 -27.02 -24.11 -3.76
N VAL A 524 -26.43 -22.97 -3.39
CA VAL A 524 -27.01 -22.07 -2.41
C VAL A 524 -27.28 -20.73 -3.11
N CYS A 525 -28.50 -20.23 -2.97
CA CYS A 525 -28.91 -18.99 -3.61
C CYS A 525 -29.76 -18.17 -2.65
N GLY A 526 -29.88 -16.89 -2.95
CA GLY A 526 -30.69 -15.99 -2.16
C GLY A 526 -32.17 -16.22 -2.35
N PRO A 527 -32.99 -15.60 -1.51
CA PRO A 527 -34.45 -15.80 -1.56
C PRO A 527 -35.12 -14.91 -2.61
N LYS A 528 -34.82 -15.17 -3.88
CA LYS A 528 -35.39 -14.44 -5.00
C LYS A 528 -36.32 -15.37 -5.77
N LYS A 529 -37.58 -14.96 -5.91
CA LYS A 529 -38.57 -15.79 -6.58
C LYS A 529 -38.28 -15.90 -8.08
N SER A 530 -38.59 -17.07 -8.64
CA SER A 530 -38.36 -17.32 -10.05
C SER A 530 -39.42 -16.62 -10.90
N THR A 531 -39.15 -16.54 -12.19
CA THR A 531 -40.04 -15.91 -13.16
C THR A 531 -40.22 -16.84 -14.35
N ASN A 532 -41.37 -16.73 -15.01
CA ASN A 532 -41.67 -17.58 -16.15
C ASN A 532 -40.72 -17.30 -17.31
N LEU A 533 -40.31 -18.37 -17.98
CA LEU A 533 -39.40 -18.24 -19.12
C LEU A 533 -40.12 -17.64 -20.33
N VAL A 534 -39.39 -16.80 -21.07
CA VAL A 534 -39.86 -16.25 -22.33
C VAL A 534 -38.75 -16.43 -23.36
N LYS A 535 -39.14 -16.80 -24.58
CA LYS A 535 -38.19 -17.11 -25.63
C LYS A 535 -38.41 -16.21 -26.84
N ASN A 536 -37.39 -16.18 -27.70
CA ASN A 536 -37.44 -15.44 -28.97
C ASN A 536 -37.72 -13.96 -28.76
N LYS A 537 -37.11 -13.39 -27.71
CA LYS A 537 -37.26 -11.96 -27.44
C LYS A 537 -36.04 -11.46 -26.67
N CYS A 538 -35.66 -10.23 -26.95
CA CYS A 538 -34.55 -9.57 -26.26
C CYS A 538 -34.96 -9.25 -24.84
N VAL A 539 -34.48 -10.04 -23.87
CA VAL A 539 -34.81 -9.85 -22.48
C VAL A 539 -33.56 -9.99 -21.63
N ASN A 540 -33.65 -9.48 -20.40
CA ASN A 540 -32.64 -9.72 -19.38
C ASN A 540 -32.87 -11.08 -18.76
N PHE A 541 -31.77 -11.79 -18.44
CA PHE A 541 -31.87 -13.08 -17.81
C PHE A 541 -30.88 -13.19 -16.67
N ASN A 542 -31.30 -13.87 -15.60
CA ASN A 542 -30.50 -14.13 -14.42
C ASN A 542 -30.62 -15.62 -14.11
N PHE A 543 -29.74 -16.41 -14.71
CA PHE A 543 -29.75 -17.87 -14.55
C PHE A 543 -28.75 -18.25 -13.46
N ASN A 544 -29.27 -18.62 -12.29
CA ASN A 544 -28.44 -19.09 -11.18
C ASN A 544 -27.36 -18.08 -10.82
N GLY A 545 -27.70 -16.80 -10.89
CA GLY A 545 -26.76 -15.75 -10.58
C GLY A 545 -25.95 -15.23 -11.74
N LEU A 546 -26.02 -15.88 -12.91
CA LEU A 546 -25.34 -15.38 -14.10
C LEU A 546 -26.29 -14.44 -14.83
N THR A 547 -25.88 -13.18 -14.96
CA THR A 547 -26.75 -12.15 -15.54
C THR A 547 -26.36 -11.88 -16.98
N GLY A 548 -27.31 -11.32 -17.71
CA GLY A 548 -27.03 -10.93 -19.09
C GLY A 548 -28.30 -10.47 -19.78
N THR A 549 -28.13 -10.20 -21.08
CA THR A 549 -29.23 -9.73 -21.91
C THR A 549 -29.08 -10.37 -23.28
N GLY A 550 -30.20 -10.83 -23.84
CA GLY A 550 -30.15 -11.45 -25.14
C GLY A 550 -31.46 -12.13 -25.47
N VAL A 551 -31.41 -12.94 -26.55
CA VAL A 551 -32.54 -13.71 -27.03
C VAL A 551 -32.26 -15.19 -26.76
N LEU A 552 -33.22 -15.87 -26.14
CA LEU A 552 -33.10 -17.28 -25.81
C LEU A 552 -33.93 -18.10 -26.77
N THR A 553 -33.30 -19.09 -27.40
CA THR A 553 -33.98 -19.93 -28.38
C THR A 553 -33.66 -21.39 -28.11
N GLU A 554 -34.44 -22.27 -28.74
CA GLU A 554 -34.15 -23.69 -28.68
C GLU A 554 -32.86 -24.00 -29.43
N SER A 555 -32.04 -24.87 -28.87
CA SER A 555 -30.72 -25.17 -29.40
C SER A 555 -30.61 -26.66 -29.72
N ASN A 556 -29.88 -26.97 -30.79
CA ASN A 556 -29.61 -28.35 -31.17
C ASN A 556 -28.42 -28.93 -30.41
N LYS A 557 -27.77 -28.14 -29.56
CA LYS A 557 -26.64 -28.65 -28.78
C LYS A 557 -27.10 -29.75 -27.84
N LYS A 558 -26.31 -30.81 -27.74
CA LYS A 558 -26.63 -31.99 -26.94
C LYS A 558 -25.72 -31.97 -25.71
N PHE A 559 -26.15 -31.27 -24.67
CA PHE A 559 -25.39 -31.22 -23.43
C PHE A 559 -25.44 -32.57 -22.72
N LEU A 560 -24.28 -33.07 -22.33
CA LEU A 560 -24.21 -34.27 -21.53
C LEU A 560 -24.75 -33.99 -20.13
N PRO A 561 -25.19 -35.03 -19.39
CA PRO A 561 -25.85 -34.78 -18.11
C PRO A 561 -24.91 -34.44 -16.97
N PHE A 562 -23.89 -33.61 -17.24
CA PHE A 562 -23.16 -32.92 -16.18
C PHE A 562 -22.87 -31.47 -16.52
N GLN A 563 -23.01 -31.06 -17.78
CA GLN A 563 -22.66 -29.71 -18.19
C GLN A 563 -23.80 -28.75 -17.92
N GLN A 564 -23.45 -27.58 -17.38
CA GLN A 564 -24.44 -26.57 -17.00
C GLN A 564 -24.58 -25.45 -18.03
N PHE A 565 -23.48 -24.95 -18.57
CA PHE A 565 -23.54 -23.92 -19.59
C PHE A 565 -22.37 -24.10 -20.56
N GLY A 566 -22.55 -23.60 -21.78
CA GLY A 566 -21.55 -23.70 -22.81
C GLY A 566 -21.00 -22.35 -23.23
N ARG A 567 -19.90 -22.39 -23.96
CA ARG A 567 -19.24 -21.19 -24.43
C ARG A 567 -18.74 -21.40 -25.86
N ASP A 568 -18.55 -20.29 -26.57
CA ASP A 568 -18.05 -20.31 -27.93
C ASP A 568 -16.53 -20.25 -27.92
N ILE A 569 -15.92 -20.03 -29.08
CA ILE A 569 -14.47 -20.05 -29.20
C ILE A 569 -13.85 -18.95 -28.34
N ALA A 570 -14.44 -17.75 -28.37
CA ALA A 570 -13.92 -16.60 -27.64
C ALA A 570 -14.24 -16.63 -26.15
N ASP A 571 -14.70 -17.78 -25.63
CA ASP A 571 -14.99 -17.95 -24.20
C ASP A 571 -16.05 -16.95 -23.73
N THR A 572 -17.23 -17.03 -24.36
CA THR A 572 -18.38 -16.24 -23.97
C THR A 572 -19.58 -17.16 -23.86
N THR A 573 -20.42 -16.92 -22.84
CA THR A 573 -21.57 -17.78 -22.57
C THR A 573 -22.52 -17.85 -23.76
N ASP A 574 -22.63 -19.02 -24.37
CA ASP A 574 -23.43 -19.23 -25.57
C ASP A 574 -24.68 -20.06 -25.32
N ALA A 575 -24.64 -21.00 -24.38
CA ALA A 575 -25.79 -21.83 -24.07
C ALA A 575 -25.92 -21.97 -22.56
N VAL A 576 -27.15 -22.11 -22.09
CA VAL A 576 -27.42 -22.29 -20.67
C VAL A 576 -28.48 -23.37 -20.49
N ARG A 577 -28.29 -24.21 -19.48
CA ARG A 577 -29.28 -25.23 -19.14
C ARG A 577 -30.21 -24.67 -18.07
N ASP A 578 -31.51 -24.77 -18.33
CA ASP A 578 -32.50 -24.21 -17.42
C ASP A 578 -32.43 -24.93 -16.08
N PRO A 579 -32.44 -24.20 -14.95
CA PRO A 579 -32.34 -24.87 -13.65
C PRO A 579 -33.59 -25.60 -13.23
N GLN A 580 -34.68 -25.51 -13.99
CA GLN A 580 -35.93 -26.14 -13.61
C GLN A 580 -36.34 -27.24 -14.58
N THR A 581 -36.42 -26.95 -15.87
CA THR A 581 -36.85 -27.93 -16.86
C THR A 581 -35.69 -28.73 -17.46
N LEU A 582 -34.45 -28.41 -17.09
CA LEU A 582 -33.27 -29.08 -17.63
C LEU A 582 -33.27 -29.02 -19.15
N GLU A 583 -33.66 -27.88 -19.71
CA GLU A 583 -33.73 -27.66 -21.14
C GLU A 583 -32.63 -26.68 -21.54
N ILE A 584 -31.92 -27.01 -22.61
CA ILE A 584 -30.80 -26.17 -23.04
C ILE A 584 -31.32 -25.06 -23.95
N LEU A 585 -30.83 -23.85 -23.73
CA LEU A 585 -31.25 -22.67 -24.45
C LEU A 585 -30.03 -21.96 -25.01
N ASP A 586 -30.06 -21.65 -26.31
CA ASP A 586 -29.03 -20.81 -26.91
C ASP A 586 -29.32 -19.34 -26.62
N ILE A 587 -28.25 -18.60 -26.37
CA ILE A 587 -28.32 -17.17 -26.08
C ILE A 587 -27.63 -16.44 -27.22
N THR A 588 -28.36 -15.52 -27.84
CA THR A 588 -27.81 -14.71 -28.92
C THR A 588 -27.92 -13.24 -28.55
N PRO A 589 -26.84 -12.46 -28.65
CA PRO A 589 -26.93 -11.04 -28.32
C PRO A 589 -27.95 -10.34 -29.20
N CYS A 590 -28.66 -9.40 -28.60
CA CYS A 590 -29.72 -8.70 -29.33
C CYS A 590 -29.14 -7.93 -30.50
N SER A 591 -29.91 -7.88 -31.59
CA SER A 591 -29.41 -7.29 -32.83
C SER A 591 -29.01 -5.83 -32.61
N PHE A 592 -27.82 -5.49 -33.11
CA PHE A 592 -27.29 -4.14 -32.98
C PHE A 592 -26.49 -3.82 -34.23
N GLY A 593 -25.92 -2.63 -34.25
CA GLY A 593 -25.08 -2.24 -35.37
C GLY A 593 -24.85 -0.74 -35.38
N GLY A 594 -24.15 -0.30 -36.41
CA GLY A 594 -23.92 1.12 -36.59
C GLY A 594 -25.00 1.80 -37.40
N VAL A 595 -25.13 3.11 -37.21
CA VAL A 595 -26.12 3.91 -37.92
C VAL A 595 -25.37 5.01 -38.65
N SER A 596 -25.54 5.06 -39.98
CA SER A 596 -24.87 6.06 -40.80
C SER A 596 -25.91 6.90 -41.53
N VAL A 597 -25.71 8.20 -41.54
CA VAL A 597 -26.67 9.14 -42.13
C VAL A 597 -26.12 9.60 -43.47
N ILE A 598 -26.80 9.23 -44.54
CA ILE A 598 -26.46 9.67 -45.88
C ILE A 598 -27.21 10.96 -46.16
N THR A 599 -26.49 12.02 -46.47
CA THR A 599 -27.15 13.29 -46.68
C THR A 599 -26.41 14.17 -47.69
N PRO A 600 -27.12 14.75 -48.64
CA PRO A 600 -26.52 15.82 -49.45
C PRO A 600 -26.28 17.07 -48.60
N GLY A 601 -25.30 17.86 -49.01
CA GLY A 601 -24.90 19.05 -48.28
C GLY A 601 -26.05 19.97 -47.94
N THR A 602 -25.91 20.73 -46.85
CA THR A 602 -26.98 21.61 -46.42
C THR A 602 -27.22 22.80 -47.35
N ASN A 603 -26.29 23.11 -48.25
CA ASN A 603 -26.52 24.07 -49.31
C ASN A 603 -27.54 23.55 -50.31
N THR A 604 -27.80 22.24 -50.32
CA THR A 604 -28.83 21.71 -51.20
C THR A 604 -30.14 21.39 -50.47
N SER A 605 -30.13 20.54 -49.45
CA SER A 605 -31.37 20.15 -48.79
C SER A 605 -31.09 19.61 -47.39
N ASN A 606 -32.14 19.55 -46.59
CA ASN A 606 -32.11 18.99 -45.24
C ASN A 606 -32.59 17.55 -45.19
N GLN A 607 -32.97 16.96 -46.32
CA GLN A 607 -33.41 15.58 -46.33
C GLN A 607 -32.23 14.65 -46.09
N VAL A 608 -32.47 13.58 -45.34
CA VAL A 608 -31.45 12.58 -45.04
C VAL A 608 -32.06 11.19 -45.22
N ALA A 609 -31.16 10.22 -45.37
CA ALA A 609 -31.51 8.81 -45.38
C ALA A 609 -30.68 8.11 -44.32
N VAL A 610 -31.24 7.07 -43.70
CA VAL A 610 -30.58 6.38 -42.61
C VAL A 610 -30.24 4.97 -43.04
N LEU A 611 -28.97 4.59 -42.89
CA LEU A 611 -28.50 3.25 -43.18
C LEU A 611 -28.17 2.55 -41.87
N TYR A 612 -28.88 1.46 -41.60
CA TYR A 612 -28.63 0.61 -40.44
C TYR A 612 -27.70 -0.50 -40.93
N GLN A 613 -26.44 -0.44 -40.51
CA GLN A 613 -25.43 -1.35 -41.03
C GLN A 613 -25.65 -2.76 -40.49
N ASP A 614 -25.67 -3.73 -41.42
CA ASP A 614 -25.77 -5.15 -41.08
C ASP A 614 -27.00 -5.45 -40.23
N VAL A 615 -28.04 -4.64 -40.37
CA VAL A 615 -29.29 -4.81 -39.64
C VAL A 615 -30.39 -5.06 -40.65
N ASN A 616 -31.09 -6.18 -40.50
CA ASN A 616 -32.17 -6.52 -41.40
C ASN A 616 -33.33 -5.56 -41.21
N CYS A 617 -34.04 -5.26 -42.31
CA CYS A 617 -35.04 -4.20 -42.29
C CYS A 617 -36.16 -4.50 -41.30
N THR A 618 -36.59 -5.76 -41.22
CA THR A 618 -37.62 -6.13 -40.27
C THR A 618 -37.17 -5.94 -38.82
N GLU A 619 -35.86 -5.96 -38.57
CA GLU A 619 -35.35 -5.77 -37.22
C GLU A 619 -35.35 -4.31 -36.79
N VAL A 620 -35.42 -3.37 -37.72
CA VAL A 620 -35.41 -1.95 -37.36
C VAL A 620 -36.57 -1.57 -36.47
N PRO A 621 -37.83 -1.95 -36.77
CA PRO A 621 -38.90 -1.60 -35.82
C PRO A 621 -38.79 -2.38 -34.51
N ASN A 641 -38.65 4.24 -50.46
CA ASN A 641 -39.11 4.09 -49.07
C ASN A 641 -38.13 3.25 -48.26
N VAL A 642 -38.26 1.93 -48.36
CA VAL A 642 -37.44 0.98 -47.62
C VAL A 642 -36.70 0.12 -48.64
N PHE A 643 -35.38 0.01 -48.50
CA PHE A 643 -34.59 -0.76 -49.45
C PHE A 643 -33.55 -1.58 -48.69
N GLN A 644 -33.50 -2.88 -48.96
CA GLN A 644 -32.58 -3.79 -48.30
C GLN A 644 -31.35 -4.01 -49.17
N THR A 645 -30.18 -3.67 -48.65
CA THR A 645 -28.92 -3.82 -49.36
C THR A 645 -28.04 -4.81 -48.62
N ARG A 646 -27.00 -5.30 -49.31
CA ARG A 646 -26.04 -6.19 -48.67
C ARG A 646 -25.27 -5.48 -47.58
N ALA A 647 -25.29 -4.15 -47.56
CA ALA A 647 -24.66 -3.37 -46.51
C ALA A 647 -25.64 -2.94 -45.44
N GLY A 648 -26.81 -3.58 -45.37
CA GLY A 648 -27.76 -3.25 -44.32
C GLY A 648 -29.14 -2.85 -44.80
N CYS A 649 -29.81 -2.00 -44.03
CA CYS A 649 -31.16 -1.54 -44.39
C CYS A 649 -31.13 -0.03 -44.58
N LEU A 650 -31.55 0.43 -45.75
CA LEU A 650 -31.55 1.84 -46.10
C LEU A 650 -32.98 2.36 -46.06
N ILE A 651 -33.18 3.46 -45.32
CA ILE A 651 -34.50 4.01 -45.06
C ILE A 651 -34.50 5.45 -45.55
N GLY A 652 -35.50 5.79 -46.36
CA GLY A 652 -35.64 7.13 -46.89
C GLY A 652 -35.06 7.34 -48.27
N ALA A 653 -34.52 6.31 -48.90
CA ALA A 653 -33.97 6.41 -50.25
C ALA A 653 -34.78 5.54 -51.18
N GLU A 654 -35.23 6.13 -52.30
CA GLU A 654 -36.05 5.43 -53.29
C GLU A 654 -35.12 4.71 -54.27
N HIS A 655 -35.18 3.39 -54.29
CA HIS A 655 -34.31 2.60 -55.15
C HIS A 655 -34.64 2.87 -56.62
N VAL A 656 -33.61 3.17 -57.41
CA VAL A 656 -33.78 3.65 -58.77
C VAL A 656 -33.03 2.72 -59.71
N ASN A 657 -33.68 2.41 -60.83
CA ASN A 657 -33.36 1.20 -61.56
C ASN A 657 -32.26 1.48 -62.57
N ASN A 658 -32.22 2.73 -63.05
CA ASN A 658 -31.16 3.24 -63.90
C ASN A 658 -29.85 3.33 -63.13
N SER A 659 -28.73 3.24 -63.84
CA SER A 659 -27.40 3.28 -63.22
C SER A 659 -26.68 4.56 -63.60
N TYR A 660 -26.02 5.18 -62.62
CA TYR A 660 -25.21 6.36 -62.85
C TYR A 660 -23.86 6.20 -62.16
N GLU A 661 -23.03 7.24 -62.19
CA GLU A 661 -21.77 7.21 -61.47
C GLU A 661 -22.02 7.37 -59.97
N CYS A 662 -21.09 6.85 -59.18
CA CYS A 662 -21.24 6.87 -57.73
C CYS A 662 -21.05 8.28 -57.20
N ASP A 663 -21.99 8.71 -56.35
CA ASP A 663 -21.92 10.01 -55.68
C ASP A 663 -21.64 9.86 -54.19
N ILE A 664 -22.44 9.06 -53.49
CA ILE A 664 -22.21 8.76 -52.09
C ILE A 664 -22.11 7.24 -51.94
N PRO A 665 -20.95 6.71 -51.55
CA PRO A 665 -20.78 5.25 -51.52
C PRO A 665 -21.54 4.62 -50.36
N ILE A 666 -22.50 3.76 -50.67
CA ILE A 666 -23.20 2.99 -49.66
C ILE A 666 -22.50 1.67 -49.39
N GLY A 667 -22.19 0.93 -50.45
CA GLY A 667 -21.47 -0.32 -50.32
C GLY A 667 -22.07 -1.45 -51.12
N ALA A 668 -21.26 -2.48 -51.40
CA ALA A 668 -21.68 -3.67 -52.13
C ALA A 668 -22.26 -3.30 -53.50
N GLY A 669 -21.66 -2.30 -54.13
CA GLY A 669 -22.10 -1.85 -55.43
C GLY A 669 -23.26 -0.89 -55.41
N ILE A 670 -23.73 -0.47 -54.24
CA ILE A 670 -24.87 0.42 -54.11
C ILE A 670 -24.34 1.82 -53.79
N CYS A 671 -24.84 2.81 -54.51
CA CYS A 671 -24.50 4.22 -54.28
C CYS A 671 -25.78 5.05 -54.24
N ALA A 672 -25.72 6.14 -53.48
CA ALA A 672 -26.87 7.03 -53.29
C ALA A 672 -26.53 8.42 -53.81
N SER A 673 -27.54 9.10 -54.35
CA SER A 673 -27.36 10.45 -54.86
C SER A 673 -28.67 11.22 -54.75
N TYR A 674 -28.56 12.55 -54.76
CA TYR A 674 -29.71 13.42 -54.65
C TYR A 674 -30.02 14.01 -56.02
N GLN A 675 -31.26 13.80 -56.48
CA GLN A 675 -31.67 14.29 -57.79
C GLN A 675 -32.20 15.73 -57.72
N GLN A 690 -37.45 15.90 -56.30
CA GLN A 690 -36.08 15.90 -55.82
C GLN A 690 -35.97 15.20 -54.47
N SER A 691 -35.38 14.01 -54.47
CA SER A 691 -35.22 13.23 -53.26
C SER A 691 -33.90 12.47 -53.36
N ILE A 692 -33.70 11.53 -52.43
CA ILE A 692 -32.49 10.71 -52.38
C ILE A 692 -32.80 9.37 -53.02
N ILE A 693 -31.97 8.96 -53.97
CA ILE A 693 -32.15 7.70 -54.67
C ILE A 693 -30.95 6.82 -54.39
N ALA A 694 -31.18 5.51 -54.41
CA ALA A 694 -30.15 4.51 -54.23
C ALA A 694 -30.18 3.57 -55.44
N TYR A 695 -29.03 3.31 -56.03
CA TYR A 695 -28.94 2.57 -57.27
C TYR A 695 -27.67 1.74 -57.27
N THR A 696 -27.48 0.99 -58.36
CA THR A 696 -26.26 0.22 -58.58
C THR A 696 -25.31 1.05 -59.43
N MET A 697 -24.08 1.18 -58.95
CA MET A 697 -23.10 2.02 -59.65
C MET A 697 -22.80 1.46 -61.04
N SER A 698 -22.51 2.36 -61.96
CA SER A 698 -22.18 2.00 -63.34
C SER A 698 -20.68 2.16 -63.53
N LEU A 699 -20.04 1.13 -64.08
CA LEU A 699 -18.59 1.14 -64.26
C LEU A 699 -18.13 1.98 -65.45
N GLY A 700 -19.04 2.35 -66.34
CA GLY A 700 -18.68 3.18 -67.48
C GLY A 700 -19.57 2.88 -68.66
N ALA A 701 -19.38 3.66 -69.72
CA ALA A 701 -20.15 3.49 -70.93
C ALA A 701 -19.76 2.21 -71.66
N GLU A 702 -20.76 1.50 -72.16
CA GLU A 702 -20.50 0.29 -72.92
C GLU A 702 -19.82 0.62 -74.25
N ASN A 703 -18.87 -0.22 -74.64
CA ASN A 703 -18.11 0.02 -75.86
C ASN A 703 -17.67 -1.33 -76.43
N SER A 704 -17.79 -1.46 -77.75
CA SER A 704 -17.34 -2.68 -78.44
C SER A 704 -16.64 -2.23 -79.72
N VAL A 705 -15.30 -2.14 -79.67
CA VAL A 705 -14.54 -1.70 -80.82
C VAL A 705 -14.56 -2.79 -81.89
N ALA A 706 -14.84 -2.39 -83.13
CA ALA A 706 -14.97 -3.34 -84.23
C ALA A 706 -13.59 -3.91 -84.57
N TYR A 707 -13.38 -5.19 -84.25
CA TYR A 707 -12.12 -5.87 -84.49
C TYR A 707 -12.29 -6.89 -85.60
N SER A 708 -11.38 -6.85 -86.58
CA SER A 708 -11.30 -7.88 -87.60
C SER A 708 -9.85 -8.04 -87.99
N ASN A 709 -9.53 -9.18 -88.60
CA ASN A 709 -8.14 -9.57 -88.76
C ASN A 709 -7.39 -8.74 -89.81
N ASN A 710 -8.08 -7.89 -90.56
CA ASN A 710 -7.41 -7.07 -91.56
C ASN A 710 -7.94 -5.64 -91.52
N SER A 711 -8.19 -5.12 -90.32
CA SER A 711 -8.69 -3.76 -90.16
C SER A 711 -7.88 -3.04 -89.09
N ILE A 712 -7.43 -1.84 -89.41
CA ILE A 712 -6.70 -0.99 -88.48
C ILE A 712 -7.29 0.40 -88.52
N ALA A 713 -7.33 1.05 -87.35
CA ALA A 713 -7.79 2.42 -87.23
C ALA A 713 -6.60 3.31 -86.94
N ILE A 714 -6.43 4.35 -87.75
CA ILE A 714 -5.29 5.24 -87.66
C ILE A 714 -5.80 6.64 -87.41
N PRO A 715 -5.28 7.36 -86.40
CA PRO A 715 -5.68 8.74 -86.19
C PRO A 715 -5.25 9.62 -87.34
N THR A 716 -6.02 10.68 -87.57
CA THR A 716 -5.67 11.63 -88.60
C THR A 716 -5.33 13.01 -88.07
N ASN A 717 -5.69 13.34 -86.82
CA ASN A 717 -5.33 14.68 -86.38
C ASN A 717 -5.40 14.63 -84.86
N PHE A 718 -5.02 15.71 -84.19
CA PHE A 718 -4.66 15.51 -82.78
C PHE A 718 -5.04 16.70 -81.92
N THR A 719 -5.00 16.46 -80.61
CA THR A 719 -5.25 17.49 -79.61
C THR A 719 -4.14 17.48 -78.57
N ILE A 720 -3.69 18.66 -78.17
CA ILE A 720 -2.70 18.81 -77.12
C ILE A 720 -3.44 19.07 -75.82
N SER A 721 -3.34 18.14 -74.88
CA SER A 721 -4.11 18.22 -73.64
C SER A 721 -3.18 18.43 -72.45
N VAL A 722 -3.57 19.33 -71.56
CA VAL A 722 -2.79 19.65 -70.37
C VAL A 722 -3.61 19.29 -69.14
N THR A 723 -3.01 18.53 -68.24
CA THR A 723 -3.68 18.10 -67.02
C THR A 723 -2.86 18.53 -65.81
N THR A 724 -3.55 18.63 -64.67
CA THR A 724 -2.90 18.99 -63.40
C THR A 724 -2.80 17.77 -62.50
N GLU A 725 -1.67 17.64 -61.82
CA GLU A 725 -1.49 16.64 -60.78
C GLU A 725 -0.94 17.31 -59.54
N ILE A 726 -1.59 17.10 -58.40
CA ILE A 726 -1.26 17.78 -57.16
C ILE A 726 -0.68 16.77 -56.18
N LEU A 727 0.46 17.10 -55.58
CA LEU A 727 1.10 16.20 -54.63
C LEU A 727 1.57 16.97 -53.40
N PRO A 728 1.16 16.55 -52.21
CA PRO A 728 1.71 17.14 -50.99
C PRO A 728 3.20 16.88 -50.89
N VAL A 729 3.93 17.86 -50.35
CA VAL A 729 5.38 17.74 -50.25
C VAL A 729 5.82 17.79 -48.80
N SER A 730 5.08 18.51 -47.96
CA SER A 730 5.50 18.69 -46.58
C SER A 730 4.31 19.03 -45.71
N MET A 731 4.47 18.80 -44.40
CA MET A 731 3.50 19.13 -43.39
C MET A 731 3.92 20.42 -42.68
N THR A 732 3.21 20.75 -41.60
CA THR A 732 3.57 21.87 -40.76
C THR A 732 4.51 21.38 -39.66
N LYS A 733 5.65 22.05 -39.51
CA LYS A 733 6.64 21.68 -38.49
C LYS A 733 6.13 22.16 -37.14
N THR A 734 5.57 21.25 -36.36
CA THR A 734 5.05 21.56 -35.04
C THR A 734 5.87 20.82 -33.98
N SER A 735 6.37 21.57 -33.00
CA SER A 735 7.13 21.02 -31.89
C SER A 735 6.35 21.25 -30.60
N VAL A 736 6.18 20.19 -29.83
CA VAL A 736 5.44 20.23 -28.57
C VAL A 736 6.40 19.89 -27.44
N ASP A 737 6.48 20.77 -26.45
CA ASP A 737 7.28 20.50 -25.26
C ASP A 737 6.54 19.52 -24.37
N CYS A 738 7.13 18.34 -24.16
CA CYS A 738 6.45 17.30 -23.40
C CYS A 738 6.22 17.73 -21.96
N THR A 739 7.26 18.24 -21.30
CA THR A 739 7.13 18.62 -19.90
C THR A 739 6.16 19.79 -19.73
N MET A 740 6.21 20.77 -20.63
CA MET A 740 5.30 21.90 -20.54
C MET A 740 3.86 21.47 -20.79
N TYR A 741 3.64 20.59 -21.75
CA TYR A 741 2.28 20.12 -22.03
C TYR A 741 1.74 19.31 -20.85
N ILE A 742 2.55 18.43 -20.27
CA ILE A 742 2.06 17.56 -19.22
C ILE A 742 1.89 18.31 -17.90
N CYS A 743 2.83 19.19 -17.56
CA CYS A 743 2.90 19.76 -16.22
C CYS A 743 2.80 21.27 -16.17
N GLY A 744 2.83 21.96 -17.30
CA GLY A 744 2.83 23.41 -17.26
C GLY A 744 4.09 23.94 -16.58
N ASP A 745 3.91 24.86 -15.64
CA ASP A 745 5.02 25.45 -14.91
C ASP A 745 5.18 24.87 -13.51
N SER A 746 4.38 23.88 -13.14
CA SER A 746 4.48 23.28 -11.81
C SER A 746 5.81 22.56 -11.65
N THR A 747 6.38 22.67 -10.44
CA THR A 747 7.64 22.00 -10.13
C THR A 747 7.43 20.62 -9.53
N GLU A 748 6.41 20.46 -8.69
CA GLU A 748 6.09 19.14 -8.14
C GLU A 748 5.70 18.18 -9.25
N CYS A 749 4.91 18.65 -10.21
CA CYS A 749 4.56 17.80 -11.35
C CYS A 749 5.79 17.42 -12.16
N SER A 750 6.73 18.36 -12.32
CA SER A 750 7.98 18.03 -13.02
C SER A 750 8.77 16.97 -12.27
N ASN A 751 8.84 17.09 -10.93
CA ASN A 751 9.54 16.08 -10.16
C ASN A 751 8.89 14.72 -10.28
N LEU A 752 7.55 14.68 -10.28
CA LEU A 752 6.84 13.42 -10.46
C LEU A 752 7.09 12.84 -11.85
N LEU A 753 7.10 13.70 -12.87
CA LEU A 753 7.30 13.24 -14.23
C LEU A 753 8.71 12.73 -14.46
N LEU A 754 9.69 13.28 -13.74
CA LEU A 754 11.06 12.79 -13.85
C LEU A 754 11.18 11.32 -13.44
N GLN A 755 10.22 10.81 -12.68
CA GLN A 755 10.24 9.41 -12.28
C GLN A 755 9.84 8.47 -13.41
N TYR A 756 9.35 8.99 -14.53
CA TYR A 756 8.89 8.15 -15.63
C TYR A 756 9.99 7.86 -16.65
N GLY A 757 11.20 8.32 -16.43
CA GLY A 757 12.32 8.02 -17.31
C GLY A 757 12.54 9.13 -18.32
N SER A 758 12.61 8.76 -19.60
CA SER A 758 12.93 9.70 -20.68
C SER A 758 11.88 9.61 -21.79
N PHE A 759 10.61 9.52 -21.42
CA PHE A 759 9.55 9.57 -22.43
C PHE A 759 9.53 10.90 -23.13
N CYS A 760 9.68 12.00 -22.38
CA CYS A 760 9.65 13.33 -22.97
C CYS A 760 10.77 13.52 -23.97
N THR A 761 11.96 13.01 -23.65
CA THR A 761 13.08 13.12 -24.57
C THR A 761 12.81 12.39 -25.88
N GLN A 762 12.23 11.18 -25.79
CA GLN A 762 11.91 10.43 -26.99
C GLN A 762 10.87 11.17 -27.83
N LEU A 763 9.83 11.71 -27.19
CA LEU A 763 8.81 12.43 -27.94
C LEU A 763 9.37 13.66 -28.63
N ASN A 764 10.19 14.43 -27.91
CA ASN A 764 10.80 15.62 -28.50
C ASN A 764 11.70 15.23 -29.66
N ARG A 765 12.46 14.14 -29.52
CA ARG A 765 13.35 13.70 -30.59
C ARG A 765 12.56 13.29 -31.83
N ALA A 766 11.44 12.58 -31.62
CA ALA A 766 10.62 12.19 -32.76
C ALA A 766 10.04 13.42 -33.48
N LEU A 767 9.57 14.40 -32.71
CA LEU A 767 9.03 15.61 -33.32
C LEU A 767 10.12 16.37 -34.07
N THR A 768 11.32 16.44 -33.51
CA THR A 768 12.43 17.10 -34.21
C THR A 768 12.79 16.37 -35.49
N GLY A 769 12.78 15.03 -35.46
CA GLY A 769 13.03 14.27 -36.66
C GLY A 769 12.02 14.54 -37.75
N ILE A 770 10.73 14.60 -37.37
CA ILE A 770 9.70 14.95 -38.35
C ILE A 770 9.94 16.34 -38.92
N ALA A 771 10.28 17.29 -38.05
CA ALA A 771 10.49 18.67 -38.52
C ALA A 771 11.64 18.74 -39.51
N VAL A 772 12.74 18.04 -39.22
CA VAL A 772 13.87 18.05 -40.15
C VAL A 772 13.50 17.34 -41.46
N GLU A 773 12.71 16.26 -41.35
CA GLU A 773 12.33 15.51 -42.53
C GLU A 773 11.46 16.34 -43.47
N GLN A 774 10.66 17.26 -42.93
CA GLN A 774 9.85 18.11 -43.79
C GLN A 774 10.73 18.99 -44.69
N ASP A 775 11.73 19.63 -44.09
CA ASP A 775 12.67 20.44 -44.88
C ASP A 775 13.44 19.57 -45.86
N LYS A 776 13.80 18.35 -45.44
CA LYS A 776 14.48 17.44 -46.36
C LYS A 776 13.60 17.13 -47.57
N ASN A 777 12.31 16.89 -47.35
CA ASN A 777 11.39 16.62 -48.45
C ASN A 777 11.30 17.81 -49.39
N THR A 778 11.15 19.01 -48.84
CA THR A 778 11.06 20.20 -49.69
C THR A 778 12.34 20.38 -50.51
N GLN A 779 13.49 20.22 -49.86
CA GLN A 779 14.76 20.37 -50.58
C GLN A 779 14.91 19.32 -51.68
N GLU A 780 14.53 18.08 -51.39
CA GLU A 780 14.65 17.03 -52.40
C GLU A 780 13.73 17.30 -53.59
N VAL A 781 12.50 17.76 -53.31
CA VAL A 781 11.54 17.95 -54.40
C VAL A 781 11.93 19.14 -55.27
N PHE A 782 12.29 20.26 -54.64
CA PHE A 782 12.41 21.52 -55.40
C PHE A 782 13.83 21.87 -55.81
N ALA A 783 14.85 21.46 -55.04
CA ALA A 783 16.22 21.82 -55.37
C ALA A 783 16.84 20.78 -56.32
N GLN A 784 16.17 20.59 -57.45
CA GLN A 784 16.66 19.66 -58.47
C GLN A 784 17.82 20.25 -59.27
N VAL A 785 17.84 21.56 -59.47
CA VAL A 785 18.88 22.22 -60.24
C VAL A 785 19.58 23.23 -59.35
N LYS A 786 20.84 23.53 -59.69
CA LYS A 786 21.64 24.47 -58.92
C LYS A 786 21.71 25.85 -59.54
N GLN A 787 21.86 25.93 -60.86
CA GLN A 787 21.83 27.22 -61.53
C GLN A 787 20.42 27.80 -61.51
N ILE A 788 20.33 29.12 -61.61
CA ILE A 788 19.07 29.83 -61.67
C ILE A 788 18.94 30.40 -63.08
N TYR A 789 18.13 29.75 -63.90
CA TYR A 789 17.99 30.15 -65.29
C TYR A 789 16.98 31.28 -65.44
N LYS A 790 17.17 32.10 -66.47
CA LYS A 790 16.30 33.23 -66.75
C LYS A 790 15.82 33.15 -68.20
N THR A 791 14.53 33.41 -68.40
CA THR A 791 13.99 33.46 -69.75
C THR A 791 14.47 34.72 -70.46
N PRO A 792 14.52 34.71 -71.79
CA PRO A 792 14.93 35.91 -72.52
C PRO A 792 13.93 37.01 -72.30
N PRO A 793 14.37 38.27 -72.37
CA PRO A 793 13.44 39.39 -72.15
C PRO A 793 12.28 39.42 -73.14
N ILE A 794 12.51 39.00 -74.38
CA ILE A 794 11.48 38.97 -75.40
C ILE A 794 10.91 37.55 -75.48
N LYS A 795 9.62 37.42 -75.18
CA LYS A 795 8.96 36.11 -75.13
C LYS A 795 8.46 35.76 -76.53
N ASP A 796 9.38 35.23 -77.34
CA ASP A 796 9.08 34.79 -78.71
C ASP A 796 9.56 33.35 -78.85
N PHE A 797 8.65 32.40 -78.64
CA PHE A 797 8.96 30.99 -78.70
C PHE A 797 8.18 30.32 -79.84
N GLY A 798 8.10 30.99 -80.98
CA GLY A 798 7.41 30.42 -82.12
C GLY A 798 5.91 30.43 -82.01
N GLY A 799 5.35 31.31 -81.19
CA GLY A 799 3.91 31.38 -80.98
C GLY A 799 3.44 30.75 -79.69
N PHE A 800 4.25 29.90 -79.08
CA PHE A 800 3.93 29.36 -77.77
C PHE A 800 3.96 30.47 -76.73
N ASN A 801 2.97 30.50 -75.85
CA ASN A 801 2.78 31.65 -74.98
C ASN A 801 2.70 31.19 -73.52
N PHE A 802 3.76 31.45 -72.75
CA PHE A 802 3.89 30.87 -71.41
C PHE A 802 3.59 31.89 -70.31
N SER A 803 2.85 32.95 -70.63
CA SER A 803 2.63 34.02 -69.66
C SER A 803 1.88 33.55 -68.42
N GLN A 804 1.14 32.44 -68.52
CA GLN A 804 0.38 31.96 -67.38
C GLN A 804 1.20 31.08 -66.43
N ILE A 805 2.41 30.71 -66.80
CA ILE A 805 3.27 29.92 -65.92
C ILE A 805 4.57 30.62 -65.56
N LEU A 806 5.01 31.60 -66.35
CA LEU A 806 6.18 32.38 -65.99
C LEU A 806 5.82 33.39 -64.90
N PRO A 807 6.78 33.79 -64.06
CA PRO A 807 6.49 34.72 -62.98
C PRO A 807 5.99 36.06 -63.53
N ASP A 808 5.06 36.66 -62.78
CA ASP A 808 4.49 37.96 -63.15
C ASP A 808 5.29 39.06 -62.46
N PRO A 809 6.04 39.88 -63.19
CA PRO A 809 6.88 40.90 -62.54
C PRO A 809 6.09 41.99 -61.83
N SER A 810 4.84 42.24 -62.23
CA SER A 810 4.07 43.31 -61.59
C SER A 810 3.80 43.00 -60.12
N LYS A 811 3.47 41.75 -59.81
CA LYS A 811 3.12 41.39 -58.45
C LYS A 811 4.38 41.34 -57.57
N PRO A 812 4.31 41.84 -56.34
CA PRO A 812 5.48 41.77 -55.45
C PRO A 812 5.90 40.35 -55.10
N SER A 813 4.98 39.38 -55.20
CA SER A 813 5.30 38.00 -54.85
C SER A 813 6.09 37.28 -55.93
N LYS A 814 6.19 37.85 -57.14
CA LYS A 814 6.94 37.24 -58.25
C LYS A 814 6.45 35.83 -58.56
N ARG A 815 5.14 35.62 -58.49
CA ARG A 815 4.54 34.34 -58.81
C ARG A 815 3.81 34.43 -60.14
N SER A 816 3.66 33.28 -60.78
CA SER A 816 2.84 33.20 -61.97
C SER A 816 1.36 33.29 -61.59
N PRO A 817 0.49 33.65 -62.55
CA PRO A 817 -0.94 33.71 -62.23
C PRO A 817 -1.49 32.39 -61.70
N ILE A 818 -1.01 31.26 -62.20
CA ILE A 818 -1.47 29.97 -61.71
C ILE A 818 -1.00 29.74 -60.28
N GLU A 819 0.23 30.14 -59.96
CA GLU A 819 0.71 30.00 -58.58
C GLU A 819 -0.09 30.88 -57.63
N ASP A 820 -0.42 32.10 -58.06
CA ASP A 820 -1.27 32.97 -57.23
C ASP A 820 -2.65 32.36 -57.02
N LEU A 821 -3.22 31.78 -58.08
CA LEU A 821 -4.52 31.14 -57.94
C LEU A 821 -4.45 29.97 -56.96
N LEU A 822 -3.39 29.16 -57.04
CA LEU A 822 -3.23 28.05 -56.12
C LEU A 822 -3.06 28.53 -54.68
N PHE A 823 -2.28 29.60 -54.49
CA PHE A 823 -2.08 30.12 -53.14
C PHE A 823 -3.37 30.68 -52.57
N ASN A 824 -4.17 31.37 -53.38
CA ASN A 824 -5.43 31.90 -52.89
C ASN A 824 -6.45 30.79 -52.63
N LYS A 825 -6.36 29.69 -53.37
CA LYS A 825 -7.30 28.58 -53.15
C LYS A 825 -7.14 27.97 -51.77
N VAL A 826 -5.90 27.76 -51.32
CA VAL A 826 -5.63 27.13 -50.05
C VAL A 826 -5.36 28.23 -49.03
N THR A 827 -6.36 28.55 -48.22
CA THR A 827 -6.22 29.51 -47.13
C THR A 827 -6.90 28.94 -45.90
N LEU A 828 -6.16 28.82 -44.81
CA LEU A 828 -6.70 28.32 -43.55
C LEU A 828 -5.83 28.74 -42.37
N PHE A 855 1.08 29.03 -25.74
CA PHE A 855 -0.15 28.34 -25.36
C PHE A 855 0.14 27.28 -24.30
N ASN A 856 0.35 26.04 -24.75
CA ASN A 856 0.63 24.91 -23.85
C ASN A 856 1.78 24.09 -24.41
N GLY A 857 2.85 24.75 -24.85
CA GLY A 857 4.00 24.07 -25.40
C GLY A 857 4.00 23.92 -26.91
N LEU A 858 2.90 24.24 -27.58
CA LEU A 858 2.87 24.16 -29.03
C LEU A 858 3.75 25.24 -29.65
N THR A 859 4.48 24.87 -30.70
CA THR A 859 5.31 25.84 -31.41
C THR A 859 5.30 25.46 -32.89
N VAL A 860 5.22 26.46 -33.75
CA VAL A 860 5.23 26.26 -35.19
C VAL A 860 6.53 26.82 -35.73
N LEU A 861 7.37 25.95 -36.27
CA LEU A 861 8.67 26.34 -36.82
C LEU A 861 8.52 26.76 -38.28
N PRO A 862 9.06 27.91 -38.67
CA PRO A 862 8.96 28.31 -40.07
C PRO A 862 9.78 27.38 -40.96
N PRO A 863 9.35 27.16 -42.19
CA PRO A 863 10.11 26.28 -43.10
C PRO A 863 11.45 26.92 -43.47
N LEU A 864 12.42 26.05 -43.78
CA LEU A 864 13.74 26.53 -44.17
C LEU A 864 13.67 27.36 -45.45
N LEU A 865 12.88 26.92 -46.42
CA LEU A 865 12.70 27.63 -47.68
C LEU A 865 11.39 28.40 -47.64
N THR A 866 11.48 29.72 -47.83
CA THR A 866 10.27 30.53 -47.91
C THR A 866 9.51 30.25 -49.20
N ASP A 867 8.29 30.77 -49.27
CA ASP A 867 7.51 30.63 -50.49
C ASP A 867 8.19 31.34 -51.66
N GLU A 868 8.87 32.45 -51.40
CA GLU A 868 9.57 33.15 -52.47
C GLU A 868 10.69 32.31 -53.05
N MET A 869 11.46 31.62 -52.20
CA MET A 869 12.54 30.79 -52.70
C MET A 869 12.02 29.59 -53.47
N ILE A 870 10.92 29.01 -53.03
CA ILE A 870 10.31 27.91 -53.78
C ILE A 870 9.83 28.41 -55.13
N ALA A 871 9.25 29.61 -55.17
CA ALA A 871 8.85 30.20 -56.44
C ALA A 871 10.04 30.44 -57.35
N GLN A 872 11.16 30.89 -56.78
CA GLN A 872 12.37 31.09 -57.58
C GLN A 872 12.88 29.78 -58.15
N TYR A 873 12.87 28.72 -57.35
CA TYR A 873 13.27 27.40 -57.85
C TYR A 873 12.36 26.94 -58.98
N THR A 874 11.06 27.12 -58.81
CA THR A 874 10.11 26.73 -59.85
C THR A 874 10.32 27.52 -61.13
N SER A 875 10.54 28.83 -61.00
CA SER A 875 10.78 29.66 -62.18
C SER A 875 12.08 29.28 -62.87
N ALA A 876 13.12 28.95 -62.10
CA ALA A 876 14.37 28.49 -62.69
C ALA A 876 14.18 27.20 -63.47
N LEU A 877 13.43 26.25 -62.89
CA LEU A 877 13.16 25.01 -63.60
C LEU A 877 12.36 25.27 -64.88
N LEU A 878 11.37 26.15 -64.81
CA LEU A 878 10.58 26.48 -65.99
C LEU A 878 11.43 27.12 -67.07
N ALA A 879 12.29 28.06 -66.70
CA ALA A 879 13.15 28.70 -67.68
C ALA A 879 14.12 27.70 -68.30
N GLY A 880 14.69 26.82 -67.50
CA GLY A 880 15.58 25.81 -68.05
C GLY A 880 14.87 24.90 -69.03
N THR A 881 13.67 24.43 -68.66
CA THR A 881 12.92 23.56 -69.55
C THR A 881 12.56 24.28 -70.85
N ILE A 882 12.17 25.55 -70.76
CA ILE A 882 11.74 26.29 -71.93
C ILE A 882 12.92 26.54 -72.87
N THR A 883 14.05 26.99 -72.33
CA THR A 883 15.13 27.47 -73.17
C THR A 883 16.19 26.41 -73.50
N SER A 884 16.17 25.25 -72.85
CA SER A 884 17.17 24.24 -73.15
C SER A 884 16.61 22.82 -73.19
N GLY A 885 15.30 22.65 -73.12
CA GLY A 885 14.74 21.31 -73.18
C GLY A 885 15.17 20.48 -71.99
N TRP A 886 15.58 19.23 -72.26
CA TRP A 886 16.02 18.31 -71.22
C TRP A 886 17.53 18.29 -71.04
N THR A 887 18.25 19.14 -71.75
CA THR A 887 19.72 19.10 -71.67
C THR A 887 20.24 19.63 -70.35
N PHE A 888 19.57 20.62 -69.77
CA PHE A 888 20.06 21.22 -68.53
C PHE A 888 19.96 20.27 -67.34
N GLY A 889 19.11 19.25 -67.43
CA GLY A 889 18.98 18.31 -66.34
C GLY A 889 20.01 17.20 -66.32
N ALA A 890 20.87 17.13 -67.34
CA ALA A 890 21.88 16.09 -67.44
C ALA A 890 23.24 16.66 -67.83
N GLY A 891 23.52 17.90 -67.44
CA GLY A 891 24.77 18.54 -67.76
C GLY A 891 24.60 20.03 -68.01
N PRO A 892 25.47 20.61 -68.82
CA PRO A 892 25.34 22.03 -69.15
C PRO A 892 24.09 22.28 -69.99
N ALA A 893 23.55 23.48 -69.84
CA ALA A 893 22.33 23.86 -70.54
C ALA A 893 22.67 24.25 -71.97
N LEU A 894 22.09 23.55 -72.94
CA LEU A 894 22.31 23.80 -74.36
C LEU A 894 21.05 24.44 -74.92
N GLN A 895 21.14 25.69 -75.36
CA GLN A 895 19.98 26.37 -75.88
C GLN A 895 19.55 25.77 -77.21
N ILE A 896 18.25 25.80 -77.45
CA ILE A 896 17.66 25.25 -78.68
C ILE A 896 16.31 25.94 -78.89
N PRO A 897 15.96 26.32 -80.12
CA PRO A 897 14.66 26.95 -80.34
C PRO A 897 13.52 26.04 -79.90
N PHE A 898 12.49 26.65 -79.32
CA PHE A 898 11.39 25.86 -78.78
C PHE A 898 10.69 25.00 -79.82
N PRO A 899 10.40 25.46 -81.05
CA PRO A 899 9.85 24.54 -82.05
C PRO A 899 10.73 23.33 -82.30
N MET A 900 12.04 23.49 -82.27
CA MET A 900 12.92 22.34 -82.47
C MET A 900 12.85 21.37 -81.29
N GLN A 901 12.72 21.89 -80.07
CA GLN A 901 12.52 21.03 -78.92
C GLN A 901 11.21 20.28 -79.03
N MET A 902 10.15 20.95 -79.50
CA MET A 902 8.87 20.28 -79.70
C MET A 902 8.99 19.19 -80.77
N ALA A 903 9.78 19.45 -81.81
CA ALA A 903 10.01 18.45 -82.84
C ALA A 903 10.75 17.24 -82.26
N TYR A 904 11.74 17.49 -81.40
CA TYR A 904 12.44 16.40 -80.75
C TYR A 904 11.49 15.56 -79.89
N ARG A 905 10.61 16.22 -79.15
CA ARG A 905 9.67 15.50 -78.30
C ARG A 905 8.65 14.73 -79.12
N PHE A 906 8.21 15.30 -80.26
CA PHE A 906 7.35 14.55 -81.17
C PHE A 906 8.07 13.32 -81.70
N ASN A 907 9.34 13.46 -82.06
CA ASN A 907 10.13 12.29 -82.46
C ASN A 907 10.19 11.27 -81.33
N GLY A 908 10.22 11.75 -80.09
CA GLY A 908 10.25 10.83 -78.96
C GLY A 908 9.01 9.97 -78.86
N ILE A 909 7.84 10.55 -79.13
CA ILE A 909 6.58 9.83 -78.97
C ILE A 909 6.26 9.04 -80.23
N GLY A 910 7.20 9.00 -81.17
CA GLY A 910 7.03 8.22 -82.38
C GLY A 910 6.33 8.91 -83.52
N VAL A 911 6.31 10.24 -83.54
CA VAL A 911 5.70 11.02 -84.62
C VAL A 911 6.79 11.84 -85.28
N THR A 912 6.82 11.83 -86.60
CA THR A 912 7.84 12.56 -87.34
C THR A 912 7.71 14.06 -87.10
N GLN A 913 8.84 14.76 -87.15
CA GLN A 913 8.87 16.19 -86.83
C GLN A 913 8.20 17.04 -87.89
N ASN A 914 8.08 16.54 -89.13
CA ASN A 914 7.42 17.32 -90.16
C ASN A 914 5.96 17.58 -89.81
N VAL A 915 5.34 16.69 -89.02
CA VAL A 915 3.98 16.94 -88.55
C VAL A 915 3.93 18.21 -87.72
N LEU A 916 4.86 18.36 -86.78
CA LEU A 916 4.92 19.58 -85.97
C LEU A 916 5.23 20.79 -86.85
N TYR A 917 6.19 20.64 -87.76
CA TYR A 917 6.59 21.81 -88.53
C TYR A 917 5.48 22.27 -89.47
N GLU A 918 4.62 21.36 -89.93
CA GLU A 918 3.50 21.72 -90.79
C GLU A 918 2.24 22.06 -90.01
N ASN A 919 2.19 21.83 -88.70
CA ASN A 919 1.02 22.20 -87.91
C ASN A 919 1.41 23.02 -86.68
N GLN A 920 2.50 23.79 -86.79
CA GLN A 920 3.01 24.56 -85.65
C GLN A 920 1.98 25.56 -85.13
N LYS A 921 1.32 26.30 -86.02
CA LYS A 921 0.38 27.31 -85.54
C LYS A 921 -0.80 26.67 -84.82
N LEU A 922 -1.33 25.57 -85.37
CA LEU A 922 -2.42 24.86 -84.71
C LEU A 922 -1.99 24.32 -83.36
N ILE A 923 -0.77 23.77 -83.28
CA ILE A 923 -0.29 23.20 -82.03
C ILE A 923 -0.10 24.30 -80.98
N ALA A 924 0.42 25.45 -81.38
CA ALA A 924 0.58 26.55 -80.45
C ALA A 924 -0.78 27.05 -79.95
N ASN A 925 -1.75 27.16 -80.85
CA ASN A 925 -3.09 27.57 -80.43
C ASN A 925 -3.71 26.56 -79.47
N GLN A 926 -3.54 25.27 -79.74
CA GLN A 926 -4.07 24.25 -78.85
C GLN A 926 -3.39 24.31 -77.49
N PHE A 927 -2.08 24.53 -77.46
CA PHE A 927 -1.37 24.63 -76.19
C PHE A 927 -1.86 25.82 -75.37
N ASN A 928 -2.02 26.98 -76.02
CA ASN A 928 -2.50 28.16 -75.31
C ASN A 928 -3.92 27.95 -74.80
N SER A 929 -4.78 27.33 -75.63
CA SER A 929 -6.15 27.06 -75.19
C SER A 929 -6.17 26.10 -74.01
N ALA A 930 -5.31 25.08 -74.03
CA ALA A 930 -5.23 24.15 -72.91
C ALA A 930 -4.78 24.84 -71.63
N ILE A 931 -3.79 25.74 -71.74
CA ILE A 931 -3.33 26.46 -70.56
C ILE A 931 -4.44 27.35 -69.99
N GLY A 932 -5.15 28.05 -70.87
CA GLY A 932 -6.26 28.89 -70.42
C GLY A 932 -7.36 28.08 -69.77
N LYS A 933 -7.71 26.94 -70.38
CA LYS A 933 -8.71 26.06 -69.79
C LYS A 933 -8.28 25.56 -68.43
N ILE A 934 -6.99 25.25 -68.28
CA ILE A 934 -6.49 24.73 -67.01
C ILE A 934 -6.61 25.80 -65.93
N GLN A 935 -6.24 27.03 -66.25
CA GLN A 935 -6.37 28.12 -65.30
C GLN A 935 -7.83 28.35 -64.91
N ASP A 936 -8.73 28.34 -65.91
CA ASP A 936 -10.14 28.55 -65.61
C ASP A 936 -10.70 27.42 -64.75
N SER A 937 -10.31 26.18 -65.03
CA SER A 937 -10.78 25.05 -64.23
C SER A 937 -10.28 25.15 -62.79
N LEU A 938 -9.02 25.56 -62.61
CA LEU A 938 -8.51 25.74 -61.25
C LEU A 938 -9.25 26.85 -60.52
N SER A 939 -9.55 27.95 -61.21
CA SER A 939 -10.24 29.06 -60.55
C SER A 939 -11.68 28.70 -60.20
N SER A 940 -12.37 28.01 -61.09
CA SER A 940 -13.80 27.77 -60.90
C SER A 940 -14.09 26.58 -59.98
N THR A 941 -13.11 25.73 -59.70
CA THR A 941 -13.35 24.55 -58.87
C THR A 941 -12.67 24.72 -57.52
N PRO A 942 -13.42 24.80 -56.42
CA PRO A 942 -12.78 24.94 -55.10
C PRO A 942 -12.25 23.63 -54.54
N SER A 943 -12.70 22.48 -55.03
CA SER A 943 -12.29 21.19 -54.52
C SER A 943 -11.12 20.59 -55.29
N ALA A 944 -10.53 21.35 -56.22
CA ALA A 944 -9.44 20.81 -57.03
C ALA A 944 -8.21 20.49 -56.18
N LEU A 945 -7.94 21.32 -55.18
CA LEU A 945 -6.74 21.21 -54.35
C LEU A 945 -7.03 20.49 -53.04
N GLY A 946 -7.89 19.47 -53.08
CA GLY A 946 -8.35 18.82 -51.87
C GLY A 946 -7.29 18.05 -51.11
N LYS A 947 -6.21 17.64 -51.79
CA LYS A 947 -5.18 16.83 -51.13
C LYS A 947 -4.45 17.62 -50.06
N LEU A 948 -3.97 18.81 -50.42
CA LEU A 948 -3.28 19.67 -49.46
C LEU A 948 -4.22 20.08 -48.34
N GLN A 949 -5.47 20.37 -48.67
CA GLN A 949 -6.44 20.74 -47.66
C GLN A 949 -6.71 19.59 -46.70
N ASP A 950 -6.75 18.35 -47.21
CA ASP A 950 -6.89 17.20 -46.33
C ASP A 950 -5.72 17.08 -45.37
N VAL A 951 -4.50 17.28 -45.88
CA VAL A 951 -3.33 17.21 -45.00
C VAL A 951 -3.41 18.27 -43.91
N VAL A 952 -3.74 19.50 -44.29
CA VAL A 952 -3.79 20.60 -43.34
C VAL A 952 -4.90 20.36 -42.30
N ASN A 953 -6.07 19.90 -42.76
CA ASN A 953 -7.17 19.64 -41.85
C ASN A 953 -6.82 18.52 -40.87
N GLN A 954 -6.16 17.46 -41.35
CA GLN A 954 -5.76 16.38 -40.46
C GLN A 954 -4.80 16.88 -39.39
N ASN A 955 -3.80 17.68 -39.79
CA ASN A 955 -2.85 18.19 -38.81
C ASN A 955 -3.53 19.10 -37.79
N ALA A 956 -4.38 20.03 -38.27
CA ALA A 956 -5.06 20.95 -37.37
C ALA A 956 -5.99 20.22 -36.41
N GLN A 957 -6.69 19.20 -36.91
CA GLN A 957 -7.61 18.45 -36.07
C GLN A 957 -6.87 17.62 -35.03
N ALA A 958 -5.71 17.06 -35.41
CA ALA A 958 -4.90 16.36 -34.42
C ALA A 958 -4.42 17.30 -33.33
N LEU A 959 -3.98 18.50 -33.72
CA LEU A 959 -3.56 19.48 -32.70
C LEU A 959 -4.74 19.87 -31.81
N ASN A 960 -5.92 20.06 -32.38
CA ASN A 960 -7.08 20.43 -31.59
C ASN A 960 -7.44 19.32 -30.59
N THR A 961 -7.39 18.07 -31.02
CA THR A 961 -7.66 16.97 -30.11
C THR A 961 -6.62 16.90 -29.00
N LEU A 962 -5.34 17.10 -29.36
CA LEU A 962 -4.29 17.09 -28.34
C LEU A 962 -4.49 18.18 -27.30
N VAL A 963 -4.89 19.37 -27.74
CA VAL A 963 -5.13 20.45 -26.78
C VAL A 963 -6.37 20.18 -25.96
N LYS A 964 -7.43 19.65 -26.57
CA LYS A 964 -8.65 19.35 -25.84
C LYS A 964 -8.44 18.27 -24.80
N GLN A 965 -7.47 17.38 -25.00
CA GLN A 965 -7.20 16.35 -24.00
C GLN A 965 -6.73 16.94 -22.68
N LEU A 966 -6.31 18.21 -22.65
CA LEU A 966 -5.89 18.84 -21.42
C LEU A 966 -7.03 19.09 -20.43
N SER A 967 -8.28 18.97 -20.87
CA SER A 967 -9.43 19.29 -20.03
C SER A 967 -10.13 18.03 -19.51
N SER A 968 -9.44 16.91 -19.47
CA SER A 968 -10.02 15.66 -18.99
C SER A 968 -9.49 15.34 -17.59
N ASN A 969 -10.38 14.89 -16.72
CA ASN A 969 -9.99 14.59 -15.34
C ASN A 969 -9.10 13.36 -15.27
N PHE A 970 -9.38 12.35 -16.10
CA PHE A 970 -8.70 11.06 -16.05
C PHE A 970 -8.83 10.41 -14.67
N GLY A 971 -9.88 10.76 -13.94
CA GLY A 971 -10.12 10.22 -12.61
C GLY A 971 -9.76 11.16 -11.48
N ALA A 972 -9.01 12.22 -11.75
CA ALA A 972 -8.61 13.16 -10.70
C ALA A 972 -9.79 14.04 -10.32
N ILE A 973 -9.65 14.75 -9.19
CA ILE A 973 -10.71 15.62 -8.72
C ILE A 973 -10.93 16.79 -9.66
N SER A 974 -9.85 17.30 -10.27
CA SER A 974 -9.93 18.43 -11.17
C SER A 974 -8.92 18.26 -12.29
N SER A 975 -9.18 18.92 -13.41
CA SER A 975 -8.32 18.86 -14.58
C SER A 975 -7.29 19.96 -14.62
N VAL A 976 -7.21 20.81 -13.59
CA VAL A 976 -6.27 21.91 -13.53
C VAL A 976 -5.26 21.62 -12.42
N LEU A 977 -3.97 21.67 -12.75
CA LEU A 977 -2.94 21.41 -11.76
C LEU A 977 -2.91 22.47 -10.68
N ASN A 978 -3.21 23.73 -11.03
CA ASN A 978 -3.17 24.80 -10.04
C ASN A 978 -4.20 24.58 -8.93
N ASP A 979 -5.39 24.11 -9.29
CA ASP A 979 -6.41 23.85 -8.28
C ASP A 979 -5.95 22.77 -7.31
N ILE A 980 -5.38 21.68 -7.83
CA ILE A 980 -4.90 20.61 -6.96
C ILE A 980 -3.75 21.10 -6.08
N LEU A 981 -2.84 21.89 -6.65
CA LEU A 981 -1.71 22.39 -5.87
C LEU A 981 -2.17 23.33 -4.76
N SER A 982 -3.14 24.19 -5.04
CA SER A 982 -3.59 25.17 -4.05
C SER A 982 -4.68 24.64 -3.14
N ARG A 983 -5.18 23.42 -3.38
CA ARG A 983 -6.21 22.84 -2.53
C ARG A 983 -5.73 21.70 -1.65
N LEU A 984 -4.71 20.95 -2.07
CA LEU A 984 -4.30 19.76 -1.35
C LEU A 984 -2.80 19.83 -1.03
N ASP A 985 -2.42 19.19 0.06
CA ASP A 985 -1.02 19.04 0.41
C ASP A 985 -0.38 18.02 -0.52
N PRO A 986 0.94 18.07 -0.66
CA PRO A 986 1.65 17.16 -1.59
C PRO A 986 1.35 15.70 -1.33
N PRO A 987 1.30 15.23 -0.06
CA PRO A 987 1.11 13.79 0.16
C PRO A 987 -0.14 13.20 -0.49
N GLU A 988 -1.24 13.95 -0.52
CA GLU A 988 -2.46 13.45 -1.14
C GLU A 988 -2.69 14.00 -2.55
N ALA A 989 -2.13 15.17 -2.86
CA ALA A 989 -2.22 15.69 -4.22
C ALA A 989 -1.33 14.92 -5.19
N GLU A 990 -0.38 14.14 -4.66
CA GLU A 990 0.50 13.35 -5.52
C GLU A 990 -0.29 12.36 -6.36
N VAL A 991 -1.33 11.76 -5.79
CA VAL A 991 -2.12 10.78 -6.54
C VAL A 991 -2.84 11.44 -7.71
N GLN A 992 -3.45 12.60 -7.46
CA GLN A 992 -4.15 13.31 -8.52
C GLN A 992 -3.18 13.75 -9.61
N ILE A 993 -2.02 14.28 -9.21
CA ILE A 993 -1.05 14.72 -10.20
C ILE A 993 -0.54 13.54 -11.00
N ASP A 994 -0.36 12.38 -10.35
CA ASP A 994 0.09 11.20 -11.07
C ASP A 994 -0.95 10.73 -12.08
N ARG A 995 -2.24 10.76 -11.71
CA ARG A 995 -3.27 10.37 -12.66
C ARG A 995 -3.31 11.32 -13.85
N LEU A 996 -3.21 12.63 -13.59
CA LEU A 996 -3.18 13.59 -14.70
C LEU A 996 -1.96 13.38 -15.58
N ILE A 997 -0.81 13.10 -14.97
CA ILE A 997 0.41 12.85 -15.74
C ILE A 997 0.23 11.63 -16.63
N THR A 998 -0.32 10.56 -16.08
CA THR A 998 -0.52 9.35 -16.89
C THR A 998 -1.44 9.62 -18.07
N GLY A 999 -2.56 10.30 -17.83
CA GLY A 999 -3.48 10.57 -18.93
C GLY A 999 -2.87 11.45 -20.01
N ARG A 1000 -2.21 12.53 -19.59
CA ARG A 1000 -1.63 13.46 -20.57
C ARG A 1000 -0.47 12.81 -21.32
N LEU A 1001 0.32 11.99 -20.63
CA LEU A 1001 1.40 11.27 -21.30
C LEU A 1001 0.87 10.31 -22.34
N GLN A 1002 -0.20 9.59 -22.02
CA GLN A 1002 -0.79 8.68 -23.00
C GLN A 1002 -1.31 9.46 -24.21
N SER A 1003 -1.99 10.59 -23.96
CA SER A 1003 -2.48 11.40 -25.07
C SER A 1003 -1.33 11.89 -25.96
N LEU A 1004 -0.26 12.38 -25.35
CA LEU A 1004 0.87 12.88 -26.12
C LEU A 1004 1.55 11.77 -26.91
N GLN A 1005 1.67 10.58 -26.32
CA GLN A 1005 2.25 9.45 -27.05
C GLN A 1005 1.39 9.07 -28.25
N THR A 1006 0.07 9.07 -28.07
CA THR A 1006 -0.82 8.79 -29.19
C THR A 1006 -0.64 9.82 -30.30
N TYR A 1007 -0.57 11.10 -29.93
CA TYR A 1007 -0.38 12.15 -30.92
C TYR A 1007 0.94 11.99 -31.66
N VAL A 1008 2.01 11.66 -30.94
CA VAL A 1008 3.31 11.52 -31.56
C VAL A 1008 3.33 10.33 -32.52
N THR A 1009 2.70 9.21 -32.13
CA THR A 1009 2.64 8.06 -33.02
C THR A 1009 1.87 8.39 -34.30
N GLN A 1010 0.72 9.06 -34.18
CA GLN A 1010 -0.04 9.44 -35.36
C GLN A 1010 0.78 10.40 -36.24
N GLN A 1011 1.49 11.33 -35.62
CA GLN A 1011 2.32 12.25 -36.39
C GLN A 1011 3.42 11.52 -37.14
N LEU A 1012 4.02 10.51 -36.49
CA LEU A 1012 5.06 9.73 -37.17
C LEU A 1012 4.49 9.01 -38.38
N ILE A 1013 3.32 8.39 -38.24
CA ILE A 1013 2.73 7.68 -39.36
C ILE A 1013 2.40 8.63 -40.51
N ARG A 1014 1.81 9.79 -40.18
CA ARG A 1014 1.47 10.76 -41.22
C ARG A 1014 2.72 11.35 -41.86
N ALA A 1015 3.80 11.52 -41.10
CA ALA A 1015 5.05 12.00 -41.66
C ALA A 1015 5.63 10.98 -42.62
N ALA A 1016 5.52 9.69 -42.30
CA ALA A 1016 5.94 8.66 -43.26
C ALA A 1016 5.12 8.73 -44.54
N GLU A 1017 3.80 8.92 -44.40
CA GLU A 1017 2.95 9.07 -45.58
C GLU A 1017 3.40 10.25 -46.43
N ILE A 1018 3.65 11.39 -45.80
CA ILE A 1018 4.05 12.59 -46.52
C ILE A 1018 5.42 12.40 -47.16
N ARG A 1019 6.32 11.68 -46.49
CA ARG A 1019 7.63 11.42 -47.09
C ARG A 1019 7.50 10.55 -48.34
N ALA A 1020 6.62 9.54 -48.29
CA ALA A 1020 6.38 8.74 -49.49
C ALA A 1020 5.83 9.61 -50.62
N SER A 1021 4.87 10.48 -50.30
CA SER A 1021 4.32 11.36 -51.32
C SER A 1021 5.38 12.29 -51.89
N ALA A 1022 6.27 12.80 -51.03
CA ALA A 1022 7.33 13.69 -51.48
C ALA A 1022 8.34 12.97 -52.35
N ASN A 1023 8.64 11.72 -52.03
CA ASN A 1023 9.51 10.93 -52.89
C ASN A 1023 8.89 10.72 -54.26
N LEU A 1024 7.59 10.43 -54.30
CA LEU A 1024 6.90 10.30 -55.57
C LEU A 1024 6.93 11.62 -56.35
N ALA A 1025 6.74 12.73 -55.66
CA ALA A 1025 6.77 14.03 -56.32
C ALA A 1025 8.15 14.34 -56.86
N ALA A 1026 9.20 13.99 -56.12
CA ALA A 1026 10.56 14.21 -56.59
C ALA A 1026 10.86 13.34 -57.82
N THR A 1027 10.39 12.09 -57.81
CA THR A 1027 10.56 11.24 -58.99
C THR A 1027 9.84 11.83 -60.19
N LYS A 1028 8.62 12.32 -59.99
CA LYS A 1028 7.89 12.93 -61.09
C LYS A 1028 8.58 14.18 -61.60
N MET A 1029 9.14 14.99 -60.70
CA MET A 1029 9.87 16.17 -61.13
C MET A 1029 11.12 15.78 -61.93
N SER A 1030 11.82 14.73 -61.50
CA SER A 1030 13.04 14.35 -62.20
C SER A 1030 12.74 13.75 -63.56
N GLU A 1031 11.65 12.99 -63.69
CA GLU A 1031 11.42 12.22 -64.91
C GLU A 1031 10.46 12.90 -65.89
N CYS A 1032 9.46 13.64 -65.40
CA CYS A 1032 8.51 14.29 -66.29
C CYS A 1032 8.95 15.70 -66.68
N VAL A 1033 9.60 16.42 -65.78
CA VAL A 1033 9.98 17.80 -66.04
C VAL A 1033 11.38 17.90 -66.64
N LEU A 1034 12.37 17.29 -66.00
CA LEU A 1034 13.74 17.37 -66.49
C LEU A 1034 13.97 16.54 -67.75
N GLY A 1035 13.00 15.71 -68.13
CA GLY A 1035 13.14 14.91 -69.33
C GLY A 1035 11.79 14.50 -69.85
N GLN A 1036 11.81 13.53 -70.78
CA GLN A 1036 10.60 12.96 -71.35
C GLN A 1036 10.50 11.51 -70.92
N SER A 1037 9.32 11.11 -70.47
CA SER A 1037 9.11 9.78 -69.88
C SER A 1037 8.28 8.91 -70.81
N LYS A 1038 8.74 7.68 -71.02
CA LYS A 1038 7.99 6.69 -71.77
C LYS A 1038 7.05 5.87 -70.89
N ARG A 1039 7.06 6.10 -69.58
CA ARG A 1039 6.18 5.37 -68.69
C ARG A 1039 4.73 5.78 -68.92
N VAL A 1040 3.86 4.79 -69.03
CA VAL A 1040 2.45 5.04 -69.33
C VAL A 1040 1.76 5.59 -68.08
N ASP A 1041 1.02 6.68 -68.24
CA ASP A 1041 0.20 7.30 -67.20
C ASP A 1041 1.02 7.85 -66.04
N PHE A 1042 2.34 7.81 -66.13
CA PHE A 1042 3.15 8.38 -65.06
C PHE A 1042 3.18 9.91 -65.11
N CYS A 1043 3.15 10.48 -66.32
CA CYS A 1043 3.17 11.93 -66.47
C CYS A 1043 1.92 12.39 -67.21
N GLY A 1044 0.76 11.88 -66.83
CA GLY A 1044 -0.49 12.30 -67.40
C GLY A 1044 -1.03 11.32 -68.43
N LYS A 1045 -2.33 11.42 -68.69
CA LYS A 1045 -2.97 10.56 -69.67
C LYS A 1045 -2.59 10.96 -71.09
N GLY A 1046 -2.17 10.00 -71.88
CA GLY A 1046 -1.74 10.22 -73.25
C GLY A 1046 -0.26 9.96 -73.40
N TYR A 1047 0.27 10.36 -74.56
CA TYR A 1047 1.69 10.28 -74.83
C TYR A 1047 2.36 11.53 -74.28
N HIS A 1048 3.20 11.36 -73.27
CA HIS A 1048 3.77 12.50 -72.57
C HIS A 1048 4.67 13.30 -73.51
N LEU A 1049 4.45 14.61 -73.56
CA LEU A 1049 5.32 15.53 -74.28
C LEU A 1049 6.23 16.29 -73.33
N MET A 1050 5.68 16.94 -72.31
CA MET A 1050 6.52 17.58 -71.30
C MET A 1050 5.68 17.94 -70.08
N SER A 1051 6.33 18.56 -69.10
CA SER A 1051 5.65 18.96 -67.88
C SER A 1051 6.19 20.29 -67.40
N PHE A 1052 5.34 21.03 -66.69
CA PHE A 1052 5.73 22.30 -66.09
C PHE A 1052 5.44 22.28 -64.60
N PRO A 1053 6.42 22.53 -63.74
CA PRO A 1053 6.17 22.58 -62.30
C PRO A 1053 5.54 23.89 -61.86
N GLN A 1054 4.78 23.81 -60.77
CA GLN A 1054 4.15 24.97 -60.17
C GLN A 1054 4.16 24.78 -58.66
N SER A 1055 4.50 25.85 -57.94
CA SER A 1055 4.54 25.80 -56.48
C SER A 1055 3.13 25.90 -55.91
N ALA A 1056 2.90 25.19 -54.82
CA ALA A 1056 1.65 25.30 -54.08
C ALA A 1056 1.97 25.27 -52.60
N PRO A 1057 1.11 25.86 -51.76
CA PRO A 1057 1.39 25.85 -50.32
C PRO A 1057 1.45 24.41 -49.80
N HIS A 1058 2.65 24.02 -49.36
CA HIS A 1058 2.93 22.66 -48.89
C HIS A 1058 2.66 21.62 -49.97
N GLY A 1059 3.00 21.94 -51.22
CA GLY A 1059 2.79 20.97 -52.28
C GLY A 1059 3.30 21.46 -53.61
N VAL A 1060 3.15 20.58 -54.61
CA VAL A 1060 3.59 20.86 -55.96
C VAL A 1060 2.49 20.44 -56.93
N VAL A 1061 2.36 21.21 -58.01
CA VAL A 1061 1.36 20.95 -59.04
C VAL A 1061 2.09 20.83 -60.38
N PHE A 1062 1.92 19.70 -61.04
CA PHE A 1062 2.52 19.45 -62.33
C PHE A 1062 1.48 19.67 -63.43
N LEU A 1063 1.88 20.38 -64.47
CA LEU A 1063 1.07 20.60 -65.67
C LEU A 1063 1.64 19.69 -66.74
N HIS A 1064 1.01 18.54 -66.92
CA HIS A 1064 1.44 17.54 -67.89
C HIS A 1064 0.85 17.91 -69.25
N VAL A 1065 1.72 18.26 -70.20
CA VAL A 1065 1.33 18.48 -71.58
C VAL A 1065 1.54 17.18 -72.35
N THR A 1066 0.46 16.65 -72.91
CA THR A 1066 0.44 15.35 -73.56
C THR A 1066 -0.23 15.46 -74.92
N TYR A 1067 0.09 14.49 -75.78
CA TYR A 1067 -0.39 14.40 -77.14
C TYR A 1067 -1.47 13.33 -77.22
N VAL A 1068 -2.69 13.72 -77.56
CA VAL A 1068 -3.82 12.80 -77.64
C VAL A 1068 -4.25 12.71 -79.10
N PRO A 1069 -4.12 11.55 -79.73
CA PRO A 1069 -4.62 11.40 -81.10
C PRO A 1069 -6.14 11.45 -81.13
N ALA A 1070 -6.67 11.82 -82.30
CA ALA A 1070 -8.11 11.96 -82.46
C ALA A 1070 -8.45 11.90 -83.95
N GLN A 1071 -9.76 11.72 -84.20
CA GLN A 1071 -10.31 11.60 -85.55
C GLN A 1071 -9.67 10.44 -86.30
N GLU A 1072 -9.72 9.27 -85.67
CA GLU A 1072 -9.20 8.07 -86.31
C GLU A 1072 -10.12 7.66 -87.45
N LYS A 1073 -9.57 6.89 -88.39
CA LYS A 1073 -10.40 6.36 -89.45
C LYS A 1073 -9.93 4.97 -89.84
N ASN A 1074 -10.74 4.38 -90.71
CA ASN A 1074 -10.93 2.95 -90.81
C ASN A 1074 -10.16 2.47 -92.04
N PHE A 1075 -9.36 1.41 -91.90
CA PHE A 1075 -8.44 1.04 -92.98
C PHE A 1075 -8.28 -0.47 -93.03
N THR A 1076 -7.90 -0.95 -94.21
CA THR A 1076 -7.56 -2.35 -94.43
C THR A 1076 -6.04 -2.48 -94.47
N THR A 1077 -5.50 -3.32 -93.58
CA THR A 1077 -4.05 -3.44 -93.43
C THR A 1077 -3.58 -4.82 -93.84
N ALA A 1078 -2.31 -4.91 -94.20
CA ALA A 1078 -1.68 -6.16 -94.57
C ALA A 1078 -0.33 -6.29 -93.87
N PRO A 1079 0.03 -7.50 -93.42
CA PRO A 1079 1.32 -7.65 -92.74
C PRO A 1079 2.53 -7.37 -93.62
N ALA A 1080 2.45 -7.65 -94.92
CA ALA A 1080 3.57 -7.47 -95.82
C ALA A 1080 3.04 -7.36 -97.24
N ILE A 1081 3.92 -6.92 -98.15
CA ILE A 1081 3.57 -6.74 -99.55
C ILE A 1081 4.40 -7.71 -100.38
N CYS A 1082 3.75 -8.48 -101.23
CA CYS A 1082 4.44 -9.43 -102.11
C CYS A 1082 4.74 -8.75 -103.44
N HIS A 1083 6.02 -8.76 -103.83
CA HIS A 1083 6.42 -8.17 -105.09
C HIS A 1083 7.68 -8.89 -105.59
N ASP A 1084 7.66 -9.31 -106.85
CA ASP A 1084 8.77 -10.06 -107.45
C ASP A 1084 9.09 -11.31 -106.65
N GLY A 1085 8.08 -11.93 -106.05
CA GLY A 1085 8.31 -13.10 -105.24
C GLY A 1085 9.04 -12.83 -103.94
N LYS A 1086 8.97 -11.60 -103.44
CA LYS A 1086 9.63 -11.25 -102.19
C LYS A 1086 8.64 -10.53 -101.27
N ALA A 1087 8.80 -10.77 -99.98
CA ALA A 1087 7.95 -10.15 -98.97
C ALA A 1087 8.61 -8.89 -98.45
N HIS A 1088 7.88 -7.78 -98.49
CA HIS A 1088 8.35 -6.48 -98.06
C HIS A 1088 7.59 -6.08 -96.79
N PHE A 1089 8.34 -5.77 -95.75
CA PHE A 1089 7.78 -5.33 -94.49
C PHE A 1089 8.04 -3.86 -94.28
N PRO A 1090 7.11 -3.14 -93.64
CA PRO A 1090 7.30 -1.70 -93.44
C PRO A 1090 8.46 -1.40 -92.52
N ARG A 1091 9.34 -0.51 -92.97
CA ARG A 1091 10.54 -0.21 -92.19
C ARG A 1091 10.20 0.49 -90.89
N GLU A 1092 9.30 1.47 -90.93
CA GLU A 1092 8.93 2.20 -89.73
C GLU A 1092 7.44 2.24 -89.47
N GLY A 1093 6.62 2.32 -90.51
CA GLY A 1093 5.19 2.51 -90.38
C GLY A 1093 4.41 1.22 -90.55
N VAL A 1094 3.27 1.33 -91.23
CA VAL A 1094 2.36 0.21 -91.42
C VAL A 1094 1.68 0.39 -92.77
N PHE A 1095 1.42 -0.74 -93.44
CA PHE A 1095 0.71 -0.71 -94.72
C PHE A 1095 -0.78 -0.49 -94.49
N VAL A 1096 -1.36 0.38 -95.32
CA VAL A 1096 -2.78 0.68 -95.27
C VAL A 1096 -3.34 0.69 -96.68
N SER A 1097 -4.66 0.55 -96.78
CA SER A 1097 -5.37 0.59 -98.04
C SER A 1097 -6.59 1.48 -97.91
N ASN A 1098 -6.79 2.37 -98.87
CA ASN A 1098 -7.96 3.23 -98.89
C ASN A 1098 -9.10 2.66 -99.73
N GLY A 1099 -8.96 1.42 -100.20
CA GLY A 1099 -10.00 0.76 -100.96
C GLY A 1099 -9.51 0.15 -102.25
N THR A 1100 -8.59 0.83 -102.91
CA THR A 1100 -8.05 0.34 -104.18
C THR A 1100 -6.52 0.33 -104.21
N HIS A 1101 -5.88 1.31 -103.58
CA HIS A 1101 -4.43 1.42 -103.59
C HIS A 1101 -3.87 1.17 -102.19
N TRP A 1102 -2.57 0.90 -102.15
CA TRP A 1102 -1.87 0.61 -100.90
C TRP A 1102 -0.79 1.66 -100.65
N PHE A 1103 -0.71 2.13 -99.41
CA PHE A 1103 0.27 3.10 -98.97
C PHE A 1103 0.93 2.60 -97.69
N VAL A 1104 1.94 3.33 -97.23
CA VAL A 1104 2.58 3.05 -95.95
C VAL A 1104 2.61 4.36 -95.15
N THR A 1105 2.20 4.28 -93.89
CA THR A 1105 2.06 5.48 -93.07
C THR A 1105 2.50 5.19 -91.64
N GLN A 1106 2.95 6.23 -90.95
CA GLN A 1106 3.34 6.07 -89.55
C GLN A 1106 2.14 5.71 -88.69
N ARG A 1107 2.42 5.05 -87.57
CA ARG A 1107 1.36 4.41 -86.79
C ARG A 1107 0.54 5.42 -86.00
N ASN A 1108 1.12 6.56 -85.64
CA ASN A 1108 0.43 7.54 -84.80
C ASN A 1108 -0.11 8.73 -85.57
N PHE A 1109 0.00 8.74 -86.90
CA PHE A 1109 -0.51 9.84 -87.71
C PHE A 1109 -0.70 9.35 -89.13
N TYR A 1110 -1.84 9.66 -89.74
CA TYR A 1110 -2.13 9.20 -91.10
C TYR A 1110 -1.46 10.14 -92.09
N GLU A 1111 -0.29 9.73 -92.59
CA GLU A 1111 0.43 10.45 -93.64
C GLU A 1111 0.81 9.44 -94.71
N PRO A 1112 -0.13 9.10 -95.60
CA PRO A 1112 0.14 8.03 -96.57
C PRO A 1112 1.26 8.40 -97.53
N GLN A 1113 2.01 7.39 -97.93
CA GLN A 1113 3.12 7.54 -98.86
C GLN A 1113 3.20 6.32 -99.76
N ILE A 1114 3.79 6.51 -100.94
CA ILE A 1114 3.90 5.42 -101.91
C ILE A 1114 4.88 4.37 -101.39
N ILE A 1115 4.48 3.11 -101.46
CA ILE A 1115 5.33 2.01 -101.00
C ILE A 1115 6.52 1.92 -101.95
N THR A 1116 7.71 2.25 -101.45
CA THR A 1116 8.93 2.23 -102.22
C THR A 1116 9.90 1.22 -101.60
N THR A 1117 11.12 1.18 -102.13
CA THR A 1117 12.16 0.30 -101.61
C THR A 1117 13.00 0.96 -100.52
N ASP A 1118 12.74 2.24 -100.22
CA ASP A 1118 13.49 2.94 -99.18
C ASP A 1118 12.72 3.04 -97.86
N ASN A 1119 11.45 2.67 -97.85
CA ASN A 1119 10.67 2.61 -96.62
C ASN A 1119 10.18 1.20 -96.29
N THR A 1120 10.68 0.19 -97.01
CA THR A 1120 10.36 -1.20 -96.74
C THR A 1120 11.64 -2.01 -96.81
N PHE A 1121 11.63 -3.18 -96.17
CA PHE A 1121 12.77 -4.08 -96.25
C PHE A 1121 12.29 -5.47 -96.65
N VAL A 1122 13.20 -6.22 -97.27
CA VAL A 1122 12.89 -7.52 -97.87
C VAL A 1122 13.38 -8.63 -96.96
N SER A 1123 12.53 -9.64 -96.76
CA SER A 1123 12.91 -10.80 -95.95
C SER A 1123 12.07 -11.98 -96.39
N GLY A 1124 12.70 -12.94 -97.07
CA GLY A 1124 12.02 -14.17 -97.47
C GLY A 1124 11.14 -13.97 -98.69
N ASN A 1125 10.34 -15.01 -98.95
CA ASN A 1125 9.42 -15.06 -100.07
C ASN A 1125 7.99 -14.91 -99.57
N CYS A 1126 7.03 -15.05 -100.49
CA CYS A 1126 5.61 -14.84 -100.19
C CYS A 1126 4.87 -16.11 -99.80
N ASP A 1127 5.56 -17.08 -99.20
CA ASP A 1127 4.92 -18.34 -98.83
C ASP A 1127 4.76 -18.52 -97.34
N VAL A 1128 5.54 -17.83 -96.51
CA VAL A 1128 5.51 -18.05 -95.07
C VAL A 1128 4.52 -17.12 -94.38
N VAL A 1129 4.53 -15.84 -94.74
CA VAL A 1129 3.69 -14.86 -94.07
C VAL A 1129 2.22 -15.14 -94.35
N ILE A 1130 1.39 -15.02 -93.33
CA ILE A 1130 -0.05 -15.24 -93.44
C ILE A 1130 -0.72 -13.88 -93.61
N GLY A 1131 -1.49 -13.75 -94.68
CA GLY A 1131 -2.19 -12.51 -94.96
C GLY A 1131 -1.48 -11.57 -95.90
N ILE A 1132 -0.40 -12.01 -96.55
CA ILE A 1132 0.30 -11.14 -97.49
C ILE A 1132 -0.61 -10.86 -98.69
N VAL A 1133 -0.44 -9.68 -99.27
CA VAL A 1133 -1.26 -9.25 -100.41
C VAL A 1133 -0.35 -8.81 -101.54
N ASN A 1134 -0.87 -8.90 -102.76
CA ASN A 1134 -0.12 -8.50 -103.95
C ASN A 1134 -0.20 -7.00 -104.15
N ASN A 1135 0.96 -6.38 -104.35
CA ASN A 1135 1.03 -4.97 -104.67
C ASN A 1135 2.38 -4.68 -105.31
N THR A 1136 2.48 -3.54 -105.97
CA THR A 1136 3.69 -3.14 -106.67
C THR A 1136 4.52 -2.23 -105.76
N VAL A 1137 5.81 -2.52 -105.68
CA VAL A 1137 6.74 -1.73 -104.87
C VAL A 1137 7.53 -0.82 -105.81
N TYR A 1138 7.37 0.48 -105.63
CA TYR A 1138 8.05 1.45 -106.48
C TYR A 1138 9.55 1.43 -106.25
N ASP A 1139 10.31 1.54 -107.33
CA ASP A 1139 11.77 1.56 -107.26
C ASP A 1139 12.29 2.92 -107.68
N PRO A 1140 13.00 3.65 -106.81
CA PRO A 1140 13.49 4.97 -107.19
C PRO A 1140 14.62 4.96 -108.21
N LEU A 1141 15.04 3.80 -108.69
CA LEU A 1141 16.13 3.72 -109.65
C LEU A 1141 15.65 3.42 -111.08
N GLN A 1142 14.52 2.74 -111.22
CA GLN A 1142 14.01 2.43 -112.55
C GLN A 1142 13.77 3.66 -113.43
N PRO A 1143 13.25 4.80 -112.93
CA PRO A 1143 13.10 5.97 -113.80
C PRO A 1143 14.40 6.39 -114.48
N GLU A 1144 15.52 6.28 -113.79
CA GLU A 1144 16.81 6.61 -114.40
C GLU A 1144 17.52 5.35 -114.89
N GLN B 14 41.50 27.19 28.59
CA GLN B 14 41.69 28.64 28.65
C GLN B 14 41.21 29.31 27.36
N CYS B 15 40.46 30.40 27.50
CA CYS B 15 39.97 31.17 26.37
C CYS B 15 40.78 32.45 26.25
N VAL B 16 41.35 32.68 25.06
CA VAL B 16 42.15 33.87 24.79
C VAL B 16 41.57 34.58 23.57
N ASN B 17 41.32 35.87 23.70
CA ASN B 17 40.79 36.70 22.62
C ASN B 17 41.85 37.75 22.29
N LEU B 18 42.68 37.45 21.29
CA LEU B 18 43.78 38.30 20.89
C LEU B 18 43.66 38.66 19.42
N THR B 19 43.77 39.95 19.11
CA THR B 19 43.68 40.44 17.74
C THR B 19 44.65 41.61 17.59
N THR B 20 45.73 41.40 16.83
CA THR B 20 46.68 42.46 16.50
C THR B 20 46.88 42.57 15.00
N ARG B 21 45.95 42.03 14.21
CA ARG B 21 46.11 41.93 12.78
C ARG B 21 45.70 43.22 12.08
N THR B 22 46.17 43.38 10.85
CA THR B 22 45.77 44.51 10.02
C THR B 22 44.35 44.31 9.50
N GLN B 23 43.68 45.41 9.21
CA GLN B 23 42.32 45.40 8.71
C GLN B 23 42.33 45.65 7.20
N LEU B 24 41.73 44.72 6.44
CA LEU B 24 41.67 44.84 4.99
C LEU B 24 40.51 44.01 4.48
N PRO B 25 39.82 44.45 3.42
CA PRO B 25 38.69 43.68 2.90
C PRO B 25 39.18 42.35 2.32
N PRO B 26 38.35 41.32 2.40
CA PRO B 26 38.74 40.01 1.83
C PRO B 26 38.82 40.07 0.30
N ALA B 27 39.62 39.16 -0.25
CA ALA B 27 39.76 39.04 -1.69
C ALA B 27 38.85 37.93 -2.23
N TYR B 28 38.73 37.90 -3.56
CA TYR B 28 37.89 36.93 -4.23
C TYR B 28 38.65 36.39 -5.44
N THR B 29 38.31 35.18 -5.84
CA THR B 29 38.96 34.58 -7.01
C THR B 29 37.94 33.72 -7.75
N ASN B 30 38.24 33.46 -9.02
CA ASN B 30 37.42 32.56 -9.82
C ASN B 30 37.82 31.13 -9.51
N SER B 31 36.84 30.29 -9.19
CA SER B 31 37.15 28.94 -8.72
C SER B 31 37.70 28.05 -9.82
N PHE B 32 37.47 28.39 -11.09
CA PHE B 32 37.95 27.62 -12.23
C PHE B 32 37.38 26.21 -12.21
N THR B 33 37.99 25.30 -12.97
CA THR B 33 37.54 23.91 -13.03
C THR B 33 38.15 23.14 -11.84
N ARG B 34 37.64 23.48 -10.65
CA ARG B 34 38.10 22.87 -9.41
C ARG B 34 36.89 22.55 -8.55
N GLY B 35 37.03 21.51 -7.73
CA GLY B 35 35.98 21.15 -6.80
C GLY B 35 35.00 20.14 -7.34
N VAL B 36 35.52 19.11 -8.00
CA VAL B 36 34.71 18.02 -8.54
C VAL B 36 35.03 16.76 -7.74
N TYR B 37 34.00 16.14 -7.17
CA TYR B 37 34.17 14.96 -6.33
C TYR B 37 33.37 13.81 -6.90
N TYR B 38 33.84 12.59 -6.63
CA TYR B 38 33.14 11.39 -7.06
C TYR B 38 31.78 11.32 -6.39
N PRO B 39 30.69 11.49 -7.14
CA PRO B 39 29.36 11.51 -6.50
C PRO B 39 28.95 10.17 -5.91
N ASP B 40 29.58 9.07 -6.31
CA ASP B 40 29.18 7.76 -5.85
C ASP B 40 30.37 6.83 -5.96
N LYS B 41 30.27 5.67 -5.31
CA LYS B 41 31.32 4.65 -5.33
C LYS B 41 31.14 3.67 -6.49
N VAL B 42 30.54 4.11 -7.59
CA VAL B 42 30.29 3.24 -8.74
C VAL B 42 31.45 3.39 -9.72
N PHE B 43 32.02 2.27 -10.13
CA PHE B 43 33.10 2.28 -11.11
C PHE B 43 32.53 2.39 -12.51
N ARG B 44 33.11 3.29 -13.30
CA ARG B 44 32.74 3.44 -14.70
C ARG B 44 34.01 3.62 -15.52
N SER B 45 34.06 2.94 -16.68
CA SER B 45 35.22 2.96 -17.55
C SER B 45 34.79 3.39 -18.94
N SER B 46 35.41 4.47 -19.44
CA SER B 46 35.10 5.02 -20.76
C SER B 46 33.62 5.30 -20.92
N VAL B 47 33.01 5.86 -19.87
CA VAL B 47 31.59 6.18 -19.85
C VAL B 47 31.42 7.62 -19.41
N LEU B 48 30.65 8.38 -20.18
CA LEU B 48 30.28 9.75 -19.83
C LEU B 48 28.96 9.70 -19.07
N HIS B 49 29.00 10.08 -17.79
CA HIS B 49 27.82 9.95 -16.93
C HIS B 49 27.40 11.33 -16.43
N SER B 50 26.11 11.60 -16.48
CA SER B 50 25.56 12.87 -16.02
C SER B 50 24.90 12.69 -14.66
N THR B 51 25.26 13.55 -13.72
CA THR B 51 24.74 13.48 -12.36
C THR B 51 24.15 14.83 -11.95
N GLN B 52 23.26 14.79 -10.97
CA GLN B 52 22.59 15.98 -10.43
C GLN B 52 22.83 16.00 -8.93
N ASP B 53 23.80 16.78 -8.48
CA ASP B 53 24.15 16.80 -7.05
C ASP B 53 24.58 18.21 -6.68
N LEU B 54 25.04 18.38 -5.45
CA LEU B 54 25.50 19.67 -4.96
C LEU B 54 26.97 19.82 -5.34
N PHE B 55 27.24 20.65 -6.35
CA PHE B 55 28.60 20.87 -6.82
C PHE B 55 28.95 22.35 -6.72
N LEU B 56 30.25 22.62 -6.80
CA LEU B 56 30.74 23.98 -6.92
C LEU B 56 30.68 24.41 -8.38
N PRO B 57 29.96 25.48 -8.71
CA PRO B 57 29.90 25.93 -10.11
C PRO B 57 31.26 26.31 -10.64
N PHE B 58 31.49 26.00 -11.92
CA PHE B 58 32.73 26.38 -12.57
C PHE B 58 32.85 27.89 -12.64
N PHE B 59 34.05 28.39 -12.34
CA PHE B 59 34.32 29.83 -12.31
C PHE B 59 33.39 30.54 -11.34
N SER B 60 33.25 29.98 -10.14
CA SER B 60 32.45 30.59 -9.08
C SER B 60 33.27 31.65 -8.35
N ASN B 61 32.59 32.39 -7.49
CA ASN B 61 33.22 33.45 -6.70
C ASN B 61 33.66 32.87 -5.37
N VAL B 62 34.92 32.46 -5.30
CA VAL B 62 35.47 31.84 -4.09
C VAL B 62 36.08 32.91 -3.22
N THR B 63 35.84 32.80 -1.91
CA THR B 63 36.36 33.77 -0.95
C THR B 63 37.78 33.38 -0.55
N TRP B 64 38.63 34.40 -0.42
CA TRP B 64 40.06 34.25 -0.21
C TRP B 64 40.42 34.78 1.18
N PHE B 65 41.10 33.98 1.99
CA PHE B 65 41.49 34.42 3.32
C PHE B 65 42.98 34.31 3.50
N HIS B 66 43.53 35.19 4.34
CA HIS B 66 44.96 35.35 4.53
C HIS B 66 45.33 35.02 5.96
N ALA B 67 46.55 34.49 6.12
CA ALA B 67 47.15 34.28 7.44
C ALA B 67 48.62 34.69 7.40
N ILE B 68 48.92 35.76 6.68
CA ILE B 68 50.28 36.26 6.52
C ILE B 68 50.75 36.85 7.84
N HIS B 69 52.05 37.09 7.97
CA HIS B 69 52.59 37.71 9.17
C HIS B 69 52.91 39.18 8.93
N LYS B 77 50.58 41.58 9.78
CA LYS B 77 50.02 40.42 10.46
C LYS B 77 48.55 40.22 10.10
N ARG B 78 48.20 38.99 9.73
CA ARG B 78 46.82 38.61 9.46
C ARG B 78 46.58 37.22 10.02
N PHE B 79 45.46 37.05 10.71
CA PHE B 79 45.06 35.74 11.23
C PHE B 79 43.57 35.53 11.03
N ASP B 80 43.08 35.89 9.86
CA ASP B 80 41.64 35.95 9.60
C ASP B 80 41.04 34.55 9.61
N ASN B 81 40.24 34.26 10.63
CA ASN B 81 39.52 32.99 10.75
C ASN B 81 38.05 33.22 11.12
N PRO B 82 37.33 33.97 10.28
CA PRO B 82 35.99 34.42 10.67
C PRO B 82 35.02 33.27 10.83
N VAL B 83 33.87 33.60 11.43
CA VAL B 83 32.80 32.62 11.66
C VAL B 83 31.88 32.71 10.46
N LEU B 84 32.22 31.94 9.41
CA LEU B 84 31.46 31.97 8.17
C LEU B 84 30.22 31.09 8.28
N PRO B 85 29.09 31.51 7.69
CA PRO B 85 27.92 30.65 7.65
C PRO B 85 28.18 29.41 6.78
N PHE B 86 27.66 28.28 7.24
CA PHE B 86 27.79 27.01 6.52
C PHE B 86 26.51 26.80 5.73
N ASN B 87 26.55 27.15 4.45
CA ASN B 87 25.44 26.85 3.56
C ASN B 87 25.46 25.37 3.21
N ASP B 88 24.55 24.95 2.33
CA ASP B 88 24.44 23.54 1.94
C ASP B 88 25.69 23.15 1.17
N GLY B 89 26.59 22.42 1.83
CA GLY B 89 27.85 22.04 1.21
C GLY B 89 28.87 23.16 1.25
N VAL B 90 30.13 22.83 1.53
CA VAL B 90 31.21 23.82 1.57
C VAL B 90 32.44 23.25 0.89
N TYR B 91 33.00 24.01 -0.03
CA TYR B 91 34.29 23.73 -0.65
C TYR B 91 35.39 24.47 0.10
N PHE B 92 36.52 23.80 0.25
CA PHE B 92 37.62 24.28 1.07
C PHE B 92 38.92 23.95 0.36
N ALA B 93 39.83 24.92 0.29
CA ALA B 93 41.15 24.65 -0.27
C ALA B 93 42.20 25.31 0.60
N SER B 94 43.37 24.67 0.66
CA SER B 94 44.45 25.21 1.50
C SER B 94 45.79 24.95 0.82
N THR B 95 46.58 26.02 0.66
CA THR B 95 47.93 25.91 0.12
C THR B 95 48.91 26.43 1.17
N GLU B 96 49.82 25.57 1.60
CA GLU B 96 50.73 25.92 2.69
C GLU B 96 51.81 24.83 2.81
N LYS B 97 52.81 25.13 3.62
CA LYS B 97 53.82 24.14 4.02
C LYS B 97 54.10 24.15 5.51
N SER B 98 53.62 25.15 6.26
CA SER B 98 53.78 25.21 7.70
C SER B 98 52.64 24.52 8.45
N ASN B 99 51.60 24.07 7.74
CA ASN B 99 50.54 23.23 8.30
C ASN B 99 49.83 23.92 9.46
N ILE B 100 49.64 25.24 9.35
CA ILE B 100 48.97 25.98 10.42
C ILE B 100 47.48 25.64 10.46
N ILE B 101 46.87 25.42 9.29
CA ILE B 101 45.49 24.95 9.26
C ILE B 101 45.42 23.55 9.86
N ARG B 102 44.58 23.38 10.86
CA ARG B 102 44.48 22.12 11.59
C ARG B 102 43.15 21.41 11.41
N GLY B 103 42.04 22.08 11.66
CA GLY B 103 40.76 21.40 11.58
C GLY B 103 39.61 22.39 11.49
N TRP B 104 38.41 21.87 11.67
CA TRP B 104 37.20 22.68 11.54
C TRP B 104 36.20 22.33 12.61
N ILE B 105 35.37 23.31 12.95
CA ILE B 105 34.29 23.15 13.91
C ILE B 105 32.98 23.56 13.25
N PHE B 106 31.94 22.75 13.46
CA PHE B 106 30.66 22.90 12.82
C PHE B 106 29.56 22.95 13.88
N GLY B 107 28.53 23.75 13.61
CA GLY B 107 27.42 23.82 14.54
C GLY B 107 26.50 24.98 14.22
N THR B 108 25.50 25.14 15.08
CA THR B 108 24.49 26.19 14.97
C THR B 108 24.67 27.32 15.95
N THR B 109 24.91 27.00 17.24
CA THR B 109 25.18 28.01 18.25
C THR B 109 26.64 28.08 18.63
N LEU B 110 27.40 27.02 18.35
CA LEU B 110 28.81 26.92 18.74
C LEU B 110 28.95 27.12 20.24
N ASP B 111 27.97 26.58 20.98
CA ASP B 111 27.86 26.79 22.42
C ASP B 111 27.49 25.47 23.08
N SER B 112 27.44 25.49 24.41
CA SER B 112 27.11 24.28 25.16
C SER B 112 25.67 23.84 24.96
N LYS B 113 24.79 24.73 24.48
CA LYS B 113 23.39 24.39 24.33
C LYS B 113 23.18 23.32 23.25
N THR B 114 23.90 23.44 22.13
CA THR B 114 23.66 22.59 20.95
C THR B 114 24.90 21.76 20.64
N GLN B 115 24.66 20.56 20.13
CA GLN B 115 25.75 19.68 19.71
C GLN B 115 26.56 20.32 18.60
N SER B 116 27.87 20.11 18.64
CA SER B 116 28.78 20.69 17.65
C SER B 116 29.84 19.67 17.26
N LEU B 117 30.13 19.63 15.97
CA LEU B 117 31.19 18.77 15.43
C LEU B 117 32.53 19.47 15.57
N LEU B 118 33.57 18.69 15.92
CA LEU B 118 34.90 19.25 16.05
C LEU B 118 35.90 18.26 15.46
N ILE B 119 36.75 18.75 14.55
CA ILE B 119 37.79 17.95 13.93
C ILE B 119 39.10 18.72 14.09
N VAL B 120 40.12 18.07 14.65
CA VAL B 120 41.41 18.70 14.89
C VAL B 120 42.52 17.78 14.42
N ASN B 121 43.38 18.29 13.54
CA ASN B 121 44.62 17.61 13.17
C ASN B 121 45.76 18.32 13.86
N ASN B 122 45.97 17.97 15.12
CA ASN B 122 47.04 18.58 15.93
C ASN B 122 48.36 17.87 15.69
N ALA B 123 49.32 18.09 16.60
CA ALA B 123 50.71 17.68 16.37
C ALA B 123 50.82 16.22 15.96
N THR B 124 50.13 15.33 16.66
CA THR B 124 50.26 13.90 16.39
C THR B 124 48.94 13.16 16.27
N ASN B 125 47.80 13.82 16.47
CA ASN B 125 46.51 13.14 16.48
C ASN B 125 45.52 13.83 15.55
N VAL B 126 44.67 13.02 14.94
CA VAL B 126 43.55 13.49 14.14
C VAL B 126 42.29 13.04 14.86
N VAL B 127 41.63 13.96 15.55
CA VAL B 127 40.52 13.65 16.44
C VAL B 127 39.24 14.25 15.87
N ILE B 128 38.16 13.49 15.98
CA ILE B 128 36.82 13.90 15.56
C ILE B 128 35.86 13.59 16.70
N LYS B 129 35.35 14.63 17.34
CA LYS B 129 34.39 14.49 18.44
C LYS B 129 33.20 15.38 18.16
N VAL B 130 31.99 14.86 18.30
CA VAL B 130 30.81 15.71 18.26
C VAL B 130 30.26 15.81 19.67
N CYS B 131 30.35 17.00 20.25
CA CYS B 131 30.04 17.18 21.66
C CYS B 131 29.44 18.56 21.80
N GLU B 132 28.82 18.83 22.95
CA GLU B 132 28.25 20.15 23.21
C GLU B 132 29.32 21.05 23.85
N PHE B 133 30.35 21.36 23.05
CA PHE B 133 31.49 22.11 23.54
C PHE B 133 31.10 23.53 23.93
N GLN B 134 31.79 24.07 24.93
CA GLN B 134 31.72 25.50 25.25
C GLN B 134 32.89 26.17 24.56
N PHE B 135 32.70 26.52 23.30
CA PHE B 135 33.78 27.05 22.47
C PHE B 135 34.16 28.46 22.90
N CYS B 136 35.46 28.71 23.03
CA CYS B 136 35.95 30.07 23.15
C CYS B 136 35.68 30.83 21.86
N ASN B 137 35.39 32.12 21.99
CA ASN B 137 35.06 32.93 20.82
C ASN B 137 36.23 33.07 19.86
N ASP B 138 37.45 32.79 20.32
CA ASP B 138 38.66 32.82 19.48
C ASP B 138 39.42 31.53 19.70
N PRO B 139 39.01 30.44 19.03
CA PRO B 139 39.74 29.18 19.17
C PRO B 139 40.96 29.12 18.26
N PHE B 140 42.02 28.54 18.78
CA PHE B 140 43.28 28.39 18.05
C PHE B 140 44.15 27.40 18.81
N LEU B 141 45.39 27.23 18.35
CA LEU B 141 46.38 26.39 18.99
C LEU B 141 47.67 27.17 19.15
N GLY B 142 48.69 26.52 19.71
CA GLY B 142 49.98 27.16 19.83
C GLY B 142 51.12 26.20 20.06
N VAL B 143 52.25 26.44 19.39
CA VAL B 143 53.41 25.56 19.45
C VAL B 143 54.60 26.36 19.95
N TYR B 144 55.26 25.84 20.98
CA TYR B 144 56.51 26.41 21.48
C TYR B 144 57.68 25.65 20.87
N TYR B 145 58.64 26.40 20.33
CA TYR B 145 59.85 25.85 19.73
C TYR B 145 61.02 26.20 20.65
N HIS B 146 61.30 25.31 21.60
CA HIS B 146 62.39 25.54 22.54
C HIS B 146 63.73 25.32 21.85
N LYS B 147 64.63 26.30 21.99
CA LYS B 147 65.96 26.18 21.42
C LYS B 147 66.87 25.24 22.21
N ASN B 148 66.42 24.78 23.39
CA ASN B 148 67.20 23.83 24.16
C ASN B 148 67.37 22.51 23.41
N ASN B 149 66.32 22.06 22.73
CA ASN B 149 66.35 20.79 22.02
C ASN B 149 66.00 20.91 20.54
N LYS B 150 65.71 22.12 20.04
CA LYS B 150 65.38 22.34 18.64
C LYS B 150 64.20 21.47 18.19
N SER B 151 63.14 21.47 18.99
CA SER B 151 61.93 20.72 18.69
C SER B 151 60.72 21.62 18.87
N TRP B 152 59.69 21.33 18.08
CA TRP B 152 58.43 22.07 18.12
C TRP B 152 57.41 21.21 18.85
N MET B 153 56.84 21.72 19.95
CA MET B 153 55.83 20.98 20.69
C MET B 153 54.68 21.90 21.01
N GLU B 154 53.46 21.44 20.76
CA GLU B 154 52.26 22.26 20.93
C GLU B 154 52.01 22.49 22.40
N SER B 155 52.35 23.69 22.89
CA SER B 155 52.15 24.04 24.29
C SER B 155 50.78 24.65 24.57
N GLU B 156 50.05 25.06 23.55
CA GLU B 156 48.79 25.78 23.72
C GLU B 156 47.67 24.99 23.06
N PHE B 157 46.65 24.66 23.86
CA PHE B 157 45.44 23.95 23.42
C PHE B 157 44.28 24.79 23.94
N ARG B 158 43.83 25.75 23.13
CA ARG B 158 42.81 26.72 23.53
C ARG B 158 41.75 26.79 22.43
N VAL B 159 40.78 25.88 22.48
CA VAL B 159 39.67 25.89 21.54
C VAL B 159 38.34 25.88 22.29
N TYR B 160 38.21 25.00 23.28
CA TYR B 160 37.01 24.92 24.09
C TYR B 160 37.38 24.84 25.57
N SER B 161 36.45 25.26 26.41
CA SER B 161 36.65 25.22 27.86
C SER B 161 36.11 23.95 28.50
N SER B 162 35.02 23.40 27.97
CA SER B 162 34.40 22.21 28.55
C SER B 162 34.02 21.23 27.44
N ALA B 163 34.08 19.94 27.77
CA ALA B 163 33.69 18.86 26.85
C ALA B 163 32.77 17.91 27.61
N ASN B 164 31.47 18.11 27.49
CA ASN B 164 30.46 17.35 28.21
C ASN B 164 29.37 16.88 27.24
N ASN B 165 28.68 15.80 27.61
CA ASN B 165 27.67 15.18 26.75
C ASN B 165 28.22 14.88 25.36
N CYS B 166 29.29 14.09 25.34
CA CYS B 166 29.86 13.58 24.11
C CYS B 166 29.09 12.37 23.60
N THR B 167 28.85 12.35 22.28
CA THR B 167 28.02 11.35 21.64
C THR B 167 28.79 10.46 20.67
N PHE B 168 29.44 11.04 19.67
CA PHE B 168 30.22 10.29 18.71
C PHE B 168 31.70 10.69 18.85
N GLU B 169 32.54 9.66 18.99
CA GLU B 169 33.97 9.75 19.14
C GLU B 169 34.63 8.98 18.01
N TYR B 170 35.70 9.53 17.45
CA TYR B 170 36.46 8.82 16.43
C TYR B 170 37.85 9.41 16.36
N VAL B 171 38.86 8.60 16.65
CA VAL B 171 40.26 9.03 16.54
C VAL B 171 40.95 8.11 15.55
N SER B 172 41.67 8.71 14.61
CA SER B 172 42.50 7.94 13.71
C SER B 172 43.81 7.56 14.39
N GLN B 173 44.49 6.58 13.83
CA GLN B 173 45.76 6.16 14.39
C GLN B 173 46.73 7.33 14.35
N PRO B 174 47.37 7.67 15.48
CA PRO B 174 48.15 8.92 15.53
C PRO B 174 49.27 8.96 14.51
N PHE B 175 49.45 10.13 13.90
CA PHE B 175 50.47 10.38 12.90
C PHE B 175 51.24 11.63 13.28
N LEU B 176 52.54 11.48 13.53
CA LEU B 176 53.37 12.61 13.93
C LEU B 176 53.56 13.58 12.77
N MET B 177 53.74 14.85 13.11
CA MET B 177 53.83 15.91 12.11
C MET B 177 55.00 16.83 12.45
N ASP B 178 55.63 17.35 11.40
CA ASP B 178 56.84 18.16 11.58
C ASP B 178 56.54 19.47 12.30
N LEU B 179 55.47 20.15 11.91
CA LEU B 179 55.08 21.45 12.48
C LEU B 179 56.21 22.48 12.31
N GLU B 180 56.60 22.68 11.06
CA GLU B 180 57.61 23.69 10.75
C GLU B 180 56.97 25.07 10.70
N GLY B 181 57.81 26.09 10.92
CA GLY B 181 57.38 27.48 10.86
C GLY B 181 58.01 28.18 9.66
N LYS B 182 57.17 28.84 8.88
CA LYS B 182 57.63 29.55 7.69
C LYS B 182 57.52 31.06 7.89
N PHE B 186 53.87 26.52 0.94
CA PHE B 186 52.91 26.63 -0.16
C PHE B 186 53.29 25.73 -1.32
N LYS B 187 53.60 24.46 -1.00
CA LYS B 187 53.97 23.49 -2.01
C LYS B 187 53.00 22.32 -2.13
N ASN B 188 52.01 22.22 -1.23
CA ASN B 188 51.00 21.19 -1.33
C ASN B 188 49.62 21.83 -1.20
N LEU B 189 48.65 21.28 -1.92
CA LEU B 189 47.28 21.73 -1.91
C LEU B 189 46.41 20.63 -1.31
N ARG B 190 45.64 21.00 -0.29
CA ARG B 190 44.67 20.10 0.33
C ARG B 190 43.29 20.63 0.00
N GLU B 191 42.53 19.84 -0.77
CA GLU B 191 41.18 20.19 -1.17
C GLU B 191 40.19 19.34 -0.40
N PHE B 192 39.19 19.97 0.21
CA PHE B 192 38.18 19.29 0.98
C PHE B 192 36.79 19.76 0.56
N VAL B 193 35.84 18.84 0.60
CA VAL B 193 34.43 19.13 0.37
C VAL B 193 33.66 18.55 1.54
N PHE B 194 32.92 19.40 2.25
CA PHE B 194 32.13 19.00 3.41
C PHE B 194 30.66 19.09 3.01
N LYS B 195 29.98 17.94 2.95
CA LYS B 195 28.57 17.93 2.61
C LYS B 195 27.79 17.17 3.67
N ASN B 196 26.89 17.86 4.36
CA ASN B 196 26.14 17.27 5.46
C ASN B 196 24.67 17.15 5.04
N ILE B 197 24.25 15.94 4.68
CA ILE B 197 22.89 15.67 4.23
C ILE B 197 22.45 14.32 4.76
N ASP B 198 21.15 14.20 5.01
CA ASP B 198 20.52 12.94 5.42
C ASP B 198 21.10 12.42 6.74
N GLY B 199 21.57 13.32 7.59
CA GLY B 199 22.19 12.91 8.84
C GLY B 199 23.61 12.43 8.71
N TYR B 200 24.20 12.49 7.53
CA TYR B 200 25.58 12.07 7.29
C TYR B 200 26.42 13.27 6.88
N PHE B 201 27.60 13.40 7.50
CA PHE B 201 28.58 14.40 7.14
C PHE B 201 29.63 13.68 6.30
N LYS B 202 29.73 14.07 5.04
CA LYS B 202 30.62 13.43 4.07
C LYS B 202 31.82 14.33 3.86
N ILE B 203 33.02 13.75 3.94
CA ILE B 203 34.26 14.46 3.70
C ILE B 203 34.90 13.90 2.45
N TYR B 204 35.18 14.78 1.49
CA TYR B 204 35.92 14.41 0.29
C TYR B 204 37.24 15.17 0.29
N SER B 205 38.34 14.45 0.08
CA SER B 205 39.66 15.04 0.20
C SER B 205 40.51 14.70 -1.00
N LYS B 206 41.45 15.58 -1.31
CA LYS B 206 42.40 15.33 -2.39
C LYS B 206 43.66 16.13 -2.12
N HIS B 207 44.80 15.43 -2.05
CA HIS B 207 46.10 16.04 -1.80
C HIS B 207 46.86 16.10 -3.13
N THR B 208 47.29 17.29 -3.54
CA THR B 208 48.02 17.38 -4.78
C THR B 208 49.22 18.32 -4.64
N PRO B 209 50.36 17.99 -5.26
CA PRO B 209 51.50 18.91 -5.22
C PRO B 209 51.24 20.13 -6.10
N ILE B 210 51.45 21.31 -5.54
CA ILE B 210 51.24 22.57 -6.23
C ILE B 210 52.56 23.33 -6.27
N ASN B 211 52.92 23.84 -7.45
CA ASN B 211 54.17 24.56 -7.63
C ASN B 211 54.01 26.05 -7.35
N LEU B 212 52.97 26.67 -7.89
CA LEU B 212 52.71 28.08 -7.63
C LEU B 212 52.35 28.28 -6.16
N VAL B 213 52.76 29.41 -5.60
CA VAL B 213 52.62 29.67 -4.18
C VAL B 213 51.65 30.81 -3.91
N ARG B 214 50.81 31.19 -4.88
CA ARG B 214 49.98 32.37 -4.67
C ARG B 214 48.52 32.07 -5.00
N ASP B 215 48.26 31.17 -5.94
CA ASP B 215 46.91 30.93 -6.40
C ASP B 215 46.71 29.45 -6.71
N LEU B 216 45.44 29.03 -6.69
CA LEU B 216 45.11 27.65 -6.99
C LEU B 216 45.32 27.38 -8.48
N PRO B 217 45.79 26.19 -8.84
CA PRO B 217 46.09 25.91 -10.26
C PRO B 217 44.81 25.74 -11.07
N GLN B 218 44.96 25.90 -12.38
CA GLN B 218 43.86 25.71 -13.32
C GLN B 218 43.60 24.24 -13.65
N GLY B 219 44.52 23.34 -13.29
CA GLY B 219 44.35 21.95 -13.67
C GLY B 219 43.16 21.31 -12.99
N PHE B 220 42.56 20.34 -13.69
CA PHE B 220 41.43 19.61 -13.15
C PHE B 220 41.89 18.52 -12.20
N SER B 221 41.18 18.36 -11.09
CA SER B 221 41.47 17.33 -10.11
C SER B 221 40.17 16.72 -9.60
N ALA B 222 40.23 15.44 -9.29
CA ALA B 222 39.07 14.69 -8.79
C ALA B 222 39.27 14.39 -7.31
N LEU B 223 38.25 14.68 -6.51
CA LEU B 223 38.32 14.51 -5.07
C LEU B 223 37.66 13.19 -4.69
N GLU B 224 38.44 12.29 -4.09
CA GLU B 224 37.91 11.00 -3.69
C GLU B 224 37.22 11.11 -2.33
N PRO B 225 36.23 10.27 -2.07
CA PRO B 225 35.65 10.22 -0.73
C PRO B 225 36.68 9.79 0.29
N LEU B 226 36.59 10.38 1.49
CA LEU B 226 37.51 10.05 2.58
C LEU B 226 36.79 9.35 3.72
N VAL B 227 35.79 9.98 4.33
CA VAL B 227 35.12 9.41 5.50
C VAL B 227 33.70 9.94 5.55
N ASP B 228 32.78 9.06 5.92
CA ASP B 228 31.34 9.33 6.01
C ASP B 228 30.91 9.16 7.47
N LEU B 229 30.84 10.27 8.21
CA LEU B 229 30.52 10.23 9.62
C LEU B 229 29.02 10.48 9.82
N PRO B 230 28.28 9.55 10.42
CA PRO B 230 26.87 9.83 10.73
C PRO B 230 26.71 10.71 11.96
N ILE B 231 26.86 12.02 11.76
CA ILE B 231 26.95 12.98 12.85
C ILE B 231 25.54 13.38 13.27
N GLY B 232 24.77 13.95 12.35
CA GLY B 232 23.36 14.21 12.59
C GLY B 232 23.03 15.48 13.36
N ILE B 233 23.42 16.64 12.86
CA ILE B 233 22.99 17.92 13.41
C ILE B 233 22.84 18.91 12.27
N ASN B 234 22.08 19.97 12.53
CA ASN B 234 22.10 21.15 11.67
C ASN B 234 23.49 21.76 11.68
N ILE B 235 24.06 21.96 10.50
CA ILE B 235 25.35 22.62 10.38
C ILE B 235 25.12 23.88 9.56
N THR B 236 25.20 25.03 10.23
CA THR B 236 24.86 26.31 9.62
C THR B 236 25.93 27.37 9.78
N ARG B 237 27.02 27.08 10.49
CA ARG B 237 28.10 28.06 10.64
C ARG B 237 29.36 27.30 11.03
N PHE B 238 30.32 27.22 10.10
CA PHE B 238 31.56 26.49 10.31
C PHE B 238 32.73 27.47 10.48
N GLN B 239 33.72 27.05 11.26
CA GLN B 239 34.91 27.85 11.50
C GLN B 239 36.16 27.00 11.34
N THR B 240 37.23 27.64 10.90
CA THR B 240 38.52 27.00 10.68
C THR B 240 39.45 27.28 11.86
N LEU B 241 40.18 26.26 12.30
CA LEU B 241 41.11 26.38 13.42
C LEU B 241 42.53 26.47 12.91
N LEU B 242 43.28 27.45 13.41
CA LEU B 242 44.67 27.67 13.05
C LEU B 242 45.54 27.52 14.29
N ALA B 243 46.85 27.61 14.10
CA ALA B 243 47.81 27.46 15.18
C ALA B 243 48.84 28.57 15.12
N LEU B 244 49.49 28.82 16.26
CA LEU B 244 50.52 29.83 16.38
C LEU B 244 51.88 29.18 16.57
N HIS B 245 52.93 29.88 16.14
CA HIS B 245 54.30 29.36 16.14
C HIS B 245 55.24 30.33 16.85
N ARG B 246 54.82 30.77 18.04
CA ARG B 246 55.66 31.65 18.85
C ARG B 246 56.89 30.87 19.33
N SER B 247 58.07 31.25 18.84
CA SER B 247 59.30 30.57 19.26
C SER B 247 60.22 31.49 20.05
N TYR B 248 60.70 32.58 19.44
CA TYR B 248 61.48 33.56 20.19
C TYR B 248 61.26 34.99 19.75
N LEU B 249 60.38 35.27 18.79
CA LEU B 249 60.23 36.61 18.24
C LEU B 249 59.20 37.45 18.96
N THR B 250 58.44 36.88 19.89
CA THR B 250 57.40 37.64 20.58
C THR B 250 57.84 38.00 22.00
N PRO B 251 58.04 39.28 22.31
CA PRO B 251 58.36 39.68 23.68
C PRO B 251 57.14 40.04 24.52
N GLY B 252 55.97 40.21 23.90
CA GLY B 252 54.79 40.59 24.63
C GLY B 252 54.11 39.43 25.34
N ASP B 253 53.07 39.77 26.10
CA ASP B 253 52.30 38.76 26.82
C ASP B 253 51.51 37.89 25.84
N SER B 254 50.89 36.85 26.38
CA SER B 254 50.07 35.96 25.56
C SER B 254 48.64 36.46 25.46
N SER B 255 48.50 37.75 25.14
CA SER B 255 47.22 38.32 24.77
C SER B 255 47.32 39.32 23.63
N SER B 256 48.53 39.75 23.24
CA SER B 256 48.71 40.62 22.09
C SER B 256 49.90 40.26 21.22
N GLY B 257 50.82 39.41 21.68
CA GLY B 257 52.05 39.12 20.95
C GLY B 257 52.09 37.66 20.52
N TRP B 258 52.31 37.46 19.22
CA TRP B 258 52.41 36.13 18.65
C TRP B 258 53.09 36.24 17.29
N THR B 259 53.53 35.09 16.78
CA THR B 259 54.11 35.02 15.45
C THR B 259 53.86 33.63 14.89
N ALA B 260 53.85 33.54 13.57
CA ALA B 260 53.60 32.27 12.87
C ALA B 260 54.07 32.42 11.43
N GLY B 261 53.72 31.45 10.60
CA GLY B 261 54.06 31.45 9.19
C GLY B 261 52.98 32.05 8.33
N ALA B 262 52.96 31.64 7.07
CA ALA B 262 52.02 32.14 6.08
C ALA B 262 51.06 31.03 5.67
N ALA B 263 49.81 31.40 5.42
CA ALA B 263 48.80 30.42 5.02
C ALA B 263 47.81 31.09 4.08
N ALA B 264 47.16 30.26 3.26
CA ALA B 264 46.11 30.72 2.37
C ALA B 264 45.07 29.63 2.22
N TYR B 265 43.80 30.01 2.45
CA TYR B 265 42.70 29.07 2.26
C TYR B 265 41.52 29.78 1.61
N TYR B 266 40.83 29.04 0.77
CA TYR B 266 39.70 29.53 0.00
C TYR B 266 38.46 28.76 0.39
N VAL B 267 37.32 29.47 0.40
CA VAL B 267 36.04 28.90 0.80
C VAL B 267 35.01 29.19 -0.29
N GLY B 268 34.35 28.12 -0.76
CA GLY B 268 33.28 28.24 -1.71
C GLY B 268 32.03 27.52 -1.22
N TYR B 269 30.91 27.79 -1.89
CA TYR B 269 29.62 27.23 -1.52
C TYR B 269 29.10 26.34 -2.65
N LEU B 270 28.47 25.23 -2.27
CA LEU B 270 27.93 24.28 -3.23
C LEU B 270 26.47 24.61 -3.55
N GLN B 271 26.09 24.35 -4.79
CA GLN B 271 24.75 24.60 -5.31
C GLN B 271 24.25 23.37 -6.04
N PRO B 272 22.91 23.20 -6.12
CA PRO B 272 22.37 22.06 -6.87
C PRO B 272 22.60 22.22 -8.37
N ARG B 273 23.53 21.42 -8.91
CA ARG B 273 24.00 21.55 -10.27
C ARG B 273 23.96 20.18 -10.96
N THR B 274 23.83 20.24 -12.27
CA THR B 274 23.92 19.07 -13.14
C THR B 274 25.26 19.10 -13.85
N PHE B 275 26.00 18.00 -13.75
CA PHE B 275 27.35 17.92 -14.30
C PHE B 275 27.46 16.70 -15.20
N LEU B 276 28.37 16.80 -16.17
CA LEU B 276 28.76 15.69 -17.01
C LEU B 276 30.18 15.29 -16.63
N LEU B 277 30.37 14.01 -16.27
CA LEU B 277 31.63 13.49 -15.78
C LEU B 277 32.18 12.49 -16.78
N LYS B 278 33.48 12.62 -17.08
CA LYS B 278 34.16 11.73 -18.01
C LYS B 278 35.06 10.79 -17.24
N TYR B 279 34.87 9.49 -17.44
CA TYR B 279 35.70 8.47 -16.83
C TYR B 279 36.61 7.86 -17.89
N ASN B 280 37.89 7.75 -17.58
CA ASN B 280 38.81 7.05 -18.46
C ASN B 280 38.70 5.54 -18.23
N GLU B 281 39.54 4.77 -18.91
CA GLU B 281 39.46 3.31 -18.79
C GLU B 281 39.93 2.81 -17.44
N ASN B 282 40.68 3.63 -16.69
CA ASN B 282 41.10 3.24 -15.34
C ASN B 282 40.04 3.51 -14.28
N GLY B 283 39.00 4.28 -14.61
CA GLY B 283 37.94 4.56 -13.68
C GLY B 283 38.03 5.89 -12.95
N THR B 284 38.98 6.74 -13.30
CA THR B 284 39.15 8.04 -12.66
C THR B 284 38.47 9.12 -13.49
N ILE B 285 37.97 10.14 -12.81
CA ILE B 285 37.32 11.28 -13.48
C ILE B 285 38.41 12.20 -14.00
N THR B 286 38.52 12.32 -15.32
CA THR B 286 39.54 13.15 -15.94
C THR B 286 39.01 14.49 -16.44
N ASP B 287 37.70 14.61 -16.66
CA ASP B 287 37.15 15.86 -17.16
C ASP B 287 35.70 15.99 -16.70
N ALA B 288 35.22 17.23 -16.66
CA ALA B 288 33.87 17.51 -16.23
C ALA B 288 33.34 18.73 -16.96
N VAL B 289 32.02 18.81 -17.06
CA VAL B 289 31.34 19.90 -17.74
C VAL B 289 30.18 20.37 -16.88
N ASP B 290 30.10 21.67 -16.64
CA ASP B 290 29.00 22.28 -15.91
C ASP B 290 27.93 22.68 -16.92
N CYS B 291 26.76 22.03 -16.83
CA CYS B 291 25.75 22.19 -17.88
C CYS B 291 25.18 23.60 -17.92
N ALA B 292 24.80 24.15 -16.77
CA ALA B 292 24.20 25.47 -16.73
C ALA B 292 25.24 26.57 -16.54
N LEU B 293 26.27 26.55 -17.38
CA LEU B 293 27.32 27.56 -17.37
C LEU B 293 27.29 28.46 -18.58
N ASP B 294 27.22 27.88 -19.78
CA ASP B 294 27.22 28.62 -21.03
C ASP B 294 26.55 27.74 -22.08
N PRO B 295 26.03 28.33 -23.17
CA PRO B 295 25.30 27.50 -24.15
C PRO B 295 26.11 26.34 -24.71
N LEU B 296 27.41 26.51 -24.93
CA LEU B 296 28.21 25.40 -25.43
C LEU B 296 28.26 24.25 -24.43
N SER B 297 28.42 24.56 -23.15
CA SER B 297 28.45 23.51 -22.14
C SER B 297 27.10 22.82 -22.03
N GLU B 298 26.01 23.58 -22.12
CA GLU B 298 24.68 23.00 -22.04
C GLU B 298 24.44 22.08 -23.25
N THR B 299 24.89 22.50 -24.42
CA THR B 299 24.79 21.64 -25.61
C THR B 299 25.59 20.36 -25.44
N LYS B 300 26.81 20.47 -24.90
CA LYS B 300 27.63 19.28 -24.66
C LYS B 300 26.94 18.33 -23.70
N CYS B 301 26.30 18.88 -22.65
CA CYS B 301 25.54 18.04 -21.74
C CYS B 301 24.37 17.36 -22.45
N THR B 302 23.68 18.10 -23.31
CA THR B 302 22.53 17.54 -24.01
C THR B 302 22.95 16.39 -24.93
N LEU B 303 24.06 16.55 -25.64
CA LEU B 303 24.51 15.52 -26.57
C LEU B 303 25.25 14.39 -25.89
N LYS B 304 25.47 14.47 -24.57
CA LYS B 304 26.22 13.45 -23.83
C LYS B 304 27.61 13.24 -24.43
N SER B 305 28.23 14.33 -24.87
CA SER B 305 29.54 14.25 -25.50
C SER B 305 30.32 15.52 -25.22
N PHE B 306 31.64 15.37 -25.16
CA PHE B 306 32.54 16.50 -24.94
C PHE B 306 32.83 17.27 -26.23
N THR B 307 32.51 16.72 -27.39
CA THR B 307 32.71 17.38 -28.67
C THR B 307 31.40 17.37 -29.44
N VAL B 308 31.02 18.52 -29.99
CA VAL B 308 29.78 18.66 -30.74
C VAL B 308 30.12 19.08 -32.17
N GLU B 309 29.44 18.46 -33.13
CA GLU B 309 29.66 18.77 -34.53
C GLU B 309 28.99 20.10 -34.89
N LYS B 310 29.32 20.60 -36.08
CA LYS B 310 28.72 21.83 -36.57
C LYS B 310 27.23 21.62 -36.81
N GLY B 311 26.42 22.56 -36.35
CA GLY B 311 24.99 22.47 -36.55
C GLY B 311 24.25 23.28 -35.51
N ILE B 312 22.93 23.11 -35.50
CA ILE B 312 22.04 23.79 -34.57
C ILE B 312 21.34 22.74 -33.71
N TYR B 313 21.44 22.89 -32.39
CA TYR B 313 20.90 21.93 -31.44
C TYR B 313 19.97 22.64 -30.48
N GLN B 314 18.78 22.07 -30.28
CA GLN B 314 17.83 22.59 -29.30
C GLN B 314 18.14 21.99 -27.95
N THR B 315 18.34 22.84 -26.95
CA THR B 315 18.81 22.40 -25.63
C THR B 315 17.80 22.63 -24.52
N SER B 316 17.21 23.81 -24.43
CA SER B 316 16.37 24.16 -23.29
C SER B 316 15.21 25.02 -23.78
N ASN B 317 14.39 25.47 -22.83
CA ASN B 317 13.26 26.34 -23.11
C ASN B 317 13.39 27.62 -22.31
N PHE B 318 13.36 28.75 -23.00
CA PHE B 318 13.38 30.06 -22.37
C PHE B 318 11.96 30.46 -21.98
N ARG B 319 11.80 30.85 -20.72
CA ARG B 319 10.52 31.25 -20.16
C ARG B 319 10.71 32.53 -19.37
N VAL B 320 9.82 33.51 -19.58
CA VAL B 320 9.87 34.75 -18.82
C VAL B 320 9.37 34.48 -17.41
N GLN B 321 10.18 34.79 -16.42
CA GLN B 321 9.72 34.51 -15.08
C GLN B 321 8.87 35.66 -14.55
N PRO B 322 7.85 35.35 -13.75
CA PRO B 322 7.02 36.40 -13.17
C PRO B 322 7.82 37.29 -12.23
N THR B 323 7.45 38.57 -12.20
CA THR B 323 8.14 39.57 -11.39
C THR B 323 7.41 39.92 -10.11
N GLU B 324 6.09 39.97 -10.12
CA GLU B 324 5.30 40.39 -8.97
C GLU B 324 4.16 39.40 -8.75
N SER B 325 3.49 39.57 -7.62
CA SER B 325 2.30 38.80 -7.27
C SER B 325 1.16 39.76 -6.94
N ILE B 326 0.01 39.55 -7.56
CA ILE B 326 -1.17 40.38 -7.34
C ILE B 326 -2.30 39.49 -6.83
N VAL B 327 -3.03 39.98 -5.84
CA VAL B 327 -4.19 39.30 -5.28
C VAL B 327 -5.37 40.26 -5.33
N ARG B 328 -6.50 39.79 -5.86
CA ARG B 328 -7.69 40.62 -6.00
C ARG B 328 -8.87 39.88 -5.39
N PHE B 329 -9.32 40.33 -4.22
CA PHE B 329 -10.44 39.77 -3.50
C PHE B 329 -11.51 40.83 -3.29
N PRO B 330 -12.76 40.44 -3.08
CA PRO B 330 -13.82 41.43 -2.84
C PRO B 330 -13.50 42.29 -1.63
N ASN B 331 -13.90 43.56 -1.71
CA ASN B 331 -13.61 44.56 -0.67
C ASN B 331 -14.43 44.36 0.60
N ILE B 332 -15.19 43.27 0.74
CA ILE B 332 -15.96 43.04 1.95
C ILE B 332 -15.01 42.80 3.12
N THR B 333 -15.44 43.24 4.31
CA THR B 333 -14.63 43.15 5.51
C THR B 333 -15.36 42.56 6.71
N ASN B 334 -16.69 42.43 6.65
CA ASN B 334 -17.43 41.87 7.77
C ASN B 334 -17.06 40.42 8.01
N LEU B 335 -16.84 40.07 9.27
CA LEU B 335 -16.45 38.71 9.63
C LEU B 335 -17.65 37.78 9.53
N CYS B 336 -17.35 36.50 9.24
CA CYS B 336 -18.41 35.52 9.10
C CYS B 336 -19.03 35.20 10.46
N PRO B 337 -20.30 34.78 10.48
CA PRO B 337 -20.97 34.41 11.74
C PRO B 337 -20.59 33.02 12.26
N PHE B 338 -19.28 32.76 12.31
CA PHE B 338 -18.81 31.54 12.94
C PHE B 338 -19.00 31.57 14.46
N GLY B 339 -19.13 32.76 15.04
CA GLY B 339 -19.38 32.84 16.47
C GLY B 339 -20.74 32.31 16.87
N GLU B 340 -21.77 32.59 16.07
CA GLU B 340 -23.13 32.19 16.41
C GLU B 340 -23.39 30.72 16.17
N VAL B 341 -22.50 29.99 15.50
CA VAL B 341 -22.64 28.57 15.27
C VAL B 341 -21.67 27.76 16.14
N PHE B 342 -20.40 28.14 16.15
CA PHE B 342 -19.43 27.43 16.99
C PHE B 342 -19.66 27.73 18.47
N ASN B 343 -19.80 29.01 18.81
CA ASN B 343 -19.93 29.41 20.21
C ASN B 343 -21.38 29.64 20.61
N ALA B 344 -22.30 28.84 20.08
CA ALA B 344 -23.70 28.89 20.47
C ALA B 344 -23.95 27.98 21.67
N THR B 345 -25.18 28.03 22.18
CA THR B 345 -25.56 27.25 23.34
C THR B 345 -26.47 26.07 23.02
N ARG B 346 -27.07 26.03 21.83
CA ARG B 346 -28.00 24.98 21.45
C ARG B 346 -27.49 24.25 20.21
N PHE B 347 -27.57 22.93 20.25
CA PHE B 347 -27.24 22.10 19.10
C PHE B 347 -28.40 21.14 18.85
N ALA B 348 -28.83 21.05 17.59
CA ALA B 348 -29.98 20.24 17.25
C ALA B 348 -29.63 18.76 17.30
N SER B 349 -30.67 17.92 17.26
CA SER B 349 -30.49 16.47 17.32
C SER B 349 -29.86 15.96 16.03
N VAL B 350 -29.42 14.70 16.07
CA VAL B 350 -28.66 14.14 14.95
C VAL B 350 -29.56 13.97 13.73
N TYR B 351 -30.74 13.41 13.91
CA TYR B 351 -31.65 13.24 12.78
C TYR B 351 -32.27 14.56 12.35
N ALA B 352 -32.16 15.59 13.19
CA ALA B 352 -32.67 16.92 12.87
C ALA B 352 -31.53 17.93 12.92
N TRP B 353 -30.40 17.59 12.31
CA TRP B 353 -29.20 18.43 12.36
C TRP B 353 -29.50 19.82 11.81
N ASN B 354 -28.91 20.84 12.44
CA ASN B 354 -29.25 22.22 12.07
C ASN B 354 -28.26 22.75 11.04
N ARG B 355 -28.77 23.26 9.93
CA ARG B 355 -27.95 23.79 8.85
C ARG B 355 -28.03 25.31 8.83
N LYS B 356 -26.87 25.96 8.82
CA LYS B 356 -26.77 27.41 8.70
C LYS B 356 -25.97 27.74 7.45
N ARG B 357 -26.50 28.67 6.65
CA ARG B 357 -25.82 29.09 5.43
C ARG B 357 -24.88 30.25 5.72
N ILE B 358 -23.63 30.13 5.28
CA ILE B 358 -22.63 31.16 5.47
C ILE B 358 -22.29 31.75 4.11
N SER B 359 -22.45 33.06 4.00
CA SER B 359 -22.23 33.80 2.76
C SER B 359 -22.07 35.28 3.11
N ASN B 360 -21.47 36.01 2.17
CA ASN B 360 -21.31 37.47 2.27
C ASN B 360 -20.55 37.82 3.55
N CYS B 361 -19.30 37.36 3.58
CA CYS B 361 -18.39 37.61 4.70
C CYS B 361 -17.00 37.07 4.38
N VAL B 362 -16.06 37.25 5.31
CA VAL B 362 -14.72 36.70 5.21
C VAL B 362 -14.50 35.76 6.39
N ALA B 363 -14.03 34.56 6.11
CA ALA B 363 -13.87 33.51 7.11
C ALA B 363 -12.39 33.27 7.39
N ASP B 364 -12.03 33.17 8.66
CA ASP B 364 -10.67 32.90 9.09
C ASP B 364 -10.65 31.49 9.67
N TYR B 365 -10.20 30.52 8.87
CA TYR B 365 -10.10 29.14 9.32
C TYR B 365 -8.80 28.86 10.06
N SER B 366 -7.80 29.74 9.95
CA SER B 366 -6.52 29.51 10.59
C SER B 366 -6.64 29.54 12.12
N VAL B 367 -7.40 30.51 12.64
CA VAL B 367 -7.61 30.58 14.08
C VAL B 367 -8.40 29.37 14.56
N LEU B 368 -9.33 28.88 13.74
CA LEU B 368 -10.09 27.68 14.11
C LEU B 368 -9.18 26.46 14.16
N TYR B 369 -8.30 26.30 13.17
CA TYR B 369 -7.49 25.10 13.11
C TYR B 369 -6.39 25.11 14.17
N ASN B 370 -5.75 26.26 14.40
CA ASN B 370 -4.63 26.32 15.32
C ASN B 370 -5.05 26.29 16.78
N SER B 371 -6.34 26.43 17.08
CA SER B 371 -6.80 26.42 18.45
C SER B 371 -6.80 25.01 19.02
N ALA B 372 -6.48 24.90 20.31
CA ALA B 372 -6.43 23.62 21.00
C ALA B 372 -7.77 23.19 21.55
N SER B 373 -8.82 24.00 21.38
CA SER B 373 -10.13 23.65 21.92
C SER B 373 -10.75 22.46 21.21
N PHE B 374 -10.42 22.27 19.93
CA PHE B 374 -11.02 21.20 19.13
C PHE B 374 -10.16 19.95 19.19
N SER B 375 -10.79 18.83 19.51
CA SER B 375 -10.11 17.54 19.56
C SER B 375 -10.24 16.75 18.27
N THR B 376 -10.96 17.26 17.27
CA THR B 376 -11.04 16.60 15.98
C THR B 376 -11.20 17.67 14.90
N PHE B 377 -10.27 17.69 13.94
CA PHE B 377 -10.31 18.65 12.83
C PHE B 377 -9.73 17.94 11.61
N LYS B 378 -10.60 17.39 10.78
CA LYS B 378 -10.16 16.66 9.60
C LYS B 378 -10.89 17.17 8.37
N CYS B 379 -10.14 17.44 7.30
CA CYS B 379 -10.69 17.99 6.08
C CYS B 379 -10.54 17.01 4.93
N TYR B 380 -11.59 16.93 4.11
CA TYR B 380 -11.67 16.00 2.98
C TYR B 380 -11.90 16.83 1.72
N GLY B 381 -11.12 16.53 0.68
CA GLY B 381 -11.16 17.31 -0.54
C GLY B 381 -10.35 18.60 -0.51
N VAL B 382 -10.06 19.13 0.68
CA VAL B 382 -9.18 20.27 0.83
C VAL B 382 -8.25 19.97 2.01
N SER B 383 -7.10 20.65 2.03
CA SER B 383 -6.32 20.55 3.24
C SER B 383 -6.62 21.74 4.14
N PRO B 384 -6.67 21.53 5.46
CA PRO B 384 -7.02 22.65 6.36
C PRO B 384 -6.07 23.82 6.27
N THR B 385 -4.77 23.57 6.13
CA THR B 385 -3.79 24.65 6.17
C THR B 385 -3.94 25.61 5.00
N LYS B 386 -4.55 25.17 3.91
CA LYS B 386 -4.74 26.01 2.74
C LYS B 386 -6.10 26.70 2.73
N LEU B 387 -6.98 26.38 3.70
CA LEU B 387 -8.33 26.94 3.69
C LEU B 387 -8.32 28.45 3.77
N ASN B 388 -7.27 29.04 4.33
CA ASN B 388 -7.19 30.48 4.49
C ASN B 388 -6.94 31.20 3.17
N ASP B 389 -6.59 30.50 2.10
CA ASP B 389 -6.26 31.13 0.83
C ASP B 389 -7.27 30.88 -0.27
N LEU B 390 -8.41 30.25 0.04
CA LEU B 390 -9.39 29.89 -0.97
C LEU B 390 -10.63 30.77 -0.88
N CYS B 391 -11.42 30.74 -1.96
CA CYS B 391 -12.69 31.44 -2.04
C CYS B 391 -13.79 30.44 -2.36
N PHE B 392 -14.94 30.60 -1.70
CA PHE B 392 -16.06 29.69 -1.83
C PHE B 392 -17.33 30.47 -2.14
N THR B 393 -18.30 29.77 -2.73
CA THR B 393 -19.56 30.37 -3.13
C THR B 393 -20.66 30.22 -2.09
N ASN B 394 -20.60 29.18 -1.27
CA ASN B 394 -21.57 28.95 -0.21
C ASN B 394 -20.94 28.03 0.82
N VAL B 395 -21.19 28.30 2.09
CA VAL B 395 -20.71 27.43 3.17
C VAL B 395 -21.92 26.87 3.89
N TYR B 396 -21.92 25.55 4.10
CA TYR B 396 -22.99 24.88 4.85
C TYR B 396 -22.41 24.44 6.19
N ALA B 397 -22.83 25.10 7.27
CA ALA B 397 -22.40 24.72 8.62
C ALA B 397 -23.52 23.89 9.24
N ASP B 398 -23.30 22.58 9.33
CA ASP B 398 -24.25 21.67 9.94
C ASP B 398 -23.79 21.35 11.35
N SER B 399 -24.66 21.56 12.32
CA SER B 399 -24.33 21.42 13.73
C SER B 399 -25.20 20.35 14.36
N PHE B 400 -24.58 19.54 15.23
CA PHE B 400 -25.28 18.57 16.06
C PHE B 400 -24.33 18.12 17.17
N VAL B 401 -24.77 17.13 17.94
CA VAL B 401 -23.98 16.57 19.04
C VAL B 401 -24.08 15.05 18.98
N ILE B 402 -22.95 14.37 19.12
CA ILE B 402 -22.92 12.91 19.07
C ILE B 402 -21.91 12.37 20.07
N ARG B 403 -22.00 11.07 20.33
CA ARG B 403 -21.07 10.43 21.25
C ARG B 403 -19.73 10.17 20.57
N GLY B 404 -18.71 9.97 21.40
CA GLY B 404 -17.36 9.85 20.89
C GLY B 404 -17.16 8.64 20.00
N ASP B 405 -17.69 7.49 20.40
CA ASP B 405 -17.46 6.23 19.71
C ASP B 405 -17.96 6.21 18.28
N GLU B 406 -18.64 7.27 17.82
CA GLU B 406 -19.09 7.35 16.44
C GLU B 406 -18.71 8.69 15.79
N VAL B 407 -17.70 9.38 16.33
CA VAL B 407 -17.25 10.61 15.69
C VAL B 407 -16.74 10.33 14.27
N ARG B 408 -16.23 9.13 14.03
CA ARG B 408 -15.77 8.74 12.70
C ARG B 408 -16.92 8.45 11.74
N GLN B 409 -18.16 8.39 12.22
CA GLN B 409 -19.30 8.12 11.35
C GLN B 409 -19.56 9.24 10.36
N ILE B 410 -18.97 10.42 10.55
CA ILE B 410 -19.15 11.54 9.64
C ILE B 410 -17.91 11.55 8.74
N ALA B 411 -18.00 10.84 7.62
CA ALA B 411 -16.91 10.73 6.66
C ALA B 411 -17.44 10.13 5.35
N PRO B 412 -16.85 10.47 4.21
CA PRO B 412 -17.34 9.92 2.94
C PRO B 412 -17.14 8.41 2.88
N GLY B 413 -18.06 7.74 2.22
CA GLY B 413 -17.98 6.29 2.08
C GLY B 413 -18.00 5.56 3.40
N GLN B 414 -18.85 6.00 4.33
CA GLN B 414 -18.94 5.39 5.64
C GLN B 414 -20.32 4.80 5.84
N THR B 415 -20.39 3.77 6.68
CA THR B 415 -21.63 3.09 7.00
C THR B 415 -21.75 2.96 8.51
N GLY B 416 -22.99 2.87 8.98
CA GLY B 416 -23.27 2.77 10.39
C GLY B 416 -24.64 3.36 10.68
N LYS B 417 -24.91 3.53 11.97
CA LYS B 417 -26.21 4.06 12.39
C LYS B 417 -26.39 5.50 11.91
N ILE B 418 -25.39 6.35 12.16
CA ILE B 418 -25.50 7.76 11.75
C ILE B 418 -25.41 7.87 10.24
N ALA B 419 -24.50 7.14 9.61
CA ALA B 419 -24.30 7.26 8.16
C ALA B 419 -25.48 6.75 7.37
N ASP B 420 -26.31 5.88 7.94
CA ASP B 420 -27.40 5.23 7.21
C ASP B 420 -28.79 5.64 7.68
N TYR B 421 -28.92 6.24 8.86
CA TYR B 421 -30.22 6.63 9.40
C TYR B 421 -30.34 8.09 9.79
N ASN B 422 -29.24 8.78 10.09
CA ASN B 422 -29.30 10.14 10.60
C ASN B 422 -28.72 11.18 9.64
N TYR B 423 -27.47 11.03 9.24
CA TYR B 423 -26.78 12.04 8.44
C TYR B 423 -25.85 11.36 7.45
N LYS B 424 -26.07 11.60 6.16
CA LYS B 424 -25.25 11.03 5.10
C LYS B 424 -24.76 12.15 4.20
N LEU B 425 -23.49 12.06 3.79
CA LEU B 425 -22.85 13.02 2.91
C LEU B 425 -22.19 12.29 1.76
N PRO B 426 -22.03 12.95 0.61
CA PRO B 426 -21.62 12.23 -0.61
C PRO B 426 -20.20 11.72 -0.52
N ASP B 427 -19.88 10.81 -1.45
CA ASP B 427 -18.54 10.23 -1.50
C ASP B 427 -17.50 11.30 -1.84
N ASP B 428 -17.83 12.22 -2.73
CA ASP B 428 -16.94 13.31 -3.11
C ASP B 428 -17.21 14.58 -2.30
N PHE B 429 -17.67 14.43 -1.05
CA PHE B 429 -17.95 15.59 -0.22
C PHE B 429 -16.67 16.38 0.02
N THR B 430 -16.76 17.69 -0.14
CA THR B 430 -15.60 18.59 -0.05
C THR B 430 -15.82 19.54 1.12
N GLY B 431 -15.21 19.23 2.26
CA GLY B 431 -15.39 20.08 3.42
C GLY B 431 -14.63 19.54 4.61
N CYS B 432 -14.87 20.15 5.76
CA CYS B 432 -14.14 19.82 6.98
C CYS B 432 -15.08 19.43 8.10
N VAL B 433 -14.70 18.39 8.85
CA VAL B 433 -15.43 17.95 10.03
C VAL B 433 -14.65 18.41 11.26
N ILE B 434 -15.33 19.13 12.15
CA ILE B 434 -14.75 19.67 13.36
C ILE B 434 -15.59 19.18 14.53
N ALA B 435 -14.91 18.74 15.59
CA ALA B 435 -15.60 18.22 16.76
C ALA B 435 -14.78 18.58 18.00
N TRP B 436 -15.49 19.00 19.05
CA TRP B 436 -14.80 19.36 20.28
C TRP B 436 -15.57 18.86 21.48
N ASN B 437 -14.88 18.89 22.62
CA ASN B 437 -15.41 18.34 23.87
C ASN B 437 -16.49 19.23 24.43
N SER B 438 -17.66 18.64 24.68
CA SER B 438 -18.78 19.33 25.30
C SER B 438 -19.45 18.45 26.34
N ASN B 439 -18.67 17.60 27.01
CA ASN B 439 -19.22 16.68 27.99
C ASN B 439 -19.88 17.41 29.13
N ASN B 440 -19.25 18.49 29.61
CA ASN B 440 -19.76 19.25 30.74
C ASN B 440 -20.75 20.33 30.32
N LEU B 441 -21.34 20.22 29.13
CA LEU B 441 -22.32 21.19 28.68
C LEU B 441 -23.60 20.58 28.11
N ASP B 442 -23.58 19.33 27.66
CA ASP B 442 -24.74 18.71 27.02
C ASP B 442 -25.05 17.37 27.67
N SER B 443 -25.08 17.35 29.00
CA SER B 443 -25.42 16.15 29.75
C SER B 443 -26.40 16.50 30.86
N LYS B 444 -27.30 15.56 31.14
CA LYS B 444 -28.29 15.70 32.19
C LYS B 444 -28.28 14.45 33.06
N VAL B 445 -28.61 14.63 34.34
CA VAL B 445 -28.57 13.53 35.28
C VAL B 445 -29.59 12.46 34.89
N GLY B 446 -29.23 11.20 35.09
CA GLY B 446 -30.10 10.11 34.72
C GLY B 446 -30.24 9.88 33.24
N GLY B 447 -29.26 10.35 32.45
CA GLY B 447 -29.35 10.23 31.01
C GLY B 447 -30.10 11.40 30.39
N ASN B 448 -29.50 12.03 29.38
CA ASN B 448 -30.11 13.19 28.73
C ASN B 448 -31.01 12.72 27.60
N TYR B 449 -32.29 13.08 27.68
CA TYR B 449 -33.27 12.72 26.67
C TYR B 449 -33.64 13.90 25.78
N ASN B 450 -32.85 14.97 25.81
CA ASN B 450 -33.08 16.12 24.95
C ASN B 450 -32.37 16.02 23.61
N TYR B 451 -31.58 14.97 23.39
CA TYR B 451 -30.89 14.74 22.12
C TYR B 451 -31.27 13.34 21.64
N LEU B 452 -32.03 13.27 20.56
CA LEU B 452 -32.57 12.02 20.04
C LEU B 452 -31.89 11.67 18.72
N TYR B 453 -32.01 10.40 18.33
CA TYR B 453 -31.49 9.95 17.05
C TYR B 453 -32.37 8.83 16.50
N ARG B 454 -32.52 8.82 15.18
CA ARG B 454 -33.36 7.83 14.52
C ARG B 454 -32.62 6.51 14.43
N LEU B 455 -33.12 5.49 15.13
CA LEU B 455 -32.48 4.18 15.11
C LEU B 455 -33.02 3.29 13.99
N PHE B 456 -34.28 3.45 13.61
CA PHE B 456 -34.90 2.64 12.56
C PHE B 456 -35.37 3.53 11.42
N ARG B 457 -35.08 3.11 10.19
CA ARG B 457 -35.61 3.79 9.01
C ARG B 457 -35.80 2.77 7.90
N LYS B 458 -36.81 3.02 7.07
CA LYS B 458 -37.21 2.06 6.04
C LYS B 458 -36.26 2.04 4.85
N SER B 459 -35.62 3.16 4.52
CA SER B 459 -34.79 3.25 3.33
C SER B 459 -33.47 3.93 3.65
N ASN B 460 -32.56 3.88 2.69
CA ASN B 460 -31.26 4.53 2.80
C ASN B 460 -31.41 6.04 2.63
N LEU B 461 -30.47 6.78 3.21
CA LEU B 461 -30.44 8.24 3.09
C LEU B 461 -29.56 8.67 1.94
N LYS B 462 -30.04 9.66 1.21
CA LYS B 462 -29.27 10.32 0.17
C LYS B 462 -28.38 11.38 0.79
N PRO B 463 -27.34 11.82 0.08
CA PRO B 463 -26.49 12.88 0.61
C PRO B 463 -27.28 14.15 0.92
N PHE B 464 -26.95 14.76 2.06
CA PHE B 464 -27.57 16.03 2.50
C PHE B 464 -29.08 15.92 2.54
N GLU B 465 -29.59 14.82 3.10
CA GLU B 465 -31.02 14.58 3.23
C GLU B 465 -31.43 14.73 4.68
N ARG B 466 -32.49 15.52 4.91
CA ARG B 466 -33.03 15.77 6.24
C ARG B 466 -34.47 15.29 6.26
N ASP B 467 -34.78 14.40 7.21
CA ASP B 467 -36.12 13.82 7.34
C ASP B 467 -36.56 13.86 8.79
N ILE B 468 -37.81 14.28 9.01
CA ILE B 468 -38.43 14.29 10.33
C ILE B 468 -39.74 13.52 10.23
N SER B 469 -39.86 12.46 11.03
CA SER B 469 -41.06 11.64 11.02
C SER B 469 -41.12 10.84 12.31
N THR B 470 -42.31 10.28 12.59
CA THR B 470 -42.53 9.47 13.77
C THR B 470 -43.30 8.19 13.45
N GLU B 471 -43.49 7.87 12.17
CA GLU B 471 -44.20 6.66 11.80
C GLU B 471 -43.46 5.43 12.28
N ILE B 472 -44.20 4.45 12.79
CA ILE B 472 -43.59 3.27 13.42
C ILE B 472 -42.94 2.41 12.34
N TYR B 473 -41.65 2.17 12.49
CA TYR B 473 -40.88 1.44 11.48
C TYR B 473 -41.35 0.00 11.36
N GLN B 474 -41.30 -0.53 10.14
CA GLN B 474 -41.71 -1.90 9.84
C GLN B 474 -40.48 -2.77 9.66
N ALA B 475 -40.45 -3.89 10.38
CA ALA B 475 -39.34 -4.84 10.31
C ALA B 475 -39.76 -6.25 9.93
N GLY B 476 -41.01 -6.64 10.21
CA GLY B 476 -41.50 -7.96 9.90
C GLY B 476 -42.48 -7.97 8.75
N SER B 477 -43.32 -9.01 8.73
CA SER B 477 -44.34 -9.17 7.70
C SER B 477 -45.65 -8.50 8.07
N THR B 478 -45.70 -7.80 9.20
CA THR B 478 -46.90 -7.11 9.67
C THR B 478 -46.83 -5.64 9.30
N PRO B 479 -47.89 -5.07 8.72
CA PRO B 479 -47.83 -3.67 8.30
C PRO B 479 -47.58 -2.73 9.48
N CYS B 480 -46.82 -1.68 9.20
CA CYS B 480 -46.53 -0.63 10.18
C CYS B 480 -46.61 0.70 9.44
N ASN B 481 -46.07 1.75 10.06
CA ASN B 481 -46.08 3.11 9.51
C ASN B 481 -47.52 3.60 9.30
N GLY B 482 -48.24 3.67 10.41
CA GLY B 482 -49.64 4.07 10.39
C GLY B 482 -50.49 3.18 11.27
N VAL B 483 -50.06 1.94 11.46
CA VAL B 483 -50.73 0.98 12.32
C VAL B 483 -49.70 0.33 13.22
N GLU B 484 -50.03 0.23 14.51
CA GLU B 484 -49.15 -0.42 15.49
C GLU B 484 -49.51 -1.90 15.57
N GLY B 485 -48.60 -2.76 15.12
CA GLY B 485 -48.85 -4.18 15.13
C GLY B 485 -47.67 -5.00 15.61
N PHE B 486 -47.29 -6.01 14.82
CA PHE B 486 -46.18 -6.89 15.17
C PHE B 486 -44.91 -6.42 14.47
N ASN B 487 -43.80 -6.44 15.21
CA ASN B 487 -42.49 -5.97 14.73
C ASN B 487 -42.52 -4.51 14.32
N CYS B 488 -43.48 -3.74 14.83
CA CYS B 488 -43.54 -2.30 14.60
C CYS B 488 -42.88 -1.62 15.80
N TYR B 489 -41.69 -1.09 15.59
CA TYR B 489 -40.90 -0.46 16.65
C TYR B 489 -40.77 1.03 16.39
N PHE B 490 -40.73 1.80 17.48
CA PHE B 490 -40.64 3.25 17.37
C PHE B 490 -39.30 3.62 16.73
N PRO B 491 -39.31 4.49 15.71
CA PRO B 491 -38.07 4.76 14.95
C PRO B 491 -37.08 5.65 15.68
N LEU B 492 -37.40 6.18 16.85
CA LEU B 492 -36.56 7.13 17.55
C LEU B 492 -36.00 6.52 18.83
N GLN B 493 -34.78 6.92 19.19
CA GLN B 493 -34.12 6.44 20.40
C GLN B 493 -33.37 7.60 21.02
N SER B 494 -33.12 7.50 22.33
CA SER B 494 -32.45 8.54 23.07
C SER B 494 -31.01 8.15 23.38
N TYR B 495 -30.10 9.12 23.26
CA TYR B 495 -28.71 8.89 23.63
C TYR B 495 -28.56 8.61 25.12
N GLY B 496 -29.31 9.31 25.95
CA GLY B 496 -29.15 9.18 27.38
C GLY B 496 -27.80 9.66 27.86
N PHE B 497 -27.42 10.88 27.46
CA PHE B 497 -26.12 11.45 27.81
C PHE B 497 -26.08 11.72 29.31
N GLN B 498 -25.41 10.84 30.04
CA GLN B 498 -25.27 10.98 31.48
C GLN B 498 -24.14 11.96 31.81
N PRO B 499 -24.20 12.58 32.99
CA PRO B 499 -23.15 13.56 33.35
C PRO B 499 -21.76 12.98 33.38
N THR B 500 -21.61 11.69 33.69
CA THR B 500 -20.31 11.03 33.75
C THR B 500 -20.40 9.72 32.98
N ASN B 501 -19.81 9.69 31.78
CA ASN B 501 -19.77 8.51 30.94
C ASN B 501 -18.34 8.31 30.44
N GLY B 502 -18.14 7.25 29.67
CA GLY B 502 -16.88 7.06 29.00
C GLY B 502 -16.70 8.02 27.85
N VAL B 503 -15.45 8.13 27.38
CA VAL B 503 -15.15 9.07 26.30
C VAL B 503 -15.92 8.73 25.04
N GLY B 504 -16.27 7.46 24.86
CA GLY B 504 -17.07 7.06 23.71
C GLY B 504 -18.54 7.33 23.82
N TYR B 505 -19.01 7.78 24.99
CA TYR B 505 -20.41 8.11 25.19
C TYR B 505 -20.63 9.55 25.62
N GLN B 506 -19.58 10.29 25.94
CA GLN B 506 -19.73 11.69 26.32
C GLN B 506 -20.20 12.51 25.11
N PRO B 507 -21.02 13.54 25.34
CA PRO B 507 -21.49 14.37 24.22
C PRO B 507 -20.35 15.23 23.68
N TYR B 508 -20.16 15.17 22.37
CA TYR B 508 -19.19 15.99 21.66
C TYR B 508 -19.94 16.83 20.65
N ARG B 509 -19.61 18.12 20.58
CA ARG B 509 -20.25 19.00 19.62
C ARG B 509 -19.54 18.90 18.28
N VAL B 510 -20.30 18.59 17.23
CA VAL B 510 -19.77 18.34 15.90
C VAL B 510 -20.40 19.34 14.94
N VAL B 511 -19.54 20.08 14.22
CA VAL B 511 -19.94 20.95 13.13
C VAL B 511 -19.19 20.53 11.89
N VAL B 512 -19.92 20.31 10.80
CA VAL B 512 -19.34 19.97 9.51
C VAL B 512 -19.57 21.14 8.57
N LEU B 513 -18.49 21.59 7.93
CA LEU B 513 -18.56 22.65 6.94
C LEU B 513 -18.46 22.04 5.55
N SER B 514 -19.46 22.32 4.73
CA SER B 514 -19.50 21.89 3.34
C SER B 514 -19.17 23.10 2.45
N PHE B 515 -18.16 22.94 1.62
CA PHE B 515 -17.67 24.01 0.76
C PHE B 515 -18.17 23.78 -0.66
N GLU B 516 -18.68 24.83 -1.29
CA GLU B 516 -19.20 24.77 -2.64
C GLU B 516 -18.19 25.41 -3.59
N LEU B 517 -17.52 24.58 -4.39
CA LEU B 517 -16.55 25.04 -5.38
C LEU B 517 -17.16 25.20 -6.76
N LEU B 518 -18.48 25.36 -6.85
CA LEU B 518 -19.14 25.56 -8.13
C LEU B 518 -18.78 26.93 -8.69
N HIS B 519 -18.86 27.05 -10.02
CA HIS B 519 -18.55 28.31 -10.69
C HIS B 519 -19.62 29.34 -10.35
N ALA B 520 -19.28 30.31 -9.50
CA ALA B 520 -20.19 31.37 -9.12
C ALA B 520 -19.36 32.52 -8.57
N PRO B 521 -19.90 33.74 -8.56
CA PRO B 521 -19.17 34.85 -7.93
C PRO B 521 -18.89 34.55 -6.46
N ALA B 522 -17.60 34.43 -6.15
CA ALA B 522 -17.19 34.04 -4.81
C ALA B 522 -17.65 35.09 -3.79
N THR B 523 -18.24 34.61 -2.69
CA THR B 523 -18.79 35.48 -1.68
C THR B 523 -18.07 35.38 -0.34
N VAL B 524 -17.33 34.31 -0.11
CA VAL B 524 -16.53 34.14 1.10
C VAL B 524 -15.10 33.83 0.69
N CYS B 525 -14.14 34.48 1.37
CA CYS B 525 -12.72 34.28 1.12
C CYS B 525 -11.98 34.43 2.44
N GLY B 526 -10.65 34.29 2.37
CA GLY B 526 -9.81 34.44 3.53
C GLY B 526 -9.42 35.88 3.76
N PRO B 527 -8.58 36.12 4.75
CA PRO B 527 -8.12 37.49 5.04
C PRO B 527 -6.99 37.94 4.14
N LYS B 528 -6.78 37.22 3.03
CA LYS B 528 -5.72 37.55 2.08
C LYS B 528 -5.89 38.97 1.56
N LYS B 529 -4.94 39.84 1.89
CA LYS B 529 -5.05 41.25 1.54
C LYS B 529 -4.94 41.45 0.03
N SER B 530 -5.69 42.41 -0.49
CA SER B 530 -5.66 42.72 -1.91
C SER B 530 -4.41 43.53 -2.25
N THR B 531 -4.12 43.58 -3.55
CA THR B 531 -2.93 44.26 -4.05
C THR B 531 -3.31 45.09 -5.26
N ASN B 532 -2.51 46.13 -5.51
CA ASN B 532 -2.77 47.01 -6.64
C ASN B 532 -2.66 46.25 -7.95
N LEU B 533 -3.51 46.60 -8.91
CA LEU B 533 -3.54 45.94 -10.20
C LEU B 533 -2.37 46.40 -11.06
N VAL B 534 -1.64 45.43 -11.62
CA VAL B 534 -0.49 45.69 -12.48
C VAL B 534 -0.74 45.02 -13.83
N LYS B 535 -0.50 45.77 -14.91
CA LYS B 535 -0.78 45.29 -16.25
C LYS B 535 0.50 45.30 -17.10
N ASN B 536 0.43 44.58 -18.22
CA ASN B 536 1.51 44.52 -19.21
C ASN B 536 2.79 43.93 -18.61
N LYS B 537 2.67 43.09 -17.60
CA LYS B 537 3.81 42.39 -17.01
C LYS B 537 3.38 40.98 -16.65
N CYS B 538 4.23 40.00 -16.95
CA CYS B 538 3.95 38.63 -16.55
C CYS B 538 4.06 38.51 -15.04
N VAL B 539 2.92 38.26 -14.39
CA VAL B 539 2.85 38.15 -12.94
C VAL B 539 1.96 36.98 -12.58
N ASN B 540 2.12 36.52 -11.33
CA ASN B 540 1.18 35.59 -10.73
C ASN B 540 -0.04 36.35 -10.23
N PHE B 541 -1.22 35.96 -10.70
CA PHE B 541 -2.47 36.60 -10.34
C PHE B 541 -3.37 35.60 -9.63
N ASN B 542 -3.92 36.04 -8.50
CA ASN B 542 -4.88 35.25 -7.72
C ASN B 542 -6.20 36.01 -7.78
N PHE B 543 -6.96 35.76 -8.84
CA PHE B 543 -8.20 36.50 -9.12
C PHE B 543 -9.35 35.78 -8.44
N ASN B 544 -9.71 36.25 -7.25
CA ASN B 544 -10.86 35.75 -6.50
C ASN B 544 -10.77 34.24 -6.28
N GLY B 545 -9.58 33.76 -5.96
CA GLY B 545 -9.35 32.35 -5.76
C GLY B 545 -8.87 31.59 -6.98
N LEU B 546 -8.96 32.17 -8.16
CA LEU B 546 -8.48 31.56 -9.40
C LEU B 546 -7.04 31.98 -9.60
N THR B 547 -6.11 31.08 -9.32
CA THR B 547 -4.69 31.41 -9.44
C THR B 547 -4.19 31.13 -10.85
N GLY B 548 -3.10 31.80 -11.20
CA GLY B 548 -2.47 31.58 -12.48
C GLY B 548 -1.29 32.51 -12.67
N THR B 549 -0.67 32.39 -13.84
CA THR B 549 0.47 33.22 -14.22
C THR B 549 0.25 33.71 -15.63
N GLY B 550 0.47 35.01 -15.85
CA GLY B 550 0.31 35.53 -17.20
C GLY B 550 0.40 37.03 -17.22
N VAL B 551 0.04 37.60 -18.36
CA VAL B 551 0.06 39.04 -18.59
C VAL B 551 -1.37 39.53 -18.63
N LEU B 552 -1.68 40.49 -17.76
CA LEU B 552 -2.98 41.13 -17.69
C LEU B 552 -3.00 42.35 -18.62
N THR B 553 -4.04 42.45 -19.43
CA THR B 553 -4.15 43.58 -20.34
C THR B 553 -5.61 44.01 -20.45
N GLU B 554 -5.80 45.28 -20.85
CA GLU B 554 -7.14 45.77 -21.12
C GLU B 554 -7.74 45.00 -22.29
N SER B 555 -9.05 44.73 -22.20
CA SER B 555 -9.73 43.89 -23.17
C SER B 555 -10.73 44.71 -23.98
N ASN B 556 -10.65 44.60 -25.30
CA ASN B 556 -11.73 45.09 -26.14
C ASN B 556 -12.97 44.20 -26.04
N LYS B 557 -12.79 42.98 -25.55
CA LYS B 557 -13.92 42.08 -25.32
C LYS B 557 -14.80 42.60 -24.21
N LYS B 558 -16.11 42.39 -24.36
CA LYS B 558 -17.09 42.84 -23.38
C LYS B 558 -17.84 41.65 -22.81
N PHE B 559 -18.10 41.69 -21.51
CA PHE B 559 -18.84 40.65 -20.82
C PHE B 559 -20.26 41.13 -20.53
N LEU B 560 -21.21 40.20 -20.59
CA LEU B 560 -22.54 40.47 -20.09
C LEU B 560 -22.49 40.63 -18.58
N PRO B 561 -23.42 41.39 -17.98
CA PRO B 561 -23.30 41.68 -16.55
C PRO B 561 -23.77 40.55 -15.64
N PHE B 562 -23.45 39.31 -16.03
CA PHE B 562 -23.55 38.16 -15.13
C PHE B 562 -22.38 37.22 -15.24
N GLN B 563 -21.48 37.39 -16.21
CA GLN B 563 -20.38 36.47 -16.44
C GLN B 563 -19.14 36.93 -15.68
N GLN B 564 -18.40 35.96 -15.14
CA GLN B 564 -17.21 36.24 -14.33
C GLN B 564 -15.91 36.04 -15.10
N PHE B 565 -15.80 34.99 -15.90
CA PHE B 565 -14.59 34.77 -16.68
C PHE B 565 -14.92 33.98 -17.93
N GLY B 566 -14.03 34.05 -18.92
CA GLY B 566 -14.25 33.44 -20.20
C GLY B 566 -13.18 32.43 -20.58
N ARG B 567 -13.53 31.60 -21.57
CA ARG B 567 -12.69 30.50 -22.02
C ARG B 567 -12.53 30.58 -23.53
N ASP B 568 -11.44 29.99 -24.01
CA ASP B 568 -11.11 29.98 -25.42
C ASP B 568 -11.80 28.79 -26.09
N ILE B 569 -11.62 28.62 -27.40
CA ILE B 569 -12.16 27.48 -28.11
C ILE B 569 -11.66 26.17 -27.50
N ALA B 570 -10.42 26.17 -27.00
CA ALA B 570 -9.84 25.01 -26.34
C ALA B 570 -10.15 24.99 -24.85
N ASP B 571 -10.99 25.91 -24.36
CA ASP B 571 -11.45 25.99 -22.98
C ASP B 571 -10.34 26.38 -22.01
N THR B 572 -9.34 27.12 -22.46
CA THR B 572 -8.37 27.73 -21.56
C THR B 572 -8.86 29.12 -21.18
N THR B 573 -8.65 29.48 -19.91
CA THR B 573 -9.13 30.77 -19.41
C THR B 573 -8.43 31.91 -20.14
N ASP B 574 -9.20 32.85 -20.68
CA ASP B 574 -8.62 33.95 -21.41
C ASP B 574 -9.01 35.34 -20.90
N ALA B 575 -10.07 35.45 -20.11
CA ALA B 575 -10.51 36.75 -19.62
C ALA B 575 -11.07 36.56 -18.21
N VAL B 576 -11.06 37.65 -17.45
CA VAL B 576 -11.51 37.63 -16.07
C VAL B 576 -12.14 38.98 -15.74
N ARG B 577 -12.95 38.99 -14.68
CA ARG B 577 -13.60 40.20 -14.20
C ARG B 577 -13.04 40.56 -12.83
N ASP B 578 -12.58 41.80 -12.69
CA ASP B 578 -11.97 42.25 -11.44
C ASP B 578 -13.02 42.32 -10.35
N PRO B 579 -12.83 41.64 -9.21
CA PRO B 579 -13.84 41.70 -8.14
C PRO B 579 -14.00 43.09 -7.52
N GLN B 580 -13.01 43.97 -7.65
CA GLN B 580 -13.09 45.28 -7.02
C GLN B 580 -13.39 46.42 -7.98
N THR B 581 -13.21 46.21 -9.29
CA THR B 581 -13.44 47.25 -10.28
C THR B 581 -14.44 46.87 -11.34
N LEU B 582 -14.83 45.59 -11.42
CA LEU B 582 -15.75 45.11 -12.46
C LEU B 582 -15.21 45.40 -13.85
N GLU B 583 -13.90 45.29 -14.02
CA GLU B 583 -13.22 45.55 -15.27
C GLU B 583 -12.77 44.23 -15.89
N ILE B 584 -13.00 44.08 -17.18
CA ILE B 584 -12.66 42.85 -17.89
C ILE B 584 -11.21 42.93 -18.34
N LEU B 585 -10.43 41.92 -17.99
CA LEU B 585 -9.01 41.87 -18.32
C LEU B 585 -8.69 40.58 -19.05
N ASP B 586 -7.88 40.69 -20.09
CA ASP B 586 -7.43 39.51 -20.84
C ASP B 586 -6.10 39.02 -20.27
N ILE B 587 -6.01 37.70 -20.10
CA ILE B 587 -4.81 37.04 -19.59
C ILE B 587 -4.16 36.30 -20.75
N THR B 588 -2.91 36.63 -21.04
CA THR B 588 -2.17 35.92 -22.07
C THR B 588 -0.85 35.45 -21.48
N PRO B 589 -0.49 34.17 -21.63
CA PRO B 589 0.80 33.71 -21.08
C PRO B 589 1.95 34.47 -21.73
N CYS B 590 2.94 34.82 -20.92
CA CYS B 590 4.07 35.57 -21.45
C CYS B 590 4.94 34.69 -22.34
N SER B 591 5.80 35.34 -23.10
CA SER B 591 6.54 34.66 -24.15
C SER B 591 7.39 33.53 -23.59
N PHE B 592 7.30 32.37 -24.23
CA PHE B 592 8.15 31.23 -23.96
C PHE B 592 8.45 30.54 -25.28
N GLY B 593 9.61 29.89 -25.35
CA GLY B 593 9.94 29.20 -26.58
C GLY B 593 11.25 28.47 -26.46
N GLY B 594 11.52 27.64 -27.46
CA GLY B 594 12.73 26.85 -27.46
C GLY B 594 13.98 27.68 -27.65
N VAL B 595 15.10 27.11 -27.22
CA VAL B 595 16.41 27.73 -27.33
C VAL B 595 17.28 26.80 -28.16
N SER B 596 17.89 27.36 -29.21
CA SER B 596 18.76 26.60 -30.09
C SER B 596 20.16 27.20 -30.03
N VAL B 597 21.17 26.34 -30.07
CA VAL B 597 22.56 26.77 -30.03
C VAL B 597 23.17 26.50 -31.40
N ILE B 598 23.48 27.57 -32.11
CA ILE B 598 24.14 27.48 -33.41
C ILE B 598 25.65 27.53 -33.16
N THR B 599 26.34 26.46 -33.53
CA THR B 599 27.75 26.36 -33.23
C THR B 599 28.50 25.52 -34.25
N PRO B 600 29.62 26.01 -34.78
CA PRO B 600 30.51 25.15 -35.55
C PRO B 600 31.19 24.13 -34.63
N GLY B 601 31.69 23.06 -35.24
CA GLY B 601 32.37 22.01 -34.53
C GLY B 601 33.41 22.51 -33.55
N THR B 602 33.58 21.79 -32.44
CA THR B 602 34.48 22.27 -31.39
C THR B 602 35.94 22.30 -31.82
N ASN B 603 36.34 21.51 -32.81
CA ASN B 603 37.70 21.65 -33.31
C ASN B 603 37.88 22.91 -34.16
N THR B 604 36.80 23.50 -34.66
CA THR B 604 36.91 24.79 -35.32
C THR B 604 37.04 25.92 -34.31
N SER B 605 36.02 26.14 -33.49
CA SER B 605 36.03 27.25 -32.55
C SER B 605 35.01 26.98 -31.45
N ASN B 606 35.15 27.72 -30.34
CA ASN B 606 34.24 27.63 -29.21
C ASN B 606 33.13 28.67 -29.25
N GLN B 607 33.18 29.61 -30.19
CA GLN B 607 32.15 30.64 -30.25
C GLN B 607 30.81 30.06 -30.67
N VAL B 608 29.75 30.51 -30.01
CA VAL B 608 28.39 30.02 -30.26
C VAL B 608 27.44 31.19 -30.38
N ALA B 609 26.29 30.92 -30.98
CA ALA B 609 25.19 31.87 -31.05
C ALA B 609 23.94 31.19 -30.52
N VAL B 610 23.00 31.99 -30.02
CA VAL B 610 21.80 31.46 -29.38
C VAL B 610 20.56 32.03 -30.07
N LEU B 611 19.63 31.16 -30.41
CA LEU B 611 18.38 31.54 -31.06
C LEU B 611 17.22 31.24 -30.12
N TYR B 612 16.40 32.25 -29.85
CA TYR B 612 15.20 32.10 -29.04
C TYR B 612 14.02 32.09 -29.99
N GLN B 613 13.30 30.98 -30.05
CA GLN B 613 12.27 30.81 -31.06
C GLN B 613 11.01 31.60 -30.71
N ASP B 614 10.51 32.39 -31.67
CA ASP B 614 9.22 33.07 -31.59
C ASP B 614 9.18 34.07 -30.41
N VAL B 615 10.18 34.95 -30.33
CA VAL B 615 10.27 35.87 -29.21
C VAL B 615 10.72 37.23 -29.71
N ASN B 616 10.07 38.30 -29.23
CA ASN B 616 10.69 39.62 -29.25
C ASN B 616 12.14 39.59 -28.83
N CYS B 617 12.99 40.27 -29.60
CA CYS B 617 14.36 40.50 -29.15
C CYS B 617 14.42 41.39 -27.92
N THR B 618 13.36 42.14 -27.63
CA THR B 618 13.33 43.04 -26.48
C THR B 618 13.04 42.32 -25.16
N GLU B 619 12.61 41.07 -25.20
CA GLU B 619 12.24 40.34 -23.99
C GLU B 619 13.20 39.21 -23.65
N VAL B 620 14.37 39.17 -24.29
CA VAL B 620 15.35 38.12 -24.05
C VAL B 620 15.96 38.25 -22.66
N PRO B 621 16.44 39.43 -22.22
CA PRO B 621 17.01 39.46 -20.87
C PRO B 621 15.97 39.25 -19.77
N GLY B 639 25.39 40.24 -25.67
CA GLY B 639 25.02 41.55 -26.18
C GLY B 639 25.85 42.00 -27.36
N SER B 640 25.64 43.26 -27.76
CA SER B 640 26.37 43.94 -28.82
C SER B 640 26.16 43.30 -30.19
N ASN B 641 25.31 42.27 -30.26
CA ASN B 641 25.00 41.62 -31.53
C ASN B 641 23.62 40.98 -31.38
N VAL B 642 22.60 41.66 -31.89
CA VAL B 642 21.21 41.19 -31.81
C VAL B 642 20.59 41.30 -33.19
N PHE B 643 19.96 40.23 -33.65
CA PHE B 643 19.31 40.20 -34.95
C PHE B 643 17.94 39.59 -34.79
N GLN B 644 16.94 40.20 -35.41
CA GLN B 644 15.56 39.72 -35.31
C GLN B 644 15.17 39.05 -36.62
N THR B 645 14.80 37.77 -36.54
CA THR B 645 14.38 37.00 -37.69
C THR B 645 12.96 36.49 -37.48
N ARG B 646 12.39 35.90 -38.53
CA ARG B 646 11.08 35.28 -38.39
C ARG B 646 11.13 34.07 -37.48
N ALA B 647 12.23 33.33 -37.50
CA ALA B 647 12.37 32.16 -36.63
C ALA B 647 12.51 32.54 -35.17
N GLY B 648 12.93 33.77 -34.87
CA GLY B 648 13.10 34.20 -33.50
C GLY B 648 14.24 35.19 -33.41
N CYS B 649 14.67 35.41 -32.17
CA CYS B 649 15.74 36.37 -31.88
C CYS B 649 17.08 35.65 -31.85
N LEU B 650 18.00 36.05 -32.73
CA LEU B 650 19.31 35.45 -32.84
C LEU B 650 20.34 36.38 -32.21
N ILE B 651 21.15 35.84 -31.29
CA ILE B 651 22.11 36.61 -30.53
C ILE B 651 23.49 36.00 -30.75
N GLY B 652 24.46 36.84 -31.09
CA GLY B 652 25.82 36.40 -31.32
C GLY B 652 26.21 36.25 -32.78
N ALA B 653 25.31 36.58 -33.70
CA ALA B 653 25.59 36.44 -35.13
C ALA B 653 25.55 37.81 -35.79
N GLU B 654 26.57 38.11 -36.59
CA GLU B 654 26.68 39.38 -37.30
C GLU B 654 26.07 39.21 -38.68
N HIS B 655 24.92 39.83 -38.90
CA HIS B 655 24.22 39.71 -40.18
C HIS B 655 25.00 40.39 -41.29
N VAL B 656 24.98 39.80 -42.50
CA VAL B 656 25.64 40.33 -43.67
C VAL B 656 24.70 40.22 -44.87
N ASN B 657 24.67 41.26 -45.71
CA ASN B 657 23.95 41.13 -46.98
C ASN B 657 24.67 40.24 -48.01
N ASN B 658 25.96 39.99 -47.85
CA ASN B 658 26.58 39.00 -48.71
C ASN B 658 25.88 37.66 -48.52
N SER B 659 25.58 36.98 -49.62
CA SER B 659 24.84 35.73 -49.60
C SER B 659 25.73 34.56 -49.97
N TYR B 660 25.46 33.41 -49.34
CA TYR B 660 26.26 32.20 -49.57
C TYR B 660 25.34 30.99 -49.51
N GLU B 661 25.90 29.84 -49.86
CA GLU B 661 25.19 28.58 -49.71
C GLU B 661 24.91 28.31 -48.24
N CYS B 662 23.75 27.72 -47.95
CA CYS B 662 23.37 27.45 -46.58
C CYS B 662 24.33 26.47 -45.93
N ASP B 663 24.80 26.81 -44.72
CA ASP B 663 25.69 25.97 -43.95
C ASP B 663 24.99 25.42 -42.71
N ILE B 664 24.47 26.29 -41.85
CA ILE B 664 23.69 25.88 -40.69
C ILE B 664 22.30 26.49 -40.84
N PRO B 665 21.27 25.69 -41.12
CA PRO B 665 19.93 26.27 -41.32
C PRO B 665 19.40 26.90 -40.04
N ILE B 666 18.79 28.06 -40.19
CA ILE B 666 18.09 28.75 -39.12
C ILE B 666 16.60 28.78 -39.36
N GLY B 667 16.19 29.14 -40.57
CA GLY B 667 14.77 29.15 -40.90
C GLY B 667 14.34 30.42 -41.59
N ALA B 668 13.20 30.34 -42.29
CA ALA B 668 12.64 31.47 -43.03
C ALA B 668 13.66 32.07 -44.00
N GLY B 669 14.47 31.19 -44.60
CA GLY B 669 15.49 31.61 -45.52
C GLY B 669 16.75 32.17 -44.90
N ILE B 670 16.92 32.01 -43.59
CA ILE B 670 18.09 32.51 -42.88
C ILE B 670 19.00 31.34 -42.56
N CYS B 671 20.29 31.48 -42.84
CA CYS B 671 21.31 30.48 -42.55
C CYS B 671 22.53 31.15 -41.92
N ALA B 672 23.22 30.41 -41.05
CA ALA B 672 24.37 30.92 -40.34
C ALA B 672 25.61 30.10 -40.67
N SER B 673 26.77 30.77 -40.66
CA SER B 673 28.03 30.09 -40.94
C SER B 673 29.16 30.82 -40.23
N TYR B 674 30.27 30.12 -40.02
CA TYR B 674 31.44 30.66 -39.34
C TYR B 674 32.47 31.11 -40.36
N GLN B 675 32.80 32.40 -40.36
CA GLN B 675 33.78 32.94 -41.29
C GLN B 675 34.92 33.63 -40.56
N GLN B 690 37.84 36.20 -36.83
CA GLN B 690 36.73 35.48 -37.42
C GLN B 690 35.56 35.38 -36.45
N SER B 691 34.34 35.25 -36.98
CA SER B 691 33.16 35.23 -36.14
C SER B 691 32.05 34.45 -36.84
N ILE B 692 30.92 34.33 -36.17
CA ILE B 692 29.73 33.67 -36.71
C ILE B 692 28.84 34.72 -37.34
N ILE B 693 28.41 34.49 -38.57
CA ILE B 693 27.57 35.43 -39.30
C ILE B 693 26.28 34.73 -39.71
N ALA B 694 25.24 35.53 -39.90
CA ALA B 694 23.95 35.06 -40.40
C ALA B 694 23.61 35.82 -41.67
N TYR B 695 22.94 35.15 -42.59
CA TYR B 695 22.69 35.71 -43.90
C TYR B 695 21.44 35.07 -44.49
N THR B 696 21.11 35.46 -45.72
CA THR B 696 20.04 34.85 -46.50
C THR B 696 20.66 33.91 -47.52
N MET B 697 20.21 32.67 -47.51
CA MET B 697 20.83 31.64 -48.35
C MET B 697 20.65 31.96 -49.83
N SER B 698 21.64 31.55 -50.62
CA SER B 698 21.62 31.74 -52.07
C SER B 698 21.30 30.42 -52.74
N LEU B 699 20.32 30.44 -53.65
CA LEU B 699 19.86 29.23 -54.30
C LEU B 699 20.80 28.73 -55.39
N GLY B 700 21.75 29.55 -55.82
CA GLY B 700 22.70 29.12 -56.84
C GLY B 700 23.11 30.29 -57.70
N ALA B 701 24.17 30.05 -58.48
CA ALA B 701 24.70 31.08 -59.36
C ALA B 701 23.73 31.34 -60.52
N GLU B 702 23.45 32.61 -60.78
CA GLU B 702 22.54 32.97 -61.85
C GLU B 702 23.15 32.66 -63.21
N ASN B 703 22.33 32.08 -64.09
CA ASN B 703 22.77 31.73 -65.43
C ASN B 703 21.66 32.09 -66.41
N SER B 704 22.04 32.68 -67.54
CA SER B 704 21.09 33.06 -68.59
C SER B 704 21.62 32.54 -69.92
N VAL B 705 21.02 31.46 -70.43
CA VAL B 705 21.41 30.93 -71.73
C VAL B 705 21.03 31.93 -72.81
N ALA B 706 21.86 31.98 -73.86
CA ALA B 706 21.63 32.91 -74.98
C ALA B 706 20.61 32.31 -75.93
N TYR B 707 19.35 32.34 -75.51
CA TYR B 707 18.28 31.80 -76.33
C TYR B 707 18.06 32.67 -77.56
N SER B 708 17.91 32.01 -78.70
CA SER B 708 17.59 32.68 -79.95
C SER B 708 16.79 31.73 -80.81
N ASN B 709 16.03 32.29 -81.75
CA ASN B 709 15.13 31.46 -82.54
C ASN B 709 15.83 30.73 -83.68
N ASN B 710 17.11 30.99 -83.90
CA ASN B 710 17.88 30.27 -84.92
C ASN B 710 19.27 29.91 -84.43
N SER B 711 19.43 29.72 -83.12
CA SER B 711 20.73 29.39 -82.54
C SER B 711 20.60 28.13 -81.71
N ILE B 712 21.54 27.21 -81.88
CA ILE B 712 21.57 25.97 -81.11
C ILE B 712 22.97 25.81 -80.56
N ALA B 713 23.08 25.01 -79.50
CA ALA B 713 24.37 24.71 -78.87
C ALA B 713 24.60 23.21 -78.91
N ILE B 714 25.77 22.81 -79.38
CA ILE B 714 26.09 21.39 -79.50
C ILE B 714 27.43 21.10 -78.83
N PRO B 715 27.51 20.03 -78.03
CA PRO B 715 28.79 19.67 -77.40
C PRO B 715 29.78 19.14 -78.41
N THR B 716 31.07 19.39 -78.15
CA THR B 716 32.16 18.80 -78.91
C THR B 716 33.04 17.90 -78.06
N ASN B 717 32.69 17.68 -76.79
CA ASN B 717 33.50 16.92 -75.86
C ASN B 717 32.57 16.18 -74.90
N PHE B 718 33.13 15.26 -74.14
CA PHE B 718 32.33 14.56 -73.14
C PHE B 718 33.22 14.13 -71.99
N THR B 719 32.58 13.86 -70.86
CA THR B 719 33.27 13.36 -69.66
C THR B 719 32.49 12.18 -69.12
N ILE B 720 33.21 11.14 -68.75
CA ILE B 720 32.60 9.97 -68.11
C ILE B 720 32.77 10.12 -66.61
N SER B 721 31.65 10.24 -65.90
CA SER B 721 31.68 10.52 -64.47
C SER B 721 31.02 9.39 -63.69
N VAL B 722 31.64 9.00 -62.60
CA VAL B 722 31.14 7.93 -61.74
C VAL B 722 30.72 8.55 -60.41
N THR B 723 29.50 8.26 -59.97
CA THR B 723 28.97 8.80 -58.73
C THR B 723 28.48 7.65 -57.85
N THR B 724 28.56 7.86 -56.54
CA THR B 724 28.17 6.84 -55.57
C THR B 724 26.78 7.14 -55.02
N GLU B 725 26.00 6.09 -54.81
CA GLU B 725 24.72 6.19 -54.14
C GLU B 725 24.61 5.10 -53.08
N ILE B 726 24.37 5.49 -51.83
CA ILE B 726 24.35 4.57 -50.71
C ILE B 726 22.93 4.41 -50.23
N LEU B 727 22.48 3.17 -50.08
CA LEU B 727 21.13 2.89 -49.65
C LEU B 727 21.13 1.86 -48.53
N PRO B 728 20.49 2.16 -47.39
CA PRO B 728 20.27 1.13 -46.37
C PRO B 728 19.37 0.03 -46.91
N VAL B 729 19.60 -1.19 -46.43
CA VAL B 729 18.86 -2.36 -46.89
C VAL B 729 18.16 -3.06 -45.73
N SER B 730 18.89 -3.34 -44.66
CA SER B 730 18.34 -4.10 -43.54
C SER B 730 18.84 -3.51 -42.22
N MET B 731 18.09 -3.80 -41.16
CA MET B 731 18.43 -3.38 -39.82
C MET B 731 19.04 -4.55 -39.06
N THR B 732 19.26 -4.37 -37.76
CA THR B 732 19.75 -5.43 -36.90
C THR B 732 18.56 -6.18 -36.31
N LYS B 733 18.50 -7.49 -36.56
CA LYS B 733 17.39 -8.31 -36.08
C LYS B 733 17.50 -8.49 -34.58
N THR B 734 16.65 -7.78 -33.83
CA THR B 734 16.66 -7.84 -32.37
C THR B 734 15.35 -8.42 -31.88
N SER B 735 15.43 -9.33 -30.91
CA SER B 735 14.27 -9.90 -30.25
C SER B 735 14.44 -9.75 -28.75
N VAL B 736 13.40 -9.25 -28.08
CA VAL B 736 13.42 -9.00 -26.65
C VAL B 736 12.39 -9.88 -25.98
N ASP B 737 12.82 -10.67 -25.00
CA ASP B 737 11.91 -11.50 -24.23
C ASP B 737 11.06 -10.61 -23.34
N CYS B 738 9.76 -10.56 -23.60
CA CYS B 738 8.89 -9.64 -22.88
C CYS B 738 8.83 -9.98 -21.40
N THR B 739 8.68 -11.26 -21.07
CA THR B 739 8.59 -11.66 -19.66
C THR B 739 9.90 -11.37 -18.94
N MET B 740 11.02 -11.71 -19.56
CA MET B 740 12.32 -11.48 -18.92
C MET B 740 12.58 -9.99 -18.71
N TYR B 741 12.22 -9.17 -19.70
CA TYR B 741 12.43 -7.73 -19.56
C TYR B 741 11.52 -7.14 -18.48
N ILE B 742 10.25 -7.51 -18.48
CA ILE B 742 9.29 -6.89 -17.56
C ILE B 742 9.55 -7.35 -16.13
N CYS B 743 9.77 -8.64 -15.91
CA CYS B 743 9.78 -9.19 -14.57
C CYS B 743 11.10 -9.82 -14.13
N GLY B 744 12.01 -10.11 -15.05
CA GLY B 744 13.23 -10.78 -14.66
C GLY B 744 12.94 -12.21 -14.21
N ASP B 745 13.44 -12.55 -13.02
CA ASP B 745 13.30 -13.90 -12.48
C ASP B 745 12.25 -13.99 -11.38
N SER B 746 11.45 -12.94 -11.17
CA SER B 746 10.46 -12.95 -10.11
C SER B 746 9.24 -13.77 -10.54
N THR B 747 8.88 -14.76 -9.71
CA THR B 747 7.72 -15.58 -10.02
C THR B 747 6.42 -14.82 -9.78
N GLU B 748 6.35 -14.08 -8.67
CA GLU B 748 5.15 -13.30 -8.37
C GLU B 748 4.90 -12.25 -9.42
N CYS B 749 5.97 -11.60 -9.92
CA CYS B 749 5.80 -10.63 -10.98
C CYS B 749 5.25 -11.28 -12.24
N SER B 750 5.73 -12.48 -12.58
CA SER B 750 5.20 -13.19 -13.75
C SER B 750 3.73 -13.52 -13.56
N ASN B 751 3.36 -13.96 -12.36
CA ASN B 751 1.95 -14.26 -12.09
C ASN B 751 1.09 -13.01 -12.21
N LEU B 752 1.58 -11.87 -11.73
CA LEU B 752 0.86 -10.62 -11.88
C LEU B 752 0.74 -10.22 -13.33
N LEU B 753 1.81 -10.37 -14.11
CA LEU B 753 1.80 -10.04 -15.53
C LEU B 753 0.88 -10.95 -16.33
N LEU B 754 0.62 -12.17 -15.83
CA LEU B 754 -0.31 -13.05 -16.50
C LEU B 754 -1.71 -12.45 -16.62
N GLN B 755 -2.04 -11.47 -15.77
CA GLN B 755 -3.34 -10.84 -15.85
C GLN B 755 -3.48 -9.96 -17.09
N TYR B 756 -2.38 -9.43 -17.60
CA TYR B 756 -2.41 -8.47 -18.70
C TYR B 756 -2.62 -9.12 -20.07
N GLY B 757 -3.05 -10.37 -20.12
CA GLY B 757 -3.37 -11.00 -21.38
C GLY B 757 -2.17 -11.44 -22.18
N SER B 758 -2.19 -11.19 -23.49
CA SER B 758 -1.17 -11.66 -24.41
C SER B 758 -0.43 -10.49 -25.06
N PHE B 759 -0.10 -9.47 -24.28
CA PHE B 759 0.71 -8.38 -24.79
C PHE B 759 2.11 -8.86 -25.18
N CYS B 760 2.70 -9.71 -24.35
CA CYS B 760 4.05 -10.21 -24.62
C CYS B 760 4.07 -11.00 -25.93
N THR B 761 3.03 -11.79 -26.19
CA THR B 761 2.95 -12.52 -27.44
C THR B 761 2.89 -11.57 -28.62
N GLN B 762 2.12 -10.49 -28.50
CA GLN B 762 2.06 -9.49 -29.57
C GLN B 762 3.44 -8.88 -29.83
N LEU B 763 4.15 -8.53 -28.75
CA LEU B 763 5.47 -7.93 -28.91
C LEU B 763 6.44 -8.89 -29.58
N ASN B 764 6.44 -10.15 -29.15
CA ASN B 764 7.34 -11.13 -29.75
C ASN B 764 6.99 -11.38 -31.21
N ARG B 765 5.70 -11.43 -31.53
CA ARG B 765 5.28 -11.62 -32.91
C ARG B 765 5.73 -10.45 -33.79
N ALA B 766 5.57 -9.22 -33.29
CA ALA B 766 5.99 -8.06 -34.07
C ALA B 766 7.50 -8.07 -34.31
N LEU B 767 8.27 -8.38 -33.26
CA LEU B 767 9.72 -8.41 -33.42
C LEU B 767 10.15 -9.52 -34.38
N THR B 768 9.50 -10.69 -34.31
CA THR B 768 9.82 -11.77 -35.24
C THR B 768 9.48 -11.38 -36.67
N GLY B 769 8.35 -10.69 -36.87
CA GLY B 769 8.02 -10.22 -38.20
C GLY B 769 9.05 -9.26 -38.75
N ILE B 770 9.51 -8.32 -37.91
CA ILE B 770 10.56 -7.40 -38.34
C ILE B 770 11.83 -8.16 -38.70
N ALA B 771 12.21 -9.13 -37.87
CA ALA B 771 13.43 -9.88 -38.12
C ALA B 771 13.36 -10.64 -39.44
N VAL B 772 12.21 -11.26 -39.72
CA VAL B 772 12.05 -11.97 -41.00
C VAL B 772 12.05 -10.98 -42.16
N GLU B 773 11.44 -9.81 -41.96
CA GLU B 773 11.39 -8.81 -43.02
C GLU B 773 12.80 -8.32 -43.39
N GLN B 774 13.71 -8.26 -42.41
CA GLN B 774 15.08 -7.84 -42.73
C GLN B 774 15.73 -8.81 -43.71
N ASP B 775 15.62 -10.12 -43.43
CA ASP B 775 16.18 -11.12 -44.33
C ASP B 775 15.50 -11.06 -45.70
N LYS B 776 14.18 -10.85 -45.71
CA LYS B 776 13.48 -10.74 -46.99
C LYS B 776 14.00 -9.55 -47.79
N ASN B 777 14.22 -8.41 -47.14
CA ASN B 777 14.75 -7.24 -47.82
C ASN B 777 16.12 -7.52 -48.41
N THR B 778 17.01 -8.14 -47.61
CA THR B 778 18.34 -8.44 -48.11
C THR B 778 18.28 -9.38 -49.32
N GLN B 779 17.44 -10.41 -49.24
CA GLN B 779 17.33 -11.36 -50.34
C GLN B 779 16.79 -10.70 -51.60
N GLU B 780 15.78 -9.83 -51.45
CA GLU B 780 15.24 -9.14 -52.62
C GLU B 780 16.28 -8.21 -53.25
N VAL B 781 17.06 -7.51 -52.43
CA VAL B 781 18.04 -6.58 -52.97
C VAL B 781 19.16 -7.32 -53.69
N PHE B 782 19.71 -8.36 -53.07
CA PHE B 782 20.94 -8.95 -53.59
C PHE B 782 20.71 -10.21 -54.42
N ALA B 783 19.83 -11.11 -53.98
CA ALA B 783 19.65 -12.39 -54.66
C ALA B 783 18.72 -12.21 -55.86
N GLN B 784 19.31 -11.75 -56.97
CA GLN B 784 18.57 -11.56 -58.21
C GLN B 784 19.13 -12.35 -59.38
N VAL B 785 20.17 -13.15 -59.17
CA VAL B 785 20.76 -13.97 -60.22
C VAL B 785 20.87 -15.40 -59.73
N LYS B 786 20.43 -16.34 -60.55
CA LYS B 786 20.50 -17.76 -60.21
C LYS B 786 21.85 -18.38 -60.54
N GLN B 787 22.67 -17.71 -61.35
CA GLN B 787 23.97 -18.22 -61.76
C GLN B 787 25.06 -17.37 -61.13
N ILE B 788 26.08 -18.03 -60.57
CA ILE B 788 27.22 -17.34 -59.98
C ILE B 788 28.26 -17.19 -61.09
N TYR B 789 28.31 -16.00 -61.69
CA TYR B 789 29.22 -15.75 -62.79
C TYR B 789 30.61 -15.39 -62.28
N LYS B 790 31.62 -15.70 -63.08
CA LYS B 790 33.01 -15.45 -62.73
C LYS B 790 33.73 -14.77 -63.88
N THR B 791 34.55 -13.78 -63.56
CA THR B 791 35.32 -13.09 -64.57
C THR B 791 36.43 -13.99 -65.12
N PRO B 792 36.83 -13.78 -66.39
CA PRO B 792 37.94 -14.56 -66.92
C PRO B 792 39.23 -14.23 -66.20
N PRO B 793 40.17 -15.18 -66.11
CA PRO B 793 41.42 -14.92 -65.38
C PRO B 793 42.26 -13.81 -65.97
N ILE B 794 42.10 -13.49 -67.26
CA ILE B 794 42.86 -12.44 -67.91
C ILE B 794 42.03 -11.17 -67.91
N LYS B 795 42.55 -10.12 -67.27
CA LYS B 795 41.83 -8.85 -67.12
C LYS B 795 42.21 -7.91 -68.26
N ASP B 796 41.70 -8.23 -69.45
CA ASP B 796 41.94 -7.44 -70.65
C ASP B 796 40.60 -7.10 -71.28
N PHE B 797 40.08 -5.90 -70.98
CA PHE B 797 38.78 -5.46 -71.46
C PHE B 797 38.91 -4.26 -72.40
N GLY B 798 39.95 -4.26 -73.22
CA GLY B 798 40.14 -3.18 -74.16
C GLY B 798 40.60 -1.88 -73.55
N GLY B 799 41.19 -1.93 -72.35
CA GLY B 799 41.69 -0.75 -71.67
C GLY B 799 40.94 -0.39 -70.41
N PHE B 800 39.70 -0.86 -70.26
CA PHE B 800 38.96 -0.62 -69.04
C PHE B 800 39.54 -1.46 -67.91
N ASN B 801 39.61 -0.86 -66.72
CA ASN B 801 40.47 -1.36 -65.64
C ASN B 801 39.58 -1.47 -64.39
N PHE B 802 39.03 -2.65 -64.15
CA PHE B 802 38.09 -2.88 -63.05
C PHE B 802 38.77 -3.43 -61.81
N SER B 803 40.04 -3.10 -61.58
CA SER B 803 40.74 -3.66 -60.43
C SER B 803 40.14 -3.20 -59.11
N GLN B 804 39.49 -2.04 -59.10
CA GLN B 804 38.99 -1.46 -57.86
C GLN B 804 37.63 -2.01 -57.44
N ILE B 805 36.92 -2.70 -58.32
CA ILE B 805 35.61 -3.23 -57.98
C ILE B 805 35.56 -4.75 -58.03
N LEU B 806 36.45 -5.41 -58.77
CA LEU B 806 36.47 -6.86 -58.79
C LEU B 806 37.04 -7.40 -57.47
N PRO B 807 36.66 -8.61 -57.08
CA PRO B 807 37.21 -9.19 -55.85
C PRO B 807 38.73 -9.31 -55.93
N ASP B 808 39.38 -9.10 -54.80
CA ASP B 808 40.83 -9.14 -54.74
C ASP B 808 41.23 -10.42 -54.03
N PRO B 809 41.79 -11.40 -54.74
CA PRO B 809 42.05 -12.71 -54.10
C PRO B 809 43.11 -12.70 -53.01
N SER B 810 44.04 -11.74 -53.03
CA SER B 810 45.11 -11.76 -52.03
C SER B 810 44.57 -11.55 -50.63
N LYS B 811 43.59 -10.65 -50.47
CA LYS B 811 42.97 -10.47 -49.17
C LYS B 811 42.15 -11.70 -48.81
N PRO B 812 42.17 -12.13 -47.54
CA PRO B 812 41.44 -13.34 -47.18
C PRO B 812 39.93 -13.21 -47.27
N SER B 813 39.39 -12.00 -47.13
CA SER B 813 37.95 -11.81 -47.09
C SER B 813 37.30 -11.81 -48.47
N LYS B 814 38.10 -11.84 -49.54
CA LYS B 814 37.59 -11.84 -50.91
C LYS B 814 36.71 -10.63 -51.18
N ARG B 815 37.12 -9.47 -50.67
CA ARG B 815 36.42 -8.21 -50.89
C ARG B 815 37.22 -7.34 -51.84
N SER B 816 36.51 -6.59 -52.69
CA SER B 816 37.15 -5.60 -53.52
C SER B 816 37.66 -4.45 -52.65
N PRO B 817 38.65 -3.69 -53.15
CA PRO B 817 39.18 -2.58 -52.33
C PRO B 817 38.11 -1.59 -51.89
N ILE B 818 37.14 -1.29 -52.75
CA ILE B 818 36.08 -0.37 -52.37
C ILE B 818 35.21 -0.98 -51.28
N GLU B 819 34.87 -2.27 -51.41
CA GLU B 819 34.07 -2.93 -50.38
C GLU B 819 34.81 -2.97 -49.05
N ASP B 820 36.12 -3.26 -49.08
CA ASP B 820 36.89 -3.27 -47.85
C ASP B 820 36.94 -1.89 -47.22
N LEU B 821 37.10 -0.85 -48.04
CA LEU B 821 37.08 0.52 -47.52
C LEU B 821 35.74 0.83 -46.88
N LEU B 822 34.64 0.43 -47.52
CA LEU B 822 33.31 0.67 -46.95
C LEU B 822 33.13 -0.06 -45.62
N PHE B 823 33.60 -1.31 -45.54
CA PHE B 823 33.48 -2.07 -44.30
C PHE B 823 34.30 -1.43 -43.19
N ASN B 824 35.52 -0.96 -43.51
CA ASN B 824 36.35 -0.34 -42.49
C ASN B 824 35.79 1.00 -42.04
N LYS B 825 35.20 1.76 -42.96
CA LYS B 825 34.70 3.09 -42.63
C LYS B 825 33.58 3.03 -41.59
N VAL B 826 32.65 2.10 -41.75
CA VAL B 826 31.53 1.99 -40.82
C VAL B 826 32.03 1.33 -39.54
N THR B 827 31.90 2.06 -38.43
CA THR B 827 32.33 1.58 -37.12
C THR B 827 31.15 1.60 -36.16
N LEU B 828 31.05 0.56 -35.33
CA LEU B 828 29.97 0.45 -34.37
C LEU B 828 30.50 0.65 -32.95
N PHE B 855 21.70 -10.51 -21.02
CA PHE B 855 21.60 -9.10 -20.65
C PHE B 855 20.32 -8.83 -19.88
N ASN B 856 19.30 -8.37 -20.60
CA ASN B 856 17.97 -8.13 -20.04
C ASN B 856 16.91 -8.66 -20.99
N GLY B 857 17.12 -9.86 -21.52
CA GLY B 857 16.24 -10.43 -22.50
C GLY B 857 16.55 -10.04 -23.93
N LEU B 858 17.52 -9.15 -24.15
CA LEU B 858 17.90 -8.75 -25.49
C LEU B 858 18.60 -9.90 -26.22
N THR B 859 18.31 -10.03 -27.51
CA THR B 859 18.97 -11.03 -28.32
C THR B 859 19.13 -10.47 -29.72
N VAL B 860 20.30 -10.67 -30.32
CA VAL B 860 20.60 -10.22 -31.67
C VAL B 860 20.72 -11.44 -32.55
N LEU B 861 19.71 -11.67 -33.37
CA LEU B 861 19.73 -12.81 -34.28
C LEU B 861 20.67 -12.53 -35.45
N PRO B 862 21.54 -13.47 -35.81
CA PRO B 862 22.46 -13.23 -36.92
C PRO B 862 21.72 -13.17 -38.24
N PRO B 863 22.20 -12.39 -39.20
CA PRO B 863 21.53 -12.34 -40.50
C PRO B 863 21.60 -13.69 -41.22
N LEU B 864 20.57 -13.97 -42.02
CA LEU B 864 20.55 -15.21 -42.77
C LEU B 864 21.67 -15.24 -43.81
N LEU B 865 21.96 -14.11 -44.45
CA LEU B 865 23.03 -14.00 -45.42
C LEU B 865 24.24 -13.33 -44.74
N THR B 866 25.34 -14.07 -44.66
CA THR B 866 26.56 -13.50 -44.12
C THR B 866 27.15 -12.51 -45.13
N ASP B 867 28.10 -11.70 -44.66
CA ASP B 867 28.76 -10.74 -45.55
C ASP B 867 29.51 -11.44 -46.67
N GLU B 868 30.00 -12.65 -46.42
CA GLU B 868 30.70 -13.40 -47.46
C GLU B 868 29.77 -13.72 -48.62
N MET B 869 28.54 -14.15 -48.34
CA MET B 869 27.61 -14.48 -49.41
C MET B 869 27.09 -13.24 -50.11
N ILE B 870 26.91 -12.14 -49.40
CA ILE B 870 26.56 -10.88 -50.06
C ILE B 870 27.68 -10.46 -51.00
N ALA B 871 28.94 -10.62 -50.56
CA ALA B 871 30.07 -10.32 -51.43
C ALA B 871 30.10 -11.23 -52.65
N GLN B 872 29.78 -12.52 -52.46
CA GLN B 872 29.73 -13.43 -53.59
C GLN B 872 28.64 -13.03 -54.58
N TYR B 873 27.47 -12.64 -54.08
CA TYR B 873 26.40 -12.18 -54.95
C TYR B 873 26.81 -10.94 -55.73
N THR B 874 27.45 -9.98 -55.05
CA THR B 874 27.92 -8.78 -55.72
C THR B 874 28.97 -9.12 -56.77
N SER B 875 29.86 -10.06 -56.47
CA SER B 875 30.86 -10.48 -57.44
C SER B 875 30.23 -11.13 -58.66
N ALA B 876 29.21 -11.96 -58.44
CA ALA B 876 28.51 -12.57 -59.56
C ALA B 876 27.83 -11.52 -60.43
N LEU B 877 27.18 -10.54 -59.80
CA LEU B 877 26.54 -9.47 -60.55
C LEU B 877 27.56 -8.67 -61.34
N LEU B 878 28.70 -8.34 -60.73
CA LEU B 878 29.74 -7.59 -61.42
C LEU B 878 30.30 -8.37 -62.60
N ALA B 879 30.56 -9.66 -62.40
CA ALA B 879 31.09 -10.48 -63.49
C ALA B 879 30.09 -10.56 -64.64
N GLY B 880 28.82 -10.76 -64.32
CA GLY B 880 27.81 -10.81 -65.37
C GLY B 880 27.72 -9.51 -66.14
N THR B 881 27.70 -8.38 -65.42
CA THR B 881 27.61 -7.08 -66.08
C THR B 881 28.83 -6.82 -66.95
N ILE B 882 30.02 -7.19 -66.47
CA ILE B 882 31.24 -6.91 -67.23
C ILE B 882 31.30 -7.79 -68.48
N THR B 883 30.99 -9.08 -68.35
CA THR B 883 31.22 -10.00 -69.46
C THR B 883 30.07 -10.05 -70.46
N SER B 884 28.82 -10.02 -69.99
CA SER B 884 27.69 -10.25 -70.88
C SER B 884 26.76 -9.04 -71.02
N GLY B 885 27.07 -7.92 -70.38
CA GLY B 885 26.20 -6.76 -70.51
C GLY B 885 24.89 -6.96 -69.77
N TRP B 886 23.79 -6.58 -70.42
CA TRP B 886 22.47 -6.72 -69.84
C TRP B 886 21.78 -8.02 -70.21
N THR B 887 22.44 -8.90 -70.96
CA THR B 887 21.79 -10.12 -71.43
C THR B 887 21.50 -11.08 -70.29
N PHE B 888 22.42 -11.20 -69.32
CA PHE B 888 22.25 -12.19 -68.26
C PHE B 888 21.07 -11.87 -67.36
N GLY B 889 20.61 -10.63 -67.33
CA GLY B 889 19.45 -10.27 -66.54
C GLY B 889 18.12 -10.54 -67.21
N ALA B 890 18.14 -11.03 -68.45
CA ALA B 890 16.91 -11.31 -69.19
C ALA B 890 16.95 -12.69 -69.86
N GLY B 891 17.75 -13.61 -69.33
CA GLY B 891 17.87 -14.92 -69.91
C GLY B 891 19.29 -15.45 -69.83
N PRO B 892 19.66 -16.31 -70.78
CA PRO B 892 21.05 -16.81 -70.80
C PRO B 892 22.04 -15.69 -71.00
N ALA B 893 23.19 -15.82 -70.34
CA ALA B 893 24.24 -14.82 -70.45
C ALA B 893 24.96 -14.97 -71.79
N LEU B 894 24.95 -13.92 -72.59
CA LEU B 894 25.57 -13.93 -73.91
C LEU B 894 26.84 -13.11 -73.86
N GLN B 895 27.97 -13.76 -74.13
CA GLN B 895 29.26 -13.09 -74.07
C GLN B 895 29.38 -12.02 -75.16
N ILE B 896 30.10 -10.95 -74.84
CA ILE B 896 30.33 -9.87 -75.78
C ILE B 896 31.55 -9.08 -75.29
N PRO B 897 32.48 -8.72 -76.17
CA PRO B 897 33.61 -7.91 -75.75
C PRO B 897 33.15 -6.58 -75.16
N PHE B 898 33.82 -6.15 -74.11
CA PHE B 898 33.37 -4.97 -73.37
C PHE B 898 33.30 -3.71 -74.24
N PRO B 899 34.24 -3.41 -75.12
CA PRO B 899 34.06 -2.23 -75.99
C PRO B 899 32.79 -2.28 -76.80
N MET B 900 32.38 -3.46 -77.28
CA MET B 900 31.13 -3.54 -78.03
C MET B 900 29.93 -3.30 -77.14
N GLN B 901 29.97 -3.75 -75.88
CA GLN B 901 28.90 -3.44 -74.95
C GLN B 901 28.83 -1.94 -74.69
N MET B 902 29.97 -1.29 -74.53
CA MET B 902 29.98 0.17 -74.38
C MET B 902 29.44 0.85 -75.64
N ALA B 903 29.72 0.29 -76.81
CA ALA B 903 29.17 0.85 -78.04
C ALA B 903 27.65 0.72 -78.07
N TYR B 904 27.13 -0.43 -77.62
CA TYR B 904 25.69 -0.60 -77.53
C TYR B 904 25.08 0.43 -76.58
N ARG B 905 25.72 0.63 -75.44
CA ARG B 905 25.19 1.60 -74.47
C ARG B 905 25.28 3.03 -74.99
N PHE B 906 26.34 3.34 -75.74
CA PHE B 906 26.44 4.65 -76.38
C PHE B 906 25.32 4.84 -77.39
N ASN B 907 25.01 3.80 -78.16
CA ASN B 907 23.85 3.86 -79.04
C ASN B 907 22.56 4.05 -78.23
N GLY B 908 22.52 3.48 -77.02
CA GLY B 908 21.34 3.64 -76.19
C GLY B 908 21.08 5.07 -75.78
N ILE B 909 22.14 5.83 -75.50
CA ILE B 909 21.98 7.21 -75.06
C ILE B 909 21.88 8.14 -76.27
N GLY B 910 21.80 7.56 -77.46
CA GLY B 910 21.63 8.36 -78.67
C GLY B 910 22.91 8.87 -79.31
N VAL B 911 24.05 8.24 -79.03
CA VAL B 911 25.33 8.62 -79.60
C VAL B 911 25.83 7.47 -80.46
N THR B 912 26.30 7.79 -81.66
CA THR B 912 26.80 6.76 -82.57
C THR B 912 28.02 6.06 -81.98
N GLN B 913 28.11 4.75 -82.23
CA GLN B 913 29.16 3.92 -81.65
C GLN B 913 30.55 4.23 -82.20
N ASN B 914 30.62 4.86 -83.37
CA ASN B 914 31.93 5.23 -83.89
C ASN B 914 32.61 6.27 -82.99
N VAL B 915 31.84 7.01 -82.19
CA VAL B 915 32.45 7.93 -81.23
C VAL B 915 33.26 7.14 -80.21
N LEU B 916 32.69 6.06 -79.67
CA LEU B 916 33.42 5.23 -78.72
C LEU B 916 34.61 4.57 -79.38
N TYR B 917 34.42 4.02 -80.58
CA TYR B 917 35.55 3.35 -81.23
C TYR B 917 36.68 4.32 -81.55
N GLU B 918 36.36 5.56 -81.91
CA GLU B 918 37.39 6.55 -82.22
C GLU B 918 37.98 7.22 -80.99
N ASN B 919 37.36 7.08 -79.81
CA ASN B 919 37.93 7.67 -78.59
C ASN B 919 37.97 6.65 -77.46
N GLN B 920 38.24 5.39 -77.81
CA GLN B 920 38.27 4.31 -76.81
C GLN B 920 39.33 4.54 -75.74
N LYS B 921 40.54 4.93 -76.14
CA LYS B 921 41.59 5.13 -75.14
C LYS B 921 41.23 6.25 -74.18
N LEU B 922 40.71 7.37 -74.72
CA LEU B 922 40.32 8.48 -73.87
C LEU B 922 39.20 8.08 -72.92
N ILE B 923 38.22 7.33 -73.41
CA ILE B 923 37.10 6.92 -72.55
C ILE B 923 37.57 5.97 -71.46
N ALA B 924 38.47 5.03 -71.81
CA ALA B 924 39.00 4.13 -70.80
C ALA B 924 39.79 4.87 -69.74
N ASN B 925 40.61 5.85 -70.15
CA ASN B 925 41.37 6.63 -69.18
C ASN B 925 40.43 7.42 -68.28
N GLN B 926 39.38 8.01 -68.85
CA GLN B 926 38.41 8.75 -68.03
C GLN B 926 37.71 7.83 -67.05
N PHE B 927 37.34 6.63 -67.48
CA PHE B 927 36.69 5.67 -66.59
C PHE B 927 37.61 5.30 -65.43
N ASN B 928 38.87 5.00 -65.73
CA ASN B 928 39.82 4.64 -64.67
C ASN B 928 40.03 5.79 -63.70
N SER B 929 40.18 7.00 -64.22
CA SER B 929 40.37 8.17 -63.36
C SER B 929 39.14 8.40 -62.48
N ALA B 930 37.95 8.21 -63.04
CA ALA B 930 36.73 8.38 -62.25
C ALA B 930 36.66 7.35 -61.12
N ILE B 931 37.02 6.09 -61.41
CA ILE B 931 37.01 5.08 -60.36
C ILE B 931 38.01 5.42 -59.27
N GLY B 932 39.21 5.85 -59.65
CA GLY B 932 40.20 6.23 -58.66
C GLY B 932 39.74 7.41 -57.81
N LYS B 933 39.14 8.42 -58.44
CA LYS B 933 38.63 9.56 -57.69
C LYS B 933 37.51 9.14 -56.76
N ILE B 934 36.67 8.19 -57.17
CA ILE B 934 35.60 7.71 -56.31
C ILE B 934 36.18 7.05 -55.06
N GLN B 935 37.19 6.20 -55.25
CA GLN B 935 37.81 5.56 -54.09
C GLN B 935 38.45 6.61 -53.18
N ASP B 936 39.15 7.59 -53.76
CA ASP B 936 39.78 8.62 -52.94
C ASP B 936 38.74 9.43 -52.17
N SER B 937 37.63 9.78 -52.82
CA SER B 937 36.57 10.54 -52.15
C SER B 937 35.96 9.75 -51.01
N LEU B 938 35.75 8.45 -51.20
CA LEU B 938 35.24 7.62 -50.12
C LEU B 938 36.24 7.54 -48.98
N SER B 939 37.53 7.43 -49.29
CA SER B 939 38.53 7.26 -48.24
C SER B 939 38.72 8.53 -47.43
N SER B 940 38.77 9.69 -48.08
CA SER B 940 39.16 10.94 -47.44
C SER B 940 37.95 11.80 -47.07
N THR B 941 36.82 11.18 -46.74
CA THR B 941 35.63 11.92 -46.32
C THR B 941 34.84 11.03 -45.38
N PRO B 942 34.92 11.28 -44.05
CA PRO B 942 34.16 10.49 -43.07
C PRO B 942 32.72 10.97 -42.89
N SER B 943 32.07 11.34 -43.99
CA SER B 943 30.67 11.71 -43.96
C SER B 943 29.90 11.18 -45.16
N ALA B 944 30.53 10.40 -46.04
CA ALA B 944 29.82 9.90 -47.21
C ALA B 944 28.84 8.80 -46.83
N LEU B 945 29.20 7.97 -45.87
CA LEU B 945 28.39 6.82 -45.47
C LEU B 945 27.50 7.13 -44.27
N GLY B 946 27.03 8.38 -44.16
CA GLY B 946 26.18 8.75 -43.03
C GLY B 946 24.83 8.07 -43.02
N LYS B 947 24.34 7.61 -44.17
CA LYS B 947 23.01 7.02 -44.23
C LYS B 947 22.95 5.71 -43.43
N LEU B 948 23.99 4.87 -43.55
CA LEU B 948 24.02 3.63 -42.77
C LEU B 948 24.38 3.90 -41.32
N GLN B 949 25.25 4.89 -41.10
CA GLN B 949 25.65 5.24 -39.73
C GLN B 949 24.46 5.72 -38.92
N ASP B 950 23.57 6.50 -39.55
CA ASP B 950 22.38 6.97 -38.84
C ASP B 950 21.49 5.80 -38.44
N VAL B 951 21.30 4.81 -39.31
CA VAL B 951 20.48 3.66 -38.97
C VAL B 951 21.09 2.89 -37.81
N VAL B 952 22.40 2.65 -37.87
CA VAL B 952 23.08 1.92 -36.80
C VAL B 952 22.96 2.66 -35.48
N ASN B 953 23.20 3.97 -35.51
CA ASN B 953 23.12 4.77 -34.29
C ASN B 953 21.70 4.80 -33.74
N GLN B 954 20.70 4.90 -34.61
CA GLN B 954 19.31 4.90 -34.15
C GLN B 954 18.95 3.60 -33.47
N ASN B 955 19.34 2.46 -34.06
CA ASN B 955 19.05 1.18 -33.44
C ASN B 955 19.75 1.03 -32.09
N ALA B 956 21.04 1.40 -32.05
CA ALA B 956 21.79 1.28 -30.80
C ALA B 956 21.21 2.18 -29.72
N GLN B 957 20.84 3.41 -30.08
CA GLN B 957 20.28 4.34 -29.12
C GLN B 957 18.91 3.90 -28.62
N ALA B 958 18.09 3.34 -29.51
CA ALA B 958 16.81 2.81 -29.08
C ALA B 958 16.99 1.68 -28.09
N LEU B 959 17.94 0.77 -28.36
CA LEU B 959 18.22 -0.30 -27.41
C LEU B 959 18.73 0.25 -26.09
N ASN B 960 19.60 1.25 -26.13
CA ASN B 960 20.12 1.84 -24.90
C ASN B 960 19.01 2.47 -24.08
N THR B 961 18.10 3.19 -24.73
CA THR B 961 16.97 3.80 -24.02
C THR B 961 16.06 2.73 -23.43
N LEU B 962 15.80 1.66 -24.18
CA LEU B 962 14.98 0.57 -23.66
C LEU B 962 15.60 -0.05 -22.42
N VAL B 963 16.92 -0.25 -22.44
CA VAL B 963 17.58 -0.83 -21.27
C VAL B 963 17.55 0.15 -20.10
N LYS B 964 17.84 1.43 -20.35
CA LYS B 964 17.87 2.42 -19.28
C LYS B 964 16.50 2.66 -18.67
N GLN B 965 15.42 2.36 -19.40
CA GLN B 965 14.08 2.51 -18.83
C GLN B 965 13.85 1.56 -17.65
N LEU B 966 14.68 0.52 -17.50
CA LEU B 966 14.54 -0.39 -16.37
C LEU B 966 14.91 0.25 -15.04
N SER B 967 15.64 1.36 -15.06
CA SER B 967 16.10 2.00 -13.84
C SER B 967 15.20 3.14 -13.41
N SER B 968 13.89 3.04 -13.69
CA SER B 968 12.92 4.04 -13.29
C SER B 968 11.86 3.39 -12.41
N ASN B 969 11.50 4.08 -11.33
CA ASN B 969 10.53 3.56 -10.39
C ASN B 969 9.09 3.66 -10.91
N PHE B 970 8.82 4.60 -11.80
CA PHE B 970 7.47 4.83 -12.35
C PHE B 970 6.45 5.08 -11.25
N GLY B 971 6.88 5.70 -10.15
CA GLY B 971 6.01 5.98 -9.03
C GLY B 971 6.09 5.00 -7.89
N ALA B 972 6.72 3.85 -8.09
CA ALA B 972 6.89 2.88 -7.03
C ALA B 972 7.97 3.33 -6.05
N ILE B 973 8.11 2.59 -4.96
CA ILE B 973 9.10 2.95 -3.94
C ILE B 973 10.52 2.79 -4.47
N SER B 974 10.76 1.80 -5.33
CA SER B 974 12.09 1.56 -5.85
C SER B 974 11.99 0.94 -7.24
N SER B 975 13.02 1.16 -8.05
CA SER B 975 13.06 0.58 -9.39
C SER B 975 13.40 -0.91 -9.34
N VAL B 976 14.13 -1.34 -8.32
CA VAL B 976 14.50 -2.74 -8.18
C VAL B 976 13.28 -3.55 -7.74
N LEU B 977 13.13 -4.74 -8.29
CA LEU B 977 12.03 -5.61 -7.90
C LEU B 977 12.35 -6.43 -6.67
N ASN B 978 13.61 -6.84 -6.52
CA ASN B 978 13.99 -7.72 -5.42
C ASN B 978 13.81 -7.03 -4.06
N ASP B 979 14.22 -5.77 -3.95
CA ASP B 979 14.09 -5.09 -2.67
C ASP B 979 12.64 -4.73 -2.37
N ILE B 980 11.83 -4.48 -3.40
CA ILE B 980 10.39 -4.31 -3.18
C ILE B 980 9.79 -5.59 -2.63
N LEU B 981 10.17 -6.73 -3.21
CA LEU B 981 9.64 -8.01 -2.73
C LEU B 981 10.09 -8.29 -1.31
N SER B 982 11.34 -7.99 -0.98
CA SER B 982 11.87 -8.32 0.34
C SER B 982 11.33 -7.38 1.41
N ARG B 983 11.23 -6.08 1.12
CA ARG B 983 10.90 -5.11 2.15
C ARG B 983 9.43 -5.16 2.52
N LEU B 984 8.55 -5.36 1.54
CA LEU B 984 7.12 -5.21 1.74
C LEU B 984 6.40 -6.55 1.61
N ASP B 985 5.32 -6.70 2.38
CA ASP B 985 4.48 -7.87 2.30
C ASP B 985 3.65 -7.83 1.02
N PRO B 986 3.08 -8.97 0.61
CA PRO B 986 2.36 -9.05 -0.67
C PRO B 986 1.27 -8.00 -0.84
N PRO B 987 0.50 -7.65 0.21
CA PRO B 987 -0.65 -6.74 -0.02
C PRO B 987 -0.32 -5.43 -0.74
N GLU B 988 0.80 -4.78 -0.43
CA GLU B 988 1.18 -3.57 -1.15
C GLU B 988 2.38 -3.76 -2.07
N ALA B 989 3.21 -4.78 -1.83
CA ALA B 989 4.20 -5.15 -2.82
C ALA B 989 3.54 -5.46 -4.15
N GLU B 990 2.33 -6.03 -4.13
CA GLU B 990 1.62 -6.29 -5.37
C GLU B 990 1.32 -4.99 -6.11
N VAL B 991 0.91 -3.95 -5.39
CA VAL B 991 0.66 -2.66 -6.02
C VAL B 991 1.94 -2.10 -6.62
N GLN B 992 3.05 -2.21 -5.88
CA GLN B 992 4.32 -1.69 -6.39
C GLN B 992 4.76 -2.42 -7.66
N ILE B 993 4.68 -3.76 -7.67
CA ILE B 993 5.01 -4.51 -8.88
C ILE B 993 4.04 -4.19 -10.01
N ASP B 994 2.77 -3.91 -9.69
CA ASP B 994 1.84 -3.54 -10.74
C ASP B 994 2.25 -2.22 -11.39
N ARG B 995 2.67 -1.24 -10.59
CA ARG B 995 3.16 0.02 -11.13
C ARG B 995 4.39 -0.21 -12.02
N LEU B 996 5.33 -1.01 -11.53
CA LEU B 996 6.53 -1.28 -12.31
C LEU B 996 6.20 -2.00 -13.61
N ILE B 997 5.29 -2.97 -13.55
CA ILE B 997 4.89 -3.71 -14.74
C ILE B 997 4.24 -2.78 -15.76
N THR B 998 3.37 -1.89 -15.30
CA THR B 998 2.73 -0.95 -16.21
C THR B 998 3.76 -0.06 -16.89
N GLY B 999 4.71 0.47 -16.11
CA GLY B 999 5.73 1.33 -16.70
C GLY B 999 6.59 0.61 -17.72
N ARG B 1000 7.07 -0.59 -17.37
CA ARG B 1000 7.95 -1.32 -18.26
C ARG B 1000 7.21 -1.81 -19.51
N LEU B 1001 5.95 -2.21 -19.36
CA LEU B 1001 5.16 -2.61 -20.52
C LEU B 1001 4.92 -1.43 -21.45
N GLN B 1002 4.66 -0.24 -20.89
CA GLN B 1002 4.51 0.93 -21.74
C GLN B 1002 5.80 1.25 -22.49
N SER B 1003 6.94 1.15 -21.81
CA SER B 1003 8.22 1.39 -22.48
C SER B 1003 8.44 0.38 -23.60
N LEU B 1004 8.13 -0.89 -23.36
CA LEU B 1004 8.32 -1.92 -24.38
C LEU B 1004 7.38 -1.69 -25.56
N GLN B 1005 6.14 -1.28 -25.30
CA GLN B 1005 5.23 -0.94 -26.39
C GLN B 1005 5.76 0.22 -27.22
N THR B 1006 6.29 1.26 -26.57
CA THR B 1006 6.85 2.37 -27.31
C THR B 1006 8.02 1.92 -28.18
N TYR B 1007 8.89 1.08 -27.63
CA TYR B 1007 10.02 0.59 -28.41
C TYR B 1007 9.56 -0.23 -29.61
N VAL B 1008 8.57 -1.10 -29.41
CA VAL B 1008 8.10 -1.94 -30.50
C VAL B 1008 7.44 -1.11 -31.60
N THR B 1009 6.65 -0.11 -31.22
CA THR B 1009 6.02 0.74 -32.23
C THR B 1009 7.07 1.53 -33.01
N GLN B 1010 8.06 2.08 -32.32
CA GLN B 1010 9.13 2.80 -33.00
C GLN B 1010 9.88 1.88 -33.96
N GLN B 1011 10.16 0.65 -33.52
CA GLN B 1011 10.86 -0.31 -34.38
C GLN B 1011 10.02 -0.68 -35.58
N LEU B 1012 8.70 -0.79 -35.41
CA LEU B 1012 7.83 -1.10 -36.55
C LEU B 1012 7.87 0.02 -37.58
N ILE B 1013 7.79 1.27 -37.12
CA ILE B 1013 7.85 2.39 -38.07
C ILE B 1013 9.20 2.44 -38.78
N ARG B 1014 10.28 2.26 -38.02
CA ARG B 1014 11.61 2.28 -38.61
C ARG B 1014 11.80 1.15 -39.60
N ALA B 1015 11.26 -0.03 -39.30
CA ALA B 1015 11.35 -1.16 -40.20
C ALA B 1015 10.54 -0.93 -41.47
N ALA B 1016 9.40 -0.26 -41.36
CA ALA B 1016 8.65 0.10 -42.57
C ALA B 1016 9.46 1.05 -43.45
N GLU B 1017 10.10 2.05 -42.84
CA GLU B 1017 10.93 2.96 -43.62
C GLU B 1017 12.10 2.22 -44.27
N ILE B 1018 12.73 1.31 -43.54
CA ILE B 1018 13.85 0.55 -44.08
C ILE B 1018 13.38 -0.37 -45.20
N ARG B 1019 12.18 -0.93 -45.08
CA ARG B 1019 11.65 -1.76 -46.16
C ARG B 1019 11.38 -0.94 -47.41
N ALA B 1020 10.88 0.29 -47.24
CA ALA B 1020 10.72 1.15 -48.40
C ALA B 1020 12.07 1.44 -49.06
N SER B 1021 13.09 1.73 -48.25
CA SER B 1021 14.42 1.97 -48.81
C SER B 1021 14.96 0.72 -49.51
N ALA B 1022 14.70 -0.46 -48.94
CA ALA B 1022 15.19 -1.70 -49.54
C ALA B 1022 14.47 -2.01 -50.85
N ASN B 1023 13.18 -1.69 -50.93
CA ASN B 1023 12.48 -1.83 -52.20
C ASN B 1023 13.05 -0.88 -53.25
N LEU B 1024 13.37 0.35 -52.85
CA LEU B 1024 14.01 1.28 -53.78
C LEU B 1024 15.36 0.75 -54.24
N ALA B 1025 16.14 0.19 -53.31
CA ALA B 1025 17.45 -0.35 -53.66
C ALA B 1025 17.31 -1.55 -54.62
N ALA B 1026 16.31 -2.40 -54.38
CA ALA B 1026 16.07 -3.53 -55.27
C ALA B 1026 15.68 -3.05 -56.67
N THR B 1027 14.83 -2.02 -56.74
CA THR B 1027 14.46 -1.46 -58.03
C THR B 1027 15.68 -0.91 -58.76
N LYS B 1028 16.54 -0.19 -58.03
CA LYS B 1028 17.75 0.35 -58.65
C LYS B 1028 18.68 -0.77 -59.11
N MET B 1029 18.79 -1.83 -58.34
CA MET B 1029 19.61 -2.96 -58.76
C MET B 1029 19.06 -3.62 -60.01
N SER B 1030 17.74 -3.76 -60.09
CA SER B 1030 17.13 -4.40 -61.25
C SER B 1030 17.26 -3.55 -62.51
N GLU B 1031 17.13 -2.22 -62.36
CA GLU B 1031 17.08 -1.35 -63.53
C GLU B 1031 18.43 -0.75 -63.91
N CYS B 1032 19.14 -0.13 -62.96
CA CYS B 1032 20.40 0.51 -63.28
C CYS B 1032 21.50 -0.49 -63.57
N VAL B 1033 21.50 -1.63 -62.88
CA VAL B 1033 22.61 -2.59 -62.99
C VAL B 1033 22.35 -3.63 -64.07
N LEU B 1034 21.22 -4.33 -63.98
CA LEU B 1034 20.90 -5.37 -64.94
C LEU B 1034 20.44 -4.84 -66.29
N GLY B 1035 20.58 -3.54 -66.52
CA GLY B 1035 20.18 -2.95 -67.78
C GLY B 1035 20.53 -1.48 -67.79
N GLN B 1036 20.16 -0.84 -68.89
CA GLN B 1036 20.38 0.60 -69.08
C GLN B 1036 19.05 1.31 -68.92
N SER B 1037 19.01 2.32 -68.05
CA SER B 1037 17.77 3.00 -67.69
C SER B 1037 17.67 4.33 -68.42
N LYS B 1038 16.54 4.57 -69.06
CA LYS B 1038 16.25 5.85 -69.69
C LYS B 1038 15.60 6.85 -68.74
N ARG B 1039 15.32 6.44 -67.51
CA ARG B 1039 14.73 7.35 -66.52
C ARG B 1039 15.76 8.38 -66.09
N VAL B 1040 15.34 9.65 -66.07
CA VAL B 1040 16.26 10.75 -65.79
C VAL B 1040 16.56 10.77 -64.30
N ASP B 1041 17.85 10.90 -63.97
CA ASP B 1041 18.36 11.02 -62.61
C ASP B 1041 18.06 9.80 -61.75
N PHE B 1042 17.56 8.72 -62.33
CA PHE B 1042 17.31 7.51 -61.55
C PHE B 1042 18.60 6.75 -61.26
N CYS B 1043 19.59 6.85 -62.14
CA CYS B 1043 20.87 6.17 -61.99
C CYS B 1043 22.01 7.17 -62.09
N GLY B 1044 21.90 8.27 -61.36
CA GLY B 1044 22.92 9.30 -61.35
C GLY B 1044 22.64 10.42 -62.33
N LYS B 1045 23.28 11.56 -62.08
CA LYS B 1045 23.09 12.73 -62.93
C LYS B 1045 23.87 12.56 -64.22
N GLY B 1046 23.19 12.77 -65.34
CA GLY B 1046 23.75 12.59 -66.67
C GLY B 1046 22.99 11.53 -67.43
N TYR B 1047 23.61 11.07 -68.52
CA TYR B 1047 23.03 10.01 -69.34
C TYR B 1047 23.62 8.68 -68.87
N HIS B 1048 22.79 7.87 -68.21
CA HIS B 1048 23.27 6.65 -67.58
C HIS B 1048 23.77 5.66 -68.61
N LEU B 1049 24.93 5.05 -68.34
CA LEU B 1049 25.50 4.02 -69.18
C LEU B 1049 25.44 2.65 -68.49
N MET B 1050 25.98 2.54 -67.28
CA MET B 1050 25.97 1.29 -66.54
C MET B 1050 26.15 1.60 -65.05
N SER B 1051 25.91 0.58 -64.24
CA SER B 1051 26.07 0.70 -62.80
C SER B 1051 26.78 -0.53 -62.25
N PHE B 1052 27.52 -0.31 -61.16
CA PHE B 1052 28.24 -1.39 -60.49
C PHE B 1052 27.78 -1.50 -59.04
N PRO B 1053 27.20 -2.61 -58.62
CA PRO B 1053 26.85 -2.77 -57.20
C PRO B 1053 28.08 -3.03 -56.35
N GLN B 1054 27.97 -2.66 -55.07
CA GLN B 1054 29.01 -2.90 -54.09
C GLN B 1054 28.36 -3.16 -52.75
N SER B 1055 28.82 -4.19 -52.04
CA SER B 1055 28.29 -4.49 -50.72
C SER B 1055 28.70 -3.43 -49.72
N ALA B 1056 27.85 -3.21 -48.71
CA ALA B 1056 28.17 -2.30 -47.63
C ALA B 1056 27.53 -2.84 -46.36
N PRO B 1057 28.07 -2.50 -45.19
CA PRO B 1057 27.48 -3.01 -43.94
C PRO B 1057 26.04 -2.56 -43.78
N HIS B 1058 25.12 -3.53 -43.86
CA HIS B 1058 23.68 -3.26 -43.81
C HIS B 1058 23.25 -2.31 -44.91
N GLY B 1059 23.82 -2.45 -46.10
CA GLY B 1059 23.44 -1.57 -47.18
C GLY B 1059 24.15 -1.91 -48.48
N VAL B 1060 23.87 -1.09 -49.49
CA VAL B 1060 24.45 -1.28 -50.82
C VAL B 1060 24.91 0.08 -51.35
N VAL B 1061 25.96 0.05 -52.15
CA VAL B 1061 26.53 1.25 -52.76
C VAL B 1061 26.60 1.03 -54.27
N PHE B 1062 25.98 1.93 -55.02
CA PHE B 1062 25.95 1.84 -56.47
C PHE B 1062 26.94 2.84 -57.05
N LEU B 1063 27.76 2.38 -57.99
CA LEU B 1063 28.67 3.22 -58.76
C LEU B 1063 28.02 3.43 -60.12
N HIS B 1064 27.42 4.61 -60.30
CA HIS B 1064 26.71 4.95 -61.53
C HIS B 1064 27.69 5.64 -62.48
N VAL B 1065 27.88 5.05 -63.66
CA VAL B 1065 28.69 5.64 -64.71
C VAL B 1065 27.76 6.42 -65.64
N THR B 1066 28.10 7.68 -65.91
CA THR B 1066 27.25 8.54 -66.70
C THR B 1066 28.07 9.32 -67.72
N TYR B 1067 27.50 9.47 -68.91
CA TYR B 1067 28.02 10.33 -69.97
C TYR B 1067 27.52 11.75 -69.74
N VAL B 1068 28.45 12.71 -69.72
CA VAL B 1068 28.11 14.11 -69.49
C VAL B 1068 28.69 14.94 -70.63
N PRO B 1069 27.87 15.65 -71.39
CA PRO B 1069 28.40 16.50 -72.47
C PRO B 1069 29.23 17.64 -71.91
N ALA B 1070 30.20 18.10 -72.71
CA ALA B 1070 31.06 19.18 -72.28
C ALA B 1070 31.61 19.90 -73.51
N GLN B 1071 32.07 21.14 -73.28
CA GLN B 1071 32.68 21.99 -74.31
C GLN B 1071 31.72 22.20 -75.48
N GLU B 1072 30.61 22.86 -75.15
CA GLU B 1072 29.59 23.15 -76.15
C GLU B 1072 29.99 24.33 -77.00
N LYS B 1073 29.24 24.52 -78.09
CA LYS B 1073 29.50 25.62 -79.01
C LYS B 1073 28.18 26.04 -79.65
N ASN B 1074 27.94 27.36 -79.75
CA ASN B 1074 26.85 27.82 -80.58
C ASN B 1074 27.12 27.61 -82.06
N PHE B 1075 26.06 27.18 -82.75
CA PHE B 1075 25.95 27.13 -84.19
C PHE B 1075 24.61 27.75 -84.57
N THR B 1076 24.43 27.99 -85.86
CA THR B 1076 23.17 28.50 -86.41
C THR B 1076 22.40 27.32 -87.00
N THR B 1077 21.12 27.20 -86.64
CA THR B 1077 20.33 26.04 -86.99
C THR B 1077 19.07 26.47 -87.75
N ALA B 1078 18.56 25.55 -88.56
CA ALA B 1078 17.33 25.73 -89.31
C ALA B 1078 16.51 24.45 -89.19
N PRO B 1079 15.18 24.57 -89.23
CA PRO B 1079 14.35 23.36 -89.11
C PRO B 1079 14.36 22.48 -90.35
N ALA B 1080 14.58 23.05 -91.53
CA ALA B 1080 14.54 22.28 -92.76
C ALA B 1080 15.41 22.96 -93.81
N ILE B 1081 15.74 22.19 -94.86
CA ILE B 1081 16.55 22.68 -95.96
C ILE B 1081 15.71 22.64 -97.23
N CYS B 1082 15.69 23.74 -97.97
CA CYS B 1082 14.90 23.84 -99.19
C CYS B 1082 15.78 23.51 -100.39
N HIS B 1083 15.40 22.49 -101.15
CA HIS B 1083 16.10 22.12 -102.36
C HIS B 1083 15.11 21.62 -103.40
N ASP B 1084 15.23 22.15 -104.63
CA ASP B 1084 14.34 21.80 -105.72
C ASP B 1084 12.87 22.02 -105.35
N GLY B 1085 12.63 23.08 -104.58
CA GLY B 1085 11.28 23.38 -104.15
C GLY B 1085 10.69 22.39 -103.18
N LYS B 1086 11.53 21.62 -102.49
CA LYS B 1086 11.07 20.64 -101.52
C LYS B 1086 11.79 20.84 -100.19
N ALA B 1087 11.11 20.49 -99.11
CA ALA B 1087 11.65 20.65 -97.77
C ALA B 1087 12.25 19.32 -97.31
N HIS B 1088 13.46 19.39 -96.76
CA HIS B 1088 14.17 18.22 -96.27
C HIS B 1088 14.42 18.38 -94.78
N PHE B 1089 14.08 17.34 -94.03
CA PHE B 1089 14.26 17.30 -92.59
C PHE B 1089 15.27 16.22 -92.22
N PRO B 1090 16.05 16.43 -91.16
CA PRO B 1090 17.03 15.40 -90.76
C PRO B 1090 16.33 14.13 -90.31
N ARG B 1091 16.89 12.99 -90.73
CA ARG B 1091 16.34 11.71 -90.31
C ARG B 1091 16.63 11.47 -88.83
N GLU B 1092 17.86 11.70 -88.40
CA GLU B 1092 18.26 11.45 -87.02
C GLU B 1092 18.90 12.65 -86.35
N GLY B 1093 19.66 13.45 -87.09
CA GLY B 1093 20.40 14.55 -86.49
C GLY B 1093 19.71 15.89 -86.53
N VAL B 1094 20.49 16.94 -86.81
CA VAL B 1094 19.99 18.31 -86.80
C VAL B 1094 20.88 19.11 -87.74
N PHE B 1095 20.28 20.09 -88.41
CA PHE B 1095 21.01 20.95 -89.32
C PHE B 1095 21.71 22.07 -88.55
N VAL B 1096 22.99 22.27 -88.82
CA VAL B 1096 23.78 23.32 -88.21
C VAL B 1096 24.59 24.01 -89.31
N SER B 1097 25.27 25.09 -88.93
CA SER B 1097 26.09 25.85 -89.86
C SER B 1097 27.15 26.61 -89.09
N ASN B 1098 28.39 26.54 -89.57
CA ASN B 1098 29.46 27.25 -88.88
C ASN B 1098 29.59 28.68 -89.34
N GLY B 1099 28.69 29.14 -90.21
CA GLY B 1099 28.69 30.52 -90.67
C GLY B 1099 28.52 30.63 -92.16
N THR B 1100 29.10 29.69 -92.89
CA THR B 1100 29.08 29.69 -94.35
C THR B 1100 28.36 28.49 -94.94
N HIS B 1101 28.70 27.28 -94.51
CA HIS B 1101 28.14 26.06 -95.05
C HIS B 1101 27.27 25.37 -94.01
N TRP B 1102 26.38 24.50 -94.49
CA TRP B 1102 25.46 23.77 -93.64
C TRP B 1102 25.80 22.29 -93.60
N PHE B 1103 25.53 21.67 -92.45
CA PHE B 1103 25.75 20.25 -92.26
C PHE B 1103 24.62 19.67 -91.41
N VAL B 1104 24.59 18.35 -91.34
CA VAL B 1104 23.70 17.61 -90.46
C VAL B 1104 24.56 16.82 -89.48
N THR B 1105 24.30 17.01 -88.18
CA THR B 1105 25.12 16.40 -87.14
C THR B 1105 24.22 15.77 -86.09
N GLN B 1106 24.74 14.73 -85.44
CA GLN B 1106 24.00 14.10 -84.35
C GLN B 1106 23.87 15.07 -83.18
N ARG B 1107 22.79 14.90 -82.42
CA ARG B 1107 22.40 15.92 -81.45
C ARG B 1107 23.38 16.01 -80.29
N ASN B 1108 23.87 14.87 -79.81
CA ASN B 1108 24.67 14.85 -78.59
C ASN B 1108 26.17 14.93 -78.84
N PHE B 1109 26.62 15.02 -80.09
CA PHE B 1109 28.04 15.11 -80.39
C PHE B 1109 28.21 15.79 -81.74
N TYR B 1110 29.12 16.76 -81.80
CA TYR B 1110 29.30 17.56 -83.01
C TYR B 1110 30.16 16.76 -83.99
N GLU B 1111 29.49 16.11 -84.95
CA GLU B 1111 30.15 15.37 -86.03
C GLU B 1111 29.52 15.80 -87.33
N PRO B 1112 29.91 16.97 -87.86
CA PRO B 1112 29.25 17.49 -89.06
C PRO B 1112 29.46 16.59 -90.27
N GLN B 1113 28.44 16.51 -91.11
CA GLN B 1113 28.51 15.74 -92.34
C GLN B 1113 27.76 16.49 -93.43
N ILE B 1114 28.18 16.26 -94.68
CA ILE B 1114 27.54 16.92 -95.81
C ILE B 1114 26.09 16.47 -95.90
N ILE B 1115 25.20 17.43 -96.14
CA ILE B 1115 23.76 17.14 -96.23
C ILE B 1115 23.52 16.37 -97.53
N THR B 1116 23.12 15.12 -97.40
CA THR B 1116 22.84 14.25 -98.54
C THR B 1116 21.41 13.73 -98.45
N THR B 1117 21.02 12.92 -99.43
CA THR B 1117 19.71 12.30 -99.43
C THR B 1117 19.65 11.03 -98.61
N ASP B 1118 20.79 10.57 -98.08
CA ASP B 1118 20.83 9.37 -97.26
C ASP B 1118 20.62 9.64 -95.77
N ASN B 1119 20.59 10.91 -95.36
CA ASN B 1119 20.37 11.25 -93.96
C ASN B 1119 19.27 12.27 -93.78
N THR B 1120 18.53 12.62 -94.84
CA THR B 1120 17.40 13.53 -94.76
C THR B 1120 16.21 12.91 -95.49
N PHE B 1121 15.02 13.38 -95.15
CA PHE B 1121 13.81 12.91 -95.80
C PHE B 1121 12.96 14.11 -96.24
N VAL B 1122 12.17 13.89 -97.29
CA VAL B 1122 11.42 14.94 -97.95
C VAL B 1122 9.96 14.88 -97.52
N SER B 1123 9.38 16.04 -97.23
CA SER B 1123 7.97 16.11 -96.86
C SER B 1123 7.46 17.50 -97.20
N GLY B 1124 6.63 17.61 -98.23
CA GLY B 1124 6.06 18.89 -98.61
C GLY B 1124 7.03 19.75 -99.40
N ASN B 1125 6.61 20.99 -99.62
CA ASN B 1125 7.39 21.98 -100.34
C ASN B 1125 7.88 23.07 -99.37
N CYS B 1126 8.61 24.04 -99.92
CA CYS B 1126 9.17 25.12 -99.13
C CYS B 1126 8.17 26.26 -98.94
N ASP B 1127 6.96 25.93 -98.46
CA ASP B 1127 5.93 26.94 -98.32
C ASP B 1127 5.17 26.88 -97.00
N VAL B 1128 5.37 25.86 -96.17
CA VAL B 1128 4.60 25.71 -94.94
C VAL B 1128 5.47 25.70 -93.68
N VAL B 1129 6.79 25.59 -93.81
CA VAL B 1129 7.69 25.52 -92.68
C VAL B 1129 8.26 26.90 -92.41
N ILE B 1130 8.23 27.32 -91.14
CA ILE B 1130 8.75 28.62 -90.75
C ILE B 1130 10.21 28.48 -90.39
N GLY B 1131 11.06 29.22 -91.08
CA GLY B 1131 12.50 29.18 -90.86
C GLY B 1131 13.29 28.33 -91.82
N ILE B 1132 12.68 27.80 -92.88
CA ILE B 1132 13.41 27.03 -93.86
C ILE B 1132 14.33 27.95 -94.65
N VAL B 1133 15.45 27.41 -95.11
CA VAL B 1133 16.48 28.20 -95.79
C VAL B 1133 16.84 27.57 -97.13
N ASN B 1134 17.36 28.41 -98.02
CA ASN B 1134 17.96 27.94 -99.28
C ASN B 1134 19.21 27.14 -98.94
N ASN B 1135 19.36 25.95 -99.55
CA ASN B 1135 20.64 25.25 -99.54
C ASN B 1135 20.56 24.07 -100.50
N THR B 1136 21.71 23.42 -100.71
CA THR B 1136 21.86 22.35 -101.68
C THR B 1136 21.98 21.01 -100.96
N VAL B 1137 21.21 20.03 -101.41
CA VAL B 1137 21.28 18.67 -100.91
C VAL B 1137 21.98 17.82 -101.95
N TYR B 1138 23.15 17.30 -101.61
CA TYR B 1138 23.95 16.53 -102.55
C TYR B 1138 23.36 15.13 -102.74
N ASP B 1139 23.18 14.73 -104.00
CA ASP B 1139 22.67 13.40 -104.32
C ASP B 1139 23.83 12.49 -104.67
N PRO B 1140 24.09 11.44 -103.88
CA PRO B 1140 25.24 10.58 -104.18
C PRO B 1140 25.14 9.83 -105.49
N LEU B 1141 23.95 9.66 -106.04
CA LEU B 1141 23.79 8.91 -107.29
C LEU B 1141 24.13 9.76 -108.50
N GLN B 1142 23.97 11.08 -108.41
CA GLN B 1142 24.21 11.94 -109.57
C GLN B 1142 25.62 11.83 -110.14
N PRO B 1143 26.70 11.79 -109.35
CA PRO B 1143 28.04 11.65 -109.96
C PRO B 1143 28.18 10.42 -110.84
N GLU B 1144 27.55 9.31 -110.46
CA GLU B 1144 27.60 8.10 -111.27
C GLU B 1144 26.36 7.98 -112.15
N GLN C 14 -13.51 -58.59 12.04
CA GLN C 14 -12.29 -59.35 12.26
C GLN C 14 -11.26 -59.07 11.17
N CYS C 15 -10.03 -59.55 11.37
CA CYS C 15 -8.95 -59.36 10.43
C CYS C 15 -8.27 -60.69 10.17
N VAL C 16 -7.75 -60.86 8.95
CA VAL C 16 -7.06 -62.07 8.55
C VAL C 16 -5.90 -61.68 7.63
N ASN C 17 -4.81 -62.44 7.73
CA ASN C 17 -3.62 -62.22 6.91
C ASN C 17 -3.48 -63.36 5.91
N LEU C 18 -2.95 -63.02 4.73
CA LEU C 18 -2.77 -63.98 3.66
C LEU C 18 -1.29 -64.19 3.39
N THR C 19 -0.92 -65.41 3.04
CA THR C 19 0.49 -65.79 2.89
C THR C 19 0.61 -66.69 1.66
N THR C 20 1.75 -67.36 1.55
CA THR C 20 2.07 -68.31 0.46
C THR C 20 1.76 -67.74 -0.93
N ARG C 21 1.85 -66.42 -1.07
CA ARG C 21 1.66 -65.76 -2.35
C ARG C 21 3.00 -65.57 -3.04
N THR C 22 3.07 -65.96 -4.31
CA THR C 22 4.29 -65.79 -5.09
C THR C 22 4.57 -64.30 -5.30
N GLN C 23 5.71 -63.83 -4.81
CA GLN C 23 6.07 -62.43 -4.94
C GLN C 23 6.94 -62.23 -6.17
N LEU C 24 6.55 -61.28 -7.02
CA LEU C 24 7.24 -61.00 -8.26
C LEU C 24 7.54 -59.51 -8.38
N PRO C 25 8.59 -59.15 -9.11
CA PRO C 25 8.89 -57.73 -9.28
C PRO C 25 7.79 -57.03 -10.03
N PRO C 26 7.57 -55.75 -9.77
CA PRO C 26 6.48 -55.03 -10.43
C PRO C 26 6.73 -54.86 -11.92
N ALA C 27 5.62 -54.77 -12.67
CA ALA C 27 5.66 -54.52 -14.10
C ALA C 27 5.17 -53.12 -14.40
N TYR C 28 5.42 -52.67 -15.62
CA TYR C 28 5.11 -51.30 -16.02
C TYR C 28 4.55 -51.31 -17.44
N THR C 29 3.67 -50.35 -17.71
CA THR C 29 3.07 -50.21 -19.03
C THR C 29 3.02 -48.74 -19.41
N ASN C 30 3.36 -48.43 -20.67
CA ASN C 30 3.52 -47.04 -21.10
C ASN C 30 2.21 -46.26 -21.11
N SER C 31 1.07 -46.95 -20.99
CA SER C 31 -0.27 -46.37 -20.79
C SER C 31 -0.78 -45.61 -22.00
N PHE C 32 -0.01 -45.50 -23.08
CA PHE C 32 -0.46 -44.92 -24.36
C PHE C 32 -0.92 -43.49 -24.11
N THR C 33 -2.07 -43.07 -24.65
CA THR C 33 -2.56 -41.70 -24.51
C THR C 33 -3.80 -41.61 -23.65
N ARG C 34 -4.02 -42.58 -22.77
CA ARG C 34 -5.21 -42.58 -21.93
C ARG C 34 -5.07 -41.56 -20.80
N GLY C 35 -6.19 -41.31 -20.12
CA GLY C 35 -6.21 -40.45 -18.95
C GLY C 35 -6.80 -39.08 -19.17
N VAL C 36 -7.25 -38.75 -20.36
CA VAL C 36 -7.80 -37.43 -20.64
C VAL C 36 -9.26 -37.39 -20.22
N TYR C 37 -9.61 -36.43 -19.38
CA TYR C 37 -10.97 -36.24 -18.88
C TYR C 37 -11.43 -34.83 -19.22
N TYR C 38 -12.69 -34.55 -18.91
CA TYR C 38 -13.21 -33.20 -19.07
C TYR C 38 -12.77 -32.33 -17.90
N PRO C 39 -11.96 -31.30 -18.11
CA PRO C 39 -11.50 -30.48 -16.99
C PRO C 39 -12.61 -29.67 -16.34
N ASP C 40 -13.73 -29.48 -17.01
CA ASP C 40 -14.84 -28.70 -16.49
C ASP C 40 -16.12 -29.17 -17.16
N LYS C 41 -17.24 -28.64 -16.68
CA LYS C 41 -18.56 -28.96 -17.23
C LYS C 41 -19.08 -27.84 -18.12
N VAL C 42 -18.18 -27.19 -18.88
CA VAL C 42 -18.55 -26.21 -19.89
C VAL C 42 -18.55 -26.91 -21.24
N PHE C 43 -19.64 -26.78 -21.98
CA PHE C 43 -19.76 -27.40 -23.29
C PHE C 43 -19.06 -26.54 -24.33
N ARG C 44 -18.16 -27.18 -25.09
CA ARG C 44 -17.44 -26.51 -26.16
C ARG C 44 -17.50 -27.38 -27.42
N SER C 45 -17.72 -26.76 -28.57
CA SER C 45 -17.94 -27.48 -29.81
C SER C 45 -17.05 -26.91 -30.91
N SER C 46 -16.34 -27.81 -31.60
CA SER C 46 -15.52 -27.46 -32.76
C SER C 46 -14.48 -26.39 -32.42
N VAL C 47 -13.78 -26.61 -31.31
CA VAL C 47 -12.86 -25.60 -30.79
C VAL C 47 -11.66 -26.29 -30.15
N LEU C 48 -10.48 -25.69 -30.35
CA LEU C 48 -9.27 -26.10 -29.65
C LEU C 48 -9.12 -25.24 -28.41
N HIS C 49 -9.09 -25.88 -27.23
CA HIS C 49 -8.98 -25.15 -25.97
C HIS C 49 -7.78 -25.65 -25.18
N SER C 50 -7.01 -24.71 -24.64
CA SER C 50 -5.82 -25.03 -23.86
C SER C 50 -6.14 -24.86 -22.37
N THR C 51 -5.88 -25.90 -21.60
CA THR C 51 -6.21 -25.88 -20.17
C THR C 51 -5.06 -26.45 -19.36
N GLN C 52 -4.91 -25.92 -18.14
CA GLN C 52 -3.89 -26.36 -17.20
C GLN C 52 -4.58 -27.10 -16.05
N ASP C 53 -4.19 -28.36 -15.84
CA ASP C 53 -4.82 -29.16 -14.80
C ASP C 53 -3.97 -30.40 -14.55
N LEU C 54 -4.30 -31.11 -13.48
CA LEU C 54 -3.65 -32.38 -13.17
C LEU C 54 -4.10 -33.43 -14.18
N PHE C 55 -3.21 -33.81 -15.11
CA PHE C 55 -3.52 -34.79 -16.13
C PHE C 55 -2.55 -35.95 -16.07
N LEU C 56 -2.96 -37.06 -16.65
CA LEU C 56 -2.08 -38.21 -16.79
C LEU C 56 -1.09 -37.95 -17.93
N PRO C 57 0.21 -38.05 -17.69
CA PRO C 57 1.19 -37.82 -18.77
C PRO C 57 1.00 -38.84 -19.90
N PHE C 58 1.20 -38.37 -21.13
CA PHE C 58 1.15 -39.27 -22.27
C PHE C 58 2.41 -40.14 -22.30
N PHE C 59 2.21 -41.43 -22.62
CA PHE C 59 3.30 -42.38 -22.74
C PHE C 59 4.12 -42.47 -21.46
N SER C 60 3.44 -42.45 -20.32
CA SER C 60 4.08 -42.54 -19.01
C SER C 60 3.97 -43.96 -18.49
N ASN C 61 5.07 -44.51 -18.00
CA ASN C 61 5.06 -45.87 -17.49
C ASN C 61 4.32 -45.93 -16.15
N VAL C 62 3.31 -46.78 -16.10
CA VAL C 62 2.40 -46.90 -14.96
C VAL C 62 2.56 -48.29 -14.36
N THR C 63 2.33 -48.37 -13.05
CA THR C 63 2.56 -49.62 -12.34
C THR C 63 1.44 -50.61 -12.64
N TRP C 64 1.82 -51.88 -12.79
CA TRP C 64 0.91 -52.96 -13.12
C TRP C 64 0.82 -53.95 -11.98
N PHE C 65 -0.39 -54.33 -11.60
CA PHE C 65 -0.62 -55.32 -10.57
C PHE C 65 -1.50 -56.44 -11.12
N HIS C 66 -1.04 -57.67 -10.91
CA HIS C 66 -1.72 -58.89 -11.32
C HIS C 66 -2.39 -59.50 -10.11
N ALA C 67 -3.68 -59.80 -10.23
CA ALA C 67 -4.45 -60.37 -9.14
C ALA C 67 -5.21 -61.61 -9.61
N ILE C 68 -4.50 -62.51 -10.29
CA ILE C 68 -5.08 -63.73 -10.79
C ILE C 68 -4.45 -64.91 -10.06
N HIS C 69 -5.19 -66.00 -9.99
CA HIS C 69 -4.72 -67.21 -9.31
C HIS C 69 -3.78 -68.01 -10.21
N LYS C 77 -0.45 -68.04 -7.84
CA LYS C 77 -1.17 -67.38 -6.77
C LYS C 77 -0.74 -65.92 -6.63
N ARG C 78 -1.28 -65.06 -7.50
CA ARG C 78 -1.02 -63.63 -7.44
C ARG C 78 -2.22 -62.94 -6.82
N PHE C 79 -2.01 -62.28 -5.68
CA PHE C 79 -3.07 -61.51 -5.01
C PHE C 79 -2.38 -60.34 -4.32
N ASP C 80 -2.35 -59.19 -5.00
CA ASP C 80 -1.64 -58.02 -4.51
C ASP C 80 -2.60 -56.85 -4.34
N ASN C 81 -2.49 -56.19 -3.19
CA ASN C 81 -3.21 -54.95 -2.91
C ASN C 81 -2.40 -54.02 -2.01
N PRO C 82 -1.15 -53.71 -2.37
CA PRO C 82 -0.26 -53.01 -1.44
C PRO C 82 -0.67 -51.54 -1.29
N VAL C 83 0.01 -50.88 -0.35
CA VAL C 83 -0.22 -49.46 -0.11
C VAL C 83 0.45 -48.65 -1.21
N LEU C 84 -0.31 -47.76 -1.83
CA LEU C 84 0.22 -46.90 -2.88
C LEU C 84 -0.01 -45.43 -2.54
N PRO C 85 0.97 -44.57 -2.77
CA PRO C 85 0.78 -43.14 -2.48
C PRO C 85 -0.28 -42.53 -3.40
N PHE C 86 -0.91 -41.46 -2.90
CA PHE C 86 -1.90 -40.76 -3.70
C PHE C 86 -1.23 -39.79 -4.67
N ASN C 87 -0.36 -38.93 -4.16
CA ASN C 87 0.45 -38.02 -4.97
C ASN C 87 -0.43 -37.13 -5.87
N ASP C 88 -1.35 -36.42 -5.22
CA ASP C 88 -2.17 -35.37 -5.83
C ASP C 88 -3.13 -35.88 -6.90
N GLY C 89 -3.27 -37.19 -7.05
CA GLY C 89 -4.20 -37.72 -8.03
C GLY C 89 -3.83 -39.11 -8.49
N VAL C 90 -4.82 -39.98 -8.71
CA VAL C 90 -4.58 -41.36 -9.09
C VAL C 90 -5.44 -41.71 -10.30
N TYR C 91 -4.82 -42.24 -11.34
CA TYR C 91 -5.53 -42.79 -12.49
C TYR C 91 -5.56 -44.31 -12.34
N PHE C 92 -6.75 -44.86 -12.13
CA PHE C 92 -6.93 -46.29 -11.85
C PHE C 92 -7.63 -46.92 -13.05
N ALA C 93 -6.90 -47.72 -13.82
CA ALA C 93 -7.46 -48.40 -14.98
C ALA C 93 -7.46 -49.90 -14.74
N SER C 94 -8.64 -50.51 -14.76
CA SER C 94 -8.77 -51.92 -14.45
C SER C 94 -9.34 -52.67 -15.63
N THR C 95 -8.63 -53.71 -16.07
CA THR C 95 -9.15 -54.67 -17.05
C THR C 95 -9.82 -55.78 -16.26
N GLU C 96 -11.15 -55.86 -16.36
CA GLU C 96 -11.89 -56.81 -15.55
C GLU C 96 -12.67 -57.77 -16.42
N LYS C 97 -12.79 -59.01 -15.95
CA LYS C 97 -13.50 -60.08 -16.63
C LYS C 97 -14.79 -60.50 -15.94
N SER C 98 -14.77 -60.65 -14.62
CA SER C 98 -15.92 -61.10 -13.87
C SER C 98 -16.09 -60.29 -12.59
N ASN C 99 -15.90 -58.97 -12.68
CA ASN C 99 -16.24 -58.04 -11.59
C ASN C 99 -15.46 -58.37 -10.32
N ILE C 100 -14.14 -58.23 -10.40
CA ILE C 100 -13.27 -58.59 -9.28
C ILE C 100 -13.01 -57.41 -8.36
N ILE C 101 -12.69 -56.24 -8.90
CA ILE C 101 -12.32 -55.09 -8.09
C ILE C 101 -13.60 -54.42 -7.57
N ARG C 102 -13.61 -54.11 -6.27
CA ARG C 102 -14.79 -53.59 -5.60
C ARG C 102 -14.73 -52.09 -5.35
N GLY C 103 -13.72 -51.62 -4.62
CA GLY C 103 -13.67 -50.23 -4.26
C GLY C 103 -12.29 -49.80 -3.83
N TRP C 104 -12.22 -48.61 -3.22
CA TRP C 104 -10.95 -48.03 -2.82
C TRP C 104 -11.07 -47.35 -1.46
N ILE C 105 -9.94 -47.30 -0.76
CA ILE C 105 -9.83 -46.64 0.54
C ILE C 105 -8.75 -45.58 0.44
N PHE C 106 -9.05 -44.38 0.92
CA PHE C 106 -8.10 -43.29 0.95
C PHE C 106 -7.94 -42.82 2.40
N GLY C 107 -6.74 -42.42 2.77
CA GLY C 107 -6.52 -41.98 4.14
C GLY C 107 -5.08 -41.59 4.39
N THR C 108 -4.86 -41.08 5.60
CA THR C 108 -3.53 -40.64 6.02
C THR C 108 -2.70 -41.81 6.55
N THR C 109 -3.19 -42.47 7.60
CA THR C 109 -2.47 -43.54 8.25
C THR C 109 -3.19 -44.87 8.19
N LEU C 110 -4.35 -44.94 7.54
CA LEU C 110 -5.16 -46.16 7.46
C LEU C 110 -5.48 -46.69 8.86
N ASP C 111 -5.77 -45.78 9.78
CA ASP C 111 -6.01 -46.12 11.18
C ASP C 111 -7.24 -45.35 11.67
N SER C 112 -7.61 -45.60 12.91
CA SER C 112 -8.76 -44.96 13.54
C SER C 112 -8.39 -43.65 14.24
N LYS C 113 -7.21 -43.09 13.94
CA LYS C 113 -6.80 -41.82 14.52
C LYS C 113 -6.97 -40.65 13.57
N THR C 114 -7.14 -40.91 12.26
CA THR C 114 -7.35 -39.86 11.27
C THR C 114 -8.53 -40.24 10.39
N GLN C 115 -9.23 -39.21 9.90
CA GLN C 115 -10.41 -39.43 9.06
C GLN C 115 -10.01 -40.19 7.79
N SER C 116 -10.84 -41.16 7.42
CA SER C 116 -10.57 -42.00 6.27
C SER C 116 -11.79 -42.08 5.36
N LEU C 117 -11.54 -42.04 4.06
CA LEU C 117 -12.56 -42.15 3.02
C LEU C 117 -12.63 -43.59 2.55
N LEU C 118 -13.85 -44.11 2.41
CA LEU C 118 -14.09 -45.52 2.12
C LEU C 118 -15.14 -45.60 1.02
N ILE C 119 -14.81 -46.27 -0.08
CA ILE C 119 -15.74 -46.46 -1.19
C ILE C 119 -15.81 -47.96 -1.47
N VAL C 120 -16.93 -48.58 -1.14
CA VAL C 120 -17.14 -50.00 -1.37
C VAL C 120 -18.38 -50.17 -2.24
N ASN C 121 -18.25 -50.93 -3.32
CA ASN C 121 -19.36 -51.20 -4.22
C ASN C 121 -19.80 -52.64 -4.00
N ASN C 122 -20.86 -52.81 -3.22
CA ASN C 122 -21.44 -54.14 -3.04
C ASN C 122 -22.27 -54.52 -4.26
N ALA C 123 -22.95 -55.65 -4.17
CA ALA C 123 -23.71 -56.16 -5.31
C ALA C 123 -24.84 -55.20 -5.68
N THR C 124 -25.53 -54.65 -4.69
CA THR C 124 -26.74 -53.88 -4.94
C THR C 124 -26.50 -52.38 -5.08
N ASN C 125 -25.55 -51.81 -4.35
CA ASN C 125 -25.39 -50.37 -4.31
C ASN C 125 -23.92 -50.00 -4.16
N VAL C 126 -23.62 -48.74 -4.44
CA VAL C 126 -22.32 -48.15 -4.19
C VAL C 126 -22.42 -47.34 -2.91
N VAL C 127 -21.53 -47.62 -1.95
CA VAL C 127 -21.56 -47.01 -0.63
C VAL C 127 -20.27 -46.21 -0.43
N ILE C 128 -20.41 -44.96 -0.01
CA ILE C 128 -19.27 -44.10 0.29
C ILE C 128 -19.45 -43.59 1.71
N LYS C 129 -18.48 -43.91 2.57
CA LYS C 129 -18.52 -43.48 3.97
C LYS C 129 -17.18 -42.89 4.36
N VAL C 130 -17.22 -41.79 5.11
CA VAL C 130 -16.02 -41.09 5.56
C VAL C 130 -16.03 -41.15 7.08
N CYS C 131 -15.27 -42.08 7.66
CA CYS C 131 -15.28 -42.30 9.09
C CYS C 131 -13.89 -42.65 9.59
N GLU C 132 -13.80 -42.92 10.90
CA GLU C 132 -12.55 -43.30 11.55
C GLU C 132 -12.45 -44.83 11.63
N PHE C 133 -12.34 -45.44 10.45
CA PHE C 133 -12.30 -46.89 10.37
C PHE C 133 -11.00 -47.44 10.94
N GLN C 134 -11.08 -48.62 11.56
CA GLN C 134 -9.91 -49.37 12.00
C GLN C 134 -9.66 -50.46 10.98
N PHE C 135 -9.00 -50.07 9.89
CA PHE C 135 -8.78 -50.99 8.78
C PHE C 135 -7.77 -52.07 9.16
N CYS C 136 -7.99 -53.28 8.63
CA CYS C 136 -7.05 -54.36 8.79
C CYS C 136 -5.81 -54.12 7.92
N ASN C 137 -4.76 -54.90 8.20
CA ASN C 137 -3.55 -54.79 7.39
C ASN C 137 -3.78 -55.28 5.96
N ASP C 138 -4.64 -56.29 5.78
CA ASP C 138 -4.97 -56.84 4.46
C ASP C 138 -6.48 -56.98 4.35
N PRO C 139 -7.21 -55.88 4.21
CA PRO C 139 -8.67 -55.96 4.13
C PRO C 139 -9.15 -56.32 2.75
N PHE C 140 -10.34 -56.91 2.69
CA PHE C 140 -10.96 -57.30 1.43
C PHE C 140 -12.40 -57.76 1.66
N LEU C 141 -13.03 -58.18 0.56
CA LEU C 141 -14.36 -58.77 0.55
C LEU C 141 -14.26 -60.19 0.02
N GLY C 142 -15.03 -61.08 0.61
CA GLY C 142 -15.00 -62.49 0.25
C GLY C 142 -16.33 -62.98 -0.29
N VAL C 143 -16.26 -63.74 -1.38
CA VAL C 143 -17.44 -64.27 -2.06
C VAL C 143 -17.42 -65.79 -1.93
N TYR C 144 -18.54 -66.36 -1.48
CA TYR C 144 -18.66 -67.79 -1.27
C TYR C 144 -19.44 -68.41 -2.42
N TYR C 145 -18.94 -69.52 -2.93
CA TYR C 145 -19.55 -70.26 -4.04
C TYR C 145 -19.94 -71.64 -3.52
N HIS C 146 -21.14 -71.75 -2.98
CA HIS C 146 -21.65 -73.02 -2.48
C HIS C 146 -22.14 -73.88 -3.63
N LYS C 147 -21.94 -75.19 -3.50
CA LYS C 147 -22.38 -76.15 -4.52
C LYS C 147 -23.82 -76.60 -4.32
N ASN C 148 -24.50 -76.13 -3.28
CA ASN C 148 -25.91 -76.47 -3.10
C ASN C 148 -26.75 -75.93 -4.25
N ASN C 149 -26.46 -74.72 -4.70
CA ASN C 149 -27.12 -74.13 -5.86
C ASN C 149 -26.15 -73.66 -6.93
N LYS C 150 -24.85 -73.77 -6.69
CA LYS C 150 -23.82 -73.29 -7.62
C LYS C 150 -24.04 -71.83 -8.01
N SER C 151 -24.40 -71.02 -7.01
CA SER C 151 -24.63 -69.59 -7.18
C SER C 151 -23.49 -68.80 -6.55
N TRP C 152 -23.43 -67.52 -6.88
CA TRP C 152 -22.39 -66.63 -6.40
C TRP C 152 -23.01 -65.55 -5.51
N MET C 153 -22.49 -65.43 -4.30
CA MET C 153 -22.93 -64.40 -3.37
C MET C 153 -21.82 -64.12 -2.38
N GLU C 154 -21.71 -62.86 -1.96
CA GLU C 154 -20.67 -62.47 -1.03
C GLU C 154 -21.07 -62.84 0.39
N SER C 155 -20.09 -63.27 1.18
CA SER C 155 -20.33 -63.66 2.56
C SER C 155 -19.31 -63.11 3.55
N GLU C 156 -18.20 -62.53 3.08
CA GLU C 156 -17.16 -62.01 3.97
C GLU C 156 -16.98 -60.52 3.72
N PHE C 157 -16.89 -59.74 4.81
CA PHE C 157 -16.64 -58.31 4.75
C PHE C 157 -15.57 -57.98 5.79
N ARG C 158 -14.30 -58.11 5.43
CA ARG C 158 -13.23 -57.89 6.39
C ARG C 158 -12.46 -56.65 5.96
N VAL C 159 -13.01 -55.49 6.31
CA VAL C 159 -12.44 -54.22 5.90
C VAL C 159 -12.04 -53.42 7.13
N TYR C 160 -13.00 -53.18 8.02
CA TYR C 160 -12.77 -52.37 9.21
C TYR C 160 -13.37 -53.07 10.42
N SER C 161 -12.70 -52.90 11.56
CA SER C 161 -13.21 -53.43 12.81
C SER C 161 -14.36 -52.58 13.36
N SER C 162 -14.31 -51.27 13.17
CA SER C 162 -15.35 -50.39 13.68
C SER C 162 -15.48 -49.18 12.74
N ALA C 163 -16.65 -48.54 12.80
CA ALA C 163 -16.95 -47.34 12.02
C ALA C 163 -17.61 -46.34 12.96
N ASN C 164 -16.80 -45.45 13.54
CA ASN C 164 -17.27 -44.48 14.50
C ASN C 164 -16.94 -43.07 14.01
N ASN C 165 -17.69 -42.10 14.54
CA ASN C 165 -17.50 -40.68 14.22
C ASN C 165 -17.60 -40.42 12.71
N CYS C 166 -18.61 -41.05 12.09
CA CYS C 166 -18.83 -40.87 10.66
C CYS C 166 -19.28 -39.44 10.34
N THR C 167 -18.88 -38.98 9.17
CA THR C 167 -19.14 -37.60 8.73
C THR C 167 -19.98 -37.53 7.46
N PHE C 168 -19.69 -38.36 6.47
CA PHE C 168 -20.39 -38.30 5.19
C PHE C 168 -20.71 -39.73 4.77
N GLU C 169 -21.97 -39.96 4.39
CA GLU C 169 -22.41 -41.26 3.88
C GLU C 169 -23.33 -41.03 2.71
N TYR C 170 -23.02 -41.68 1.59
CA TYR C 170 -23.82 -41.55 0.37
C TYR C 170 -23.98 -42.91 -0.29
N VAL C 171 -25.18 -43.15 -0.83
CA VAL C 171 -25.49 -44.36 -1.57
C VAL C 171 -26.09 -43.95 -2.91
N SER C 172 -25.58 -44.54 -4.00
CA SER C 172 -26.07 -44.23 -5.33
C SER C 172 -27.29 -45.08 -5.64
N GLN C 173 -27.70 -45.09 -6.91
CA GLN C 173 -28.89 -45.85 -7.31
C GLN C 173 -28.62 -47.35 -7.20
N PRO C 174 -29.65 -48.14 -6.91
CA PRO C 174 -29.46 -49.59 -6.83
C PRO C 174 -29.32 -50.21 -8.22
N PHE C 175 -28.38 -51.15 -8.33
CA PHE C 175 -28.20 -51.93 -9.55
C PHE C 175 -27.35 -53.15 -9.20
N LEU C 176 -27.80 -54.32 -9.63
CA LEU C 176 -27.12 -55.57 -9.36
C LEU C 176 -26.08 -55.87 -10.43
N MET C 177 -25.18 -56.81 -10.13
CA MET C 177 -24.12 -57.20 -11.05
C MET C 177 -23.95 -58.71 -11.00
N ASP C 178 -23.08 -59.23 -11.87
CA ASP C 178 -22.93 -60.67 -12.03
C ASP C 178 -22.24 -61.29 -10.81
N LEU C 179 -21.14 -60.68 -10.37
CA LEU C 179 -20.30 -61.23 -9.30
C LEU C 179 -19.83 -62.64 -9.63
N GLU C 180 -19.41 -62.84 -10.88
CA GLU C 180 -18.91 -64.14 -11.32
C GLU C 180 -17.45 -64.31 -10.90
N GLY C 181 -16.96 -65.54 -10.99
CA GLY C 181 -15.58 -65.82 -10.64
C GLY C 181 -14.88 -66.75 -11.60
N LYS C 182 -13.64 -66.42 -11.95
CA LYS C 182 -12.83 -67.25 -12.83
C LYS C 182 -11.79 -68.03 -12.03
N PHE C 186 -9.83 -58.90 -22.14
CA PHE C 186 -11.08 -59.35 -21.52
C PHE C 186 -12.27 -58.81 -22.29
N LYS C 187 -13.26 -58.30 -21.56
CA LYS C 187 -14.43 -57.68 -22.17
C LYS C 187 -14.59 -56.23 -21.75
N ASN C 188 -14.41 -55.92 -20.47
CA ASN C 188 -14.71 -54.60 -19.94
C ASN C 188 -13.44 -53.93 -19.40
N LEU C 189 -13.24 -52.68 -19.81
CA LEU C 189 -12.20 -51.80 -19.29
C LEU C 189 -12.87 -50.69 -18.51
N ARG C 190 -12.42 -50.48 -17.27
CA ARG C 190 -12.94 -49.41 -16.42
C ARG C 190 -11.83 -48.41 -16.18
N GLU C 191 -12.12 -47.13 -16.39
CA GLU C 191 -11.13 -46.08 -16.19
C GLU C 191 -11.65 -45.09 -15.15
N PHE C 192 -10.79 -44.74 -14.19
CA PHE C 192 -11.16 -43.83 -13.13
C PHE C 192 -10.04 -42.83 -12.90
N VAL C 193 -10.42 -41.62 -12.51
CA VAL C 193 -9.50 -40.56 -12.14
C VAL C 193 -9.96 -40.01 -10.81
N PHE C 194 -9.07 -40.01 -9.82
CA PHE C 194 -9.37 -39.54 -8.47
C PHE C 194 -8.52 -38.31 -8.19
N LYS C 195 -9.17 -37.19 -7.93
CA LYS C 195 -8.45 -35.95 -7.61
C LYS C 195 -9.08 -35.29 -6.40
N ASN C 196 -8.24 -34.85 -5.47
CA ASN C 196 -8.68 -34.24 -4.22
C ASN C 196 -8.13 -32.82 -4.15
N ILE C 197 -8.95 -31.84 -4.50
CA ILE C 197 -8.53 -30.44 -4.48
C ILE C 197 -9.73 -29.56 -4.12
N ASP C 198 -9.43 -28.38 -3.58
CA ASP C 198 -10.51 -27.42 -3.18
C ASP C 198 -11.47 -28.14 -2.22
N GLY C 199 -10.95 -29.07 -1.43
CA GLY C 199 -11.79 -29.76 -0.47
C GLY C 199 -12.82 -30.65 -1.12
N TYR C 200 -12.72 -30.87 -2.43
CA TYR C 200 -13.60 -31.74 -3.18
C TYR C 200 -12.83 -32.99 -3.60
N PHE C 201 -13.51 -34.13 -3.57
CA PHE C 201 -12.99 -35.38 -4.08
C PHE C 201 -13.80 -35.68 -5.34
N LYS C 202 -13.16 -35.59 -6.49
CA LYS C 202 -13.79 -35.82 -7.77
C LYS C 202 -13.33 -37.14 -8.36
N ILE C 203 -14.28 -37.89 -8.93
CA ILE C 203 -14.00 -39.10 -9.69
C ILE C 203 -14.48 -38.86 -11.12
N TYR C 204 -13.65 -39.25 -12.07
CA TYR C 204 -13.98 -39.21 -13.49
C TYR C 204 -13.91 -40.63 -14.02
N SER C 205 -15.03 -41.16 -14.49
CA SER C 205 -15.11 -42.58 -14.82
C SER C 205 -15.61 -42.77 -16.24
N LYS C 206 -15.07 -43.79 -16.90
CA LYS C 206 -15.52 -44.15 -18.23
C LYS C 206 -15.38 -45.64 -18.43
N HIS C 207 -16.39 -46.25 -19.05
CA HIS C 207 -16.45 -47.69 -19.26
C HIS C 207 -16.36 -47.97 -20.75
N THR C 208 -15.43 -48.84 -21.15
CA THR C 208 -15.28 -49.10 -22.58
C THR C 208 -15.15 -50.60 -22.84
N PRO C 209 -15.58 -51.06 -24.00
CA PRO C 209 -15.30 -52.45 -24.39
C PRO C 209 -13.85 -52.63 -24.76
N ILE C 210 -13.28 -53.74 -24.28
CA ILE C 210 -11.89 -54.08 -24.54
C ILE C 210 -11.85 -55.55 -24.98
N ASN C 211 -10.82 -55.88 -25.75
CA ASN C 211 -10.62 -57.25 -26.22
C ASN C 211 -9.26 -57.83 -25.84
N LEU C 212 -8.25 -57.00 -25.63
CA LEU C 212 -6.91 -57.47 -25.35
C LEU C 212 -6.70 -57.68 -23.85
N VAL C 213 -5.66 -58.44 -23.51
CA VAL C 213 -5.38 -58.79 -22.14
C VAL C 213 -4.09 -58.16 -21.62
N ARG C 214 -3.12 -57.86 -22.49
CA ARG C 214 -1.81 -57.40 -22.04
C ARG C 214 -1.86 -55.94 -21.58
N ASP C 215 -2.21 -55.03 -22.49
CA ASP C 215 -2.07 -53.61 -22.24
C ASP C 215 -3.33 -52.86 -22.66
N LEU C 216 -3.32 -51.56 -22.39
CA LEU C 216 -4.44 -50.69 -22.77
C LEU C 216 -4.51 -50.52 -24.28
N PRO C 217 -5.71 -50.34 -24.82
CA PRO C 217 -5.84 -50.08 -26.26
C PRO C 217 -5.28 -48.72 -26.65
N GLN C 218 -4.92 -48.61 -27.93
CA GLN C 218 -4.37 -47.37 -28.45
C GLN C 218 -5.42 -46.28 -28.56
N GLY C 219 -6.69 -46.65 -28.72
CA GLY C 219 -7.72 -45.68 -29.03
C GLY C 219 -7.86 -44.62 -27.95
N PHE C 220 -8.18 -43.41 -28.38
CA PHE C 220 -8.36 -42.29 -27.47
C PHE C 220 -9.75 -42.32 -26.85
N SER C 221 -9.82 -42.12 -25.54
CA SER C 221 -11.07 -42.13 -24.80
C SER C 221 -11.13 -40.94 -23.86
N ALA C 222 -12.34 -40.44 -23.62
CA ALA C 222 -12.57 -39.29 -22.76
C ALA C 222 -13.36 -39.73 -21.54
N LEU C 223 -12.84 -39.41 -20.35
CA LEU C 223 -13.49 -39.77 -19.10
C LEU C 223 -14.40 -38.64 -18.66
N GLU C 224 -15.63 -38.99 -18.26
CA GLU C 224 -16.62 -38.00 -17.85
C GLU C 224 -16.71 -37.92 -16.33
N PRO C 225 -17.02 -36.74 -15.80
CA PRO C 225 -17.22 -36.63 -14.34
C PRO C 225 -18.43 -37.44 -13.91
N LEU C 226 -18.28 -38.17 -12.80
CA LEU C 226 -19.36 -39.01 -12.28
C LEU C 226 -20.09 -38.34 -11.12
N VAL C 227 -19.37 -38.04 -10.04
CA VAL C 227 -19.90 -37.27 -8.91
C VAL C 227 -18.81 -36.32 -8.44
N ASP C 228 -19.17 -35.52 -7.43
CA ASP C 228 -18.26 -34.52 -6.86
C ASP C 228 -18.54 -34.46 -5.36
N LEU C 229 -17.79 -35.25 -4.58
CA LEU C 229 -18.11 -35.42 -3.17
C LEU C 229 -17.35 -34.39 -2.34
N PRO C 230 -18.03 -33.49 -1.63
CA PRO C 230 -17.35 -32.48 -0.80
C PRO C 230 -16.97 -32.98 0.60
N ILE C 231 -15.83 -33.65 0.69
CA ILE C 231 -15.35 -34.13 1.98
C ILE C 231 -14.26 -33.19 2.50
N GLY C 232 -13.16 -33.09 1.76
CA GLY C 232 -12.06 -32.23 2.16
C GLY C 232 -11.26 -32.77 3.34
N ILE C 233 -10.56 -33.88 3.13
CA ILE C 233 -9.85 -34.54 4.22
C ILE C 233 -8.36 -34.61 3.96
N ASN C 234 -7.62 -35.15 4.93
CA ASN C 234 -6.17 -35.29 4.85
C ASN C 234 -5.88 -36.64 4.21
N ILE C 235 -5.32 -36.63 3.00
CA ILE C 235 -5.12 -37.84 2.22
C ILE C 235 -3.68 -37.88 1.72
N THR C 236 -2.99 -38.99 2.01
CA THR C 236 -1.67 -39.24 1.45
C THR C 236 -1.49 -40.66 0.91
N ARG C 237 -2.28 -41.63 1.35
CA ARG C 237 -2.14 -43.01 0.92
C ARG C 237 -3.50 -43.56 0.52
N PHE C 238 -3.48 -44.60 -0.33
CA PHE C 238 -4.71 -45.23 -0.78
C PHE C 238 -4.43 -46.70 -1.08
N GLN C 239 -5.52 -47.47 -1.14
CA GLN C 239 -5.44 -48.91 -1.36
C GLN C 239 -6.72 -49.34 -2.06
N THR C 240 -6.66 -50.49 -2.72
CA THR C 240 -7.79 -51.03 -3.45
C THR C 240 -8.32 -52.28 -2.75
N LEU C 241 -9.50 -52.72 -3.20
CA LEU C 241 -10.15 -53.91 -2.67
C LEU C 241 -10.48 -54.87 -3.80
N LEU C 242 -10.51 -56.15 -3.48
CA LEU C 242 -10.85 -57.19 -4.45
C LEU C 242 -11.74 -58.23 -3.78
N ALA C 243 -12.46 -58.98 -4.61
CA ALA C 243 -13.39 -60.00 -4.14
C ALA C 243 -12.74 -61.38 -4.33
N LEU C 244 -12.39 -62.02 -3.22
CA LEU C 244 -11.86 -63.36 -3.27
C LEU C 244 -12.99 -64.38 -3.42
N HIS C 245 -12.60 -65.64 -3.62
CA HIS C 245 -13.56 -66.74 -3.79
C HIS C 245 -13.09 -67.92 -2.95
N ARG C 246 -13.78 -68.18 -1.85
CA ARG C 246 -13.48 -69.32 -0.98
C ARG C 246 -14.50 -70.42 -1.23
N SER C 247 -14.00 -71.62 -1.55
CA SER C 247 -14.85 -72.76 -1.82
C SER C 247 -14.09 -74.03 -1.48
N TYR C 248 -14.84 -75.13 -1.34
CA TYR C 248 -14.24 -76.43 -1.03
C TYR C 248 -13.96 -77.26 -2.27
N LEU C 249 -14.18 -76.70 -3.47
CA LEU C 249 -13.70 -77.36 -4.69
C LEU C 249 -12.18 -77.30 -4.77
N THR C 250 -11.55 -76.33 -4.12
CA THR C 250 -10.11 -76.17 -4.04
C THR C 250 -9.62 -76.52 -2.63
N PRO C 251 -8.44 -77.11 -2.50
CA PRO C 251 -7.94 -77.46 -1.17
C PRO C 251 -7.64 -76.22 -0.34
N GLY C 252 -7.80 -76.36 0.98
CA GLY C 252 -7.53 -75.31 1.92
C GLY C 252 -8.71 -75.09 2.83
N ASP C 253 -8.78 -73.88 3.39
CA ASP C 253 -9.83 -73.52 4.35
C ASP C 253 -10.11 -72.03 4.18
N SER C 254 -10.76 -71.44 5.18
CA SER C 254 -11.12 -70.03 5.16
C SER C 254 -9.93 -69.11 5.44
N SER C 255 -8.71 -69.65 5.48
CA SER C 255 -7.51 -68.85 5.71
C SER C 255 -6.48 -68.96 4.60
N SER C 256 -6.40 -70.11 3.91
CA SER C 256 -5.44 -70.31 2.85
C SER C 256 -6.03 -70.84 1.56
N GLY C 257 -7.30 -71.27 1.56
CA GLY C 257 -7.93 -71.76 0.35
C GLY C 257 -8.74 -70.70 -0.35
N TRP C 258 -8.22 -70.21 -1.48
CA TRP C 258 -8.87 -69.11 -2.20
C TRP C 258 -8.50 -69.18 -3.67
N THR C 259 -9.32 -68.53 -4.50
CA THR C 259 -9.07 -68.43 -5.92
C THR C 259 -9.46 -67.05 -6.40
N ALA C 260 -8.57 -66.38 -7.10
CA ALA C 260 -8.79 -65.04 -7.61
C ALA C 260 -9.18 -65.09 -9.09
N GLY C 261 -10.05 -64.16 -9.48
CA GLY C 261 -10.49 -64.09 -10.86
C GLY C 261 -9.45 -63.49 -11.78
N ALA C 262 -9.72 -63.59 -13.07
CA ALA C 262 -8.82 -63.08 -14.10
C ALA C 262 -9.10 -61.60 -14.33
N ALA C 263 -8.44 -60.75 -13.55
CA ALA C 263 -8.58 -59.31 -13.69
C ALA C 263 -7.33 -58.63 -13.15
N ALA C 264 -6.90 -57.55 -13.79
CA ALA C 264 -5.65 -56.90 -13.40
C ALA C 264 -5.77 -55.39 -13.55
N TYR C 265 -5.00 -54.65 -12.75
CA TYR C 265 -5.18 -53.21 -12.77
C TYR C 265 -3.86 -52.47 -12.85
N TYR C 266 -3.93 -51.30 -13.49
CA TYR C 266 -2.83 -50.36 -13.66
C TYR C 266 -3.11 -49.10 -12.85
N VAL C 267 -2.04 -48.58 -12.26
CA VAL C 267 -2.09 -47.35 -11.46
C VAL C 267 -1.11 -46.36 -12.08
N GLY C 268 -1.64 -45.22 -12.52
CA GLY C 268 -0.84 -44.11 -12.97
C GLY C 268 -1.05 -42.90 -12.08
N TYR C 269 -0.15 -41.93 -12.23
CA TYR C 269 -0.16 -40.76 -11.37
C TYR C 269 -0.29 -39.51 -12.23
N LEU C 270 -1.21 -38.63 -11.83
CA LEU C 270 -1.41 -37.37 -12.52
C LEU C 270 -0.39 -36.35 -12.06
N GLN C 271 0.00 -35.46 -12.97
CA GLN C 271 0.82 -34.32 -12.62
C GLN C 271 0.30 -33.09 -13.36
N PRO C 272 0.62 -31.89 -12.89
CA PRO C 272 0.13 -30.69 -13.58
C PRO C 272 0.68 -30.59 -14.99
N ARG C 273 -0.22 -30.43 -15.95
CA ARG C 273 0.13 -30.35 -17.35
C ARG C 273 -0.86 -29.44 -18.06
N THR C 274 -0.44 -28.92 -19.21
CA THR C 274 -1.27 -28.12 -20.08
C THR C 274 -1.62 -28.95 -21.31
N PHE C 275 -2.91 -29.06 -21.59
CA PHE C 275 -3.40 -29.88 -22.70
C PHE C 275 -4.17 -29.03 -23.68
N LEU C 276 -4.01 -29.38 -24.96
CA LEU C 276 -4.74 -28.76 -26.07
C LEU C 276 -5.88 -29.68 -26.46
N LEU C 277 -7.00 -29.54 -25.77
CA LEU C 277 -8.15 -30.39 -26.00
C LEU C 277 -8.86 -29.99 -27.29
N LYS C 278 -9.18 -30.99 -28.11
CA LYS C 278 -9.90 -30.81 -29.37
C LYS C 278 -11.34 -31.21 -29.15
N TYR C 279 -12.24 -30.22 -29.07
CA TYR C 279 -13.67 -30.49 -29.04
C TYR C 279 -14.18 -30.51 -30.46
N ASN C 280 -14.78 -31.64 -30.84
CA ASN C 280 -15.34 -31.77 -32.17
C ASN C 280 -16.71 -31.09 -32.19
N GLU C 281 -17.42 -31.21 -33.30
CA GLU C 281 -18.72 -30.57 -33.41
C GLU C 281 -19.74 -31.14 -32.45
N ASN C 282 -19.41 -32.23 -31.77
CA ASN C 282 -20.42 -33.09 -31.19
C ASN C 282 -20.34 -33.06 -29.67
N GLY C 283 -19.43 -32.27 -29.11
CA GLY C 283 -19.23 -32.08 -27.69
C GLY C 283 -18.25 -33.03 -27.02
N THR C 284 -17.59 -33.91 -27.76
CA THR C 284 -16.71 -34.91 -27.18
C THR C 284 -15.25 -34.65 -27.53
N ILE C 285 -14.39 -34.80 -26.53
CA ILE C 285 -12.95 -34.69 -26.75
C ILE C 285 -12.48 -35.88 -27.57
N THR C 286 -11.91 -35.60 -28.74
CA THR C 286 -11.44 -36.64 -29.65
C THR C 286 -9.92 -36.85 -29.61
N ASP C 287 -9.15 -35.78 -29.37
CA ASP C 287 -7.70 -35.89 -29.29
C ASP C 287 -7.18 -34.77 -28.42
N ALA C 288 -6.02 -35.02 -27.80
CA ALA C 288 -5.37 -34.04 -26.96
C ALA C 288 -3.87 -34.06 -27.25
N VAL C 289 -3.21 -32.94 -26.98
CA VAL C 289 -1.78 -32.78 -27.21
C VAL C 289 -1.12 -32.47 -25.87
N ASP C 290 -0.13 -33.28 -25.51
CA ASP C 290 0.62 -33.05 -24.28
C ASP C 290 1.74 -32.07 -24.56
N CYS C 291 1.58 -30.83 -24.09
CA CYS C 291 2.51 -29.77 -24.45
C CYS C 291 3.92 -30.05 -23.95
N ALA C 292 4.05 -30.51 -22.71
CA ALA C 292 5.37 -30.77 -22.14
C ALA C 292 5.78 -32.23 -22.35
N LEU C 293 5.71 -32.70 -23.58
CA LEU C 293 6.09 -34.06 -23.93
C LEU C 293 7.29 -34.12 -24.87
N ASP C 294 7.22 -33.42 -25.98
CA ASP C 294 8.32 -33.35 -26.95
C ASP C 294 8.17 -32.04 -27.72
N PRO C 295 9.24 -31.57 -28.36
CA PRO C 295 9.17 -30.23 -29.00
C PRO C 295 8.08 -30.11 -30.05
N LEU C 296 7.75 -31.19 -30.77
CA LEU C 296 6.69 -31.11 -31.77
C LEU C 296 5.34 -30.80 -31.13
N SER C 297 5.02 -31.47 -30.02
CA SER C 297 3.77 -31.21 -29.34
C SER C 297 3.74 -29.81 -28.76
N GLU C 298 4.88 -29.32 -28.26
CA GLU C 298 4.93 -27.95 -27.78
C GLU C 298 4.73 -26.96 -28.91
N THR C 299 5.21 -27.28 -30.12
CA THR C 299 4.95 -26.44 -31.27
C THR C 299 3.46 -26.43 -31.62
N LYS C 300 2.82 -27.59 -31.54
CA LYS C 300 1.37 -27.65 -31.75
C LYS C 300 0.63 -26.83 -30.71
N CYS C 301 1.12 -26.80 -29.47
CA CYS C 301 0.46 -26.05 -28.42
C CYS C 301 0.63 -24.54 -28.60
N THR C 302 1.84 -24.09 -28.98
CA THR C 302 2.03 -22.66 -29.16
C THR C 302 1.29 -22.16 -30.39
N LEU C 303 1.19 -22.99 -31.44
CA LEU C 303 0.40 -22.61 -32.61
C LEU C 303 -1.09 -22.81 -32.39
N LYS C 304 -1.49 -23.54 -31.35
CA LYS C 304 -2.89 -23.86 -31.08
C LYS C 304 -3.55 -24.51 -32.30
N SER C 305 -2.86 -25.49 -32.87
CA SER C 305 -3.39 -26.26 -33.98
C SER C 305 -2.78 -27.66 -33.93
N PHE C 306 -3.48 -28.60 -34.54
CA PHE C 306 -3.01 -29.98 -34.62
C PHE C 306 -2.14 -30.24 -35.84
N THR C 307 -1.99 -29.26 -36.72
CA THR C 307 -1.13 -29.38 -37.89
C THR C 307 -0.12 -28.25 -37.89
N VAL C 308 1.15 -28.59 -38.13
CA VAL C 308 2.24 -27.62 -38.15
C VAL C 308 2.83 -27.62 -39.56
N GLU C 309 2.86 -26.43 -40.17
CA GLU C 309 3.45 -26.29 -41.50
C GLU C 309 4.97 -26.34 -41.41
N LYS C 310 5.60 -26.57 -42.56
CA LYS C 310 7.05 -26.59 -42.62
C LYS C 310 7.61 -25.21 -42.29
N GLY C 311 8.60 -25.18 -41.43
CA GLY C 311 9.22 -23.93 -41.03
C GLY C 311 9.84 -24.06 -39.66
N ILE C 312 10.27 -22.92 -39.13
CA ILE C 312 10.89 -22.83 -37.82
C ILE C 312 10.05 -21.90 -36.95
N TYR C 313 9.71 -22.38 -35.75
CA TYR C 313 8.84 -21.64 -34.84
C TYR C 313 9.51 -21.53 -33.48
N GLN C 314 9.41 -20.35 -32.88
CA GLN C 314 9.89 -20.14 -31.52
C GLN C 314 8.80 -20.52 -30.54
N THR C 315 9.11 -21.45 -29.63
CA THR C 315 8.11 -22.00 -28.71
C THR C 315 8.31 -21.55 -27.27
N SER C 316 9.54 -21.59 -26.77
CA SER C 316 9.78 -21.28 -25.36
C SER C 316 11.16 -20.66 -25.22
N ASN C 317 11.56 -20.43 -23.96
CA ASN C 317 12.84 -19.82 -23.64
C ASN C 317 13.59 -20.74 -22.69
N PHE C 318 14.86 -20.98 -22.99
CA PHE C 318 15.73 -21.75 -22.13
C PHE C 318 16.53 -20.80 -21.24
N ARG C 319 16.61 -21.14 -19.96
CA ARG C 319 17.30 -20.31 -18.97
C ARG C 319 17.90 -21.21 -17.92
N VAL C 320 19.15 -20.93 -17.54
CA VAL C 320 19.84 -21.71 -16.52
C VAL C 320 19.43 -21.20 -15.15
N GLN C 321 18.77 -22.06 -14.37
CA GLN C 321 18.26 -21.66 -13.07
C GLN C 321 19.40 -21.57 -12.05
N PRO C 322 19.27 -20.66 -11.08
CA PRO C 322 20.31 -20.54 -10.04
C PRO C 322 20.29 -21.74 -9.10
N THR C 323 21.43 -22.40 -8.99
CA THR C 323 21.54 -23.57 -8.11
C THR C 323 21.60 -23.18 -6.64
N GLU C 324 22.36 -22.15 -6.30
CA GLU C 324 22.64 -21.79 -4.92
C GLU C 324 22.38 -20.30 -4.71
N SER C 325 22.57 -19.85 -3.47
CA SER C 325 22.48 -18.45 -3.10
C SER C 325 23.67 -18.08 -2.23
N ILE C 326 24.25 -16.91 -2.50
CA ILE C 326 25.44 -16.43 -1.81
C ILE C 326 25.13 -15.09 -1.18
N VAL C 327 25.51 -14.92 0.09
CA VAL C 327 25.38 -13.66 0.80
C VAL C 327 26.75 -13.26 1.34
N ARG C 328 27.15 -12.03 1.07
CA ARG C 328 28.45 -11.52 1.49
C ARG C 328 28.29 -10.15 2.13
N PHE C 329 28.94 -9.96 3.26
CA PHE C 329 28.94 -8.71 4.00
C PHE C 329 30.34 -8.45 4.52
N PRO C 330 30.69 -7.18 4.80
CA PRO C 330 32.07 -6.85 5.16
C PRO C 330 32.69 -7.75 6.22
N ASN C 331 32.14 -7.79 7.43
CA ASN C 331 32.80 -8.53 8.51
C ASN C 331 31.94 -8.41 9.75
N ILE C 332 32.38 -9.04 10.85
CA ILE C 332 31.70 -8.86 12.13
C ILE C 332 31.97 -7.46 12.69
N THR C 333 33.14 -6.91 12.41
CA THR C 333 33.59 -5.57 12.83
C THR C 333 33.59 -5.53 14.37
N ASN C 334 33.35 -4.35 14.95
CA ASN C 334 33.52 -4.16 16.39
C ASN C 334 32.28 -4.59 17.14
N LEU C 335 32.44 -5.56 18.04
CA LEU C 335 31.34 -6.01 18.88
C LEU C 335 31.03 -4.97 19.96
N CYS C 336 29.75 -4.89 20.32
CA CYS C 336 29.33 -3.94 21.33
C CYS C 336 29.90 -4.35 22.70
N PRO C 337 30.27 -3.39 23.53
CA PRO C 337 30.89 -3.71 24.83
C PRO C 337 29.87 -3.96 25.95
N PHE C 338 29.08 -5.02 25.79
CA PHE C 338 28.28 -5.49 26.92
C PHE C 338 29.16 -6.00 28.06
N GLY C 339 30.27 -6.66 27.72
CA GLY C 339 31.09 -7.28 28.75
C GLY C 339 31.74 -6.28 29.68
N GLU C 340 32.20 -5.15 29.15
CA GLU C 340 32.89 -4.16 29.97
C GLU C 340 31.96 -3.59 31.05
N VAL C 341 30.67 -3.47 30.75
CA VAL C 341 29.74 -2.90 31.72
C VAL C 341 29.02 -3.95 32.57
N PHE C 342 28.84 -5.17 32.06
CA PHE C 342 28.04 -6.17 32.77
C PHE C 342 28.85 -7.29 33.40
N ASN C 343 30.10 -7.54 32.95
CA ASN C 343 31.03 -8.31 33.78
C ASN C 343 31.46 -7.57 35.04
N ALA C 344 31.21 -6.26 35.12
CA ALA C 344 31.73 -5.49 36.24
C ALA C 344 31.17 -5.99 37.56
N THR C 345 31.96 -5.80 38.63
CA THR C 345 31.60 -6.28 39.95
C THR C 345 30.82 -5.27 40.78
N ARG C 346 30.59 -4.07 40.24
CA ARG C 346 29.86 -3.02 40.94
C ARG C 346 28.56 -2.73 40.20
N PHE C 347 27.44 -2.77 40.93
CA PHE C 347 26.14 -2.40 40.40
C PHE C 347 25.55 -1.30 41.27
N ALA C 348 25.11 -0.22 40.64
CA ALA C 348 24.65 0.94 41.39
C ALA C 348 23.33 0.64 42.12
N SER C 349 23.03 1.47 43.11
CA SER C 349 21.78 1.37 43.84
C SER C 349 20.61 1.68 42.91
N VAL C 350 19.45 1.13 43.24
CA VAL C 350 18.29 1.23 42.36
C VAL C 350 17.84 2.68 42.20
N TYR C 351 17.77 3.42 43.31
CA TYR C 351 17.33 4.81 43.24
C TYR C 351 18.35 5.70 42.55
N ALA C 352 19.59 5.25 42.40
CA ALA C 352 20.66 5.98 41.71
C ALA C 352 21.30 5.07 40.66
N TRP C 353 20.47 4.42 39.86
CA TRP C 353 20.95 3.36 38.98
C TRP C 353 21.88 3.91 37.90
N ASN C 354 22.75 3.03 37.41
CA ASN C 354 23.72 3.40 36.38
C ASN C 354 23.13 3.13 35.00
N ARG C 355 23.14 4.19 34.18
CA ARG C 355 22.71 4.17 32.79
C ARG C 355 23.92 4.35 31.90
N LYS C 356 24.14 3.41 30.98
CA LYS C 356 25.25 3.47 30.04
C LYS C 356 24.69 3.45 28.62
N ARG C 357 25.14 4.37 27.78
CA ARG C 357 24.69 4.40 26.41
C ARG C 357 25.55 3.48 25.54
N ILE C 358 24.89 2.84 24.57
CA ILE C 358 25.52 1.91 23.66
C ILE C 358 25.19 2.34 22.24
N SER C 359 26.23 2.53 21.43
CA SER C 359 26.09 3.01 20.06
C SER C 359 27.38 2.71 19.31
N ASN C 360 27.28 2.74 17.98
CA ASN C 360 28.43 2.57 17.08
C ASN C 360 29.15 1.25 17.34
N CYS C 361 28.41 0.16 17.12
CA CYS C 361 28.93 -1.21 17.28
C CYS C 361 27.85 -2.16 16.79
N VAL C 362 28.16 -3.46 16.83
CA VAL C 362 27.22 -4.50 16.43
C VAL C 362 26.88 -5.33 17.65
N ALA C 363 25.59 -5.59 17.84
CA ALA C 363 25.09 -6.26 19.04
C ALA C 363 24.58 -7.65 18.68
N ASP C 364 25.07 -8.66 19.39
CA ASP C 364 24.67 -10.05 19.20
C ASP C 364 23.87 -10.47 20.41
N TYR C 365 22.54 -10.40 20.30
CA TYR C 365 21.66 -10.80 21.39
C TYR C 365 21.38 -12.30 21.40
N SER C 366 21.47 -12.95 20.23
CA SER C 366 21.15 -14.37 20.15
C SER C 366 22.11 -15.21 20.97
N VAL C 367 23.40 -14.86 20.96
CA VAL C 367 24.37 -15.62 21.73
C VAL C 367 24.12 -15.45 23.23
N LEU C 368 23.73 -14.25 23.66
CA LEU C 368 23.36 -14.04 25.06
C LEU C 368 22.15 -14.86 25.42
N TYR C 369 21.15 -14.92 24.53
CA TYR C 369 19.92 -15.64 24.83
C TYR C 369 20.15 -17.14 24.88
N ASN C 370 21.01 -17.66 24.00
CA ASN C 370 21.30 -19.10 23.98
C ASN C 370 21.99 -19.54 25.26
N SER C 371 22.90 -18.73 25.78
CA SER C 371 23.62 -19.07 27.00
C SER C 371 22.64 -19.26 28.15
N ALA C 372 22.89 -20.30 28.95
CA ALA C 372 21.99 -20.66 30.06
C ALA C 372 22.74 -20.43 31.36
N SER C 373 22.70 -19.19 31.83
CA SER C 373 23.22 -18.83 33.15
C SER C 373 22.36 -17.77 33.81
N PHE C 374 21.25 -17.38 33.17
CA PHE C 374 20.34 -16.38 33.69
C PHE C 374 19.00 -17.04 33.96
N SER C 375 18.31 -16.56 34.99
CA SER C 375 17.07 -17.19 35.44
C SER C 375 15.82 -16.41 35.09
N THR C 376 15.94 -15.20 34.54
CA THR C 376 14.76 -14.45 34.15
C THR C 376 15.06 -13.58 32.94
N PHE C 377 14.18 -13.68 31.94
CA PHE C 377 14.32 -12.95 30.68
C PHE C 377 12.92 -12.70 30.15
N LYS C 378 12.57 -11.44 29.93
CA LYS C 378 11.32 -11.15 29.24
C LYS C 378 11.46 -9.82 28.51
N CYS C 379 10.65 -9.65 27.47
CA CYS C 379 10.73 -8.47 26.62
C CYS C 379 9.35 -7.88 26.41
N TYR C 380 9.32 -6.59 26.10
CA TYR C 380 8.09 -5.89 25.78
C TYR C 380 8.29 -5.09 24.49
N GLY C 381 7.35 -5.26 23.56
CA GLY C 381 7.41 -4.62 22.27
C GLY C 381 8.23 -5.35 21.22
N VAL C 382 8.86 -6.47 21.57
CA VAL C 382 9.70 -7.20 20.64
C VAL C 382 9.91 -8.61 21.19
N SER C 383 10.15 -9.56 20.30
CA SER C 383 10.38 -10.92 20.77
C SER C 383 11.87 -11.21 20.88
N PRO C 384 12.26 -12.02 21.87
CA PRO C 384 13.71 -12.25 22.09
C PRO C 384 14.43 -12.88 20.92
N THR C 385 13.73 -13.59 20.03
CA THR C 385 14.39 -14.29 18.94
C THR C 385 14.76 -13.37 17.77
N LYS C 386 14.20 -12.16 17.71
CA LYS C 386 14.35 -11.31 16.55
C LYS C 386 15.36 -10.16 16.71
N LEU C 387 15.88 -9.92 17.92
CA LEU C 387 16.78 -8.78 18.11
C LEU C 387 18.01 -8.87 17.22
N ASN C 388 18.46 -10.08 16.92
CA ASN C 388 19.66 -10.26 16.11
C ASN C 388 19.44 -9.89 14.65
N ASP C 389 18.23 -9.47 14.26
CA ASP C 389 17.96 -9.06 12.89
C ASP C 389 17.52 -7.62 12.76
N LEU C 390 17.49 -6.85 13.85
CA LEU C 390 17.01 -5.48 13.84
C LEU C 390 18.18 -4.50 14.02
N CYS C 391 17.96 -3.28 13.54
CA CYS C 391 18.89 -2.18 13.72
C CYS C 391 18.26 -1.11 14.59
N PHE C 392 19.09 -0.44 15.38
CA PHE C 392 18.60 0.55 16.33
C PHE C 392 19.57 1.73 16.37
N THR C 393 19.08 2.85 16.92
CA THR C 393 19.87 4.07 16.97
C THR C 393 20.64 4.24 18.27
N ASN C 394 20.07 3.79 19.39
CA ASN C 394 20.70 3.92 20.69
C ASN C 394 20.22 2.79 21.58
N VAL C 395 21.09 2.35 22.49
CA VAL C 395 20.73 1.34 23.48
C VAL C 395 21.04 1.91 24.86
N TYR C 396 20.07 1.87 25.76
CA TYR C 396 20.27 2.35 27.12
C TYR C 396 20.34 1.14 28.04
N ALA C 397 21.46 0.99 28.74
CA ALA C 397 21.68 -0.14 29.65
C ALA C 397 21.55 0.36 31.07
N ASP C 398 20.57 -0.17 31.80
CA ASP C 398 20.33 0.16 33.20
C ASP C 398 20.74 -1.03 34.05
N SER C 399 21.56 -0.78 35.07
CA SER C 399 22.07 -1.86 35.90
C SER C 399 21.72 -1.60 37.37
N PHE C 400 21.18 -2.61 38.04
CA PHE C 400 20.91 -2.49 39.47
C PHE C 400 20.76 -3.88 40.07
N VAL C 401 20.50 -3.92 41.38
CA VAL C 401 20.36 -5.15 42.15
C VAL C 401 19.09 -5.05 42.99
N ILE C 402 18.21 -6.05 42.87
CA ILE C 402 16.96 -6.08 43.62
C ILE C 402 16.68 -7.49 44.12
N ARG C 403 15.78 -7.60 45.09
CA ARG C 403 15.49 -8.88 45.72
C ARG C 403 14.67 -9.77 44.80
N GLY C 404 14.68 -11.08 45.10
CA GLY C 404 14.01 -12.03 44.23
C GLY C 404 12.51 -11.81 44.13
N ASP C 405 11.87 -11.45 45.24
CA ASP C 405 10.42 -11.25 45.28
C ASP C 405 9.97 -9.94 44.65
N GLU C 406 10.83 -9.24 43.92
CA GLU C 406 10.44 -7.94 43.38
C GLU C 406 10.75 -7.82 41.89
N VAL C 407 11.19 -8.91 41.26
CA VAL C 407 11.69 -8.84 39.88
C VAL C 407 10.60 -8.43 38.91
N ARG C 408 9.35 -8.80 39.19
CA ARG C 408 8.25 -8.45 38.30
C ARG C 408 7.88 -6.97 38.36
N GLN C 409 8.49 -6.20 39.26
CA GLN C 409 8.16 -4.78 39.31
C GLN C 409 8.67 -4.03 38.09
N ILE C 410 9.73 -4.53 37.46
CA ILE C 410 10.33 -3.87 36.30
C ILE C 410 9.55 -4.35 35.08
N ALA C 411 8.43 -3.69 34.80
CA ALA C 411 7.56 -4.06 33.69
C ALA C 411 6.63 -2.89 33.42
N PRO C 412 6.18 -2.72 32.17
CA PRO C 412 5.25 -1.62 31.87
C PRO C 412 3.93 -1.80 32.61
N GLY C 413 3.35 -0.68 33.02
CA GLY C 413 2.08 -0.71 33.72
C GLY C 413 2.11 -1.45 35.04
N GLN C 414 3.16 -1.23 35.83
CA GLN C 414 3.33 -1.90 37.11
C GLN C 414 3.33 -0.88 38.24
N THR C 415 2.87 -1.31 39.41
CA THR C 415 2.85 -0.48 40.60
C THR C 415 3.51 -1.22 41.76
N GLY C 416 4.07 -0.46 42.67
CA GLY C 416 4.80 -1.02 43.79
C GLY C 416 5.83 -0.03 44.28
N LYS C 417 6.61 -0.49 45.27
CA LYS C 417 7.63 0.38 45.85
C LYS C 417 8.70 0.74 44.82
N ILE C 418 9.18 -0.24 44.05
CA ILE C 418 10.18 0.04 43.04
C ILE C 418 9.58 0.84 41.89
N ALA C 419 8.40 0.46 41.43
CA ALA C 419 7.79 1.11 40.27
C ALA C 419 7.34 2.53 40.57
N ASP C 420 7.16 2.89 41.84
CA ASP C 420 6.64 4.20 42.20
C ASP C 420 7.62 5.06 42.97
N TYR C 421 8.72 4.50 43.48
CA TYR C 421 9.70 5.28 44.23
C TYR C 421 11.12 5.22 43.66
N ASN C 422 11.49 4.14 42.97
CA ASN C 422 12.88 3.92 42.56
C ASN C 422 13.06 4.02 41.05
N TYR C 423 12.34 3.20 40.28
CA TYR C 423 12.58 3.10 38.84
C TYR C 423 11.25 2.88 38.14
N LYS C 424 10.92 3.78 37.21
CA LYS C 424 9.68 3.71 36.46
C LYS C 424 9.98 3.77 34.97
N LEU C 425 9.25 2.98 34.20
CA LEU C 425 9.35 2.91 32.76
C LEU C 425 7.97 3.08 32.14
N PRO C 426 7.88 3.60 30.92
CA PRO C 426 6.56 3.93 30.35
C PRO C 426 5.77 2.68 30.00
N ASP C 427 4.47 2.90 29.79
CA ASP C 427 3.59 1.79 29.42
C ASP C 427 3.97 1.19 28.07
N ASP C 428 4.41 2.04 27.13
CA ASP C 428 4.83 1.59 25.81
C ASP C 428 6.34 1.37 25.74
N PHE C 429 6.96 0.98 26.85
CA PHE C 429 8.39 0.74 26.86
C PHE C 429 8.76 -0.40 25.92
N THR C 430 9.70 -0.14 25.02
CA THR C 430 10.17 -1.12 24.05
C THR C 430 11.58 -1.54 24.46
N GLY C 431 11.73 -2.80 24.81
CA GLY C 431 13.02 -3.28 25.28
C GLY C 431 12.90 -4.63 25.92
N CYS C 432 13.93 -4.98 26.70
CA CYS C 432 13.96 -6.24 27.42
C CYS C 432 14.48 -6.07 28.84
N VAL C 433 13.86 -6.79 29.77
CA VAL C 433 14.28 -6.84 31.17
C VAL C 433 14.86 -8.23 31.42
N ILE C 434 16.10 -8.27 31.89
CA ILE C 434 16.79 -9.52 32.19
C ILE C 434 17.25 -9.46 33.64
N ALA C 435 17.29 -10.61 34.29
CA ALA C 435 17.66 -10.68 35.69
C ALA C 435 18.26 -12.05 35.98
N TRP C 436 19.27 -12.07 36.84
CA TRP C 436 19.93 -13.33 37.15
C TRP C 436 20.42 -13.34 38.59
N ASN C 437 20.80 -14.54 39.03
CA ASN C 437 21.15 -14.80 40.42
C ASN C 437 22.56 -14.29 40.72
N SER C 438 22.65 -13.37 41.68
CA SER C 438 23.93 -12.85 42.16
C SER C 438 23.97 -12.91 43.68
N ASN C 439 23.32 -13.91 44.27
CA ASN C 439 23.28 -14.03 45.72
C ASN C 439 24.67 -14.25 46.30
N ASN C 440 25.48 -15.05 45.62
CA ASN C 440 26.81 -15.40 46.12
C ASN C 440 27.86 -14.33 45.79
N LEU C 441 27.44 -13.15 45.33
CA LEU C 441 28.38 -12.09 44.97
C LEU C 441 28.03 -10.73 45.54
N ASP C 442 26.80 -10.49 45.98
CA ASP C 442 26.36 -9.17 46.43
C ASP C 442 25.67 -9.27 47.78
N SER C 443 26.28 -10.00 48.72
CA SER C 443 25.73 -10.14 50.06
C SER C 443 26.84 -9.96 51.09
N LYS C 444 26.46 -9.39 52.24
CA LYS C 444 27.39 -9.20 53.35
C LYS C 444 26.73 -9.72 54.62
N VAL C 445 27.57 -10.21 55.54
CA VAL C 445 27.07 -10.82 56.77
C VAL C 445 26.30 -9.79 57.58
N GLY C 446 25.22 -10.23 58.21
CA GLY C 446 24.39 -9.34 59.01
C GLY C 446 23.64 -8.30 58.22
N GLY C 447 23.34 -8.58 56.96
CA GLY C 447 22.67 -7.61 56.10
C GLY C 447 23.64 -6.67 55.43
N ASN C 448 23.51 -6.50 54.12
CA ASN C 448 24.42 -5.66 53.35
C ASN C 448 23.82 -4.27 53.22
N TYR C 449 24.54 -3.27 53.73
CA TYR C 449 24.09 -1.89 53.69
C TYR C 449 24.78 -1.07 52.60
N ASN C 450 25.62 -1.69 51.78
CA ASN C 450 26.23 -0.97 50.66
C ASN C 450 25.23 -0.69 49.54
N TYR C 451 24.08 -1.35 49.54
CA TYR C 451 23.05 -1.17 48.53
C TYR C 451 21.80 -0.62 49.20
N LEU C 452 21.17 0.37 48.57
CA LEU C 452 20.10 1.13 49.20
C LEU C 452 18.98 1.39 48.20
N TYR C 453 17.76 1.59 48.73
CA TYR C 453 16.61 1.96 47.91
C TYR C 453 15.80 3.03 48.61
N ARG C 454 15.01 3.77 47.82
CA ARG C 454 14.18 4.82 48.35
C ARG C 454 12.86 4.23 48.85
N LEU C 455 12.53 4.49 50.10
CA LEU C 455 11.28 3.98 50.69
C LEU C 455 10.13 4.97 50.57
N PHE C 456 10.38 6.25 50.83
CA PHE C 456 9.36 7.28 50.78
C PHE C 456 9.76 8.39 49.83
N ARG C 457 8.81 8.88 49.06
CA ARG C 457 9.01 10.05 48.20
C ARG C 457 7.72 10.83 48.13
N LYS C 458 7.84 12.14 47.89
CA LYS C 458 6.68 13.01 47.93
C LYS C 458 5.80 12.89 46.69
N SER C 459 6.38 12.51 45.54
CA SER C 459 5.64 12.49 44.29
C SER C 459 5.91 11.21 43.52
N ASN C 460 5.18 11.05 42.43
CA ASN C 460 5.33 9.93 41.52
C ASN C 460 6.60 10.09 40.68
N LEU C 461 7.11 8.96 40.20
CA LEU C 461 8.30 8.95 39.35
C LEU C 461 7.92 8.89 37.88
N LYS C 462 8.45 9.84 37.12
CA LYS C 462 8.31 9.84 35.67
C LYS C 462 9.18 8.74 35.09
N PRO C 463 8.82 8.21 33.92
CA PRO C 463 9.70 7.23 33.25
C PRO C 463 11.08 7.81 33.00
N PHE C 464 12.10 6.99 33.27
CA PHE C 464 13.50 7.37 33.09
C PHE C 464 13.85 8.65 33.86
N GLU C 465 13.32 8.77 35.07
CA GLU C 465 13.57 9.92 35.93
C GLU C 465 14.41 9.46 37.13
N ARG C 466 15.56 10.10 37.32
CA ARG C 466 16.49 9.75 38.38
C ARG C 466 16.59 10.89 39.37
N ASP C 467 16.41 10.58 40.66
CA ASP C 467 16.44 11.59 41.71
C ASP C 467 17.27 11.10 42.88
N ILE C 468 18.06 12.01 43.45
CA ILE C 468 18.82 11.74 44.66
C ILE C 468 18.59 12.89 45.63
N SER C 469 18.20 12.56 46.86
CA SER C 469 17.90 13.58 47.86
C SER C 469 18.20 13.01 49.24
N THR C 470 18.36 13.92 50.21
CA THR C 470 18.72 13.54 51.57
C THR C 470 17.89 14.22 52.64
N GLU C 471 16.87 14.99 52.28
CA GLU C 471 16.00 15.60 53.28
C GLU C 471 15.16 14.54 53.95
N ILE C 472 15.19 14.50 55.29
CA ILE C 472 14.52 13.44 56.03
C ILE C 472 13.02 13.58 55.90
N TYR C 473 12.34 12.48 55.60
CA TYR C 473 10.92 12.49 55.29
C TYR C 473 10.08 12.84 56.52
N GLN C 474 8.97 13.52 56.28
CA GLN C 474 8.02 13.90 57.31
C GLN C 474 6.72 13.14 57.12
N ALA C 475 6.21 12.54 58.20
CA ALA C 475 4.99 11.75 58.13
C ALA C 475 3.94 12.12 59.15
N GLY C 476 4.26 12.95 60.16
CA GLY C 476 3.33 13.29 61.21
C GLY C 476 3.29 14.79 61.46
N SER C 477 2.89 15.14 62.68
CA SER C 477 2.74 16.53 63.11
C SER C 477 3.98 17.05 63.81
N THR C 478 5.16 16.55 63.47
CA THR C 478 6.43 16.92 64.06
C THR C 478 7.38 17.43 62.99
N PRO C 479 8.14 18.49 63.25
CA PRO C 479 9.03 19.02 62.21
C PRO C 479 10.07 17.98 61.77
N CYS C 480 10.24 17.88 60.46
CA CYS C 480 11.26 17.03 59.86
C CYS C 480 11.86 17.84 58.70
N ASN C 481 12.57 17.16 57.80
CA ASN C 481 13.27 17.81 56.69
C ASN C 481 14.39 18.72 57.20
N GLY C 482 15.23 18.16 58.07
CA GLY C 482 16.34 18.90 58.62
C GLY C 482 16.48 18.73 60.12
N VAL C 483 15.41 18.26 60.77
CA VAL C 483 15.39 18.05 62.21
C VAL C 483 14.78 16.69 62.50
N GLU C 484 15.31 16.00 63.51
CA GLU C 484 14.82 14.70 63.94
C GLU C 484 13.84 14.89 65.08
N GLY C 485 12.61 14.40 64.90
CA GLY C 485 11.60 14.51 65.93
C GLY C 485 10.88 13.20 66.17
N PHE C 486 9.56 13.24 66.22
CA PHE C 486 8.73 12.06 66.42
C PHE C 486 8.20 11.61 65.06
N ASN C 487 8.46 10.34 64.73
CA ASN C 487 8.05 9.74 63.46
C ASN C 487 8.68 10.44 62.26
N CYS C 488 9.83 11.08 62.45
CA CYS C 488 10.63 11.59 61.34
C CYS C 488 11.61 10.48 60.95
N TYR C 489 11.43 9.93 59.75
CA TYR C 489 12.26 8.83 59.28
C TYR C 489 12.88 9.19 57.94
N PHE C 490 14.11 8.74 57.74
CA PHE C 490 14.82 9.01 56.51
C PHE C 490 14.06 8.40 55.33
N PRO C 491 13.93 9.13 54.21
CA PRO C 491 13.19 8.57 53.07
C PRO C 491 14.07 7.64 52.24
N LEU C 492 14.85 6.82 52.93
CA LEU C 492 15.78 5.89 52.31
C LEU C 492 15.94 4.70 53.24
N GLN C 493 16.05 3.51 52.65
CA GLN C 493 16.11 2.28 53.42
C GLN C 493 17.03 1.30 52.70
N SER C 494 17.58 0.36 53.46
CA SER C 494 18.52 -0.63 52.94
C SER C 494 17.85 -2.00 52.89
N TYR C 495 18.11 -2.74 51.81
CA TYR C 495 17.67 -4.14 51.75
C TYR C 495 18.26 -4.95 52.90
N GLY C 496 19.56 -4.80 53.13
CA GLY C 496 20.24 -5.67 54.09
C GLY C 496 20.38 -7.07 53.53
N PHE C 497 21.11 -7.20 52.43
CA PHE C 497 21.28 -8.49 51.76
C PHE C 497 22.14 -9.40 52.62
N GLN C 498 21.51 -10.31 53.34
CA GLN C 498 22.20 -11.29 54.15
C GLN C 498 22.76 -12.40 53.26
N PRO C 499 23.88 -13.02 53.67
CA PRO C 499 24.49 -14.06 52.82
C PRO C 499 23.58 -15.24 52.55
N THR C 500 22.72 -15.61 53.50
CA THR C 500 21.83 -16.77 53.35
C THR C 500 20.41 -16.30 53.62
N ASN C 501 19.64 -16.07 52.55
CA ASN C 501 18.27 -15.64 52.63
C ASN C 501 17.42 -16.49 51.70
N GLY C 502 16.11 -16.26 51.73
CA GLY C 502 15.23 -16.93 50.79
C GLY C 502 15.40 -16.41 49.38
N VAL C 503 14.86 -17.18 48.43
CA VAL C 503 15.01 -16.82 47.02
C VAL C 503 14.37 -15.47 46.73
N GLY C 504 13.35 -15.09 47.51
CA GLY C 504 12.73 -13.79 47.36
C GLY C 504 13.45 -12.64 48.01
N TYR C 505 14.50 -12.91 48.78
CA TYR C 505 15.30 -11.88 49.41
C TYR C 505 16.75 -11.88 48.95
N GLN C 506 17.19 -12.90 48.22
CA GLN C 506 18.56 -12.93 47.72
C GLN C 506 18.75 -11.83 46.67
N PRO C 507 19.94 -11.24 46.62
CA PRO C 507 20.18 -10.18 45.62
C PRO C 507 20.29 -10.76 44.22
N TYR C 508 19.53 -10.18 43.30
CA TYR C 508 19.57 -10.54 41.88
C TYR C 508 20.06 -9.33 41.10
N ARG C 509 21.00 -9.56 40.19
CA ARG C 509 21.47 -8.50 39.30
C ARG C 509 20.49 -8.38 38.14
N VAL C 510 19.85 -7.21 38.04
CA VAL C 510 18.85 -6.92 37.02
C VAL C 510 19.43 -5.90 36.06
N VAL C 511 19.38 -6.23 34.77
CA VAL C 511 19.84 -5.37 33.69
C VAL C 511 18.67 -5.14 32.75
N VAL C 512 18.41 -3.88 32.42
CA VAL C 512 17.32 -3.50 31.55
C VAL C 512 17.92 -2.85 30.30
N LEU C 513 17.53 -3.34 29.14
CA LEU C 513 17.95 -2.76 27.87
C LEU C 513 16.77 -2.02 27.26
N SER C 514 16.91 -0.71 27.15
CA SER C 514 15.93 0.18 26.57
C SER C 514 16.30 0.51 25.13
N PHE C 515 15.31 0.46 24.25
CA PHE C 515 15.49 0.54 22.81
C PHE C 515 14.79 1.78 22.27
N GLU C 516 15.41 2.41 21.27
CA GLU C 516 14.91 3.66 20.68
C GLU C 516 14.67 3.45 19.19
N LEU C 517 13.40 3.36 18.80
CA LEU C 517 13.00 3.21 17.39
C LEU C 517 12.87 4.53 16.67
N LEU C 518 13.52 5.59 17.16
CA LEU C 518 13.41 6.90 16.55
C LEU C 518 14.05 6.90 15.16
N HIS C 519 13.52 7.74 14.28
CA HIS C 519 14.02 7.86 12.91
C HIS C 519 15.39 8.53 12.94
N ALA C 520 16.44 7.73 12.76
CA ALA C 520 17.81 8.22 12.78
C ALA C 520 18.69 7.15 12.15
N PRO C 521 19.88 7.51 11.65
CA PRO C 521 20.79 6.49 11.12
C PRO C 521 21.14 5.46 12.17
N ALA C 522 21.00 4.18 11.80
CA ALA C 522 21.22 3.10 12.75
C ALA C 522 22.70 2.98 13.09
N THR C 523 22.98 2.71 14.36
CA THR C 523 24.34 2.52 14.84
C THR C 523 24.61 1.13 15.37
N VAL C 524 23.60 0.44 15.90
CA VAL C 524 23.75 -0.90 16.44
C VAL C 524 22.87 -1.84 15.63
N CYS C 525 23.47 -2.92 15.14
CA CYS C 525 22.76 -3.91 14.34
C CYS C 525 23.30 -5.30 14.67
N GLY C 526 22.49 -6.31 14.34
CA GLY C 526 22.92 -7.68 14.46
C GLY C 526 24.04 -7.98 13.50
N PRO C 527 24.96 -8.86 13.89
CA PRO C 527 26.10 -9.17 13.02
C PRO C 527 25.64 -9.83 11.72
N LYS C 528 26.22 -9.38 10.62
CA LYS C 528 25.92 -9.94 9.32
C LYS C 528 26.90 -11.06 8.98
N LYS C 529 26.41 -12.05 8.26
CA LYS C 529 27.15 -13.28 8.01
C LYS C 529 27.41 -13.45 6.52
N SER C 530 28.54 -14.08 6.20
CA SER C 530 28.95 -14.32 4.82
C SER C 530 29.28 -15.80 4.65
N THR C 531 29.10 -16.27 3.42
CA THR C 531 29.36 -17.66 3.06
C THR C 531 30.55 -17.75 2.11
N ASN C 532 31.02 -18.96 1.89
CA ASN C 532 32.16 -19.17 1.01
C ASN C 532 31.82 -18.77 -0.42
N LEU C 533 32.75 -18.07 -1.06
CA LEU C 533 32.53 -17.62 -2.43
C LEU C 533 32.64 -18.78 -3.41
N VAL C 534 31.79 -18.74 -4.44
CA VAL C 534 31.79 -19.74 -5.50
C VAL C 534 31.79 -19.01 -6.84
N LYS C 535 32.64 -19.44 -7.76
CA LYS C 535 32.83 -18.78 -9.04
C LYS C 535 32.48 -19.73 -10.19
N ASN C 536 32.33 -19.14 -11.37
CA ASN C 536 32.10 -19.87 -12.62
C ASN C 536 30.82 -20.70 -12.57
N LYS C 537 29.81 -20.23 -11.83
CA LYS C 537 28.51 -20.90 -11.76
C LYS C 537 27.41 -19.86 -11.70
N CYS C 538 26.23 -20.25 -12.16
CA CYS C 538 25.04 -19.39 -12.11
C CYS C 538 24.46 -19.46 -10.70
N VAL C 539 24.72 -18.43 -9.90
CA VAL C 539 24.37 -18.43 -8.48
C VAL C 539 23.96 -17.02 -8.07
N ASN C 540 22.98 -16.94 -7.18
CA ASN C 540 22.56 -15.67 -6.63
C ASN C 540 23.67 -15.06 -5.78
N PHE C 541 23.65 -13.73 -5.65
CA PHE C 541 24.62 -13.03 -4.83
C PHE C 541 23.95 -11.84 -4.17
N ASN C 542 24.45 -11.52 -2.96
CA ASN C 542 24.03 -10.35 -2.18
C ASN C 542 25.31 -9.73 -1.63
N PHE C 543 25.88 -8.81 -2.42
CA PHE C 543 27.16 -8.18 -2.10
C PHE C 543 26.88 -6.81 -1.50
N ASN C 544 26.92 -6.72 -0.17
CA ASN C 544 26.74 -5.46 0.55
C ASN C 544 25.43 -4.76 0.15
N GLY C 545 24.38 -5.55 0.00
CA GLY C 545 23.09 -5.02 -0.40
C GLY C 545 22.83 -4.98 -1.89
N LEU C 546 23.84 -5.29 -2.71
CA LEU C 546 23.66 -5.39 -4.14
C LEU C 546 23.27 -6.83 -4.47
N THR C 547 22.01 -7.05 -4.80
CA THR C 547 21.46 -8.38 -5.00
C THR C 547 21.29 -8.65 -6.49
N GLY C 548 21.54 -9.89 -6.89
CA GLY C 548 21.40 -10.23 -8.29
C GLY C 548 21.67 -11.70 -8.54
N THR C 549 21.54 -12.09 -9.80
CA THR C 549 21.81 -13.45 -10.25
C THR C 549 22.77 -13.41 -11.44
N GLY C 550 23.72 -14.33 -11.46
CA GLY C 550 24.66 -14.38 -12.56
C GLY C 550 25.81 -15.32 -12.24
N VAL C 551 26.86 -15.19 -13.05
CA VAL C 551 28.08 -15.96 -12.93
C VAL C 551 29.21 -15.01 -12.57
N LEU C 552 29.96 -15.35 -11.52
CA LEU C 552 31.05 -14.52 -11.02
C LEU C 552 32.38 -15.06 -11.52
N THR C 553 33.16 -14.20 -12.15
CA THR C 553 34.47 -14.60 -12.67
C THR C 553 35.54 -13.60 -12.23
N GLU C 554 36.78 -14.07 -12.19
CA GLU C 554 37.89 -13.18 -11.90
C GLU C 554 38.07 -12.18 -13.03
N SER C 555 38.18 -10.90 -12.69
CA SER C 555 38.21 -9.83 -13.67
C SER C 555 39.57 -9.13 -13.65
N ASN C 556 39.84 -8.39 -14.73
CA ASN C 556 41.08 -7.65 -14.89
C ASN C 556 40.90 -6.15 -14.70
N LYS C 557 39.73 -5.71 -14.26
CA LYS C 557 39.51 -4.28 -14.04
C LYS C 557 40.25 -3.81 -12.80
N LYS C 558 40.39 -2.49 -12.69
CA LYS C 558 41.15 -1.90 -11.56
C LYS C 558 40.33 -0.77 -10.91
N PHE C 559 39.48 -1.11 -9.95
CA PHE C 559 38.73 -0.11 -9.20
C PHE C 559 39.68 0.81 -8.45
N LEU C 560 39.23 2.03 -8.20
CA LEU C 560 39.89 2.87 -7.21
C LEU C 560 39.60 2.31 -5.83
N PRO C 561 40.47 2.56 -4.85
CA PRO C 561 40.29 1.93 -3.53
C PRO C 561 39.23 2.62 -2.67
N PHE C 562 38.13 3.05 -3.29
CA PHE C 562 36.93 3.43 -2.55
C PHE C 562 35.65 2.93 -3.20
N GLN C 563 35.70 2.47 -4.45
CA GLN C 563 34.50 2.03 -5.15
C GLN C 563 34.15 0.59 -4.79
N GLN C 564 32.85 0.30 -4.75
CA GLN C 564 32.35 -1.00 -4.34
C GLN C 564 31.84 -1.85 -5.49
N PHE C 565 31.23 -1.25 -6.51
CA PHE C 565 30.75 -2.02 -7.64
C PHE C 565 30.68 -1.12 -8.87
N GLY C 566 30.82 -1.74 -10.05
CA GLY C 566 30.83 -1.01 -11.30
C GLY C 566 29.49 -1.07 -12.02
N ARG C 567 29.43 -0.33 -13.13
CA ARG C 567 28.24 -0.27 -13.96
C ARG C 567 28.65 -0.20 -15.42
N ASP C 568 27.69 -0.50 -16.29
CA ASP C 568 27.90 -0.46 -17.73
C ASP C 568 27.46 0.89 -18.28
N ILE C 569 27.43 1.02 -19.60
CA ILE C 569 27.00 2.28 -20.21
C ILE C 569 25.52 2.52 -19.94
N ALA C 570 24.71 1.46 -19.97
CA ALA C 570 23.27 1.56 -19.78
C ALA C 570 22.85 1.37 -18.33
N ASP C 571 23.73 1.68 -17.38
CA ASP C 571 23.43 1.60 -15.95
C ASP C 571 23.02 0.18 -15.55
N THR C 572 23.90 -0.76 -15.85
CA THR C 572 23.69 -2.17 -15.53
C THR C 572 24.88 -2.67 -14.72
N THR C 573 24.60 -3.34 -13.60
CA THR C 573 25.65 -3.86 -12.74
C THR C 573 26.43 -4.94 -13.47
N ASP C 574 27.75 -4.76 -13.58
CA ASP C 574 28.59 -5.71 -14.29
C ASP C 574 29.84 -6.14 -13.54
N ALA C 575 30.17 -5.51 -12.42
CA ALA C 575 31.33 -5.91 -11.63
C ALA C 575 31.11 -5.52 -10.19
N VAL C 576 31.63 -6.34 -9.28
CA VAL C 576 31.47 -6.10 -7.85
C VAL C 576 32.77 -6.40 -7.14
N ARG C 577 33.12 -5.57 -6.16
CA ARG C 577 34.27 -5.80 -5.30
C ARG C 577 33.82 -6.59 -4.07
N ASP C 578 34.44 -7.74 -3.83
CA ASP C 578 34.07 -8.57 -2.71
C ASP C 578 34.43 -7.88 -1.40
N PRO C 579 33.53 -7.85 -0.41
CA PRO C 579 33.82 -7.11 0.83
C PRO C 579 34.76 -7.81 1.80
N GLN C 580 35.15 -9.06 1.53
CA GLN C 580 36.04 -9.79 2.41
C GLN C 580 37.38 -10.14 1.79
N THR C 581 37.51 -10.05 0.47
CA THR C 581 38.78 -10.28 -0.20
C THR C 581 39.27 -9.08 -0.99
N LEU C 582 38.45 -8.05 -1.13
CA LEU C 582 38.79 -6.87 -1.93
C LEU C 582 39.19 -7.28 -3.35
N GLU C 583 38.44 -8.22 -3.90
CA GLU C 583 38.71 -8.78 -5.22
C GLU C 583 37.60 -8.40 -6.18
N ILE C 584 37.99 -8.08 -7.42
CA ILE C 584 37.07 -7.61 -8.44
C ILE C 584 36.50 -8.83 -9.15
N LEU C 585 35.17 -8.92 -9.19
CA LEU C 585 34.49 -10.05 -9.81
C LEU C 585 33.57 -9.52 -10.91
N ASP C 586 33.80 -9.97 -12.13
CA ASP C 586 32.88 -9.69 -13.23
C ASP C 586 31.62 -10.52 -13.07
N ILE C 587 30.49 -9.90 -13.40
CA ILE C 587 29.17 -10.52 -13.30
C ILE C 587 28.65 -10.71 -14.72
N THR C 588 28.40 -11.96 -15.10
CA THR C 588 27.88 -12.27 -16.42
C THR C 588 26.49 -12.87 -16.28
N PRO C 589 25.49 -12.35 -16.98
CA PRO C 589 24.15 -12.94 -16.86
C PRO C 589 24.15 -14.40 -17.30
N CYS C 590 23.39 -15.22 -16.57
CA CYS C 590 23.35 -16.64 -16.85
C CYS C 590 22.84 -16.89 -18.26
N SER C 591 23.45 -17.87 -18.93
CA SER C 591 23.14 -18.11 -20.34
C SER C 591 21.67 -18.43 -20.50
N PHE C 592 21.04 -17.76 -21.47
CA PHE C 592 19.63 -17.94 -21.76
C PHE C 592 19.44 -17.77 -23.26
N GLY C 593 18.22 -17.93 -23.71
CA GLY C 593 17.93 -17.71 -25.11
C GLY C 593 16.62 -18.33 -25.52
N GLY C 594 16.31 -18.18 -26.81
CA GLY C 594 15.12 -18.78 -27.35
C GLY C 594 15.33 -20.23 -27.78
N VAL C 595 14.22 -20.94 -27.86
CA VAL C 595 14.19 -22.33 -28.31
C VAL C 595 13.31 -22.39 -29.54
N SER C 596 13.89 -22.79 -30.66
CA SER C 596 13.18 -22.87 -31.93
C SER C 596 13.05 -24.33 -32.35
N VAL C 597 11.86 -24.70 -32.83
CA VAL C 597 11.60 -26.07 -33.25
C VAL C 597 11.54 -26.07 -34.77
N ILE C 598 12.62 -26.51 -35.40
CA ILE C 598 12.66 -26.65 -36.85
C ILE C 598 12.00 -27.97 -37.22
N THR C 599 10.98 -27.90 -38.07
CA THR C 599 10.25 -29.10 -38.43
C THR C 599 9.62 -28.93 -39.79
N PRO C 600 9.57 -29.99 -40.58
CA PRO C 600 8.75 -29.99 -41.81
C PRO C 600 7.27 -30.09 -41.43
N GLY C 601 6.44 -30.26 -42.44
CA GLY C 601 5.03 -30.48 -42.17
C GLY C 601 4.81 -31.73 -41.35
N THR C 602 3.78 -31.68 -40.49
CA THR C 602 3.49 -32.81 -39.63
C THR C 602 3.14 -34.05 -40.43
N ASN C 603 2.56 -33.83 -41.62
CA ASN C 603 2.21 -34.92 -42.53
C ASN C 603 3.42 -35.48 -43.26
N THR C 604 4.45 -34.67 -43.53
CA THR C 604 5.66 -35.21 -44.14
C THR C 604 6.39 -36.13 -43.18
N SER C 605 6.66 -35.64 -41.97
CA SER C 605 7.41 -36.41 -40.97
C SER C 605 7.21 -35.77 -39.61
N ASN C 606 7.43 -36.58 -38.57
CA ASN C 606 7.39 -36.09 -37.20
C ASN C 606 8.76 -35.78 -36.64
N GLN C 607 9.82 -36.05 -37.38
CA GLN C 607 11.17 -35.72 -36.92
C GLN C 607 11.33 -34.21 -36.81
N VAL C 608 11.94 -33.76 -35.71
CA VAL C 608 12.11 -32.34 -35.44
C VAL C 608 13.54 -32.10 -34.98
N ALA C 609 13.96 -30.84 -35.08
CA ALA C 609 15.25 -30.40 -34.57
C ALA C 609 15.04 -29.19 -33.67
N VAL C 610 15.91 -29.04 -32.68
CA VAL C 610 15.79 -27.97 -31.69
C VAL C 610 17.00 -27.07 -31.79
N LEU C 611 16.76 -25.77 -31.92
CA LEU C 611 17.81 -24.76 -31.99
C LEU C 611 17.76 -23.94 -30.70
N TYR C 612 18.86 -23.96 -29.96
CA TYR C 612 19.02 -23.15 -28.75
C TYR C 612 19.85 -21.94 -29.14
N GLN C 613 19.23 -20.76 -29.16
CA GLN C 613 19.89 -19.59 -29.72
C GLN C 613 20.91 -19.03 -28.74
N ASP C 614 22.12 -18.75 -29.25
CA ASP C 614 23.20 -18.13 -28.48
C ASP C 614 23.56 -18.94 -27.24
N VAL C 615 23.56 -20.27 -27.37
CA VAL C 615 23.87 -21.16 -26.27
C VAL C 615 24.93 -22.15 -26.74
N ASN C 616 26.04 -22.22 -26.00
CA ASN C 616 27.02 -23.27 -26.23
C ASN C 616 26.41 -24.63 -25.92
N CYS C 617 26.75 -25.62 -26.75
CA CYS C 617 26.15 -26.94 -26.61
C CYS C 617 26.51 -27.61 -25.28
N THR C 618 27.57 -27.17 -24.61
CA THR C 618 27.93 -27.76 -23.33
C THR C 618 26.93 -27.40 -22.24
N GLU C 619 26.31 -26.23 -22.33
CA GLU C 619 25.37 -25.77 -21.31
C GLU C 619 23.94 -26.22 -21.57
N VAL C 620 23.66 -26.82 -22.73
CA VAL C 620 22.29 -27.24 -23.03
C VAL C 620 21.77 -28.28 -22.05
N PRO C 621 22.51 -29.36 -21.71
CA PRO C 621 21.92 -30.31 -20.76
C PRO C 621 21.76 -29.74 -19.35
N ASN C 641 22.64 -35.47 -34.53
CA ASN C 641 23.65 -35.23 -33.51
C ASN C 641 23.58 -33.80 -32.97
N VAL C 642 24.74 -33.25 -32.65
CA VAL C 642 24.85 -31.89 -32.11
C VAL C 642 25.76 -31.09 -33.03
N PHE C 643 25.31 -29.91 -33.44
CA PHE C 643 26.05 -29.12 -34.41
C PHE C 643 25.97 -27.67 -33.94
N GLN C 644 27.13 -27.05 -33.76
CA GLN C 644 27.22 -25.68 -33.27
C GLN C 644 27.35 -24.72 -34.45
N THR C 645 26.45 -23.75 -34.52
CA THR C 645 26.48 -22.69 -35.52
C THR C 645 26.60 -21.34 -34.80
N ARG C 646 26.76 -20.29 -35.60
CA ARG C 646 26.78 -18.94 -35.03
C ARG C 646 25.43 -18.58 -34.43
N ALA C 647 24.34 -19.00 -35.07
CA ALA C 647 23.01 -18.69 -34.55
C ALA C 647 22.77 -19.35 -33.20
N GLY C 648 23.25 -20.59 -33.04
CA GLY C 648 23.05 -21.30 -31.80
C GLY C 648 23.47 -22.75 -31.96
N CYS C 649 23.02 -23.56 -31.02
CA CYS C 649 23.31 -25.00 -31.02
C CYS C 649 22.09 -25.75 -31.55
N LEU C 650 22.29 -26.51 -32.63
CA LEU C 650 21.23 -27.27 -33.27
C LEU C 650 21.38 -28.74 -32.89
N ILE C 651 20.32 -29.32 -32.32
CA ILE C 651 20.32 -30.70 -31.86
C ILE C 651 19.21 -31.44 -32.61
N GLY C 652 19.56 -32.59 -33.18
CA GLY C 652 18.61 -33.37 -33.94
C GLY C 652 18.74 -33.26 -35.44
N ALA C 653 19.74 -32.56 -35.94
CA ALA C 653 20.00 -32.45 -37.37
C ALA C 653 21.47 -32.73 -37.63
N GLU C 654 21.73 -33.55 -38.65
CA GLU C 654 23.10 -33.93 -38.99
C GLU C 654 23.68 -32.94 -39.98
N HIS C 655 24.93 -32.54 -39.73
CA HIS C 655 25.60 -31.60 -40.61
C HIS C 655 26.17 -32.36 -41.81
N VAL C 656 25.86 -31.88 -43.00
CA VAL C 656 26.31 -32.51 -44.23
C VAL C 656 27.21 -31.55 -44.99
N ASN C 657 28.05 -32.12 -45.84
CA ASN C 657 29.10 -31.37 -46.52
C ASN C 657 28.62 -30.77 -47.83
N ASN C 658 27.41 -31.12 -48.28
CA ASN C 658 26.86 -30.64 -49.53
C ASN C 658 26.31 -29.23 -49.39
N SER C 659 25.86 -28.67 -50.50
CA SER C 659 25.24 -27.36 -50.54
C SER C 659 23.94 -27.43 -51.34
N TYR C 660 22.84 -26.99 -50.74
CA TYR C 660 21.56 -26.88 -51.40
C TYR C 660 20.97 -25.50 -51.15
N GLU C 661 19.92 -25.18 -51.89
CA GLU C 661 19.19 -23.95 -51.63
C GLU C 661 18.46 -24.02 -50.30
N CYS C 662 18.24 -22.86 -49.69
CA CYS C 662 17.64 -22.82 -48.36
C CYS C 662 16.21 -23.33 -48.39
N ASP C 663 15.87 -24.15 -47.40
CA ASP C 663 14.51 -24.66 -47.21
C ASP C 663 13.90 -24.10 -45.94
N ILE C 664 14.53 -24.33 -44.79
CA ILE C 664 14.12 -23.75 -43.51
C ILE C 664 15.30 -22.95 -42.98
N PRO C 665 15.26 -21.63 -43.04
CA PRO C 665 16.43 -20.85 -42.60
C PRO C 665 16.73 -21.04 -41.13
N ILE C 666 18.02 -21.09 -40.80
CA ILE C 666 18.51 -21.14 -39.43
C ILE C 666 19.30 -19.89 -39.08
N GLY C 667 20.24 -19.50 -39.93
CA GLY C 667 20.98 -18.27 -39.73
C GLY C 667 22.47 -18.43 -39.98
N ALA C 668 23.14 -17.30 -40.20
CA ALA C 668 24.57 -17.27 -40.50
C ALA C 668 24.92 -18.13 -41.71
N GLY C 669 23.96 -18.26 -42.63
CA GLY C 669 24.14 -19.08 -43.80
C GLY C 669 23.87 -20.56 -43.63
N ILE C 670 23.33 -20.96 -42.48
CA ILE C 670 22.97 -22.35 -42.22
C ILE C 670 21.48 -22.51 -42.43
N CYS C 671 21.09 -23.53 -43.20
CA CYS C 671 19.70 -23.86 -43.48
C CYS C 671 19.49 -25.35 -43.27
N ALA C 672 18.24 -25.72 -42.97
CA ALA C 672 17.88 -27.09 -42.69
C ALA C 672 16.80 -27.57 -43.65
N SER C 673 16.87 -28.86 -43.99
CA SER C 673 15.89 -29.46 -44.89
C SER C 673 15.72 -30.93 -44.56
N TYR C 674 14.56 -31.49 -44.90
CA TYR C 674 14.25 -32.89 -44.64
C TYR C 674 14.44 -33.69 -45.92
N GLN C 675 15.36 -34.65 -45.89
CA GLN C 675 15.56 -35.51 -47.06
C GLN C 675 15.57 -36.99 -46.67
N GLN C 690 15.41 -41.52 -43.91
CA GLN C 690 15.35 -40.07 -44.08
C GLN C 690 15.49 -39.34 -42.75
N SER C 691 15.99 -38.11 -42.81
CA SER C 691 16.17 -37.31 -41.60
C SER C 691 16.27 -35.85 -41.98
N ILE C 692 16.46 -35.01 -40.97
CA ILE C 692 16.65 -33.58 -41.15
C ILE C 692 18.15 -33.28 -41.18
N ILE C 693 18.58 -32.56 -42.21
CA ILE C 693 19.98 -32.22 -42.40
C ILE C 693 20.14 -30.71 -42.29
N ALA C 694 21.32 -30.29 -41.85
CA ALA C 694 21.69 -28.89 -41.75
C ALA C 694 22.92 -28.66 -42.60
N TYR C 695 22.90 -27.62 -43.41
CA TYR C 695 23.94 -27.41 -44.41
C TYR C 695 24.16 -25.92 -44.63
N THR C 696 25.21 -25.62 -45.39
CA THR C 696 25.49 -24.26 -45.84
C THR C 696 24.74 -24.02 -47.15
N MET C 697 23.98 -22.93 -47.19
CA MET C 697 23.17 -22.63 -48.36
C MET C 697 24.06 -22.36 -49.58
N SER C 698 23.55 -22.74 -50.74
CA SER C 698 24.23 -22.49 -52.01
C SER C 698 23.55 -21.34 -52.73
N LEU C 699 24.35 -20.37 -53.17
CA LEU C 699 23.82 -19.17 -53.80
C LEU C 699 23.38 -19.40 -55.25
N GLY C 700 23.73 -20.53 -55.84
CA GLY C 700 23.31 -20.82 -57.20
C GLY C 700 24.33 -21.70 -57.90
N ALA C 701 23.98 -22.10 -59.12
CA ALA C 701 24.85 -22.94 -59.91
C ALA C 701 26.04 -22.16 -60.44
N GLU C 702 27.20 -22.81 -60.48
CA GLU C 702 28.40 -22.17 -60.99
C GLU C 702 28.30 -22.01 -62.50
N ASN C 703 28.86 -20.91 -63.00
CA ASN C 703 28.79 -20.61 -64.42
C ASN C 703 29.87 -19.59 -64.76
N SER C 704 30.69 -19.91 -65.77
CA SER C 704 31.70 -19.00 -66.27
C SER C 704 31.52 -18.85 -67.77
N VAL C 705 31.39 -17.60 -68.24
CA VAL C 705 31.18 -17.31 -69.65
C VAL C 705 32.55 -17.15 -70.32
N ALA C 706 32.65 -17.63 -71.55
CA ALA C 706 33.88 -17.57 -72.32
C ALA C 706 34.01 -16.16 -72.91
N TYR C 707 34.75 -15.31 -72.20
CA TYR C 707 34.94 -13.92 -72.63
C TYR C 707 36.27 -13.79 -73.37
N SER C 708 36.19 -13.39 -74.64
CA SER C 708 37.36 -13.00 -75.41
C SER C 708 36.99 -11.77 -76.22
N ASN C 709 38.01 -10.99 -76.60
CA ASN C 709 37.70 -9.66 -77.11
C ASN C 709 37.23 -9.67 -78.57
N ASN C 710 37.03 -10.85 -79.16
CA ASN C 710 36.50 -10.92 -80.52
C ASN C 710 35.49 -12.04 -80.69
N SER C 711 34.75 -12.38 -79.63
CA SER C 711 33.72 -13.42 -79.70
C SER C 711 32.44 -12.92 -79.08
N ILE C 712 31.32 -13.25 -79.72
CA ILE C 712 30.00 -12.83 -79.27
C ILE C 712 29.06 -14.03 -79.36
N ALA C 713 27.97 -13.96 -78.61
CA ALA C 713 26.93 -14.98 -78.61
C ALA C 713 25.62 -14.36 -79.06
N ILE C 714 24.97 -15.00 -80.03
CA ILE C 714 23.71 -14.49 -80.56
C ILE C 714 22.68 -15.61 -80.59
N PRO C 715 21.50 -15.40 -80.02
CA PRO C 715 20.49 -16.47 -79.99
C PRO C 715 19.99 -16.82 -81.38
N THR C 716 19.61 -18.09 -81.54
CA THR C 716 18.98 -18.56 -82.76
C THR C 716 17.54 -18.98 -82.57
N ASN C 717 17.05 -19.02 -81.32
CA ASN C 717 15.68 -19.41 -81.06
C ASN C 717 15.18 -18.60 -79.87
N PHE C 718 13.91 -18.80 -79.51
CA PHE C 718 13.34 -18.04 -78.41
C PHE C 718 12.19 -18.83 -77.80
N THR C 719 11.82 -18.43 -76.59
CA THR C 719 10.69 -19.00 -75.87
C THR C 719 9.83 -17.87 -75.32
N ILE C 720 8.52 -18.01 -75.49
CA ILE C 720 7.57 -17.06 -74.91
C ILE C 720 7.18 -17.57 -73.53
N SER C 721 7.53 -16.83 -72.49
CA SER C 721 7.34 -17.27 -71.11
C SER C 721 6.33 -16.37 -70.42
N VAL C 722 5.36 -16.98 -69.76
CA VAL C 722 4.34 -16.25 -69.01
C VAL C 722 4.58 -16.51 -67.53
N THR C 723 4.89 -15.45 -66.80
CA THR C 723 5.13 -15.53 -65.37
C THR C 723 3.95 -14.94 -64.61
N THR C 724 3.86 -15.29 -63.33
CA THR C 724 2.76 -14.87 -62.48
C THR C 724 3.30 -13.99 -61.35
N GLU C 725 2.70 -12.81 -61.19
CA GLU C 725 3.03 -11.92 -60.08
C GLU C 725 1.76 -11.62 -59.32
N ILE C 726 1.83 -11.67 -57.99
CA ILE C 726 0.66 -11.51 -57.13
C ILE C 726 0.90 -10.33 -56.20
N LEU C 727 -0.07 -9.42 -56.15
CA LEU C 727 0.05 -8.22 -55.32
C LEU C 727 -1.23 -8.02 -54.53
N PRO C 728 -1.16 -7.94 -53.20
CA PRO C 728 -2.34 -7.53 -52.42
C PRO C 728 -2.71 -6.09 -52.74
N VAL C 729 -4.00 -5.82 -52.75
CA VAL C 729 -4.54 -4.51 -53.09
C VAL C 729 -5.25 -3.88 -51.91
N SER C 730 -6.14 -4.63 -51.26
CA SER C 730 -6.89 -4.13 -50.12
C SER C 730 -7.07 -5.25 -49.10
N MET C 731 -7.37 -4.86 -47.87
CA MET C 731 -7.66 -5.78 -46.80
C MET C 731 -9.09 -5.57 -46.31
N THR C 732 -9.54 -6.48 -45.44
CA THR C 732 -10.90 -6.41 -44.95
C THR C 732 -11.14 -5.11 -44.18
N LYS C 733 -12.28 -4.48 -44.46
CA LYS C 733 -12.66 -3.23 -43.81
C LYS C 733 -13.36 -3.56 -42.51
N THR C 734 -12.72 -3.26 -41.38
CA THR C 734 -13.27 -3.56 -40.07
C THR C 734 -13.55 -2.27 -39.32
N SER C 735 -14.59 -2.31 -38.49
CA SER C 735 -14.96 -1.18 -37.65
C SER C 735 -15.32 -1.70 -36.27
N VAL C 736 -14.72 -1.12 -35.24
CA VAL C 736 -14.93 -1.55 -33.86
C VAL C 736 -15.58 -0.41 -33.10
N ASP C 737 -16.71 -0.68 -32.47
CA ASP C 737 -17.36 0.31 -31.62
C ASP C 737 -16.58 0.39 -30.31
N CYS C 738 -15.97 1.56 -30.07
CA CYS C 738 -15.14 1.72 -28.88
C CYS C 738 -15.97 1.61 -27.60
N THR C 739 -17.15 2.23 -27.58
CA THR C 739 -17.96 2.24 -26.37
C THR C 739 -18.49 0.84 -26.05
N MET C 740 -19.03 0.14 -27.06
CA MET C 740 -19.56 -1.20 -26.81
C MET C 740 -18.46 -2.20 -26.50
N TYR C 741 -17.28 -2.03 -27.10
CA TYR C 741 -16.18 -2.95 -26.81
C TYR C 741 -15.67 -2.76 -25.39
N ILE C 742 -15.45 -1.51 -24.98
CA ILE C 742 -14.89 -1.26 -23.65
C ILE C 742 -15.91 -1.56 -22.57
N CYS C 743 -17.15 -1.11 -22.76
CA CYS C 743 -18.12 -1.06 -21.67
C CYS C 743 -19.32 -1.98 -21.86
N GLY C 744 -19.43 -2.68 -22.98
CA GLY C 744 -20.61 -3.49 -23.22
C GLY C 744 -21.84 -2.61 -23.32
N ASP C 745 -22.86 -2.94 -22.54
CA ASP C 745 -24.09 -2.18 -22.46
C ASP C 745 -24.33 -1.66 -21.06
N SER C 746 -23.28 -1.15 -20.42
CA SER C 746 -23.32 -0.65 -19.06
C SER C 746 -23.21 0.87 -19.08
N THR C 747 -24.17 1.55 -18.46
CA THR C 747 -24.14 3.02 -18.42
C THR C 747 -23.13 3.53 -17.40
N GLU C 748 -22.92 2.82 -16.30
CA GLU C 748 -21.92 3.24 -15.33
C GLU C 748 -20.53 3.25 -15.95
N CYS C 749 -20.23 2.21 -16.74
CA CYS C 749 -18.94 2.15 -17.41
C CYS C 749 -18.82 3.25 -18.45
N SER C 750 -19.92 3.60 -19.13
CA SER C 750 -19.88 4.70 -20.09
C SER C 750 -19.58 6.03 -19.41
N ASN C 751 -20.22 6.27 -18.25
CA ASN C 751 -19.94 7.49 -17.50
C ASN C 751 -18.49 7.54 -17.05
N LEU C 752 -17.95 6.40 -16.61
CA LEU C 752 -16.53 6.37 -16.27
C LEU C 752 -15.64 6.54 -17.50
N LEU C 753 -16.08 6.04 -18.66
CA LEU C 753 -15.29 6.17 -19.87
C LEU C 753 -15.23 7.60 -20.36
N LEU C 754 -16.27 8.39 -20.10
CA LEU C 754 -16.24 9.80 -20.50
C LEU C 754 -15.14 10.59 -19.79
N GLN C 755 -14.58 10.06 -18.70
CA GLN C 755 -13.52 10.76 -17.98
C GLN C 755 -12.21 10.81 -18.76
N TYR C 756 -12.04 9.97 -19.78
CA TYR C 756 -10.80 9.93 -20.53
C TYR C 756 -10.78 10.84 -21.75
N GLY C 757 -11.85 11.58 -22.01
CA GLY C 757 -11.87 12.52 -23.10
C GLY C 757 -12.48 11.91 -24.35
N SER C 758 -11.77 12.05 -25.48
CA SER C 758 -12.26 11.63 -26.79
C SER C 758 -11.39 10.54 -27.40
N PHE C 759 -10.96 9.58 -26.58
CA PHE C 759 -10.18 8.46 -27.11
C PHE C 759 -11.00 7.62 -28.08
N CYS C 760 -12.26 7.36 -27.72
CA CYS C 760 -13.13 6.54 -28.55
C CYS C 760 -13.35 7.18 -29.92
N THR C 761 -13.51 8.50 -29.94
CA THR C 761 -13.69 9.21 -31.19
C THR C 761 -12.45 9.08 -32.08
N GLN C 762 -11.26 9.21 -31.50
CA GLN C 762 -10.04 9.05 -32.29
C GLN C 762 -9.94 7.66 -32.89
N LEU C 763 -10.24 6.63 -32.08
CA LEU C 763 -10.13 5.26 -32.59
C LEU C 763 -11.13 5.00 -33.71
N ASN C 764 -12.37 5.44 -33.54
CA ASN C 764 -13.37 5.26 -34.58
C ASN C 764 -12.97 6.01 -35.85
N ARG C 765 -12.43 7.22 -35.69
CA ARG C 765 -11.99 8.01 -36.83
C ARG C 765 -10.88 7.32 -37.60
N ALA C 766 -9.89 6.78 -36.90
CA ALA C 766 -8.79 6.10 -37.58
C ALA C 766 -9.28 4.88 -38.33
N LEU C 767 -10.16 4.09 -37.71
CA LEU C 767 -10.67 2.89 -38.39
C LEU C 767 -11.48 3.27 -39.63
N THR C 768 -12.27 4.35 -39.53
CA THR C 768 -13.04 4.81 -40.69
C THR C 768 -12.12 5.24 -41.82
N GLY C 769 -11.03 5.95 -41.48
CA GLY C 769 -10.08 6.36 -42.51
C GLY C 769 -9.46 5.16 -43.21
N ILE C 770 -9.10 4.13 -42.45
CA ILE C 770 -8.57 2.92 -43.08
C ILE C 770 -9.60 2.30 -44.01
N ALA C 771 -10.85 2.23 -43.57
CA ALA C 771 -11.90 1.63 -44.38
C ALA C 771 -12.08 2.36 -45.70
N VAL C 772 -12.06 3.69 -45.67
CA VAL C 772 -12.18 4.46 -46.92
C VAL C 772 -10.97 4.25 -47.81
N GLU C 773 -9.78 4.18 -47.19
CA GLU C 773 -8.57 4.01 -47.98
C GLU C 773 -8.56 2.69 -48.73
N GLN C 774 -9.21 1.66 -48.18
CA GLN C 774 -9.29 0.39 -48.90
C GLN C 774 -10.06 0.52 -50.22
N ASP C 775 -11.20 1.22 -50.18
CA ASP C 775 -11.95 1.46 -51.40
C ASP C 775 -11.14 2.29 -52.39
N LYS C 776 -10.37 3.26 -51.89
CA LYS C 776 -9.53 4.03 -52.82
C LYS C 776 -8.46 3.15 -53.46
N ASN C 777 -7.90 2.21 -52.70
CA ASN C 777 -6.91 1.29 -53.26
C ASN C 777 -7.51 0.48 -54.40
N THR C 778 -8.67 -0.14 -54.18
CA THR C 778 -9.26 -0.96 -55.24
C THR C 778 -9.64 -0.12 -56.45
N GLN C 779 -10.14 1.10 -56.23
CA GLN C 779 -10.48 1.97 -57.33
C GLN C 779 -9.25 2.35 -58.16
N GLU C 780 -8.14 2.68 -57.49
CA GLU C 780 -6.95 3.07 -58.24
C GLU C 780 -6.36 1.90 -59.01
N VAL C 781 -6.44 0.69 -58.46
CA VAL C 781 -5.86 -0.45 -59.17
C VAL C 781 -6.69 -0.82 -60.38
N PHE C 782 -8.01 -1.01 -60.20
CA PHE C 782 -8.78 -1.57 -61.31
C PHE C 782 -9.48 -0.53 -62.17
N ALA C 783 -10.02 0.54 -61.58
CA ALA C 783 -10.83 1.51 -62.32
C ALA C 783 -9.91 2.53 -63.00
N GLN C 784 -9.22 2.06 -64.04
CA GLN C 784 -8.35 2.92 -64.83
C GLN C 784 -8.85 3.18 -66.24
N VAL C 785 -9.84 2.44 -66.71
CA VAL C 785 -10.43 2.65 -68.02
C VAL C 785 -11.84 3.19 -67.86
N LYS C 786 -12.25 4.04 -68.80
CA LYS C 786 -13.57 4.65 -68.77
C LYS C 786 -14.63 3.74 -69.37
N GLN C 787 -14.40 3.27 -70.60
CA GLN C 787 -15.36 2.41 -71.26
C GLN C 787 -15.22 0.97 -70.80
N ILE C 788 -16.25 0.16 -71.10
CA ILE C 788 -16.22 -1.27 -70.82
C ILE C 788 -16.14 -2.00 -72.14
N TYR C 789 -14.93 -2.34 -72.57
CA TYR C 789 -14.73 -2.97 -73.87
C TYR C 789 -15.17 -4.42 -73.83
N LYS C 790 -15.52 -4.95 -75.01
CA LYS C 790 -15.95 -6.33 -75.15
C LYS C 790 -15.23 -6.99 -76.31
N THR C 791 -14.92 -8.27 -76.16
CA THR C 791 -14.31 -9.03 -77.24
C THR C 791 -15.36 -9.43 -78.27
N PRO C 792 -14.98 -9.55 -79.55
CA PRO C 792 -15.94 -9.92 -80.57
C PRO C 792 -16.46 -11.34 -80.34
N PRO C 793 -17.69 -11.62 -80.75
CA PRO C 793 -18.20 -12.99 -80.58
C PRO C 793 -17.39 -14.04 -81.33
N ILE C 794 -16.85 -13.69 -82.49
CA ILE C 794 -15.96 -14.58 -83.24
C ILE C 794 -14.54 -14.33 -82.74
N LYS C 795 -13.97 -15.31 -82.05
CA LYS C 795 -12.67 -15.15 -81.40
C LYS C 795 -11.62 -15.90 -82.22
N ASP C 796 -10.98 -15.17 -83.14
CA ASP C 796 -9.85 -15.70 -83.91
C ASP C 796 -8.80 -14.60 -83.99
N PHE C 797 -7.68 -14.81 -83.31
CA PHE C 797 -6.61 -13.81 -83.22
C PHE C 797 -5.32 -14.34 -83.82
N GLY C 798 -5.42 -15.03 -84.96
CA GLY C 798 -4.23 -15.54 -85.60
C GLY C 798 -3.58 -16.72 -84.91
N GLY C 799 -4.34 -17.47 -84.11
CA GLY C 799 -3.84 -18.64 -83.43
C GLY C 799 -3.67 -18.46 -81.94
N PHE C 800 -3.60 -17.23 -81.45
CA PHE C 800 -3.56 -16.99 -80.03
C PHE C 800 -4.90 -17.34 -79.41
N ASN C 801 -4.87 -17.96 -78.24
CA ASN C 801 -6.05 -18.60 -77.65
C ASN C 801 -6.16 -18.09 -76.22
N PHE C 802 -7.08 -17.14 -76.00
CA PHE C 802 -7.23 -16.46 -74.72
C PHE C 802 -8.38 -17.02 -73.89
N SER C 803 -8.80 -18.26 -74.14
CA SER C 803 -9.96 -18.81 -73.43
C SER C 803 -9.71 -18.91 -71.93
N GLN C 804 -8.46 -19.08 -71.52
CA GLN C 804 -8.15 -19.23 -70.10
C GLN C 804 -8.10 -17.92 -69.34
N ILE C 805 -8.17 -16.78 -70.03
CA ILE C 805 -8.20 -15.49 -69.35
C ILE C 805 -9.46 -14.69 -69.66
N LEU C 806 -10.16 -14.97 -70.74
CA LEU C 806 -11.41 -14.28 -71.01
C LEU C 806 -12.53 -14.83 -70.13
N PRO C 807 -13.54 -14.02 -69.83
CA PRO C 807 -14.63 -14.50 -68.97
C PRO C 807 -15.35 -15.68 -69.59
N ASP C 808 -15.78 -16.60 -68.73
CA ASP C 808 -16.48 -17.80 -69.18
C ASP C 808 -17.97 -17.63 -68.93
N PRO C 809 -18.79 -17.47 -69.95
CA PRO C 809 -20.24 -17.28 -69.72
C PRO C 809 -20.93 -18.52 -69.16
N SER C 810 -20.33 -19.71 -69.29
CA SER C 810 -21.00 -20.92 -68.82
C SER C 810 -21.17 -20.90 -67.30
N LYS C 811 -20.14 -20.49 -66.57
CA LYS C 811 -20.26 -20.40 -65.12
C LYS C 811 -21.16 -19.22 -64.74
N PRO C 812 -21.89 -19.33 -63.62
CA PRO C 812 -22.73 -18.22 -63.15
C PRO C 812 -21.95 -17.19 -62.33
N SER C 813 -20.72 -16.91 -62.77
CA SER C 813 -19.89 -15.89 -62.13
C SER C 813 -19.22 -14.96 -63.12
N LYS C 814 -19.23 -15.26 -64.42
CA LYS C 814 -18.58 -14.43 -65.44
C LYS C 814 -17.10 -14.25 -65.14
N ARG C 815 -16.47 -15.29 -64.60
CA ARG C 815 -15.05 -15.28 -64.30
C ARG C 815 -14.30 -16.20 -65.27
N SER C 816 -13.07 -15.82 -65.59
CA SER C 816 -12.20 -16.69 -66.34
C SER C 816 -11.83 -17.90 -65.50
N PRO C 817 -11.43 -19.02 -66.13
CA PRO C 817 -11.06 -20.19 -65.35
C PRO C 817 -9.94 -19.93 -64.36
N ILE C 818 -8.97 -19.09 -64.72
CA ILE C 818 -7.88 -18.78 -63.81
C ILE C 818 -8.39 -17.97 -62.63
N GLU C 819 -9.33 -17.05 -62.87
CA GLU C 819 -9.93 -16.29 -61.78
C GLU C 819 -10.71 -17.20 -60.84
N ASP C 820 -11.40 -18.20 -61.40
CA ASP C 820 -12.12 -19.16 -60.56
C ASP C 820 -11.14 -19.95 -59.69
N LEU C 821 -10.02 -20.38 -60.28
CA LEU C 821 -9.01 -21.09 -59.50
C LEU C 821 -8.44 -20.21 -58.40
N LEU C 822 -8.21 -18.93 -58.70
CA LEU C 822 -7.71 -17.99 -57.70
C LEU C 822 -8.70 -17.81 -56.57
N PHE C 823 -10.00 -17.69 -56.88
CA PHE C 823 -11.01 -17.52 -55.84
C PHE C 823 -11.26 -18.80 -55.05
N ASN C 824 -10.85 -19.97 -55.57
CA ASN C 824 -10.97 -21.19 -54.79
C ASN C 824 -9.72 -21.51 -53.96
N LYS C 825 -8.55 -21.02 -54.36
CA LYS C 825 -7.34 -21.32 -53.61
C LYS C 825 -7.26 -20.54 -52.31
N VAL C 826 -7.89 -19.37 -52.23
CA VAL C 826 -7.81 -18.54 -51.03
C VAL C 826 -8.91 -18.97 -50.06
N THR C 827 -8.51 -19.26 -48.82
CA THR C 827 -9.45 -19.65 -47.78
C THR C 827 -9.47 -18.62 -46.66
N PHE C 855 -21.84 -10.06 -31.68
CA PHE C 855 -20.42 -10.06 -31.32
C PHE C 855 -20.13 -9.07 -30.21
N ASN C 856 -18.95 -8.45 -30.27
CA ASN C 856 -18.49 -7.52 -29.26
C ASN C 856 -18.25 -6.14 -29.86
N GLY C 857 -19.17 -5.68 -30.71
CA GLY C 857 -19.01 -4.40 -31.37
C GLY C 857 -18.14 -4.41 -32.60
N LEU C 858 -17.74 -5.59 -33.07
CA LEU C 858 -16.90 -5.71 -34.26
C LEU C 858 -17.78 -5.93 -35.48
N THR C 859 -17.56 -5.12 -36.51
CA THR C 859 -18.31 -5.20 -37.75
C THR C 859 -17.36 -5.23 -38.93
N VAL C 860 -17.78 -5.87 -40.01
CA VAL C 860 -17.01 -5.95 -41.24
C VAL C 860 -17.83 -5.27 -42.33
N LEU C 861 -17.35 -4.12 -42.79
CA LEU C 861 -18.05 -3.37 -43.82
C LEU C 861 -17.79 -3.99 -45.19
N PRO C 862 -18.81 -4.25 -45.99
CA PRO C 862 -18.58 -4.84 -47.30
C PRO C 862 -17.84 -3.88 -48.20
N PRO C 863 -17.02 -4.37 -49.13
CA PRO C 863 -16.30 -3.48 -50.03
C PRO C 863 -17.24 -2.76 -50.98
N LEU C 864 -16.83 -1.56 -51.40
CA LEU C 864 -17.65 -0.77 -52.31
C LEU C 864 -17.82 -1.46 -53.65
N LEU C 865 -16.75 -2.06 -54.17
CA LEU C 865 -16.80 -2.76 -55.44
C LEU C 865 -17.01 -4.25 -55.19
N THR C 866 -18.10 -4.79 -55.71
CA THR C 866 -18.36 -6.22 -55.60
C THR C 866 -17.34 -6.98 -56.46
N ASP C 867 -17.19 -8.28 -56.15
CA ASP C 867 -16.28 -9.10 -56.93
C ASP C 867 -16.68 -9.16 -58.40
N GLU C 868 -17.98 -9.07 -58.69
CA GLU C 868 -18.44 -9.06 -60.07
C GLU C 868 -18.01 -7.78 -60.78
N MET C 869 -18.02 -6.66 -60.05
CA MET C 869 -17.60 -5.39 -60.64
C MET C 869 -16.11 -5.40 -60.96
N ILE C 870 -15.30 -5.95 -60.06
CA ILE C 870 -13.87 -6.07 -60.33
C ILE C 870 -13.63 -7.01 -61.49
N ALA C 871 -14.43 -8.08 -61.59
CA ALA C 871 -14.32 -8.97 -62.74
C ALA C 871 -14.67 -8.26 -64.04
N GLN C 872 -15.66 -7.35 -64.00
CA GLN C 872 -16.00 -6.60 -65.20
C GLN C 872 -14.90 -5.63 -65.58
N TYR C 873 -14.27 -4.99 -64.60
CA TYR C 873 -13.14 -4.12 -64.89
C TYR C 873 -11.98 -4.90 -65.52
N THR C 874 -11.68 -6.08 -64.96
CA THR C 874 -10.62 -6.91 -65.52
C THR C 874 -10.96 -7.35 -66.94
N SER C 875 -12.23 -7.71 -67.18
CA SER C 875 -12.64 -8.10 -68.52
C SER C 875 -12.51 -6.95 -69.50
N ALA C 876 -12.86 -5.73 -69.07
CA ALA C 876 -12.71 -4.57 -69.93
C ALA C 876 -11.25 -4.32 -70.27
N LEU C 877 -10.36 -4.44 -69.29
CA LEU C 877 -8.94 -4.27 -69.55
C LEU C 877 -8.42 -5.32 -70.52
N LEU C 878 -8.82 -6.58 -70.34
CA LEU C 878 -8.37 -7.64 -71.23
C LEU C 878 -8.88 -7.42 -72.65
N ALA C 879 -10.15 -7.06 -72.80
CA ALA C 879 -10.70 -6.84 -74.13
C ALA C 879 -10.01 -5.67 -74.81
N GLY C 880 -9.77 -4.58 -74.07
CA GLY C 880 -9.08 -3.45 -74.66
C GLY C 880 -7.68 -3.79 -75.11
N THR C 881 -6.93 -4.52 -74.27
CA THR C 881 -5.57 -4.90 -74.64
C THR C 881 -5.56 -5.82 -75.85
N ILE C 882 -6.49 -6.77 -75.90
CA ILE C 882 -6.52 -7.72 -77.01
C ILE C 882 -6.89 -7.03 -78.32
N THR C 883 -7.91 -6.18 -78.30
CA THR C 883 -8.45 -5.65 -79.55
C THR C 883 -7.80 -4.34 -79.99
N SER C 884 -7.08 -3.65 -79.11
CA SER C 884 -6.52 -2.36 -79.51
C SER C 884 -5.08 -2.14 -79.05
N GLY C 885 -4.45 -3.13 -78.42
CA GLY C 885 -3.07 -2.94 -77.99
C GLY C 885 -2.99 -1.91 -76.87
N TRP C 886 -2.02 -1.01 -76.97
CA TRP C 886 -1.81 0.02 -75.96
C TRP C 886 -2.47 1.34 -76.32
N THR C 887 -3.18 1.41 -77.45
CA THR C 887 -3.78 2.68 -77.86
C THR C 887 -4.88 3.12 -76.91
N PHE C 888 -5.70 2.18 -76.44
CA PHE C 888 -6.86 2.55 -75.62
C PHE C 888 -6.47 3.14 -74.28
N GLY C 889 -5.23 2.96 -73.85
CA GLY C 889 -4.76 3.58 -72.63
C GLY C 889 -4.27 4.99 -72.79
N ALA C 890 -4.24 5.52 -74.02
CA ALA C 890 -3.74 6.88 -74.26
C ALA C 890 -4.66 7.60 -75.24
N GLY C 891 -5.95 7.35 -75.17
CA GLY C 891 -6.89 8.00 -76.04
C GLY C 891 -7.95 7.04 -76.58
N PRO C 892 -8.42 7.30 -77.79
CA PRO C 892 -9.42 6.42 -78.39
C PRO C 892 -8.87 5.03 -78.65
N ALA C 893 -9.75 4.04 -78.57
CA ALA C 893 -9.36 2.65 -78.81
C ALA C 893 -9.28 2.42 -80.31
N LEU C 894 -8.08 2.16 -80.81
CA LEU C 894 -7.85 1.95 -82.24
C LEU C 894 -7.68 0.46 -82.49
N GLN C 895 -8.59 -0.13 -83.24
CA GLN C 895 -8.52 -1.56 -83.50
C GLN C 895 -7.30 -1.88 -84.36
N ILE C 896 -6.76 -3.07 -84.18
CA ILE C 896 -5.58 -3.53 -84.89
C ILE C 896 -5.53 -5.05 -84.80
N PRO C 897 -5.21 -5.76 -85.88
CA PRO C 897 -5.09 -7.22 -85.79
C PRO C 897 -4.04 -7.61 -84.74
N PHE C 898 -4.38 -8.63 -83.96
CA PHE C 898 -3.48 -9.03 -82.87
C PHE C 898 -2.10 -9.44 -83.35
N PRO C 899 -1.93 -10.22 -84.43
CA PRO C 899 -0.57 -10.47 -84.91
C PRO C 899 0.20 -9.19 -85.23
N MET C 900 -0.46 -8.18 -85.79
CA MET C 900 0.22 -6.93 -86.07
C MET C 900 0.62 -6.21 -84.78
N GLN C 901 -0.22 -6.29 -83.75
CA GLN C 901 0.12 -5.73 -82.45
C GLN C 901 1.32 -6.44 -81.85
N MET C 902 1.36 -7.77 -81.94
CA MET C 902 2.51 -8.49 -81.43
C MET C 902 3.75 -8.21 -82.26
N ALA C 903 3.59 -7.90 -83.55
CA ALA C 903 4.73 -7.47 -84.35
C ALA C 903 5.26 -6.12 -83.85
N TYR C 904 4.35 -5.20 -83.50
CA TYR C 904 4.79 -3.95 -82.89
C TYR C 904 5.55 -4.19 -81.60
N ARG C 905 5.03 -5.08 -80.75
CA ARG C 905 5.71 -5.34 -79.48
C ARG C 905 7.04 -6.05 -79.69
N PHE C 906 7.15 -6.91 -80.71
CA PHE C 906 8.44 -7.49 -81.07
C PHE C 906 9.41 -6.41 -81.53
N ASN C 907 8.93 -5.47 -82.35
CA ASN C 907 9.76 -4.35 -82.77
C ASN C 907 10.18 -3.48 -81.59
N GLY C 908 9.42 -3.50 -80.51
CA GLY C 908 9.76 -2.69 -79.37
C GLY C 908 10.88 -3.24 -78.50
N ILE C 909 11.34 -4.47 -78.74
CA ILE C 909 12.42 -5.05 -77.96
C ILE C 909 13.64 -5.34 -78.83
N GLY C 910 13.77 -4.66 -79.97
CA GLY C 910 14.93 -4.83 -80.81
C GLY C 910 14.89 -6.04 -81.73
N VAL C 911 13.73 -6.63 -81.92
CA VAL C 911 13.55 -7.76 -82.82
C VAL C 911 12.69 -7.30 -83.98
N THR C 912 13.19 -7.46 -85.20
CA THR C 912 12.43 -7.04 -86.37
C THR C 912 11.14 -7.83 -86.48
N GLN C 913 10.10 -7.17 -86.99
CA GLN C 913 8.76 -7.77 -87.02
C GLN C 913 8.69 -8.99 -87.92
N ASN C 914 9.55 -9.10 -88.93
CA ASN C 914 9.52 -10.27 -89.80
C ASN C 914 9.84 -11.55 -89.03
N VAL C 915 10.45 -11.43 -87.86
CA VAL C 915 10.67 -12.60 -87.02
C VAL C 915 9.34 -13.19 -86.56
N LEU C 916 8.40 -12.33 -86.16
CA LEU C 916 7.12 -12.84 -85.68
C LEU C 916 6.36 -13.57 -86.77
N TYR C 917 6.17 -12.91 -87.92
CA TYR C 917 5.30 -13.48 -88.95
C TYR C 917 5.82 -14.81 -89.44
N GLU C 918 7.13 -14.89 -89.71
CA GLU C 918 7.73 -16.12 -90.21
C GLU C 918 7.65 -17.26 -89.20
N ASN C 919 7.33 -16.98 -87.95
CA ASN C 919 7.16 -18.01 -86.94
C ASN C 919 5.84 -17.84 -86.23
N GLN C 920 4.83 -17.30 -86.94
CA GLN C 920 3.59 -16.92 -86.27
C GLN C 920 2.95 -18.11 -85.57
N LYS C 921 2.64 -19.16 -86.31
CA LYS C 921 1.99 -20.31 -85.70
C LYS C 921 2.87 -20.99 -84.68
N LEU C 922 4.19 -20.79 -84.75
CA LEU C 922 5.03 -21.31 -83.66
C LEU C 922 4.80 -20.50 -82.39
N ILE C 923 4.87 -19.18 -82.49
CA ILE C 923 4.80 -18.35 -81.30
C ILE C 923 3.45 -18.51 -80.62
N ALA C 924 2.37 -18.53 -81.41
CA ALA C 924 1.05 -18.76 -80.84
C ALA C 924 1.06 -20.04 -80.02
N ASN C 925 1.61 -21.13 -80.58
CA ASN C 925 1.62 -22.38 -79.84
C ASN C 925 2.30 -22.19 -78.49
N GLN C 926 3.48 -21.59 -78.50
CA GLN C 926 4.20 -21.39 -77.25
C GLN C 926 3.33 -20.62 -76.28
N PHE C 927 2.73 -19.52 -76.76
CA PHE C 927 1.90 -18.71 -75.89
C PHE C 927 0.82 -19.55 -75.25
N ASN C 928 0.09 -20.31 -76.07
CA ASN C 928 -0.99 -21.10 -75.52
C ASN C 928 -0.47 -22.06 -74.48
N SER C 929 0.63 -22.74 -74.80
CA SER C 929 1.16 -23.71 -73.86
C SER C 929 1.52 -23.04 -72.54
N ALA C 930 2.16 -21.87 -72.62
CA ALA C 930 2.55 -21.18 -71.39
C ALA C 930 1.33 -20.88 -70.55
N ILE C 931 0.26 -20.38 -71.19
CA ILE C 931 -0.93 -20.04 -70.44
C ILE C 931 -1.44 -21.27 -69.72
N GLY C 932 -1.51 -22.40 -70.43
CA GLY C 932 -2.01 -23.61 -69.80
C GLY C 932 -1.20 -23.99 -68.59
N LYS C 933 0.13 -23.86 -68.70
CA LYS C 933 0.97 -24.28 -67.58
C LYS C 933 0.67 -23.46 -66.35
N ILE C 934 0.36 -22.17 -66.53
CA ILE C 934 0.04 -21.35 -65.37
C ILE C 934 -1.11 -21.96 -64.61
N GLN C 935 -2.18 -22.32 -65.32
CA GLN C 935 -3.36 -22.87 -64.64
C GLN C 935 -3.01 -24.15 -63.90
N ASP C 936 -2.09 -24.94 -64.46
CA ASP C 936 -1.70 -26.16 -63.79
C ASP C 936 -0.94 -25.86 -62.51
N SER C 937 0.03 -24.94 -62.58
CA SER C 937 0.88 -24.74 -61.41
C SER C 937 0.09 -24.24 -60.22
N LEU C 938 -0.79 -23.26 -60.45
CA LEU C 938 -1.63 -22.75 -59.38
C LEU C 938 -2.46 -23.86 -58.75
N SER C 939 -2.96 -24.78 -59.58
CA SER C 939 -3.79 -25.85 -59.03
C SER C 939 -2.96 -26.88 -58.28
N SER C 940 -1.70 -27.05 -58.66
CA SER C 940 -0.85 -28.07 -58.04
C SER C 940 -0.07 -27.55 -56.85
N THR C 941 -0.05 -26.24 -56.62
CA THR C 941 0.72 -25.65 -55.54
C THR C 941 -0.21 -24.90 -54.58
N PRO C 942 -0.40 -25.39 -53.35
CA PRO C 942 -1.26 -24.67 -52.41
C PRO C 942 -0.63 -23.41 -51.84
N SER C 943 0.67 -23.21 -52.00
CA SER C 943 1.37 -22.04 -51.47
C SER C 943 1.57 -20.97 -52.53
N ALA C 944 0.93 -21.09 -53.69
CA ALA C 944 1.11 -20.10 -54.75
C ALA C 944 0.60 -18.73 -54.33
N LEU C 945 -0.56 -18.68 -53.66
CA LEU C 945 -1.21 -17.43 -53.27
C LEU C 945 -0.90 -17.05 -51.83
N GLY C 946 0.32 -17.31 -51.38
CA GLY C 946 0.68 -17.01 -50.00
C GLY C 946 0.61 -15.53 -49.67
N LYS C 947 0.89 -14.67 -50.64
CA LYS C 947 0.97 -13.23 -50.37
C LYS C 947 -0.38 -12.68 -49.89
N LEU C 948 -1.48 -13.11 -50.53
CA LEU C 948 -2.81 -12.67 -50.11
C LEU C 948 -3.21 -13.33 -48.79
N GLN C 949 -2.82 -14.59 -48.61
CA GLN C 949 -3.16 -15.30 -47.39
C GLN C 949 -2.46 -14.69 -46.18
N ASP C 950 -1.30 -14.07 -46.38
CA ASP C 950 -0.64 -13.40 -45.28
C ASP C 950 -1.46 -12.23 -44.76
N VAL C 951 -2.03 -11.43 -45.66
CA VAL C 951 -2.88 -10.33 -45.25
C VAL C 951 -4.12 -10.85 -44.54
N VAL C 952 -4.75 -11.88 -45.10
CA VAL C 952 -5.97 -12.42 -44.50
C VAL C 952 -5.68 -12.95 -43.10
N ASN C 953 -4.60 -13.73 -42.96
CA ASN C 953 -4.26 -14.32 -41.68
C ASN C 953 -3.88 -13.25 -40.65
N GLN C 954 -3.12 -12.23 -41.07
CA GLN C 954 -2.73 -11.19 -40.13
C GLN C 954 -3.94 -10.46 -39.58
N ASN C 955 -4.86 -10.07 -40.47
CA ASN C 955 -6.04 -9.35 -39.98
C ASN C 955 -6.90 -10.24 -39.08
N ALA C 956 -7.11 -11.50 -39.47
CA ALA C 956 -7.92 -12.39 -38.65
C ALA C 956 -7.29 -12.62 -37.28
N GLN C 957 -5.97 -12.81 -37.23
CA GLN C 957 -5.29 -13.05 -35.97
C GLN C 957 -5.33 -11.82 -35.08
N ALA C 958 -5.19 -10.62 -35.68
CA ALA C 958 -5.29 -9.40 -34.89
C ALA C 958 -6.67 -9.28 -34.26
N LEU C 959 -7.72 -9.55 -35.04
CA LEU C 959 -9.07 -9.49 -34.48
C LEU C 959 -9.28 -10.54 -33.39
N ASN C 960 -8.74 -11.75 -33.58
CA ASN C 960 -8.90 -12.78 -32.57
C ASN C 960 -8.21 -12.39 -31.26
N THR C 961 -7.01 -11.81 -31.35
CA THR C 961 -6.33 -11.36 -30.13
C THR C 961 -7.09 -10.22 -29.47
N LEU C 962 -7.64 -9.30 -30.27
CA LEU C 962 -8.42 -8.20 -29.70
C LEU C 962 -9.63 -8.72 -28.95
N VAL C 963 -10.32 -9.72 -29.51
CA VAL C 963 -11.46 -10.30 -28.81
C VAL C 963 -11.02 -11.04 -27.56
N LYS C 964 -9.94 -11.81 -27.64
CA LYS C 964 -9.47 -12.57 -26.50
C LYS C 964 -8.99 -11.68 -25.36
N GLN C 965 -8.65 -10.41 -25.65
CA GLN C 965 -8.28 -9.51 -24.58
C GLN C 965 -9.44 -9.14 -23.66
N LEU C 966 -10.67 -9.48 -24.02
CA LEU C 966 -11.82 -9.15 -23.17
C LEU C 966 -11.95 -10.05 -21.95
N SER C 967 -11.19 -11.16 -21.88
CA SER C 967 -11.29 -12.09 -20.78
C SER C 967 -10.14 -11.93 -19.78
N SER C 968 -9.46 -10.79 -19.79
CA SER C 968 -8.33 -10.53 -18.90
C SER C 968 -8.80 -9.70 -17.71
N ASN C 969 -8.36 -10.09 -16.52
CA ASN C 969 -8.76 -9.37 -15.31
C ASN C 969 -8.18 -7.96 -15.28
N PHE C 970 -6.94 -7.80 -15.73
CA PHE C 970 -6.22 -6.52 -15.65
C PHE C 970 -6.11 -6.02 -14.21
N GLY C 971 -6.10 -6.94 -13.25
CA GLY C 971 -6.03 -6.60 -11.85
C GLY C 971 -7.37 -6.53 -11.15
N ALA C 972 -8.48 -6.53 -11.88
CA ALA C 972 -9.80 -6.51 -11.28
C ALA C 972 -10.17 -7.89 -10.74
N ILE C 973 -11.26 -7.94 -9.97
CA ILE C 973 -11.69 -9.20 -9.38
C ILE C 973 -12.28 -10.14 -10.41
N SER C 974 -12.73 -9.64 -11.56
CA SER C 974 -13.32 -10.49 -12.57
C SER C 974 -13.20 -9.80 -13.93
N SER C 975 -13.25 -10.61 -14.98
CA SER C 975 -13.20 -10.11 -16.35
C SER C 975 -14.57 -9.83 -16.93
N VAL C 976 -15.63 -10.11 -16.18
CA VAL C 976 -17.00 -9.85 -16.62
C VAL C 976 -17.49 -8.60 -15.90
N LEU C 977 -17.89 -7.59 -16.68
CA LEU C 977 -18.36 -6.33 -16.09
C LEU C 977 -19.66 -6.53 -15.31
N ASN C 978 -20.55 -7.38 -15.83
CA ASN C 978 -21.82 -7.61 -15.16
C ASN C 978 -21.62 -8.26 -13.79
N ASP C 979 -20.61 -9.12 -13.66
CA ASP C 979 -20.31 -9.71 -12.36
C ASP C 979 -19.89 -8.65 -11.35
N ILE C 980 -19.05 -7.70 -11.78
CA ILE C 980 -18.63 -6.63 -10.89
C ILE C 980 -19.82 -5.77 -10.48
N LEU C 981 -20.70 -5.46 -11.44
CA LEU C 981 -21.88 -4.66 -11.11
C LEU C 981 -22.81 -5.41 -10.16
N SER C 982 -23.01 -6.72 -10.38
CA SER C 982 -23.95 -7.49 -9.59
C SER C 982 -23.38 -7.94 -8.25
N ARG C 983 -22.07 -7.82 -8.03
CA ARG C 983 -21.48 -8.21 -6.76
C ARG C 983 -21.09 -7.04 -5.88
N LEU C 984 -21.02 -5.83 -6.42
CA LEU C 984 -20.62 -4.65 -5.65
C LEU C 984 -21.56 -3.50 -5.94
N ASP C 985 -21.50 -2.50 -5.08
CA ASP C 985 -22.18 -1.22 -5.23
C ASP C 985 -21.19 -0.18 -5.74
N PRO C 986 -21.70 0.92 -6.32
CA PRO C 986 -20.84 1.81 -7.14
C PRO C 986 -19.59 2.30 -6.41
N PRO C 987 -19.65 2.67 -5.12
CA PRO C 987 -18.47 3.32 -4.51
C PRO C 987 -17.17 2.54 -4.63
N GLU C 988 -17.20 1.20 -4.54
CA GLU C 988 -16.01 0.40 -4.75
C GLU C 988 -16.06 -0.44 -6.02
N ALA C 989 -17.20 -0.52 -6.70
CA ALA C 989 -17.21 -1.12 -8.03
C ALA C 989 -16.54 -0.23 -9.06
N GLU C 990 -16.49 1.09 -8.79
CA GLU C 990 -15.87 2.01 -9.74
C GLU C 990 -14.39 1.70 -9.94
N VAL C 991 -13.71 1.28 -8.87
CA VAL C 991 -12.27 0.98 -8.98
C VAL C 991 -12.04 -0.20 -9.90
N GLN C 992 -12.80 -1.28 -9.71
CA GLN C 992 -12.64 -2.47 -10.55
C GLN C 992 -12.97 -2.14 -12.00
N ILE C 993 -14.04 -1.37 -12.22
CA ILE C 993 -14.41 -1.00 -13.57
C ILE C 993 -13.33 -0.11 -14.19
N ASP C 994 -12.70 0.75 -13.38
CA ASP C 994 -11.63 1.60 -13.88
C ASP C 994 -10.44 0.78 -14.35
N ARG C 995 -10.07 -0.26 -13.60
CA ARG C 995 -8.96 -1.10 -14.05
C ARG C 995 -9.31 -1.83 -15.34
N LEU C 996 -10.54 -2.33 -15.44
CA LEU C 996 -10.96 -2.99 -16.68
C LEU C 996 -10.95 -2.00 -17.85
N ILE C 997 -11.40 -0.77 -17.61
CA ILE C 997 -11.44 0.24 -18.66
C ILE C 997 -10.04 0.55 -19.15
N THR C 998 -9.09 0.71 -18.23
CA THR C 998 -7.72 1.00 -18.64
C THR C 998 -7.14 -0.12 -19.48
N GLY C 999 -7.32 -1.36 -19.04
CA GLY C 999 -6.79 -2.48 -19.81
C GLY C 999 -7.40 -2.60 -21.20
N ARG C 1000 -8.73 -2.51 -21.29
CA ARG C 1000 -9.40 -2.68 -22.56
C ARG C 1000 -9.08 -1.52 -23.51
N LEU C 1001 -8.98 -0.31 -22.97
CA LEU C 1001 -8.63 0.85 -23.80
C LEU C 1001 -7.23 0.71 -24.36
N GLN C 1002 -6.28 0.23 -23.55
CA GLN C 1002 -4.94 0.04 -24.07
C GLN C 1002 -4.91 -1.04 -25.16
N SER C 1003 -5.69 -2.12 -24.97
CA SER C 1003 -5.75 -3.15 -26.00
C SER C 1003 -6.30 -2.59 -27.31
N LEU C 1004 -7.36 -1.79 -27.23
CA LEU C 1004 -7.93 -1.21 -28.44
C LEU C 1004 -6.96 -0.24 -29.11
N GLN C 1005 -6.22 0.52 -28.30
CA GLN C 1005 -5.21 1.43 -28.85
C GLN C 1005 -4.13 0.66 -29.60
N THR C 1006 -3.66 -0.45 -29.03
CA THR C 1006 -2.65 -1.26 -29.71
C THR C 1006 -3.18 -1.79 -31.03
N TYR C 1007 -4.42 -2.28 -31.03
CA TYR C 1007 -5.01 -2.77 -32.28
C TYR C 1007 -5.08 -1.68 -33.33
N VAL C 1008 -5.48 -0.47 -32.93
CA VAL C 1008 -5.61 0.62 -33.90
C VAL C 1008 -4.25 0.99 -34.49
N THR C 1009 -3.21 1.06 -33.65
CA THR C 1009 -1.88 1.39 -34.16
C THR C 1009 -1.38 0.31 -35.13
N GLN C 1010 -1.57 -0.96 -34.78
CA GLN C 1010 -1.13 -2.03 -35.67
C GLN C 1010 -1.88 -1.97 -37.00
N GLN C 1011 -3.17 -1.68 -36.95
CA GLN C 1011 -3.95 -1.56 -38.17
C GLN C 1011 -3.47 -0.41 -39.04
N LEU C 1012 -3.11 0.71 -38.42
CA LEU C 1012 -2.60 1.84 -39.21
C LEU C 1012 -1.31 1.48 -39.91
N ILE C 1013 -0.39 0.81 -39.22
CA ILE C 1013 0.88 0.43 -39.86
C ILE C 1013 0.63 -0.56 -40.99
N ARG C 1014 -0.21 -1.57 -40.76
CA ARG C 1014 -0.47 -2.55 -41.80
C ARG C 1014 -1.21 -1.94 -42.98
N ALA C 1015 -2.09 -0.96 -42.73
CA ALA C 1015 -2.76 -0.26 -43.81
C ALA C 1015 -1.77 0.53 -44.65
N ALA C 1016 -0.77 1.14 -44.02
CA ALA C 1016 0.26 1.83 -44.78
C ALA C 1016 1.00 0.85 -45.69
N GLU C 1017 1.34 -0.33 -45.16
CA GLU C 1017 2.00 -1.34 -46.00
C GLU C 1017 1.12 -1.76 -47.17
N ILE C 1018 -0.16 -2.02 -46.90
CA ILE C 1018 -1.07 -2.48 -47.94
C ILE C 1018 -1.26 -1.40 -49.01
N ARG C 1019 -1.35 -0.14 -48.60
CA ARG C 1019 -1.47 0.94 -49.57
C ARG C 1019 -0.22 1.07 -50.43
N ALA C 1020 0.96 0.86 -49.84
CA ALA C 1020 2.18 0.86 -50.65
C ALA C 1020 2.12 -0.22 -51.72
N SER C 1021 1.66 -1.42 -51.33
CA SER C 1021 1.53 -2.50 -52.31
C SER C 1021 0.47 -2.17 -53.35
N ALA C 1022 -0.60 -1.47 -52.96
CA ALA C 1022 -1.65 -1.11 -53.90
C ALA C 1022 -1.16 -0.08 -54.92
N ASN C 1023 -0.34 0.87 -54.48
CA ASN C 1023 0.26 1.82 -55.41
C ASN C 1023 1.20 1.13 -56.38
N LEU C 1024 1.97 0.16 -55.90
CA LEU C 1024 2.80 -0.62 -56.81
C LEU C 1024 1.96 -1.36 -57.83
N ALA C 1025 0.84 -1.94 -57.40
CA ALA C 1025 -0.04 -2.65 -58.33
C ALA C 1025 -0.66 -1.70 -59.34
N ALA C 1026 -1.01 -0.49 -58.92
CA ALA C 1026 -1.55 0.50 -59.86
C ALA C 1026 -0.51 0.89 -60.91
N THR C 1027 0.74 1.07 -60.47
CA THR C 1027 1.80 1.38 -61.42
C THR C 1027 2.01 0.24 -62.41
N LYS C 1028 1.98 -1.01 -61.93
CA LYS C 1028 2.13 -2.13 -62.84
C LYS C 1028 0.94 -2.26 -63.79
N MET C 1029 -0.26 -1.92 -63.34
CA MET C 1029 -1.40 -1.92 -64.24
C MET C 1029 -1.27 -0.85 -65.32
N SER C 1030 -0.74 0.31 -64.95
CA SER C 1030 -0.60 1.39 -65.93
C SER C 1030 0.50 1.08 -66.94
N GLU C 1031 1.60 0.49 -66.50
CA GLU C 1031 2.77 0.32 -67.36
C GLU C 1031 2.83 -1.06 -68.01
N CYS C 1032 2.73 -2.13 -67.23
CA CYS C 1032 2.86 -3.46 -67.81
C CYS C 1032 1.65 -3.84 -68.66
N VAL C 1033 0.46 -3.39 -68.26
CA VAL C 1033 -0.77 -3.81 -68.94
C VAL C 1033 -1.15 -2.83 -70.04
N LEU C 1034 -1.31 -1.55 -69.68
CA LEU C 1034 -1.75 -0.55 -70.65
C LEU C 1034 -0.67 -0.17 -71.65
N GLY C 1035 0.56 -0.64 -71.46
CA GLY C 1035 1.63 -0.34 -72.39
C GLY C 1035 2.71 -1.39 -72.34
N GLN C 1036 3.80 -1.12 -73.04
CA GLN C 1036 4.98 -1.97 -73.04
C GLN C 1036 6.10 -1.26 -72.30
N SER C 1037 6.68 -1.93 -71.31
CA SER C 1037 7.66 -1.33 -70.42
C SER C 1037 9.05 -1.80 -70.77
N LYS C 1038 10.00 -0.85 -70.85
CA LYS C 1038 11.40 -1.16 -71.02
C LYS C 1038 12.14 -1.29 -69.71
N ARG C 1039 11.44 -1.14 -68.58
CA ARG C 1039 12.07 -1.30 -67.28
C ARG C 1039 12.41 -2.77 -67.04
N VAL C 1040 13.63 -3.03 -66.58
CA VAL C 1040 14.11 -4.39 -66.40
C VAL C 1040 13.51 -4.96 -65.13
N ASP C 1041 12.97 -6.18 -65.23
CA ASP C 1041 12.39 -6.95 -64.13
C ASP C 1041 11.18 -6.28 -63.50
N PHE C 1042 10.68 -5.19 -64.09
CA PHE C 1042 9.46 -4.59 -63.57
C PHE C 1042 8.22 -5.39 -63.97
N CYS C 1043 8.22 -5.94 -65.17
CA CYS C 1043 7.09 -6.73 -65.64
C CYS C 1043 7.52 -8.16 -65.95
N GLY C 1044 8.30 -8.76 -65.06
CA GLY C 1044 8.71 -10.14 -65.19
C GLY C 1044 10.10 -10.28 -65.81
N LYS C 1045 10.64 -11.48 -65.66
CA LYS C 1045 11.97 -11.77 -66.19
C LYS C 1045 11.95 -11.78 -67.71
N GLY C 1046 13.00 -11.22 -68.31
CA GLY C 1046 13.12 -11.16 -69.75
C GLY C 1046 12.66 -9.82 -70.31
N TYR C 1047 12.59 -9.77 -71.64
CA TYR C 1047 12.10 -8.59 -72.33
C TYR C 1047 10.59 -8.60 -72.33
N HIS C 1048 9.98 -7.57 -71.75
CA HIS C 1048 8.54 -7.54 -71.59
C HIS C 1048 7.85 -7.39 -72.94
N LEU C 1049 6.83 -8.22 -73.17
CA LEU C 1049 5.98 -8.10 -74.34
C LEU C 1049 4.60 -7.56 -73.96
N MET C 1050 3.91 -8.20 -73.01
CA MET C 1050 2.58 -7.75 -72.65
C MET C 1050 2.21 -8.33 -71.30
N SER C 1051 1.08 -7.87 -70.76
CA SER C 1051 0.59 -8.36 -69.48
C SER C 1051 -0.92 -8.51 -69.51
N PHE C 1052 -1.41 -9.45 -68.71
CA PHE C 1052 -2.84 -9.68 -68.56
C PHE C 1052 -3.22 -9.61 -67.09
N PRO C 1053 -4.06 -8.66 -66.68
CA PRO C 1053 -4.52 -8.62 -65.29
C PRO C 1053 -5.60 -9.66 -65.02
N GLN C 1054 -5.63 -10.12 -63.78
CA GLN C 1054 -6.63 -11.06 -63.30
C GLN C 1054 -7.02 -10.65 -61.89
N SER C 1055 -8.32 -10.67 -61.61
CA SER C 1055 -8.80 -10.33 -60.28
C SER C 1055 -8.59 -11.49 -59.32
N ALA C 1056 -8.21 -11.18 -58.08
CA ALA C 1056 -8.06 -12.17 -57.04
C ALA C 1056 -8.68 -11.60 -55.77
N PRO C 1057 -9.14 -12.46 -54.85
CA PRO C 1057 -9.74 -11.96 -53.61
C PRO C 1057 -8.76 -11.08 -52.85
N HIS C 1058 -9.10 -9.79 -52.77
CA HIS C 1058 -8.26 -8.80 -52.11
C HIS C 1058 -6.88 -8.68 -52.77
N GLY C 1059 -6.83 -8.78 -54.09
CA GLY C 1059 -5.55 -8.66 -54.76
C GLY C 1059 -5.68 -8.75 -56.27
N VAL C 1060 -4.53 -8.60 -56.92
CA VAL C 1060 -4.45 -8.64 -58.38
C VAL C 1060 -3.30 -9.55 -58.78
N VAL C 1061 -3.52 -10.32 -59.85
CA VAL C 1061 -2.52 -11.25 -60.38
C VAL C 1061 -2.21 -10.86 -61.80
N PHE C 1062 -0.94 -10.63 -62.09
CA PHE C 1062 -0.49 -10.24 -63.42
C PHE C 1062 0.16 -11.44 -64.10
N LEU C 1063 -0.25 -11.70 -65.35
CA LEU C 1063 0.38 -12.70 -66.20
C LEU C 1063 1.27 -11.93 -67.17
N HIS C 1064 2.58 -11.97 -66.92
CA HIS C 1064 3.56 -11.24 -67.71
C HIS C 1064 4.06 -12.14 -68.82
N VAL C 1065 3.69 -11.81 -70.06
CA VAL C 1065 4.18 -12.50 -71.24
C VAL C 1065 5.45 -11.79 -71.70
N THR C 1066 6.55 -12.55 -71.76
CA THR C 1066 7.87 -12.02 -72.06
C THR C 1066 8.59 -12.91 -73.05
N TYR C 1067 9.60 -12.33 -73.69
CA TYR C 1067 10.40 -12.97 -74.73
C TYR C 1067 11.76 -13.34 -74.14
N VAL C 1068 12.07 -14.63 -74.11
CA VAL C 1068 13.31 -15.12 -73.54
C VAL C 1068 14.14 -15.73 -74.66
N PRO C 1069 15.30 -15.19 -74.99
CA PRO C 1069 16.13 -15.78 -76.04
C PRO C 1069 16.70 -17.12 -75.60
N ALA C 1070 16.99 -17.98 -76.59
CA ALA C 1070 17.51 -19.30 -76.29
C ALA C 1070 18.28 -19.85 -77.48
N GLN C 1071 19.08 -20.88 -77.22
CA GLN C 1071 19.87 -21.58 -78.22
C GLN C 1071 20.85 -20.63 -78.90
N GLU C 1072 21.76 -20.11 -78.10
CA GLU C 1072 22.83 -19.25 -78.59
C GLU C 1072 24.03 -20.09 -79.01
N LYS C 1073 24.96 -19.45 -79.72
CA LYS C 1073 26.14 -20.15 -80.22
C LYS C 1073 27.27 -19.16 -80.45
N ASN C 1074 28.48 -19.72 -80.57
CA ASN C 1074 29.68 -18.95 -80.81
C ASN C 1074 29.58 -18.16 -82.11
N PHE C 1075 30.12 -16.94 -82.10
CA PHE C 1075 30.45 -16.24 -83.34
C PHE C 1075 31.66 -15.36 -83.10
N THR C 1076 32.36 -15.03 -84.18
CA THR C 1076 33.49 -14.12 -84.14
C THR C 1076 33.03 -12.74 -84.61
N THR C 1077 33.33 -11.72 -83.81
CA THR C 1077 32.82 -10.39 -84.05
C THR C 1077 33.96 -9.39 -84.23
N ALA C 1078 33.69 -8.34 -84.99
CA ALA C 1078 34.62 -7.24 -85.21
C ALA C 1078 33.86 -5.93 -85.07
N PRO C 1079 34.52 -4.88 -84.58
CA PRO C 1079 33.81 -3.62 -84.36
C PRO C 1079 33.46 -2.87 -85.64
N ALA C 1080 34.22 -3.08 -86.72
CA ALA C 1080 33.98 -2.36 -87.96
C ALA C 1080 34.60 -3.13 -89.11
N ILE C 1081 34.37 -2.65 -90.32
CA ILE C 1081 34.88 -3.27 -91.54
C ILE C 1081 35.61 -2.23 -92.37
N CYS C 1082 36.87 -2.50 -92.71
CA CYS C 1082 37.64 -1.58 -93.54
C CYS C 1082 37.49 -2.00 -95.00
N HIS C 1083 36.84 -1.15 -95.79
CA HIS C 1083 36.69 -1.37 -97.22
C HIS C 1083 37.02 -0.07 -97.95
N ASP C 1084 37.87 -0.17 -98.97
CA ASP C 1084 38.30 0.99 -99.76
C ASP C 1084 38.90 2.08 -98.87
N GLY C 1085 39.59 1.67 -97.81
CA GLY C 1085 40.17 2.64 -96.90
C GLY C 1085 39.17 3.39 -96.04
N LYS C 1086 37.97 2.85 -95.88
CA LYS C 1086 36.93 3.49 -95.08
C LYS C 1086 36.39 2.50 -94.06
N ALA C 1087 36.05 3.02 -92.88
CA ALA C 1087 35.53 2.20 -91.81
C ALA C 1087 34.00 2.19 -91.85
N HIS C 1088 33.43 0.98 -91.83
CA HIS C 1088 31.99 0.79 -91.92
C HIS C 1088 31.49 0.18 -90.61
N PHE C 1089 30.48 0.79 -90.03
CA PHE C 1089 29.84 0.33 -88.81
C PHE C 1089 28.39 -0.06 -89.08
N PRO C 1090 27.87 -1.07 -88.40
CA PRO C 1090 26.47 -1.46 -88.63
C PRO C 1090 25.51 -0.37 -88.20
N ARG C 1091 24.42 -0.22 -88.96
CA ARG C 1091 23.43 0.78 -88.62
C ARG C 1091 22.59 0.36 -87.42
N GLU C 1092 22.18 -0.91 -87.38
CA GLU C 1092 21.36 -1.40 -86.28
C GLU C 1092 21.81 -2.75 -85.73
N GLY C 1093 22.67 -3.49 -86.42
CA GLY C 1093 23.02 -4.82 -85.98
C GLY C 1093 24.43 -4.97 -85.45
N VAL C 1094 25.08 -6.06 -85.84
CA VAL C 1094 26.41 -6.39 -85.37
C VAL C 1094 27.07 -7.27 -86.42
N PHE C 1095 28.38 -7.10 -86.56
CA PHE C 1095 29.16 -7.88 -87.51
C PHE C 1095 29.53 -9.22 -86.88
N VAL C 1096 29.18 -10.32 -87.56
CA VAL C 1096 29.50 -11.67 -87.11
C VAL C 1096 30.16 -12.42 -88.24
N SER C 1097 30.80 -13.54 -87.88
CA SER C 1097 31.48 -14.38 -88.85
C SER C 1097 31.21 -15.84 -88.54
N ASN C 1098 30.84 -16.61 -89.56
CA ASN C 1098 30.62 -18.04 -89.41
C ASN C 1098 31.88 -18.86 -89.63
N GLY C 1099 33.05 -18.23 -89.56
CA GLY C 1099 34.31 -18.92 -89.73
C GLY C 1099 35.06 -18.48 -90.96
N THR C 1100 34.35 -18.29 -92.07
CA THR C 1100 34.96 -17.90 -93.33
C THR C 1100 34.44 -16.56 -93.85
N HIS C 1101 33.13 -16.37 -93.86
CA HIS C 1101 32.52 -15.15 -94.38
C HIS C 1101 32.07 -14.26 -93.24
N TRP C 1102 31.67 -13.04 -93.59
CA TRP C 1102 31.21 -12.04 -92.63
C TRP C 1102 29.80 -11.59 -92.99
N PHE C 1103 28.97 -11.43 -91.97
CA PHE C 1103 27.60 -10.97 -92.14
C PHE C 1103 27.29 -9.93 -91.08
N VAL C 1104 26.13 -9.30 -91.23
CA VAL C 1104 25.59 -8.39 -90.23
C VAL C 1104 24.23 -8.92 -89.81
N THR C 1105 23.96 -8.89 -88.50
CA THR C 1105 22.73 -9.47 -87.99
C THR C 1105 22.19 -8.64 -86.83
N GLN C 1106 20.89 -8.72 -86.61
CA GLN C 1106 20.29 -8.03 -85.48
C GLN C 1106 20.79 -8.65 -84.17
N ARG C 1107 20.86 -7.82 -83.14
CA ARG C 1107 21.56 -8.19 -81.91
C ARG C 1107 20.82 -9.23 -81.08
N ASN C 1108 19.52 -9.43 -81.31
CA ASN C 1108 18.72 -10.33 -80.49
C ASN C 1108 18.24 -11.57 -81.23
N PHE C 1109 18.60 -11.73 -82.50
CA PHE C 1109 18.20 -12.90 -83.25
C PHE C 1109 19.19 -13.10 -84.39
N TYR C 1110 19.58 -14.34 -84.62
CA TYR C 1110 20.57 -14.65 -85.65
C TYR C 1110 19.87 -14.71 -87.01
N GLU C 1111 19.88 -13.59 -87.72
CA GLU C 1111 19.36 -13.53 -89.10
C GLU C 1111 20.43 -12.84 -89.94
N PRO C 1112 21.48 -13.57 -90.30
CA PRO C 1112 22.61 -12.94 -91.00
C PRO C 1112 22.21 -12.43 -92.37
N GLN C 1113 22.87 -11.34 -92.78
CA GLN C 1113 22.64 -10.73 -94.07
C GLN C 1113 23.97 -10.30 -94.67
N ILE C 1114 23.99 -10.18 -95.99
CA ILE C 1114 25.20 -9.74 -96.69
C ILE C 1114 25.49 -8.29 -96.32
N ILE C 1115 26.75 -8.01 -95.99
CA ILE C 1115 27.15 -6.66 -95.60
C ILE C 1115 27.11 -5.77 -96.83
N THR C 1116 26.13 -4.87 -96.88
CA THR C 1116 25.96 -3.93 -97.98
C THR C 1116 26.08 -2.50 -97.45
N THR C 1117 25.99 -1.54 -98.37
CA THR C 1117 26.00 -0.14 -97.98
C THR C 1117 24.64 0.33 -97.48
N ASP C 1118 23.61 -0.49 -97.58
CA ASP C 1118 22.26 -0.13 -97.15
C ASP C 1118 22.01 -0.46 -95.68
N ASN C 1119 22.96 -1.10 -95.00
CA ASN C 1119 22.84 -1.38 -93.56
C ASN C 1119 24.10 -1.03 -92.79
N THR C 1120 25.03 -0.31 -93.40
CA THR C 1120 26.25 0.15 -92.73
C THR C 1120 26.49 1.62 -93.08
N PHE C 1121 27.20 2.31 -92.19
CA PHE C 1121 27.54 3.71 -92.42
C PHE C 1121 29.03 3.91 -92.23
N VAL C 1122 29.56 4.93 -92.90
CA VAL C 1122 30.99 5.20 -92.98
C VAL C 1122 31.33 6.39 -92.09
N SER C 1123 32.41 6.28 -91.32
CA SER C 1123 32.87 7.36 -90.47
C SER C 1123 34.39 7.29 -90.39
N GLY C 1124 35.07 8.04 -91.24
CA GLY C 1124 36.52 8.11 -91.21
C GLY C 1124 37.18 6.89 -91.83
N ASN C 1125 38.51 6.92 -91.80
CA ASN C 1125 39.31 5.80 -92.29
C ASN C 1125 39.41 4.72 -91.22
N CYS C 1126 40.14 3.65 -91.53
CA CYS C 1126 40.26 2.50 -90.64
C CYS C 1126 41.64 2.43 -89.98
N ASP C 1127 42.21 3.59 -89.66
CA ASP C 1127 43.45 3.65 -88.92
C ASP C 1127 43.25 3.88 -87.43
N VAL C 1128 42.06 4.27 -87.00
CA VAL C 1128 41.80 4.60 -85.61
C VAL C 1128 41.12 3.45 -84.87
N VAL C 1129 40.17 2.78 -85.52
CA VAL C 1129 39.42 1.72 -84.86
C VAL C 1129 40.34 0.53 -84.58
N ILE C 1130 40.21 -0.03 -83.39
CA ILE C 1130 41.02 -1.16 -82.96
C ILE C 1130 40.26 -2.45 -83.24
N GLY C 1131 40.90 -3.37 -83.94
CA GLY C 1131 40.28 -4.64 -84.27
C GLY C 1131 39.45 -4.65 -85.53
N ILE C 1132 39.56 -3.63 -86.37
CA ILE C 1132 38.83 -3.63 -87.64
C ILE C 1132 39.49 -4.60 -88.60
N VAL C 1133 38.67 -5.30 -89.39
CA VAL C 1133 39.16 -6.37 -90.25
C VAL C 1133 38.83 -6.06 -91.71
N ASN C 1134 39.64 -6.63 -92.59
CA ASN C 1134 39.45 -6.46 -94.03
C ASN C 1134 38.27 -7.28 -94.51
N ASN C 1135 37.37 -6.65 -95.25
CA ASN C 1135 36.24 -7.34 -95.86
C ASN C 1135 35.65 -6.43 -96.93
N THR C 1136 34.87 -7.03 -97.82
CA THR C 1136 34.24 -6.31 -98.93
C THR C 1136 32.80 -5.93 -98.57
N VAL C 1137 32.38 -4.79 -99.09
CA VAL C 1137 31.01 -4.29 -98.89
C VAL C 1137 30.37 -4.22 -100.27
N TYR C 1138 29.23 -4.90 -100.41
CA TYR C 1138 28.56 -5.04 -101.70
C TYR C 1138 27.63 -3.86 -101.93
N ASP C 1139 27.92 -3.08 -102.98
CA ASP C 1139 27.05 -1.97 -103.36
C ASP C 1139 25.92 -2.50 -104.24
N PRO C 1140 24.66 -2.35 -103.83
CA PRO C 1140 23.56 -2.93 -104.63
C PRO C 1140 23.47 -2.36 -106.04
N LEU C 1141 23.86 -1.10 -106.25
CA LEU C 1141 23.73 -0.48 -107.57
C LEU C 1141 24.84 -0.87 -108.53
N GLN C 1142 25.92 -1.48 -108.04
CA GLN C 1142 27.04 -1.83 -108.92
C GLN C 1142 26.67 -2.80 -110.03
N PRO C 1143 25.96 -3.91 -109.78
CA PRO C 1143 25.62 -4.80 -110.89
C PRO C 1143 24.71 -4.18 -111.94
N GLU C 1144 23.99 -3.11 -111.60
CA GLU C 1144 23.12 -2.46 -112.56
C GLU C 1144 23.74 -1.16 -113.07
N GLU D 1 -50.80 -20.33 34.53
CA GLU D 1 -49.78 -19.30 34.50
C GLU D 1 -48.38 -19.93 34.49
N VAL D 2 -47.36 -19.09 34.33
CA VAL D 2 -45.98 -19.56 34.37
C VAL D 2 -45.53 -19.64 35.83
N GLN D 3 -45.11 -20.83 36.25
CA GLN D 3 -44.68 -21.03 37.62
C GLN D 3 -43.65 -22.15 37.69
N LEU D 4 -42.86 -22.11 38.75
CA LEU D 4 -41.86 -23.14 39.03
C LEU D 4 -42.18 -23.76 40.39
N VAL D 5 -42.30 -25.08 40.41
CA VAL D 5 -42.60 -25.81 41.64
C VAL D 5 -41.35 -26.57 42.06
N GLU D 6 -40.90 -26.32 43.28
CA GLU D 6 -39.72 -26.96 43.83
C GLU D 6 -40.13 -28.24 44.56
N SER D 7 -39.32 -29.28 44.39
CA SER D 7 -39.57 -30.58 44.99
C SER D 7 -38.30 -31.09 45.64
N GLY D 8 -38.49 -31.94 46.66
CA GLY D 8 -37.39 -32.41 47.48
C GLY D 8 -37.17 -31.54 48.70
N GLY D 9 -35.98 -31.69 49.29
CA GLY D 9 -35.62 -30.96 50.48
C GLY D 9 -36.03 -31.65 51.76
N GLY D 10 -35.51 -31.14 52.87
CA GLY D 10 -35.82 -31.69 54.18
C GLY D 10 -34.61 -31.83 55.08
N LEU D 11 -34.81 -32.41 56.26
CA LEU D 11 -33.70 -32.60 57.20
C LEU D 11 -32.73 -33.63 56.65
N VAL D 12 -31.44 -33.34 56.80
CA VAL D 12 -30.40 -34.27 56.37
C VAL D 12 -29.22 -34.17 57.34
N GLN D 13 -28.62 -35.31 57.67
CA GLN D 13 -27.46 -35.31 58.55
C GLN D 13 -26.25 -34.72 57.81
N PRO D 14 -25.28 -34.17 58.55
CA PRO D 14 -24.09 -33.62 57.89
C PRO D 14 -23.33 -34.68 57.11
N GLY D 15 -22.81 -34.28 55.95
CA GLY D 15 -22.13 -35.20 55.06
C GLY D 15 -23.04 -36.00 54.16
N GLY D 16 -24.35 -35.78 54.20
CA GLY D 16 -25.29 -36.52 53.40
C GLY D 16 -25.42 -35.97 52.00
N SER D 17 -26.43 -36.46 51.31
CA SER D 17 -26.69 -36.07 49.93
C SER D 17 -28.16 -35.77 49.75
N LEU D 18 -28.47 -34.92 48.77
CA LEU D 18 -29.85 -34.57 48.48
C LEU D 18 -29.94 -34.09 47.04
N ARG D 19 -31.15 -34.18 46.50
CA ARG D 19 -31.45 -33.71 45.15
C ARG D 19 -32.69 -32.85 45.19
N LEU D 20 -32.64 -31.70 44.53
CA LEU D 20 -33.76 -30.80 44.42
C LEU D 20 -34.22 -30.74 42.97
N SER D 21 -35.54 -30.65 42.79
CA SER D 21 -36.14 -30.62 41.46
C SER D 21 -36.95 -29.33 41.30
N CYS D 22 -37.03 -28.87 40.07
CA CYS D 22 -37.82 -27.69 39.73
C CYS D 22 -38.60 -27.98 38.44
N ALA D 23 -39.90 -28.22 38.58
CA ALA D 23 -40.77 -28.39 37.43
C ALA D 23 -41.30 -27.03 36.97
N ALA D 24 -41.19 -26.77 35.67
CA ALA D 24 -41.53 -25.48 35.07
C ALA D 24 -42.76 -25.62 34.20
N SER D 25 -43.78 -24.81 34.46
CA SER D 25 -45.00 -24.86 33.67
C SER D 25 -45.37 -23.46 33.18
N GLY D 26 -45.93 -23.42 31.97
CA GLY D 26 -46.46 -22.19 31.41
C GLY D 26 -45.59 -21.51 30.38
N PHE D 27 -44.37 -22.00 30.15
CA PHE D 27 -43.46 -21.39 29.20
C PHE D 27 -42.55 -22.45 28.61
N THR D 28 -41.67 -22.03 27.71
CA THR D 28 -40.73 -22.93 27.04
C THR D 28 -39.49 -23.06 27.92
N PHE D 29 -39.36 -24.17 28.64
CA PHE D 29 -38.26 -24.24 29.66
C PHE D 29 -36.86 -24.32 29.03
N SER D 30 -36.71 -25.08 27.95
CA SER D 30 -35.33 -25.32 27.43
C SER D 30 -34.64 -24.04 26.94
N GLY D 31 -35.34 -23.14 26.24
CA GLY D 31 -34.64 -21.96 25.67
C GLY D 31 -34.07 -21.01 26.72
N TYR D 32 -34.81 -20.73 27.79
CA TYR D 32 -34.39 -19.72 28.79
C TYR D 32 -33.18 -20.18 29.61
N TRP D 33 -32.27 -19.25 29.95
CA TRP D 33 -31.13 -19.57 30.84
C TRP D 33 -31.62 -19.78 32.28
N MET D 34 -30.98 -20.66 33.06
CA MET D 34 -31.49 -20.97 34.42
C MET D 34 -30.41 -20.75 35.49
N HIS D 35 -30.82 -20.52 36.75
CA HIS D 35 -29.91 -20.19 37.84
C HIS D 35 -30.49 -20.69 39.15
N TRP D 36 -29.60 -20.83 40.14
CA TRP D 36 -29.96 -21.14 41.51
C TRP D 36 -29.45 -20.03 42.41
N VAL D 37 -30.34 -19.53 43.28
CA VAL D 37 -30.00 -18.50 44.26
C VAL D 37 -30.42 -18.98 45.65
N ARG D 38 -29.52 -18.84 46.62
CA ARG D 38 -29.79 -19.26 47.99
C ARG D 38 -30.32 -18.09 48.81
N GLN D 39 -30.87 -18.42 49.99
CA GLN D 39 -31.31 -17.41 50.94
C GLN D 39 -31.20 -18.02 52.33
N ALA D 40 -30.18 -17.59 53.08
CA ALA D 40 -30.01 -18.04 54.45
C ALA D 40 -31.12 -17.47 55.33
N PRO D 41 -31.51 -18.21 56.38
CA PRO D 41 -32.55 -17.69 57.28
C PRO D 41 -32.12 -16.41 57.97
N GLY D 42 -32.83 -15.33 57.69
CA GLY D 42 -32.51 -14.03 58.26
C GLY D 42 -31.19 -13.45 57.80
N LYS D 43 -30.84 -13.67 56.53
CA LYS D 43 -29.60 -13.15 55.96
C LYS D 43 -29.85 -12.74 54.51
N GLY D 44 -28.78 -12.30 53.85
CA GLY D 44 -28.86 -11.95 52.46
C GLY D 44 -28.84 -13.16 51.55
N LEU D 45 -28.93 -12.90 50.26
CA LEU D 45 -28.95 -13.94 49.24
C LEU D 45 -27.64 -13.97 48.47
N VAL D 46 -27.26 -15.16 48.01
CA VAL D 46 -26.03 -15.32 47.18
C VAL D 46 -26.36 -16.31 46.05
N TRP D 47 -26.11 -15.92 44.79
CA TRP D 47 -26.45 -16.80 43.65
C TRP D 47 -25.60 -18.06 43.71
N VAL D 48 -26.20 -19.23 43.47
CA VAL D 48 -25.42 -20.50 43.62
C VAL D 48 -24.86 -21.02 42.28
N SER D 49 -25.66 -21.08 41.21
CA SER D 49 -25.14 -21.70 39.96
C SER D 49 -25.78 -21.14 38.68
N ARG D 50 -25.04 -21.11 37.57
CA ARG D 50 -25.56 -20.58 36.28
C ARG D 50 -25.55 -21.69 35.22
N VAL D 51 -26.68 -22.02 34.63
CA VAL D 51 -26.57 -23.10 33.60
C VAL D 51 -27.07 -22.61 32.22
N ASN D 52 -26.24 -22.77 31.20
CA ASN D 52 -26.66 -22.51 29.80
C ASN D 52 -27.46 -23.75 29.41
N ARG D 53 -28.22 -23.72 28.31
CA ARG D 53 -28.89 -25.01 28.00
C ARG D 53 -27.74 -26.00 27.82
N ASP D 54 -26.66 -25.60 27.14
CA ASP D 54 -25.43 -26.46 27.06
C ASP D 54 -24.81 -26.60 28.46
N GLY D 55 -24.79 -25.52 29.24
CA GLY D 55 -24.25 -25.56 30.62
C GLY D 55 -22.74 -25.66 30.71
N SER D 56 -22.01 -25.28 29.66
CA SER D 56 -20.53 -25.48 29.65
C SER D 56 -19.77 -24.51 30.57
N ASP D 57 -20.34 -23.34 30.94
CA ASP D 57 -19.52 -22.37 31.72
C ASP D 57 -20.32 -21.48 32.69
N ALA D 58 -19.66 -20.99 33.76
CA ALA D 58 -20.27 -20.08 34.78
C ALA D 58 -21.08 -20.90 35.77
N ASP D 59 -21.01 -22.23 35.65
CA ASP D 59 -21.86 -23.10 36.50
C ASP D 59 -21.59 -23.05 38.00
N TYR D 60 -20.32 -23.04 38.43
CA TYR D 60 -20.11 -23.18 39.90
C TYR D 60 -19.23 -22.10 40.53
N ALA D 61 -19.68 -21.50 41.64
CA ALA D 61 -18.81 -20.59 42.43
C ALA D 61 -17.80 -21.46 43.19
N ASP D 62 -16.61 -20.96 43.50
CA ASP D 62 -15.57 -21.81 44.14
C ASP D 62 -16.14 -22.67 45.28
N SER D 63 -16.69 -22.07 46.33
CA SER D 63 -17.30 -22.80 47.47
C SER D 63 -18.39 -23.75 46.96
N VAL D 64 -19.21 -23.30 46.01
CA VAL D 64 -20.24 -24.18 45.38
C VAL D 64 -19.49 -25.29 44.63
N LYS D 65 -18.37 -24.94 43.99
CA LYS D 65 -17.64 -25.90 43.15
C LYS D 65 -17.15 -27.07 43.99
N GLY D 66 -17.24 -28.26 43.41
CA GLY D 66 -16.75 -29.46 44.11
C GLY D 66 -17.85 -30.14 44.91
N ARG D 67 -19.06 -29.57 44.96
CA ARG D 67 -20.06 -30.18 45.83
C ARG D 67 -21.46 -30.21 45.26
N PHE D 68 -21.87 -29.19 44.50
CA PHE D 68 -23.14 -29.24 43.80
C PHE D 68 -22.94 -29.61 42.33
N THR D 69 -23.94 -30.29 41.79
CA THR D 69 -24.03 -30.59 40.37
C THR D 69 -25.38 -30.09 39.87
N ILE D 70 -25.35 -29.33 38.78
CA ILE D 70 -26.54 -28.73 38.18
C ILE D 70 -26.86 -29.48 36.90
N SER D 71 -28.13 -29.84 36.73
CA SER D 71 -28.57 -30.53 35.53
C SER D 71 -29.89 -29.94 35.07
N LYS D 72 -30.07 -29.81 33.76
CA LYS D 72 -31.27 -29.21 33.19
C LYS D 72 -31.85 -30.20 32.18
N ASP D 73 -32.76 -31.07 32.63
CA ASP D 73 -33.31 -32.08 31.74
C ASP D 73 -34.44 -31.44 30.96
N ASN D 74 -34.15 -31.07 29.71
CA ASN D 74 -35.12 -30.42 28.85
C ASN D 74 -36.14 -31.41 28.30
N ALA D 75 -35.78 -32.68 28.17
CA ALA D 75 -36.66 -33.66 27.55
C ALA D 75 -37.95 -33.83 28.34
N LYS D 76 -37.85 -33.96 29.66
CA LYS D 76 -39.03 -34.08 30.50
C LYS D 76 -39.20 -32.88 31.42
N ASN D 77 -38.64 -31.73 31.02
CA ASN D 77 -39.04 -30.41 31.50
C ASN D 77 -38.85 -30.28 33.02
N THR D 78 -37.58 -30.27 33.43
CA THR D 78 -37.29 -30.08 34.85
C THR D 78 -35.83 -29.73 35.06
N LEU D 79 -35.54 -29.29 36.28
CA LEU D 79 -34.19 -28.95 36.73
C LEU D 79 -33.82 -29.80 37.94
N PHE D 80 -32.55 -30.22 37.98
CA PHE D 80 -31.95 -30.96 39.09
C PHE D 80 -30.80 -30.18 39.71
N LEU D 81 -30.67 -30.31 41.03
CA LEU D 81 -29.50 -29.82 41.75
C LEU D 81 -29.16 -30.84 42.83
N GLN D 82 -27.99 -31.47 42.73
CA GLN D 82 -27.61 -32.55 43.64
C GLN D 82 -26.38 -32.14 44.44
N MET D 83 -26.34 -32.55 45.71
CA MET D 83 -25.26 -32.17 46.59
C MET D 83 -24.65 -33.38 47.30
N ASN D 84 -23.36 -33.29 47.60
CA ASN D 84 -22.67 -34.27 48.43
C ASN D 84 -21.90 -33.54 49.52
N SER D 85 -21.69 -34.25 50.63
CA SER D 85 -20.92 -33.74 51.78
C SER D 85 -21.41 -32.36 52.21
N LEU D 86 -22.72 -32.25 52.39
CA LEU D 86 -23.31 -30.98 52.80
C LEU D 86 -22.83 -30.58 54.19
N ARG D 87 -22.58 -29.28 54.36
CA ARG D 87 -22.04 -28.75 55.60
C ARG D 87 -23.11 -27.92 56.32
N THR D 88 -22.85 -27.65 57.60
CA THR D 88 -23.87 -27.02 58.45
C THR D 88 -24.26 -25.63 57.95
N GLU D 89 -23.29 -24.86 57.46
CA GLU D 89 -23.55 -23.46 57.12
C GLU D 89 -24.42 -23.29 55.89
N ASP D 90 -24.69 -24.36 55.14
CA ASP D 90 -25.53 -24.25 53.95
C ASP D 90 -27.02 -24.40 54.23
N THR D 91 -27.42 -24.50 55.50
CA THR D 91 -28.84 -24.53 55.86
C THR D 91 -29.53 -23.26 55.41
N ALA D 92 -30.47 -23.36 54.47
CA ALA D 92 -31.03 -22.16 53.85
C ALA D 92 -32.28 -22.57 53.07
N VAL D 93 -32.79 -21.65 52.26
CA VAL D 93 -33.86 -21.93 51.30
C VAL D 93 -33.30 -21.70 49.91
N TYR D 94 -33.82 -22.44 48.94
CA TYR D 94 -33.31 -22.35 47.57
C TYR D 94 -34.38 -21.87 46.60
N TYR D 95 -33.97 -20.98 45.70
CA TYR D 95 -34.83 -20.42 44.66
C TYR D 95 -34.32 -20.82 43.29
N CYS D 96 -35.22 -21.35 42.46
CA CYS D 96 -34.97 -21.62 41.05
C CYS D 96 -35.33 -20.35 40.27
N VAL D 97 -34.33 -19.67 39.74
CA VAL D 97 -34.51 -18.32 39.20
C VAL D 97 -34.11 -18.30 37.73
N ARG D 98 -34.94 -17.68 36.91
CA ARG D 98 -34.71 -17.68 35.47
C ARG D 98 -33.75 -16.55 35.09
N GLU D 99 -33.18 -16.65 33.88
CA GLU D 99 -32.34 -15.60 33.34
C GLU D 99 -32.94 -15.16 32.01
N ALA D 100 -33.23 -13.87 31.89
CA ALA D 100 -33.95 -13.36 30.73
C ALA D 100 -33.14 -13.54 29.46
N THR D 101 -33.82 -13.92 28.39
CA THR D 101 -33.21 -14.08 27.07
C THR D 101 -34.04 -13.31 26.05
N THR D 102 -33.35 -12.65 25.11
CA THR D 102 -34.05 -11.86 24.11
C THR D 102 -34.70 -12.72 23.04
N PHE D 103 -34.16 -13.91 22.79
CA PHE D 103 -34.68 -14.83 21.77
C PHE D 103 -34.73 -14.18 20.39
N GLY D 104 -33.69 -13.41 20.05
CA GLY D 104 -33.62 -12.81 18.71
C GLY D 104 -32.73 -13.64 17.79
N VAL D 105 -31.96 -12.98 16.92
CA VAL D 105 -30.99 -13.73 16.06
C VAL D 105 -29.98 -14.38 17.03
N ILE D 106 -29.59 -13.63 18.08
CA ILE D 106 -28.70 -14.22 19.13
C ILE D 106 -29.52 -14.23 20.44
N ILE D 107 -29.50 -15.34 21.17
CA ILE D 107 -30.33 -15.45 22.41
C ILE D 107 -29.83 -14.38 23.41
N MET D 108 -28.52 -14.19 23.50
CA MET D 108 -27.94 -13.13 24.37
C MET D 108 -28.66 -12.98 25.71
N PRO D 109 -28.48 -13.88 26.70
CA PRO D 109 -29.04 -13.69 28.04
C PRO D 109 -28.48 -12.45 28.71
N GLU D 110 -29.26 -11.89 29.63
CA GLU D 110 -28.95 -10.56 30.17
C GLU D 110 -28.57 -10.55 31.64
N TRP D 111 -28.41 -11.71 32.27
CA TRP D 111 -27.92 -11.82 33.65
C TRP D 111 -28.79 -11.07 34.66
N TYR D 112 -30.07 -10.90 34.34
CA TYR D 112 -31.03 -10.42 35.34
C TYR D 112 -32.20 -11.39 35.39
N PHE D 113 -32.74 -11.58 36.58
CA PHE D 113 -33.70 -12.64 36.84
C PHE D 113 -35.12 -12.13 36.67
N ASP D 114 -35.99 -13.00 36.16
CA ASP D 114 -37.37 -12.64 35.83
C ASP D 114 -38.37 -13.12 36.87
N LEU D 115 -38.35 -14.40 37.21
CA LEU D 115 -39.31 -14.95 38.17
C LEU D 115 -38.59 -15.83 39.18
N TRP D 116 -39.21 -15.94 40.36
CA TRP D 116 -38.67 -16.65 41.51
C TRP D 116 -39.72 -17.62 42.02
N GLY D 117 -39.42 -18.92 41.93
CA GLY D 117 -40.34 -19.91 42.43
C GLY D 117 -40.39 -19.93 43.94
N ARG D 118 -41.44 -20.54 44.49
CA ARG D 118 -41.59 -20.61 45.93
C ARG D 118 -40.49 -21.49 46.51
N GLY D 119 -39.94 -21.06 47.65
CA GLY D 119 -38.72 -21.66 48.14
C GLY D 119 -38.92 -23.00 48.81
N THR D 120 -37.89 -23.83 48.72
CA THR D 120 -37.81 -25.09 49.45
C THR D 120 -36.66 -24.98 50.44
N LEU D 121 -36.96 -25.23 51.71
CA LEU D 121 -35.97 -25.16 52.77
C LEU D 121 -35.16 -26.45 52.83
N VAL D 122 -33.86 -26.31 53.04
CA VAL D 122 -32.96 -27.42 53.32
C VAL D 122 -32.27 -27.14 54.65
N THR D 123 -32.28 -28.15 55.53
CA THR D 123 -31.68 -28.04 56.86
C THR D 123 -30.79 -29.24 57.10
N VAL D 124 -29.61 -28.97 57.65
CA VAL D 124 -28.61 -29.98 57.95
C VAL D 124 -28.15 -29.79 59.39
N SER D 125 -28.31 -30.84 60.21
CA SER D 125 -27.97 -30.78 61.63
C SER D 125 -27.80 -32.21 62.12
N SER D 126 -27.21 -32.32 63.32
CA SER D 126 -26.98 -33.62 63.95
C SER D 126 -28.10 -34.02 64.90
N ALA D 127 -29.16 -33.22 65.00
CA ALA D 127 -30.25 -33.49 65.92
C ALA D 127 -31.24 -34.47 65.30
N SER D 128 -32.24 -34.86 66.08
CA SER D 128 -33.28 -35.79 65.63
C SER D 128 -34.65 -35.25 66.05
N THR D 129 -35.68 -35.78 65.41
CA THR D 129 -37.03 -35.30 65.65
C THR D 129 -37.49 -35.61 67.07
N LYS D 130 -37.98 -34.59 67.77
CA LYS D 130 -38.46 -34.74 69.14
C LYS D 130 -39.76 -33.95 69.29
N GLY D 131 -40.58 -34.39 70.23
CA GLY D 131 -41.81 -33.69 70.54
C GLY D 131 -41.55 -32.46 71.39
N PRO D 132 -42.17 -31.35 71.02
CA PRO D 132 -41.97 -30.11 71.77
C PRO D 132 -42.56 -30.19 73.17
N SER D 133 -41.95 -29.47 74.10
CA SER D 133 -42.43 -29.38 75.47
C SER D 133 -43.11 -28.03 75.66
N VAL D 134 -44.35 -28.06 76.14
CA VAL D 134 -45.20 -26.88 76.23
C VAL D 134 -45.63 -26.66 77.68
N PHE D 135 -45.58 -25.41 78.13
CA PHE D 135 -46.03 -25.02 79.45
C PHE D 135 -46.66 -23.64 79.37
N PRO D 136 -47.66 -23.36 80.20
CA PRO D 136 -48.39 -22.09 80.09
C PRO D 136 -47.58 -20.91 80.60
N LEU D 137 -47.93 -19.72 80.10
CA LEU D 137 -47.33 -18.45 80.52
C LEU D 137 -48.46 -17.51 80.90
N ALA D 138 -48.80 -17.48 82.19
CA ALA D 138 -49.84 -16.61 82.71
C ALA D 138 -49.27 -15.85 83.91
N PRO D 139 -49.23 -14.53 83.87
CA PRO D 139 -48.72 -13.78 85.03
C PRO D 139 -49.64 -13.90 86.23
N SER D 140 -49.04 -14.09 87.40
CA SER D 140 -49.76 -14.17 88.66
C SER D 140 -49.85 -12.78 89.27
N SER D 141 -50.21 -12.72 90.56
CA SER D 141 -50.26 -11.43 91.24
C SER D 141 -48.87 -10.81 91.35
N LYS D 142 -48.84 -9.48 91.38
CA LYS D 142 -47.65 -8.65 91.50
C LYS D 142 -46.78 -8.69 90.24
N SER D 143 -47.15 -9.53 89.28
CA SER D 143 -46.43 -9.58 88.00
C SER D 143 -47.22 -8.98 86.84
N THR D 144 -48.54 -9.14 86.84
CA THR D 144 -49.35 -8.47 85.83
C THR D 144 -49.48 -6.99 86.17
N SER D 145 -49.40 -6.15 85.14
CA SER D 145 -49.44 -4.71 85.30
C SER D 145 -50.71 -4.16 84.68
N GLY D 146 -51.54 -3.51 85.51
CA GLY D 146 -52.76 -2.91 85.02
C GLY D 146 -53.84 -3.93 84.72
N GLY D 147 -54.95 -3.42 84.18
CA GLY D 147 -56.03 -4.30 83.78
C GLY D 147 -55.66 -5.20 82.62
N THR D 148 -54.98 -4.65 81.63
CA THR D 148 -54.55 -5.44 80.48
C THR D 148 -53.33 -6.29 80.85
N ALA D 149 -53.20 -7.42 80.17
CA ALA D 149 -52.09 -8.34 80.42
C ALA D 149 -51.83 -9.12 79.14
N ALA D 150 -51.04 -10.18 79.26
CA ALA D 150 -50.70 -11.02 78.11
C ALA D 150 -50.53 -12.45 78.57
N LEU D 151 -51.15 -13.39 77.86
CA LEU D 151 -51.08 -14.81 78.17
C LEU D 151 -50.54 -15.57 76.97
N GLY D 152 -49.72 -16.57 77.20
CA GLY D 152 -49.11 -17.27 76.09
C GLY D 152 -48.59 -18.65 76.41
N CYS D 153 -47.78 -19.16 75.48
CA CYS D 153 -47.16 -20.47 75.61
C CYS D 153 -45.72 -20.40 75.11
N LEU D 154 -44.89 -21.29 75.64
CA LEU D 154 -43.47 -21.38 75.29
C LEU D 154 -43.13 -22.84 75.03
N VAL D 155 -42.63 -23.12 73.82
CA VAL D 155 -42.28 -24.48 73.43
C VAL D 155 -40.77 -24.66 73.55
N LYS D 156 -40.35 -25.90 73.80
CA LYS D 156 -38.96 -26.23 73.99
C LYS D 156 -38.64 -27.54 73.29
N ASP D 157 -37.33 -27.80 73.16
CA ASP D 157 -36.75 -29.00 72.55
C ASP D 157 -37.55 -29.44 71.32
N TYR D 158 -37.78 -28.49 70.42
CA TYR D 158 -38.50 -28.75 69.17
C TYR D 158 -37.52 -28.54 68.02
N PHE D 159 -36.78 -29.60 67.70
CA PHE D 159 -35.89 -29.55 66.53
C PHE D 159 -36.64 -29.39 65.20
N PRO D 160 -37.79 -30.10 64.95
CA PRO D 160 -38.37 -30.08 63.60
C PRO D 160 -38.75 -28.70 63.07
N GLU D 161 -39.23 -28.68 61.83
CA GLU D 161 -39.42 -27.46 61.08
C GLU D 161 -40.42 -26.54 61.80
N PRO D 162 -40.32 -25.20 61.57
CA PRO D 162 -41.15 -24.24 62.32
C PRO D 162 -42.60 -24.67 62.54
N VAL D 163 -43.07 -24.48 63.76
CA VAL D 163 -44.37 -25.00 64.20
C VAL D 163 -45.39 -23.88 64.17
N THR D 164 -46.65 -24.26 63.94
CA THR D 164 -47.77 -23.33 63.99
C THR D 164 -48.55 -23.54 65.28
N VAL D 165 -49.05 -22.43 65.82
CA VAL D 165 -49.74 -22.42 67.11
C VAL D 165 -50.92 -21.46 67.01
N SER D 166 -52.02 -21.81 67.68
CA SER D 166 -53.19 -20.96 67.68
C SER D 166 -53.91 -21.06 69.02
N TRP D 167 -54.81 -20.12 69.25
CA TRP D 167 -55.50 -19.96 70.52
C TRP D 167 -57.00 -20.05 70.28
N ASN D 168 -57.68 -20.90 71.05
CA ASN D 168 -59.13 -21.06 70.99
C ASN D 168 -59.59 -21.36 69.56
N SER D 169 -58.95 -22.36 68.95
CA SER D 169 -59.26 -22.80 67.58
C SER D 169 -59.19 -21.65 66.57
N GLY D 170 -58.35 -20.65 66.86
CA GLY D 170 -58.20 -19.52 65.97
C GLY D 170 -59.45 -18.69 65.81
N ALA D 171 -60.25 -18.56 66.87
CA ALA D 171 -61.47 -17.76 66.82
C ALA D 171 -61.24 -16.31 67.20
N LEU D 172 -60.06 -15.96 67.68
CA LEU D 172 -59.75 -14.58 68.05
C LEU D 172 -58.28 -14.31 67.77
N THR D 173 -57.96 -13.04 67.54
CA THR D 173 -56.58 -12.63 67.29
C THR D 173 -56.04 -11.74 68.40
N SER D 174 -56.69 -10.61 68.67
CA SER D 174 -56.28 -9.69 69.73
C SER D 174 -54.81 -9.30 69.60
N GLY D 175 -54.37 -9.08 68.36
CA GLY D 175 -52.99 -8.74 68.11
C GLY D 175 -52.03 -9.89 68.35
N VAL D 176 -52.10 -10.93 67.52
CA VAL D 176 -51.23 -12.09 67.68
C VAL D 176 -49.79 -11.68 67.43
N HIS D 177 -48.90 -12.10 68.34
CA HIS D 177 -47.46 -11.90 68.18
C HIS D 177 -46.87 -13.17 67.59
N THR D 178 -46.35 -13.07 66.36
CA THR D 178 -45.87 -14.26 65.66
C THR D 178 -44.70 -14.91 66.39
N PHE D 179 -43.74 -14.09 66.85
CA PHE D 179 -42.55 -14.57 67.56
C PHE D 179 -41.85 -15.66 66.77
N PRO D 180 -41.13 -15.32 65.69
CA PRO D 180 -40.47 -16.35 64.90
C PRO D 180 -39.44 -17.13 65.71
N ALA D 181 -39.22 -18.38 65.32
CA ALA D 181 -38.37 -19.29 66.07
C ALA D 181 -36.93 -18.81 66.07
N VAL D 182 -36.13 -19.47 66.91
CA VAL D 182 -34.71 -19.15 67.04
C VAL D 182 -34.00 -20.38 67.60
N LEU D 183 -32.74 -20.55 67.20
CA LEU D 183 -31.97 -21.76 67.47
C LEU D 183 -31.10 -21.59 68.71
N GLN D 184 -31.11 -22.60 69.57
CA GLN D 184 -30.26 -22.70 70.75
C GLN D 184 -29.28 -23.86 70.57
N SER D 185 -28.52 -24.15 71.62
CA SER D 185 -27.56 -25.23 71.60
C SER D 185 -28.27 -26.58 71.38
N SER D 186 -27.48 -27.57 70.98
CA SER D 186 -27.95 -28.93 70.68
C SER D 186 -29.00 -28.95 69.58
N GLY D 187 -29.06 -27.91 68.76
CA GLY D 187 -29.97 -27.87 67.63
C GLY D 187 -31.44 -27.91 68.00
N LEU D 188 -31.92 -26.86 68.67
CA LEU D 188 -33.30 -26.76 69.09
C LEU D 188 -33.90 -25.43 68.66
N TYR D 189 -35.10 -25.48 68.11
CA TYR D 189 -35.87 -24.29 67.77
C TYR D 189 -36.84 -23.99 68.91
N SER D 190 -36.84 -22.76 69.39
CA SER D 190 -37.70 -22.34 70.49
C SER D 190 -38.62 -21.20 70.06
N LEU D 191 -39.89 -21.31 70.41
CA LEU D 191 -40.89 -20.32 70.08
C LEU D 191 -41.70 -19.98 71.33
N SER D 192 -42.10 -18.71 71.45
CA SER D 192 -42.87 -18.22 72.60
C SER D 192 -43.97 -17.31 72.08
N SER D 193 -45.15 -17.88 71.85
CA SER D 193 -46.27 -17.13 71.30
C SER D 193 -47.14 -16.61 72.43
N VAL D 194 -47.28 -15.30 72.53
CA VAL D 194 -48.05 -14.67 73.60
C VAL D 194 -49.05 -13.70 72.96
N VAL D 195 -50.30 -13.78 73.39
CA VAL D 195 -51.36 -12.89 72.93
C VAL D 195 -51.72 -11.96 74.07
N THR D 196 -51.78 -10.66 73.79
CA THR D 196 -52.09 -9.65 74.79
C THR D 196 -53.58 -9.67 75.08
N VAL D 197 -53.96 -10.37 76.16
CA VAL D 197 -55.35 -10.43 76.61
C VAL D 197 -55.39 -9.99 78.07
N PRO D 198 -56.31 -9.12 78.46
CA PRO D 198 -56.35 -8.66 79.85
C PRO D 198 -56.55 -9.83 80.81
N SER D 199 -55.88 -9.74 81.97
CA SER D 199 -55.93 -10.83 82.94
C SER D 199 -57.29 -10.99 83.58
N SER D 200 -58.10 -9.95 83.60
CA SER D 200 -59.45 -10.01 84.20
C SER D 200 -60.47 -10.53 83.19
N SER D 201 -60.14 -11.66 82.56
CA SER D 201 -61.06 -12.30 81.63
C SER D 201 -61.17 -13.81 81.80
N LEU D 202 -60.28 -14.44 82.56
CA LEU D 202 -60.34 -15.88 82.77
C LEU D 202 -61.32 -16.22 83.89
N GLY D 203 -62.15 -17.23 83.66
CA GLY D 203 -63.16 -17.62 84.62
C GLY D 203 -64.52 -17.76 83.97
N THR D 204 -64.77 -16.96 82.94
CA THR D 204 -66.01 -17.04 82.17
C THR D 204 -65.86 -17.79 80.86
N GLN D 205 -64.64 -17.87 80.31
CA GLN D 205 -64.38 -18.60 79.08
C GLN D 205 -63.08 -19.37 79.23
N THR D 206 -63.06 -20.59 78.70
CA THR D 206 -61.86 -21.41 78.78
C THR D 206 -60.74 -20.84 77.92
N TYR D 207 -59.52 -20.98 78.40
CA TYR D 207 -58.32 -20.47 77.71
C TYR D 207 -57.43 -21.66 77.40
N ILE D 208 -57.39 -22.04 76.11
CA ILE D 208 -56.61 -23.18 75.66
C ILE D 208 -55.69 -22.74 74.53
N CYS D 209 -54.61 -23.48 74.35
CA CYS D 209 -53.65 -23.22 73.28
C CYS D 209 -53.33 -24.54 72.57
N ASN D 210 -53.43 -24.53 71.24
CA ASN D 210 -53.07 -25.70 70.46
C ASN D 210 -51.79 -25.42 69.69
N VAL D 211 -50.90 -26.41 69.66
CA VAL D 211 -49.64 -26.35 68.93
C VAL D 211 -49.71 -27.49 67.93
N ASN D 212 -50.00 -27.16 66.67
CA ASN D 212 -50.11 -28.17 65.63
C ASN D 212 -48.72 -28.45 65.06
N HIS D 213 -48.26 -29.68 65.22
CA HIS D 213 -46.95 -30.12 64.74
C HIS D 213 -47.17 -30.87 63.43
N LYS D 214 -46.85 -30.21 62.32
CA LYS D 214 -47.13 -30.77 61.00
C LYS D 214 -46.10 -31.83 60.58
N PRO D 215 -44.80 -31.62 60.77
CA PRO D 215 -43.84 -32.67 60.38
C PRO D 215 -44.10 -34.04 61.01
N SER D 216 -44.21 -34.10 62.33
CA SER D 216 -44.37 -35.37 63.04
C SER D 216 -45.82 -35.67 63.40
N ASN D 217 -46.76 -34.83 62.97
CA ASN D 217 -48.20 -35.04 63.24
C ASN D 217 -48.49 -35.09 64.73
N THR D 218 -47.71 -34.38 65.54
CA THR D 218 -47.87 -34.38 66.99
C THR D 218 -48.63 -33.12 67.43
N LYS D 219 -49.93 -33.12 67.14
CA LYS D 219 -50.79 -32.02 67.55
C LYS D 219 -51.03 -32.08 69.04
N VAL D 220 -50.73 -31.00 69.76
CA VAL D 220 -50.84 -31.00 71.22
C VAL D 220 -51.72 -29.83 71.65
N ASP D 221 -52.56 -30.07 72.64
CA ASP D 221 -53.43 -29.02 73.18
C ASP D 221 -53.20 -28.93 74.68
N LYS D 222 -53.13 -27.70 75.20
CA LYS D 222 -52.91 -27.50 76.63
C LYS D 222 -53.80 -26.38 77.14
N ARG D 223 -54.00 -26.37 78.45
CA ARG D 223 -54.76 -25.34 79.15
C ARG D 223 -53.82 -24.45 79.94
N VAL D 224 -54.29 -23.23 80.22
CA VAL D 224 -53.52 -22.23 80.95
C VAL D 224 -54.22 -21.98 82.28
N GLU D 225 -53.45 -22.05 83.38
CA GLU D 225 -54.00 -21.77 84.69
C GLU D 225 -53.60 -20.37 85.15
N PRO D 226 -54.49 -19.68 85.87
CA PRO D 226 -54.17 -18.31 86.34
C PRO D 226 -53.21 -18.28 87.53
N LYS D 227 -52.77 -19.43 88.03
CA LYS D 227 -51.85 -19.50 89.16
C LYS D 227 -52.40 -18.79 90.39
N GLU E 1 -15.86 -11.62 42.56
CA GLU E 1 -14.81 -10.65 42.33
C GLU E 1 -15.28 -9.24 42.66
N ILE E 2 -16.25 -8.76 41.88
CA ILE E 2 -16.79 -7.42 42.10
C ILE E 2 -17.56 -7.39 43.41
N VAL E 3 -17.29 -6.38 44.23
CA VAL E 3 -17.93 -6.21 45.53
C VAL E 3 -18.74 -4.93 45.49
N MET E 4 -20.02 -5.01 45.88
CA MET E 4 -20.96 -3.91 45.75
C MET E 4 -21.35 -3.40 47.12
N THR E 5 -21.28 -2.09 47.31
CA THR E 5 -21.65 -1.45 48.57
C THR E 5 -22.85 -0.53 48.37
N GLN E 6 -23.69 -0.43 49.39
CA GLN E 6 -24.94 0.32 49.32
C GLN E 6 -24.85 1.53 50.26
N SER E 7 -25.32 2.68 49.79
CA SER E 7 -25.36 3.89 50.59
C SER E 7 -26.73 4.55 50.46
N PRO E 8 -27.38 4.88 51.58
CA PRO E 8 -26.99 4.62 52.97
C PRO E 8 -27.34 3.19 53.40
N GLY E 9 -26.89 2.76 54.58
CA GLY E 9 -27.25 1.44 55.06
C GLY E 9 -28.73 1.30 55.33
N THR E 10 -29.35 2.33 55.91
CA THR E 10 -30.78 2.37 56.15
C THR E 10 -31.32 3.70 55.67
N LEU E 11 -32.62 3.71 55.32
CA LEU E 11 -33.22 4.88 54.71
C LEU E 11 -34.67 4.98 55.20
N SER E 12 -34.90 5.83 56.20
CA SER E 12 -36.22 6.02 56.78
C SER E 12 -36.75 7.40 56.39
N LEU E 13 -37.96 7.43 55.85
CA LEU E 13 -38.60 8.66 55.40
C LEU E 13 -40.08 8.60 55.68
N SER E 14 -40.77 9.71 55.39
CA SER E 14 -42.21 9.78 55.56
C SER E 14 -42.90 8.91 54.50
N PRO E 15 -44.16 8.53 54.75
CA PRO E 15 -44.85 7.66 53.77
C PRO E 15 -45.02 8.29 52.40
N GLY E 16 -44.89 9.61 52.28
CA GLY E 16 -45.03 10.26 50.99
C GLY E 16 -43.71 10.74 50.41
N GLU E 17 -42.74 11.03 51.27
CA GLU E 17 -41.48 11.59 50.83
C GLU E 17 -40.73 10.61 49.92
N ARG E 18 -40.18 11.14 48.83
CA ARG E 18 -39.42 10.34 47.89
C ARG E 18 -38.00 10.10 48.41
N ALA E 19 -37.33 9.11 47.81
CA ALA E 19 -36.01 8.70 48.25
C ALA E 19 -35.15 8.32 47.06
N THR E 20 -33.83 8.29 47.29
CA THR E 20 -32.87 7.82 46.31
C THR E 20 -31.81 6.97 47.02
N LEU E 21 -31.29 5.98 46.29
CA LEU E 21 -30.30 5.06 46.82
C LEU E 21 -29.10 5.00 45.87
N SER E 22 -27.90 4.93 46.44
CA SER E 22 -26.67 4.86 45.65
C SER E 22 -26.01 3.52 45.86
N CYS E 23 -25.59 2.88 44.78
CA CYS E 23 -24.85 1.63 44.83
C CYS E 23 -23.51 1.83 44.14
N ARG E 24 -22.47 1.23 44.71
CA ARG E 24 -21.10 1.44 44.26
C ARG E 24 -20.42 0.11 43.97
N ALA E 25 -19.84 0.01 42.78
CA ALA E 25 -18.99 -1.11 42.44
C ALA E 25 -17.61 -0.91 43.06
N SER E 26 -16.96 -2.03 43.40
CA SER E 26 -15.66 -1.95 44.05
C SER E 26 -14.60 -1.38 43.11
N GLN E 27 -14.59 -1.80 41.85
CA GLN E 27 -13.62 -1.27 40.90
C GLN E 27 -14.14 -1.51 39.48
N SER E 28 -13.56 -0.75 38.55
CA SER E 28 -13.79 -0.92 37.12
C SER E 28 -15.23 -0.58 36.72
N ASP E 29 -15.51 -0.67 35.42
CA ASP E 29 -16.84 -0.39 34.88
C ASP E 29 -17.31 -1.59 34.07
N SER E 30 -18.59 -1.91 34.20
CA SER E 30 -19.18 -3.10 33.60
C SER E 30 -20.22 -2.74 32.55
N SER E 31 -19.92 -1.73 31.74
CA SER E 31 -20.77 -1.30 30.62
C SER E 31 -22.20 -0.96 31.07
N ASN E 32 -22.34 -0.55 32.33
CA ASN E 32 -23.62 -0.11 32.88
C ASN E 32 -24.69 -1.19 32.77
N SER E 33 -24.29 -2.45 32.95
CA SER E 33 -25.22 -3.58 32.98
C SER E 33 -25.49 -3.93 34.44
N LEU E 34 -26.45 -3.22 35.03
CA LEU E 34 -26.74 -3.33 36.45
C LEU E 34 -28.23 -3.57 36.64
N ALA E 35 -28.58 -4.26 37.72
CA ALA E 35 -29.99 -4.50 38.01
C ALA E 35 -30.30 -4.14 39.46
N TRP E 36 -31.52 -3.69 39.70
CA TRP E 36 -32.01 -3.44 41.06
C TRP E 36 -33.21 -4.31 41.35
N TYR E 37 -33.23 -4.89 42.55
CA TYR E 37 -34.29 -5.78 43.00
C TYR E 37 -34.78 -5.30 44.36
N GLN E 38 -36.08 -5.41 44.59
CA GLN E 38 -36.68 -5.15 45.90
C GLN E 38 -37.28 -6.45 46.42
N GLN E 39 -37.00 -6.77 47.69
CA GLN E 39 -37.48 -8.01 48.29
C GLN E 39 -38.28 -7.68 49.54
N GLU E 40 -39.56 -8.01 49.53
CA GLU E 40 -40.36 -8.00 50.74
C GLU E 40 -39.84 -9.10 51.68
N PRO E 41 -39.93 -8.88 53.00
CA PRO E 41 -39.39 -9.89 53.93
C PRO E 41 -39.99 -11.28 53.75
N GLY E 42 -41.29 -11.37 53.47
CA GLY E 42 -41.91 -12.68 53.29
C GLY E 42 -41.85 -13.20 51.88
N GLN E 43 -41.78 -12.31 50.89
CA GLN E 43 -41.83 -12.69 49.49
C GLN E 43 -40.42 -12.77 48.90
N ALA E 44 -40.36 -13.22 47.65
CA ALA E 44 -39.12 -13.27 46.90
C ALA E 44 -38.79 -11.90 46.31
N PRO E 45 -37.54 -11.65 45.94
CA PRO E 45 -37.19 -10.37 45.32
C PRO E 45 -37.91 -10.19 43.99
N ARG E 46 -38.06 -8.92 43.59
CA ARG E 46 -38.68 -8.54 42.33
C ARG E 46 -37.78 -7.54 41.62
N LEU E 47 -37.50 -7.80 40.35
CA LEU E 47 -36.68 -6.88 39.57
C LEU E 47 -37.44 -5.59 39.27
N LEU E 48 -36.77 -4.46 39.48
CA LEU E 48 -37.35 -3.15 39.20
C LEU E 48 -36.73 -2.46 38.00
N ILE E 49 -35.41 -2.49 37.86
CA ILE E 49 -34.75 -1.82 36.74
C ILE E 49 -33.60 -2.69 36.26
N HIS E 50 -33.44 -2.75 34.94
CA HIS E 50 -32.44 -3.54 34.25
C HIS E 50 -31.63 -2.64 33.32
N ASP E 51 -30.37 -3.03 33.08
CA ASP E 51 -29.38 -2.20 32.38
C ASP E 51 -29.16 -0.85 33.06
N ALA E 52 -29.62 -0.73 34.31
CA ALA E 52 -29.38 0.43 35.17
C ALA E 52 -30.11 1.68 34.71
N SER E 53 -30.76 1.62 33.54
CA SER E 53 -31.51 2.75 33.01
C SER E 53 -32.97 2.42 32.76
N SER E 54 -33.26 1.31 32.10
CA SER E 54 -34.62 1.00 31.66
C SER E 54 -35.35 0.16 32.72
N ARG E 55 -36.59 0.53 32.97
CA ARG E 55 -37.44 -0.15 33.95
C ARG E 55 -38.31 -1.18 33.25
N ALA E 56 -38.46 -2.34 33.90
CA ALA E 56 -39.22 -3.43 33.31
C ALA E 56 -40.70 -3.09 33.22
N THR E 57 -41.38 -3.72 32.26
CA THR E 57 -42.80 -3.54 32.11
C THR E 57 -43.54 -4.12 33.32
N GLY E 58 -44.64 -3.46 33.69
CA GLY E 58 -45.38 -3.79 34.89
C GLY E 58 -44.90 -3.07 36.13
N ILE E 59 -43.61 -2.73 36.18
CA ILE E 59 -43.08 -1.93 37.30
C ILE E 59 -43.70 -0.54 37.23
N PRO E 60 -44.12 0.04 38.36
CA PRO E 60 -44.73 1.36 38.31
C PRO E 60 -43.78 2.42 37.77
N ASP E 61 -44.37 3.44 37.14
CA ASP E 61 -43.59 4.56 36.60
C ASP E 61 -42.84 5.29 37.69
N ARG E 62 -43.23 5.11 38.96
CA ARG E 62 -42.60 5.83 40.06
C ARG E 62 -41.11 5.51 40.15
N PHE E 63 -40.74 4.23 40.05
CA PHE E 63 -39.33 3.84 40.14
C PHE E 63 -38.61 4.24 38.85
N SER E 64 -37.70 5.20 38.94
CA SER E 64 -36.96 5.68 37.77
C SER E 64 -35.63 6.27 38.23
N GLY E 65 -34.54 5.70 37.74
CA GLY E 65 -33.21 6.20 38.06
C GLY E 65 -32.21 5.66 37.07
N SER E 66 -31.02 6.26 37.09
CA SER E 66 -29.95 5.85 36.19
C SER E 66 -28.61 6.18 36.80
N GLY E 67 -27.57 5.52 36.30
CA GLY E 67 -26.20 5.76 36.75
C GLY E 67 -25.23 5.18 35.75
N SER E 68 -23.97 5.57 35.92
CA SER E 68 -22.93 5.13 35.00
C SER E 68 -21.59 5.16 35.71
N GLY E 69 -20.62 4.44 35.14
CA GLY E 69 -19.32 4.35 35.77
C GLY E 69 -19.36 3.41 36.96
N THR E 70 -18.61 3.75 38.00
CA THR E 70 -18.53 2.91 39.19
C THR E 70 -19.73 3.09 40.12
N ASP E 71 -20.51 4.16 39.95
CA ASP E 71 -21.62 4.46 40.85
C ASP E 71 -22.90 4.47 40.03
N PHE E 72 -23.90 3.70 40.47
CA PHE E 72 -25.23 3.74 39.89
C PHE E 72 -26.24 4.12 40.97
N THR E 73 -27.11 5.07 40.67
CA THR E 73 -28.10 5.54 41.63
C THR E 73 -29.50 5.32 41.09
N LEU E 74 -30.40 4.89 41.97
CA LEU E 74 -31.80 4.68 41.64
C LEU E 74 -32.66 5.63 42.46
N ILE E 75 -33.54 6.36 41.78
CA ILE E 75 -34.42 7.33 42.41
C ILE E 75 -35.84 6.79 42.37
N ILE E 76 -36.63 7.16 43.38
CA ILE E 76 -38.04 6.79 43.45
C ILE E 76 -38.84 8.07 43.46
N SER E 77 -39.81 8.18 42.53
CA SER E 77 -40.46 9.47 42.30
C SER E 77 -41.28 9.92 43.51
N ARG E 78 -42.12 9.03 44.04
CA ARG E 78 -42.93 9.31 45.22
C ARG E 78 -42.82 8.12 46.15
N LEU E 79 -43.67 8.06 47.17
CA LEU E 79 -43.67 6.92 48.07
C LEU E 79 -45.09 6.51 48.42
N GLU E 80 -45.31 5.21 48.50
CA GLU E 80 -46.59 4.61 48.86
C GLU E 80 -46.31 3.43 49.80
N PRO E 81 -47.34 2.82 50.41
CA PRO E 81 -47.08 1.69 51.32
C PRO E 81 -46.66 0.40 50.64
N GLU E 82 -45.49 0.41 49.98
CA GLU E 82 -44.88 -0.81 49.48
C GLU E 82 -43.37 -0.83 49.69
N ASP E 83 -42.80 0.18 50.34
CA ASP E 83 -41.36 0.33 50.49
C ASP E 83 -40.80 -0.44 51.67
N PHE E 84 -41.60 -1.26 52.33
CA PHE E 84 -41.14 -2.08 53.46
C PHE E 84 -40.39 -3.31 52.95
N ALA E 85 -39.31 -3.04 52.23
CA ALA E 85 -38.56 -4.09 51.56
C ALA E 85 -37.08 -3.72 51.55
N VAL E 86 -36.24 -4.71 51.29
CA VAL E 86 -34.80 -4.52 51.21
C VAL E 86 -34.40 -4.49 49.74
N TYR E 87 -33.66 -3.46 49.35
CA TYR E 87 -33.28 -3.23 47.96
C TYR E 87 -31.86 -3.72 47.74
N TYR E 88 -31.71 -4.80 46.98
CA TYR E 88 -30.41 -5.35 46.61
C TYR E 88 -30.10 -4.94 45.17
N CYS E 89 -28.82 -4.70 44.90
CA CYS E 89 -28.37 -4.42 43.54
C CYS E 89 -27.47 -5.55 43.08
N GLN E 90 -27.62 -5.94 41.82
CA GLN E 90 -26.92 -7.10 41.28
C GLN E 90 -26.12 -6.70 40.04
N LEU E 91 -24.80 -6.92 40.12
CA LEU E 91 -23.89 -6.93 38.99
C LEU E 91 -23.72 -8.38 38.51
N TYR E 92 -22.69 -8.64 37.71
CA TYR E 92 -22.52 -9.96 37.10
C TYR E 92 -22.45 -11.08 38.13
N GLY E 93 -21.66 -10.88 39.20
CA GLY E 93 -21.36 -11.99 40.07
C GLY E 93 -21.74 -11.88 41.54
N SER E 94 -22.07 -10.68 42.01
CA SER E 94 -22.32 -10.48 43.42
C SER E 94 -23.50 -9.54 43.63
N PHE E 95 -24.06 -9.61 44.84
CA PHE E 95 -25.17 -8.76 45.25
C PHE E 95 -24.70 -7.82 46.36
N GLY E 96 -25.30 -6.65 46.41
CA GLY E 96 -24.98 -5.70 47.45
C GLY E 96 -25.56 -6.10 48.80
N GLN E 97 -25.09 -5.41 49.85
CA GLN E 97 -25.60 -5.68 51.18
C GLN E 97 -27.07 -5.31 51.31
N GLY E 98 -27.51 -4.29 50.57
CA GLY E 98 -28.90 -3.89 50.56
C GLY E 98 -29.21 -2.76 51.52
N THR E 99 -30.40 -2.18 51.33
CA THR E 99 -30.87 -1.08 52.14
C THR E 99 -32.36 -1.24 52.38
N ARG E 100 -32.75 -1.29 53.65
CA ARG E 100 -34.16 -1.40 54.02
C ARG E 100 -34.76 0.00 54.12
N LEU E 101 -35.85 0.23 53.38
CA LEU E 101 -36.54 1.52 53.41
C LEU E 101 -37.56 1.47 54.54
N GLU E 102 -37.27 2.18 55.63
CA GLU E 102 -38.11 2.19 56.81
C GLU E 102 -39.12 3.33 56.72
N ILE E 103 -40.32 3.10 57.25
CA ILE E 103 -41.34 4.13 57.35
C ILE E 103 -41.10 4.89 58.65
N LYS E 104 -41.34 6.21 58.62
CA LYS E 104 -41.01 7.07 59.74
C LYS E 104 -42.25 7.42 60.54
N ARG E 105 -42.10 7.40 61.87
CA ARG E 105 -43.17 7.79 62.79
C ARG E 105 -42.56 8.59 63.93
N THR E 106 -43.40 8.93 64.91
CA THR E 106 -42.96 9.67 66.08
C THR E 106 -42.33 8.71 67.09
N VAL E 107 -41.60 9.29 68.04
CA VAL E 107 -40.91 8.50 69.06
C VAL E 107 -41.94 7.88 69.99
N ALA E 108 -41.80 6.57 70.23
CA ALA E 108 -42.71 5.81 71.07
C ALA E 108 -41.98 5.29 72.29
N ALA E 109 -42.66 5.34 73.43
CA ALA E 109 -42.07 4.85 74.67
C ALA E 109 -42.26 3.33 74.78
N PRO E 110 -41.19 2.56 74.94
CA PRO E 110 -41.35 1.11 75.05
C PRO E 110 -41.99 0.70 76.36
N SER E 111 -42.63 -0.45 76.34
CA SER E 111 -43.15 -1.07 77.56
C SER E 111 -42.45 -2.41 77.76
N VAL E 112 -41.86 -2.61 78.93
CA VAL E 112 -41.05 -3.80 79.20
C VAL E 112 -41.76 -4.64 80.26
N PHE E 113 -42.05 -5.90 79.92
CA PHE E 113 -42.57 -6.87 80.86
C PHE E 113 -41.60 -8.03 81.02
N ILE E 114 -41.31 -8.41 82.26
CA ILE E 114 -40.37 -9.48 82.56
C ILE E 114 -41.15 -10.69 83.04
N PHE E 115 -40.97 -11.82 82.35
CA PHE E 115 -41.62 -13.07 82.73
C PHE E 115 -40.59 -14.04 83.27
N PRO E 116 -40.65 -14.38 84.56
CA PRO E 116 -39.78 -15.40 85.13
C PRO E 116 -40.25 -16.80 84.73
N PRO E 117 -39.36 -17.79 84.76
CA PRO E 117 -39.78 -19.16 84.46
C PRO E 117 -40.71 -19.71 85.54
N SER E 118 -41.65 -20.55 85.10
CA SER E 118 -42.61 -21.16 86.01
C SER E 118 -42.10 -22.52 86.46
N ASP E 119 -42.94 -23.26 87.20
CA ASP E 119 -42.51 -24.52 87.80
C ASP E 119 -42.09 -25.54 86.75
N GLU E 120 -42.87 -25.65 85.67
CA GLU E 120 -42.58 -26.66 84.65
C GLU E 120 -41.21 -26.41 84.02
N GLN E 121 -40.85 -25.13 83.82
CA GLN E 121 -39.52 -24.82 83.32
C GLN E 121 -38.46 -25.11 84.38
N LEU E 122 -38.75 -24.83 85.65
CA LEU E 122 -37.76 -25.04 86.71
C LEU E 122 -37.38 -26.51 86.83
N LYS E 123 -38.37 -27.41 86.82
CA LYS E 123 -38.05 -28.83 86.99
C LYS E 123 -37.39 -29.46 85.77
N SER E 124 -37.35 -28.76 84.63
CA SER E 124 -36.69 -29.32 83.46
C SER E 124 -35.17 -29.35 83.59
N GLY E 125 -34.60 -28.53 84.48
CA GLY E 125 -33.17 -28.48 84.69
C GLY E 125 -32.52 -27.16 84.32
N THR E 126 -33.25 -26.24 83.69
CA THR E 126 -32.73 -24.94 83.34
C THR E 126 -33.81 -23.89 83.56
N ALA E 127 -33.39 -22.66 83.81
CA ALA E 127 -34.31 -21.54 84.04
C ALA E 127 -34.09 -20.48 82.96
N SER E 128 -35.18 -20.10 82.31
CA SER E 128 -35.13 -19.06 81.27
C SER E 128 -36.03 -17.91 81.69
N VAL E 129 -35.46 -16.71 81.72
CA VAL E 129 -36.19 -15.48 82.04
C VAL E 129 -36.29 -14.65 80.78
N VAL E 130 -37.51 -14.17 80.48
CA VAL E 130 -37.72 -13.47 79.21
C VAL E 130 -38.12 -12.03 79.50
N CYS E 131 -37.75 -11.14 78.59
CA CYS E 131 -38.10 -9.73 78.65
C CYS E 131 -38.74 -9.33 77.33
N LEU E 132 -39.87 -8.63 77.42
CA LEU E 132 -40.71 -8.29 76.28
C LEU E 132 -40.80 -6.77 76.18
N LEU E 133 -40.14 -6.20 75.18
CA LEU E 133 -40.34 -4.82 74.79
C LEU E 133 -41.50 -4.74 73.80
N ASN E 134 -42.46 -3.85 74.08
CA ASN E 134 -43.69 -3.76 73.33
C ASN E 134 -43.98 -2.32 72.96
N ASN E 135 -44.47 -2.13 71.72
CA ASN E 135 -44.92 -0.84 71.21
C ASN E 135 -43.82 0.22 71.36
N PHE E 136 -42.72 0.02 70.65
CA PHE E 136 -41.55 0.85 70.75
C PHE E 136 -41.11 1.31 69.36
N TYR E 137 -40.65 2.57 69.29
CA TYR E 137 -40.13 3.19 68.08
C TYR E 137 -39.19 4.30 68.51
N PRO E 138 -38.09 4.55 67.77
CA PRO E 138 -37.63 3.89 66.54
C PRO E 138 -36.98 2.53 66.77
N ARG E 139 -36.44 1.93 65.71
CA ARG E 139 -35.88 0.57 65.79
C ARG E 139 -34.41 0.63 66.20
N GLU E 140 -34.22 0.96 67.49
CA GLU E 140 -32.90 0.90 68.11
C GLU E 140 -33.08 0.82 69.61
N ALA E 141 -32.50 -0.20 70.22
CA ALA E 141 -32.67 -0.43 71.65
C ALA E 141 -31.47 -1.19 72.18
N LYS E 142 -31.42 -1.33 73.50
CA LYS E 142 -30.32 -2.03 74.16
C LYS E 142 -30.85 -2.59 75.48
N VAL E 143 -30.82 -3.91 75.62
CA VAL E 143 -31.37 -4.60 76.78
C VAL E 143 -30.26 -5.38 77.46
N GLN E 144 -30.15 -5.23 78.78
CA GLN E 144 -29.18 -5.97 79.58
C GLN E 144 -29.89 -6.50 80.82
N TRP E 145 -29.16 -7.28 81.62
CA TRP E 145 -29.68 -7.85 82.84
C TRP E 145 -28.78 -7.48 84.02
N LYS E 146 -29.41 -7.33 85.18
CA LYS E 146 -28.72 -7.11 86.44
C LYS E 146 -29.06 -8.31 87.32
N VAL E 147 -28.22 -9.34 87.24
CA VAL E 147 -28.37 -10.55 88.03
C VAL E 147 -27.51 -10.41 89.28
N ASP E 148 -28.14 -10.52 90.45
CA ASP E 148 -27.51 -10.24 91.74
C ASP E 148 -26.87 -8.85 91.67
N ASN E 149 -27.71 -7.88 91.31
CA ASN E 149 -27.36 -6.46 91.13
C ASN E 149 -26.02 -6.27 90.41
N ALA E 150 -25.73 -7.13 89.44
CA ALA E 150 -24.48 -7.05 88.68
C ALA E 150 -24.77 -7.30 87.20
N LEU E 151 -24.04 -6.59 86.34
CA LEU E 151 -24.25 -6.68 84.90
C LEU E 151 -23.40 -7.80 84.33
N GLN E 152 -24.05 -8.74 83.64
CA GLN E 152 -23.37 -9.83 82.94
C GLN E 152 -23.92 -9.93 81.53
N SER E 153 -23.02 -10.17 80.57
CA SER E 153 -23.37 -10.32 79.17
C SER E 153 -22.70 -11.57 78.61
N GLY E 154 -22.91 -11.81 77.33
CA GLY E 154 -22.34 -12.97 76.67
C GLY E 154 -23.03 -14.29 76.96
N ASN E 155 -24.21 -14.25 77.57
CA ASN E 155 -24.94 -15.47 77.93
C ASN E 155 -26.38 -15.49 77.47
N SER E 156 -26.97 -14.35 77.11
CA SER E 156 -28.37 -14.24 76.73
C SER E 156 -28.49 -14.12 75.22
N GLN E 157 -29.73 -14.14 74.71
CA GLN E 157 -29.93 -13.95 73.29
C GLN E 157 -30.94 -12.83 73.05
N GLU E 158 -30.91 -12.29 71.84
CA GLU E 158 -31.75 -11.16 71.45
C GLU E 158 -32.56 -11.53 70.21
N SER E 159 -33.79 -11.03 70.14
CA SER E 159 -34.62 -11.25 68.97
C SER E 159 -35.45 -9.99 68.72
N VAL E 160 -35.50 -9.55 67.47
CA VAL E 160 -36.24 -8.36 67.08
C VAL E 160 -37.29 -8.75 66.06
N THR E 161 -38.54 -8.36 66.32
CA THR E 161 -39.64 -8.64 65.39
C THR E 161 -39.72 -7.54 64.35
N GLU E 162 -40.16 -7.92 63.14
CA GLU E 162 -40.26 -6.98 62.04
C GLU E 162 -41.40 -6.00 62.29
N GLN E 163 -41.37 -4.89 61.55
CA GLN E 163 -42.34 -3.83 61.74
C GLN E 163 -43.75 -4.29 61.37
N ASP E 164 -44.72 -3.90 62.17
CA ASP E 164 -46.12 -4.23 61.95
C ASP E 164 -46.70 -3.30 60.88
N SER E 165 -47.89 -3.66 60.38
CA SER E 165 -48.55 -2.92 59.32
C SER E 165 -49.59 -1.92 59.83
N LYS E 166 -50.50 -2.37 60.70
CA LYS E 166 -51.62 -1.51 61.09
C LYS E 166 -51.16 -0.35 61.97
N ASP E 167 -50.24 -0.61 62.91
CA ASP E 167 -49.73 0.43 63.80
C ASP E 167 -48.27 0.77 63.56
N SER E 168 -47.58 0.00 62.72
CA SER E 168 -46.20 0.29 62.31
C SER E 168 -45.24 0.33 63.51
N THR E 169 -45.51 -0.47 64.53
CA THR E 169 -44.63 -0.58 65.68
C THR E 169 -44.25 -2.04 65.88
N TYR E 170 -43.01 -2.26 66.30
CA TYR E 170 -42.45 -3.59 66.46
C TYR E 170 -42.30 -3.92 67.94
N SER E 171 -41.87 -5.15 68.20
CA SER E 171 -41.62 -5.63 69.54
C SER E 171 -40.30 -6.38 69.57
N LEU E 172 -39.68 -6.43 70.74
CA LEU E 172 -38.40 -7.10 70.92
C LEU E 172 -38.52 -8.09 72.07
N SER E 173 -37.76 -9.17 71.98
CA SER E 173 -37.72 -10.18 73.01
C SER E 173 -36.28 -10.50 73.36
N SER E 174 -36.07 -10.89 74.61
CA SER E 174 -34.72 -11.23 75.06
C SER E 174 -34.81 -12.31 76.12
N THR E 175 -34.20 -13.46 75.84
CA THR E 175 -34.26 -14.63 76.71
C THR E 175 -32.87 -14.90 77.29
N LEU E 176 -32.78 -14.90 78.62
CA LEU E 176 -31.57 -15.26 79.33
C LEU E 176 -31.77 -16.63 79.96
N THR E 177 -30.92 -17.58 79.60
CA THR E 177 -31.02 -18.96 80.05
C THR E 177 -29.84 -19.29 80.95
N LEU E 178 -30.13 -19.82 82.14
CA LEU E 178 -29.10 -20.21 83.09
C LEU E 178 -29.43 -21.59 83.66
N SER E 179 -28.41 -22.26 84.18
CA SER E 179 -28.62 -23.50 84.88
C SER E 179 -29.38 -23.24 86.19
N LYS E 180 -30.14 -24.24 86.63
CA LYS E 180 -30.92 -24.08 87.85
C LYS E 180 -30.02 -23.86 89.07
N ALA E 181 -28.85 -24.50 89.09
CA ALA E 181 -27.92 -24.30 90.20
C ALA E 181 -27.42 -22.85 90.26
N ASP E 182 -27.14 -22.26 89.10
CA ASP E 182 -26.73 -20.86 89.05
C ASP E 182 -27.92 -19.93 89.27
N TYR E 183 -29.12 -20.36 88.89
CA TYR E 183 -30.30 -19.51 89.05
C TYR E 183 -30.71 -19.39 90.50
N GLU E 184 -30.56 -20.47 91.28
CA GLU E 184 -31.02 -20.43 92.67
C GLU E 184 -30.10 -19.60 93.56
N LYS E 185 -28.82 -19.48 93.21
CA LYS E 185 -27.89 -18.76 94.06
C LYS E 185 -28.22 -17.27 94.14
N HIS E 186 -28.58 -16.66 93.02
CA HIS E 186 -28.83 -15.23 92.98
C HIS E 186 -30.31 -14.94 93.23
N LYS E 187 -30.56 -13.75 93.80
CA LYS E 187 -31.89 -13.39 94.30
C LYS E 187 -32.62 -12.36 93.47
N VAL E 188 -31.94 -11.32 93.00
CA VAL E 188 -32.58 -10.18 92.34
C VAL E 188 -32.21 -10.21 90.87
N TYR E 189 -33.24 -10.13 90.00
CA TYR E 189 -33.03 -10.05 88.56
C TYR E 189 -33.71 -8.79 88.04
N ALA E 190 -32.93 -7.89 87.44
CA ALA E 190 -33.47 -6.60 87.02
C ALA E 190 -33.27 -6.40 85.52
N CYS E 191 -34.25 -5.75 84.89
CA CYS E 191 -34.22 -5.49 83.46
C CYS E 191 -34.44 -4.00 83.21
N GLU E 192 -33.56 -3.42 82.38
CA GLU E 192 -33.65 -2.03 81.98
C GLU E 192 -33.40 -1.93 80.48
N VAL E 193 -33.97 -0.89 79.87
CA VAL E 193 -33.77 -0.60 78.46
C VAL E 193 -33.34 0.84 78.31
N THR E 194 -32.35 1.08 77.44
CA THR E 194 -31.84 2.42 77.17
C THR E 194 -32.36 2.88 75.81
N HIS E 195 -32.96 4.06 75.78
CA HIS E 195 -33.54 4.61 74.56
C HIS E 195 -33.26 6.10 74.49
N GLN E 196 -32.90 6.58 73.30
CA GLN E 196 -32.61 8.00 73.13
C GLN E 196 -33.85 8.86 73.31
N GLY E 197 -35.03 8.32 73.00
CA GLY E 197 -36.28 9.03 73.16
C GLY E 197 -36.92 8.91 74.52
N LEU E 198 -36.28 8.22 75.46
CA LEU E 198 -36.78 8.08 76.82
C LEU E 198 -36.09 9.10 77.71
N SER E 199 -36.89 9.78 78.55
CA SER E 199 -36.32 10.75 79.48
C SER E 199 -35.38 10.08 80.47
N SER E 200 -35.77 8.91 80.98
CA SER E 200 -34.94 8.13 81.89
C SER E 200 -35.06 6.66 81.51
N PRO E 201 -34.00 5.88 81.72
CA PRO E 201 -34.08 4.43 81.47
C PRO E 201 -35.01 3.77 82.49
N VAL E 202 -36.04 3.10 81.99
CA VAL E 202 -37.02 2.46 82.85
C VAL E 202 -36.41 1.17 83.40
N THR E 203 -36.46 1.03 84.73
CA THR E 203 -35.90 -0.11 85.44
C THR E 203 -37.04 -0.89 86.08
N LYS E 204 -37.09 -2.21 85.83
CA LYS E 204 -38.08 -3.05 86.49
C LYS E 204 -37.38 -4.26 87.08
N SER E 205 -37.64 -4.54 88.35
CA SER E 205 -36.94 -5.57 89.10
C SER E 205 -37.84 -6.78 89.29
N PHE E 206 -37.22 -7.90 89.64
CA PHE E 206 -37.90 -9.16 89.86
C PHE E 206 -37.25 -9.82 91.06
N ASN E 207 -38.06 -10.14 92.06
CA ASN E 207 -37.62 -10.84 93.26
C ASN E 207 -38.09 -12.29 93.18
N ARG E 208 -37.16 -13.21 93.39
CA ARG E 208 -37.46 -14.63 93.20
C ARG E 208 -38.41 -15.12 94.28
N GLY E 209 -39.03 -16.26 93.99
CA GLY E 209 -40.00 -16.87 94.88
C GLY E 209 -41.43 -16.40 94.69
N GLU E 210 -41.65 -15.41 93.83
CA GLU E 210 -42.99 -14.86 93.59
C GLU E 210 -43.66 -14.44 94.89
N CYS E 211 -44.84 -14.97 95.17
CA CYS E 211 -45.53 -14.67 96.41
C CYS E 211 -45.73 -15.92 97.26
N GLU F 1 -14.96 47.57 43.34
CA GLU F 1 -14.45 46.26 42.98
C GLU F 1 -15.56 45.36 42.43
N VAL F 2 -15.32 44.06 42.45
CA VAL F 2 -16.26 43.07 41.94
C VAL F 2 -16.90 42.38 43.14
N GLN F 3 -18.21 42.54 43.30
CA GLN F 3 -18.89 41.92 44.43
C GLN F 3 -20.32 41.57 44.03
N LEU F 4 -20.86 40.56 44.71
CA LEU F 4 -22.22 40.10 44.51
C LEU F 4 -23.02 40.40 45.78
N VAL F 5 -24.15 41.09 45.63
CA VAL F 5 -24.99 41.49 46.74
C VAL F 5 -26.25 40.66 46.71
N GLU F 6 -26.50 39.90 47.78
CA GLU F 6 -27.72 39.11 47.90
C GLU F 6 -28.84 39.97 48.46
N SER F 7 -30.02 39.82 47.90
CA SER F 7 -31.21 40.52 48.35
C SER F 7 -32.40 39.56 48.39
N GLY F 8 -33.33 39.87 49.29
CA GLY F 8 -34.42 38.97 49.61
C GLY F 8 -34.07 38.04 50.77
N GLY F 9 -34.98 37.13 51.04
CA GLY F 9 -34.82 36.17 52.11
C GLY F 9 -35.37 36.66 53.44
N GLY F 10 -35.43 35.73 54.40
CA GLY F 10 -35.91 35.99 55.74
C GLY F 10 -36.89 34.92 56.18
N LEU F 11 -37.75 35.28 57.12
CA LEU F 11 -38.74 34.34 57.64
C LEU F 11 -39.84 34.10 56.62
N VAL F 12 -40.28 32.85 56.52
CA VAL F 12 -41.36 32.48 55.61
C VAL F 12 -41.92 31.15 56.08
N GLN F 13 -43.25 31.04 56.08
CA GLN F 13 -43.90 29.81 56.48
C GLN F 13 -43.61 28.70 55.47
N PRO F 14 -43.53 27.45 55.93
CA PRO F 14 -43.32 26.33 55.00
C PRO F 14 -44.46 26.23 54.00
N GLY F 15 -44.12 25.86 52.77
CA GLY F 15 -45.09 25.81 51.69
C GLY F 15 -45.36 27.12 51.01
N GLY F 16 -44.65 28.18 51.36
CA GLY F 16 -44.81 29.48 50.73
C GLY F 16 -43.91 29.64 49.51
N SER F 17 -43.61 30.89 49.19
CA SER F 17 -42.77 31.20 48.04
C SER F 17 -41.84 32.34 48.39
N LEU F 18 -40.73 32.42 47.67
CA LEU F 18 -39.75 33.47 47.92
C LEU F 18 -38.92 33.70 46.66
N ARG F 19 -38.29 34.87 46.61
CA ARG F 19 -37.45 35.27 45.50
C ARG F 19 -36.13 35.79 46.05
N LEU F 20 -35.02 35.33 45.48
CA LEU F 20 -33.70 35.80 45.87
C LEU F 20 -33.01 36.39 44.65
N SER F 21 -32.35 37.53 44.86
CA SER F 21 -31.68 38.23 43.78
C SER F 21 -30.21 38.41 44.13
N CYS F 22 -29.37 38.34 43.11
CA CYS F 22 -27.93 38.56 43.26
C CYS F 22 -27.54 39.66 42.29
N ALA F 23 -27.36 40.87 42.83
CA ALA F 23 -26.84 41.98 42.04
C ALA F 23 -25.35 41.81 41.83
N ALA F 24 -24.90 42.04 40.59
CA ALA F 24 -23.51 41.87 40.20
C ALA F 24 -22.94 43.21 39.75
N SER F 25 -21.76 43.54 40.26
CA SER F 25 -21.08 44.76 39.88
C SER F 25 -19.58 44.55 39.89
N GLY F 26 -18.90 45.12 38.89
CA GLY F 26 -17.46 45.04 38.76
C GLY F 26 -16.97 44.14 37.64
N PHE F 27 -17.86 43.38 36.99
CA PHE F 27 -17.43 42.43 35.97
C PHE F 27 -18.54 42.26 34.93
N THR F 28 -18.16 41.72 33.78
CA THR F 28 -19.10 41.44 32.69
C THR F 28 -19.98 40.26 33.09
N PHE F 29 -21.23 40.55 33.47
CA PHE F 29 -22.13 39.52 33.97
C PHE F 29 -22.63 38.60 32.86
N SER F 30 -22.65 39.08 31.61
CA SER F 30 -23.23 38.29 30.53
C SER F 30 -22.40 37.03 30.24
N GLY F 31 -21.08 37.17 30.18
CA GLY F 31 -20.25 36.10 29.69
C GLY F 31 -19.97 34.97 30.66
N TYR F 32 -20.25 35.15 31.94
CA TYR F 32 -19.92 34.16 32.96
C TYR F 32 -21.15 33.34 33.33
N TRP F 33 -21.01 32.03 33.24
CA TRP F 33 -22.05 31.12 33.73
C TRP F 33 -22.14 31.24 35.24
N MET F 34 -23.35 31.03 35.78
CA MET F 34 -23.60 31.31 37.18
C MET F 34 -23.96 30.04 37.94
N HIS F 35 -23.65 30.02 39.23
CA HIS F 35 -24.09 28.96 40.12
C HIS F 35 -24.71 29.57 41.38
N TRP F 36 -25.62 28.82 41.97
CA TRP F 36 -26.19 29.15 43.26
C TRP F 36 -25.97 27.96 44.19
N VAL F 37 -25.45 28.24 45.39
CA VAL F 37 -25.13 27.24 46.39
C VAL F 37 -25.70 27.69 47.73
N ARG F 38 -25.62 26.81 48.72
CA ARG F 38 -26.16 27.09 50.04
C ARG F 38 -25.30 26.45 51.10
N GLN F 39 -25.43 26.93 52.32
CA GLN F 39 -24.73 26.36 53.48
C GLN F 39 -25.69 26.34 54.65
N ALA F 40 -25.98 25.15 55.16
CA ALA F 40 -26.80 25.03 56.35
C ALA F 40 -26.01 25.52 57.57
N PRO F 41 -26.69 26.03 58.59
CA PRO F 41 -25.99 26.48 59.80
C PRO F 41 -25.22 25.35 60.46
N GLY F 42 -23.89 25.50 60.50
CA GLY F 42 -23.03 24.49 61.09
C GLY F 42 -22.78 23.28 60.23
N LYS F 43 -23.11 23.32 58.95
CA LYS F 43 -22.93 22.20 58.04
C LYS F 43 -22.13 22.66 56.83
N GLY F 44 -21.73 21.69 56.01
CA GLY F 44 -20.93 21.99 54.84
C GLY F 44 -21.73 22.62 53.73
N LEU F 45 -21.01 23.21 52.78
CA LEU F 45 -21.63 23.82 51.61
C LEU F 45 -22.27 22.74 50.73
N VAL F 46 -23.34 23.14 50.03
CA VAL F 46 -24.05 22.24 49.12
C VAL F 46 -24.41 23.03 47.87
N TRP F 47 -24.10 22.47 46.70
CA TRP F 47 -24.46 23.09 45.44
C TRP F 47 -25.95 22.94 45.17
N VAL F 48 -26.53 23.96 44.53
CA VAL F 48 -27.97 23.96 44.27
C VAL F 48 -28.23 23.93 42.78
N SER F 49 -27.78 24.96 42.06
CA SER F 49 -28.18 25.09 40.66
C SER F 49 -27.13 25.84 39.86
N ARG F 50 -27.26 25.74 38.54
CA ARG F 50 -26.39 26.39 37.58
C ARG F 50 -27.25 26.99 36.48
N VAL F 51 -26.77 28.09 35.89
CA VAL F 51 -27.47 28.72 34.78
C VAL F 51 -26.46 29.19 33.74
N ASN F 52 -26.88 29.14 32.47
CA ASN F 52 -26.06 29.44 31.31
C ASN F 52 -25.84 30.95 31.19
N ARG F 53 -25.13 31.34 30.13
CA ARG F 53 -24.95 32.76 29.86
C ARG F 53 -26.26 33.41 29.45
N ASP F 54 -27.05 32.76 28.61
CA ASP F 54 -28.33 33.34 28.19
C ASP F 54 -29.43 33.12 29.23
N GLY F 55 -29.22 32.21 30.19
CA GLY F 55 -30.22 31.96 31.21
C GLY F 55 -31.36 31.08 30.78
N SER F 56 -31.11 30.12 29.89
CA SER F 56 -32.16 29.26 29.36
C SER F 56 -32.04 27.80 29.78
N ASP F 57 -30.84 27.31 30.07
CA ASP F 57 -30.63 25.92 30.46
C ASP F 57 -30.20 25.86 31.92
N ALA F 58 -30.68 24.84 32.63
CA ALA F 58 -30.37 24.67 34.04
C ALA F 58 -30.34 23.18 34.36
N ASP F 59 -29.69 22.85 35.48
CA ASP F 59 -29.51 21.48 35.94
C ASP F 59 -29.82 21.39 37.44
N TYR F 60 -30.98 21.92 37.83
CA TYR F 60 -31.40 21.94 39.23
C TYR F 60 -31.15 20.60 39.91
N ALA F 61 -30.65 20.67 41.14
CA ALA F 61 -30.31 19.46 41.88
C ALA F 61 -31.55 18.63 42.18
N ASP F 62 -31.31 17.37 42.57
CA ASP F 62 -32.42 16.47 42.86
C ASP F 62 -33.25 16.97 44.04
N SER F 63 -32.58 17.49 45.08
CA SER F 63 -33.30 17.97 46.25
C SER F 63 -34.11 19.23 45.97
N VAL F 64 -33.78 19.98 44.93
CA VAL F 64 -34.47 21.22 44.60
C VAL F 64 -35.18 21.12 43.25
N LYS F 65 -35.39 19.90 42.75
CA LYS F 65 -36.05 19.72 41.46
C LYS F 65 -37.55 19.97 41.59
N GLY F 66 -38.07 20.83 40.71
CA GLY F 66 -39.48 21.13 40.65
C GLY F 66 -39.91 22.34 41.45
N ARG F 67 -39.21 22.67 42.52
CA ARG F 67 -39.60 23.79 43.38
C ARG F 67 -38.64 24.97 43.30
N PHE F 68 -37.66 24.93 42.40
CA PHE F 68 -36.72 26.03 42.20
C PHE F 68 -36.62 26.38 40.72
N THR F 69 -36.51 27.67 40.43
CA THR F 69 -36.29 28.17 39.08
C THR F 69 -35.19 29.20 39.09
N ILE F 70 -34.27 29.11 38.14
CA ILE F 70 -33.17 30.06 38.02
C ILE F 70 -33.37 30.88 36.75
N SER F 71 -32.96 32.14 36.81
CA SER F 71 -33.09 33.02 35.65
C SER F 71 -31.94 34.02 35.63
N LYS F 72 -31.43 34.29 34.42
CA LYS F 72 -30.24 35.13 34.23
C LYS F 72 -30.50 36.12 33.11
N ASP F 73 -30.92 37.32 33.48
CA ASP F 73 -31.03 38.41 32.51
C ASP F 73 -29.65 39.02 32.26
N ASN F 74 -29.49 39.65 31.11
CA ASN F 74 -28.25 40.34 30.79
C ASN F 74 -28.36 41.85 30.85
N ALA F 75 -29.55 42.41 30.58
CA ALA F 75 -29.69 43.86 30.52
C ALA F 75 -29.58 44.50 31.90
N LYS F 76 -30.32 43.96 32.88
CA LYS F 76 -30.41 44.61 34.18
C LYS F 76 -29.42 44.06 35.20
N ASN F 77 -28.59 43.09 34.81
CA ASN F 77 -27.38 42.73 35.56
C ASN F 77 -27.70 42.22 36.97
N THR F 78 -28.46 41.13 37.02
CA THR F 78 -28.74 40.46 38.29
C THR F 78 -29.22 39.05 38.00
N LEU F 79 -29.20 38.22 39.05
CA LEU F 79 -29.58 36.81 38.96
C LEU F 79 -30.80 36.53 39.82
N PHE F 80 -31.79 35.83 39.27
CA PHE F 80 -32.97 35.42 40.02
C PHE F 80 -32.89 33.94 40.39
N LEU F 81 -33.27 33.64 41.62
CA LEU F 81 -33.56 32.27 42.07
C LEU F 81 -34.89 32.30 42.82
N GLN F 82 -35.91 31.67 42.25
CA GLN F 82 -37.26 31.69 42.79
C GLN F 82 -37.59 30.32 43.36
N MET F 83 -38.10 30.30 44.59
CA MET F 83 -38.43 29.06 45.28
C MET F 83 -39.93 29.02 45.60
N ASN F 84 -40.52 27.85 45.42
CA ASN F 84 -41.93 27.62 45.72
C ASN F 84 -42.05 26.37 46.59
N SER F 85 -43.09 26.36 47.42
CA SER F 85 -43.39 25.25 48.34
C SER F 85 -42.14 24.79 49.09
N LEU F 86 -41.62 25.72 49.90
CA LEU F 86 -40.41 25.45 50.65
C LEU F 86 -40.64 24.41 51.75
N ARG F 87 -39.59 23.67 52.07
CA ARG F 87 -39.63 22.65 53.12
C ARG F 87 -38.62 23.01 54.20
N THR F 88 -38.75 22.31 55.34
CA THR F 88 -37.99 22.68 56.53
C THR F 88 -36.50 22.35 56.42
N GLU F 89 -36.08 21.54 55.45
CA GLU F 89 -34.70 21.11 55.37
C GLU F 89 -33.80 22.06 54.59
N ASP F 90 -34.35 23.12 53.99
CA ASP F 90 -33.56 24.06 53.21
C ASP F 90 -33.28 25.36 53.96
N THR F 91 -33.47 25.37 55.28
CA THR F 91 -33.12 26.53 56.11
C THR F 91 -31.61 26.73 56.10
N ALA F 92 -31.13 27.75 55.41
CA ALA F 92 -29.69 27.88 55.20
C ALA F 92 -29.35 29.30 54.78
N VAL F 93 -28.06 29.55 54.56
CA VAL F 93 -27.57 30.81 54.01
C VAL F 93 -27.13 30.54 52.59
N TYR F 94 -27.72 31.25 51.64
CA TYR F 94 -27.51 31.03 50.22
C TYR F 94 -26.46 32.00 49.68
N TYR F 95 -25.50 31.44 48.93
CA TYR F 95 -24.48 32.18 48.21
C TYR F 95 -24.72 32.01 46.72
N CYS F 96 -24.34 33.03 45.94
CA CYS F 96 -24.28 32.93 44.49
C CYS F 96 -22.82 33.08 44.07
N VAL F 97 -22.34 32.14 43.25
CA VAL F 97 -20.92 32.03 42.92
C VAL F 97 -20.74 32.00 41.41
N ARG F 98 -19.70 32.67 40.94
CA ARG F 98 -19.40 32.71 39.52
C ARG F 98 -18.75 31.40 39.08
N GLU F 99 -18.72 31.20 37.76
CA GLU F 99 -18.05 30.06 37.15
C GLU F 99 -17.04 30.58 36.14
N ALA F 100 -15.77 30.22 36.33
CA ALA F 100 -14.72 30.73 35.46
C ALA F 100 -14.84 30.16 34.06
N THR F 101 -14.63 31.01 33.06
CA THR F 101 -14.68 30.63 31.66
C THR F 101 -13.39 31.07 30.97
N THR F 102 -12.88 30.21 30.09
CA THR F 102 -11.65 30.55 29.38
C THR F 102 -11.83 31.74 28.46
N PHE F 103 -13.05 31.95 27.95
CA PHE F 103 -13.37 33.07 27.06
C PHE F 103 -12.52 33.05 25.80
N GLY F 104 -12.11 31.86 25.35
CA GLY F 104 -11.35 31.73 24.13
C GLY F 104 -12.24 31.49 22.93
N VAL F 105 -11.80 30.61 22.02
CA VAL F 105 -12.62 30.25 20.87
C VAL F 105 -13.87 29.52 21.32
N ILE F 106 -13.79 28.79 22.43
CA ILE F 106 -14.95 28.18 23.07
C ILE F 106 -15.01 28.67 24.51
N ILE F 107 -16.21 29.02 24.96
CA ILE F 107 -16.37 29.53 26.32
C ILE F 107 -15.88 28.51 27.33
N MET F 108 -16.42 27.29 27.26
CA MET F 108 -15.93 26.13 28.00
C MET F 108 -15.69 26.42 29.48
N PRO F 109 -16.73 26.57 30.29
CA PRO F 109 -16.51 26.78 31.72
C PRO F 109 -15.76 25.62 32.36
N GLU F 110 -14.87 25.96 33.29
CA GLU F 110 -14.05 24.98 33.99
C GLU F 110 -14.72 24.43 35.25
N TRP F 111 -15.94 24.89 35.51
CA TRP F 111 -16.83 24.40 36.56
C TRP F 111 -16.33 24.75 37.96
N TYR F 112 -15.49 25.76 38.11
CA TYR F 112 -14.96 26.09 39.43
C TYR F 112 -15.21 27.56 39.74
N PHE F 113 -15.55 27.82 40.99
CA PHE F 113 -15.99 29.14 41.42
C PHE F 113 -14.81 30.04 41.76
N ASP F 114 -14.98 31.33 41.51
CA ASP F 114 -13.93 32.32 41.75
C ASP F 114 -14.26 33.27 42.88
N LEU F 115 -15.44 33.87 42.86
CA LEU F 115 -15.86 34.85 43.87
C LEU F 115 -17.13 34.39 44.55
N TRP F 116 -17.21 34.65 45.85
CA TRP F 116 -18.37 34.28 46.66
C TRP F 116 -19.03 35.55 47.18
N GLY F 117 -20.33 35.69 46.93
CA GLY F 117 -21.06 36.86 47.35
C GLY F 117 -21.47 36.79 48.81
N ARG F 118 -21.90 37.93 49.34
CA ARG F 118 -22.38 38.02 50.72
C ARG F 118 -23.78 37.43 50.75
N GLY F 119 -23.89 36.17 51.15
CA GLY F 119 -25.13 35.45 51.03
C GLY F 119 -26.19 35.88 52.03
N THR F 120 -27.38 35.36 51.84
CA THR F 120 -28.53 35.77 52.63
C THR F 120 -29.16 34.56 53.33
N LEU F 121 -29.70 34.80 54.52
CA LEU F 121 -30.27 33.74 55.35
C LEU F 121 -31.74 33.56 55.02
N VAL F 122 -32.13 32.32 54.73
CA VAL F 122 -33.53 31.97 54.51
C VAL F 122 -33.91 30.90 55.53
N THR F 123 -35.00 31.16 56.26
CA THR F 123 -35.47 30.29 57.32
C THR F 123 -36.95 29.98 57.10
N VAL F 124 -37.30 28.71 57.26
CA VAL F 124 -38.68 28.24 57.13
C VAL F 124 -39.09 27.56 58.43
N SER F 125 -40.23 27.98 58.98
CA SER F 125 -40.74 27.44 60.23
C SER F 125 -42.17 27.89 60.42
N SER F 126 -42.89 27.18 61.27
CA SER F 126 -44.29 27.48 61.56
C SER F 126 -44.46 28.44 62.73
N ALA F 127 -43.38 28.83 63.40
CA ALA F 127 -43.45 29.73 64.53
C ALA F 127 -43.45 31.18 64.06
N SER F 128 -43.59 32.10 65.01
CA SER F 128 -43.65 33.53 64.71
C SER F 128 -42.77 34.29 65.70
N THR F 129 -42.40 35.51 65.31
CA THR F 129 -41.51 36.32 66.13
C THR F 129 -42.15 36.66 67.47
N LYS F 130 -41.34 36.64 68.52
CA LYS F 130 -41.82 36.97 69.86
C LYS F 130 -40.64 37.43 70.69
N GLY F 131 -40.92 38.29 71.67
CA GLY F 131 -39.92 38.84 72.54
C GLY F 131 -39.22 37.78 73.36
N PRO F 132 -37.89 37.82 73.39
CA PRO F 132 -37.14 36.84 74.19
C PRO F 132 -37.34 37.07 75.68
N SER F 133 -37.22 35.98 76.44
CA SER F 133 -37.29 36.03 77.89
C SER F 133 -35.89 36.07 78.45
N VAL F 134 -35.58 37.10 79.23
CA VAL F 134 -34.24 37.32 79.75
C VAL F 134 -34.27 37.25 81.27
N PHE F 135 -33.16 36.78 81.84
CA PHE F 135 -33.01 36.70 83.29
C PHE F 135 -31.54 36.47 83.65
N PRO F 136 -31.07 37.05 84.76
CA PRO F 136 -29.65 36.93 85.10
C PRO F 136 -29.27 35.53 85.54
N LEU F 137 -27.98 35.22 85.41
CA LEU F 137 -27.38 33.98 85.91
C LEU F 137 -26.11 34.38 86.66
N ALA F 138 -26.27 34.64 87.96
CA ALA F 138 -25.18 34.99 88.85
C ALA F 138 -25.00 33.90 89.89
N PRO F 139 -23.81 33.33 90.02
CA PRO F 139 -23.59 32.29 91.03
C PRO F 139 -23.73 32.85 92.45
N SER F 140 -24.34 32.04 93.32
CA SER F 140 -24.48 32.35 94.73
C SER F 140 -23.36 31.66 95.51
N SER F 141 -23.49 31.63 96.83
CA SER F 141 -22.51 30.92 97.66
C SER F 141 -22.56 29.43 97.38
N LYS F 142 -21.40 28.78 97.51
CA LYS F 142 -21.22 27.35 97.33
C LYS F 142 -21.37 26.96 95.86
N SER F 143 -21.71 27.91 94.99
CA SER F 143 -21.76 27.67 93.55
C SER F 143 -20.65 28.37 92.79
N THR F 144 -20.01 29.39 93.36
CA THR F 144 -18.85 30.03 92.77
C THR F 144 -17.59 29.53 93.47
N SER F 145 -16.58 29.18 92.69
CA SER F 145 -15.35 28.60 93.21
C SER F 145 -14.19 29.56 92.99
N GLY F 146 -13.46 29.86 94.06
CA GLY F 146 -12.31 30.72 93.98
C GLY F 146 -12.67 32.18 93.82
N GLY F 147 -11.63 33.01 93.73
CA GLY F 147 -11.85 34.44 93.52
C GLY F 147 -12.48 34.74 92.17
N THR F 148 -11.99 34.10 91.11
CA THR F 148 -12.57 34.28 89.79
C THR F 148 -13.87 33.51 89.67
N ALA F 149 -14.76 34.01 88.82
CA ALA F 149 -16.07 33.39 88.60
C ALA F 149 -16.55 33.74 87.20
N ALA F 150 -17.71 33.19 86.84
CA ALA F 150 -18.33 33.43 85.55
C ALA F 150 -19.79 33.86 85.78
N LEU F 151 -20.18 34.95 85.13
CA LEU F 151 -21.52 35.52 85.28
C LEU F 151 -22.12 35.73 83.90
N GLY F 152 -23.41 35.44 83.75
CA GLY F 152 -23.95 35.50 82.41
C GLY F 152 -25.45 35.68 82.37
N CYS F 153 -26.00 35.49 81.18
CA CYS F 153 -27.44 35.57 80.96
C CYS F 153 -27.86 34.59 79.88
N LEU F 154 -29.03 33.98 80.09
CA LEU F 154 -29.63 33.05 79.14
C LEU F 154 -30.90 33.67 78.58
N VAL F 155 -30.98 33.75 77.26
CA VAL F 155 -32.20 34.19 76.59
C VAL F 155 -33.03 32.97 76.23
N LYS F 156 -34.35 33.13 76.27
CA LYS F 156 -35.27 32.02 76.06
C LYS F 156 -36.33 32.41 75.06
N ASP F 157 -36.90 31.39 74.40
CA ASP F 157 -37.96 31.49 73.41
C ASP F 157 -37.79 32.66 72.45
N TYR F 158 -36.57 32.86 71.96
CA TYR F 158 -36.29 33.92 70.99
C TYR F 158 -36.30 33.28 69.61
N PHE F 159 -37.49 33.18 69.03
CA PHE F 159 -37.62 32.64 67.67
C PHE F 159 -36.87 33.43 66.60
N PRO F 160 -36.87 34.78 66.59
CA PRO F 160 -36.24 35.51 65.47
C PRO F 160 -34.76 35.21 65.26
N GLU F 161 -34.20 35.78 64.20
CA GLU F 161 -32.86 35.45 63.77
C GLU F 161 -31.84 35.84 64.84
N PRO F 162 -30.67 35.17 64.88
CA PRO F 162 -29.72 35.32 66.00
C PRO F 162 -29.53 36.75 66.49
N VAL F 163 -29.48 36.90 67.82
CA VAL F 163 -29.45 38.19 68.47
C VAL F 163 -28.06 38.44 69.05
N THR F 164 -27.67 39.70 69.10
CA THR F 164 -26.39 40.11 69.67
C THR F 164 -26.57 40.52 71.13
N VAL F 165 -25.51 40.31 71.91
CA VAL F 165 -25.52 40.59 73.34
C VAL F 165 -24.28 41.39 73.69
N SER F 166 -24.39 42.22 74.73
CA SER F 166 -23.28 43.04 75.16
C SER F 166 -23.45 43.35 76.65
N TRP F 167 -22.39 43.91 77.24
CA TRP F 167 -22.40 44.24 78.66
C TRP F 167 -21.67 45.56 78.86
N ASN F 168 -22.25 46.43 79.69
CA ASN F 168 -21.69 47.73 80.00
C ASN F 168 -21.44 48.53 78.72
N SER F 169 -22.42 48.50 77.82
CA SER F 169 -22.36 49.18 76.52
C SER F 169 -21.13 48.76 75.72
N GLY F 170 -20.72 47.50 75.88
CA GLY F 170 -19.57 46.98 75.15
C GLY F 170 -18.25 47.64 75.50
N ALA F 171 -18.07 48.01 76.77
CA ALA F 171 -16.84 48.66 77.20
C ALA F 171 -15.78 47.67 77.67
N LEU F 172 -16.12 46.40 77.81
CA LEU F 172 -15.17 45.38 78.27
C LEU F 172 -15.56 44.03 77.69
N THR F 173 -14.56 43.19 77.46
CA THR F 173 -14.80 41.84 76.93
C THR F 173 -14.38 40.75 77.90
N SER F 174 -13.18 40.85 78.50
CA SER F 174 -12.68 39.87 79.46
C SER F 174 -12.83 38.44 78.95
N GLY F 175 -12.75 38.25 77.63
CA GLY F 175 -12.94 36.95 77.05
C GLY F 175 -14.40 36.55 76.92
N VAL F 176 -15.16 37.29 76.12
CA VAL F 176 -16.58 37.01 75.94
C VAL F 176 -16.75 35.68 75.23
N HIS F 177 -17.59 34.81 75.78
CA HIS F 177 -17.95 33.56 75.15
C HIS F 177 -19.22 33.77 74.34
N THR F 178 -19.11 33.61 73.01
CA THR F 178 -20.26 33.89 72.14
C THR F 178 -21.40 32.92 72.41
N PHE F 179 -21.10 31.61 72.42
CA PHE F 179 -22.11 30.57 72.66
C PHE F 179 -23.25 30.69 71.66
N PRO F 180 -23.04 30.30 70.41
CA PRO F 180 -24.12 30.42 69.40
C PRO F 180 -25.37 29.67 69.84
N ALA F 181 -26.53 30.25 69.50
CA ALA F 181 -27.80 29.72 69.95
C ALA F 181 -28.06 28.34 69.35
N VAL F 182 -28.85 27.55 70.08
CA VAL F 182 -29.20 26.19 69.67
C VAL F 182 -30.73 26.09 69.61
N LEU F 183 -31.22 25.50 68.52
CA LEU F 183 -32.67 25.37 68.33
C LEU F 183 -33.19 24.20 69.15
N GLN F 184 -34.26 24.44 69.89
CA GLN F 184 -34.96 23.42 70.65
C GLN F 184 -36.35 23.20 70.05
N SER F 185 -37.16 22.38 70.73
CA SER F 185 -38.50 22.07 70.25
C SER F 185 -39.34 23.34 70.15
N SER F 186 -40.38 23.26 69.31
CA SER F 186 -41.30 24.36 69.03
C SER F 186 -40.60 25.54 68.37
N GLY F 187 -39.43 25.31 67.78
CA GLY F 187 -38.72 26.35 67.06
C GLY F 187 -38.30 27.51 67.92
N LEU F 188 -37.47 27.26 68.94
CA LEU F 188 -36.99 28.29 69.84
C LEU F 188 -35.48 28.34 69.79
N TYR F 189 -34.93 29.53 69.56
CA TYR F 189 -33.49 29.78 69.58
C TYR F 189 -33.11 30.36 70.94
N SER F 190 -32.18 29.69 71.61
CA SER F 190 -31.71 30.12 72.93
C SER F 190 -30.19 30.08 72.98
N LEU F 191 -29.61 31.06 73.66
CA LEU F 191 -28.17 31.13 73.87
C LEU F 191 -27.90 31.70 75.25
N SER F 192 -26.92 31.13 75.94
CA SER F 192 -26.50 31.58 77.27
C SER F 192 -25.11 32.15 77.13
N SER F 193 -25.01 33.48 77.18
CA SER F 193 -23.73 34.17 77.02
C SER F 193 -23.20 34.52 78.40
N VAL F 194 -21.99 34.04 78.70
CA VAL F 194 -21.37 34.18 80.01
C VAL F 194 -19.99 34.83 79.83
N VAL F 195 -19.68 35.77 80.70
CA VAL F 195 -18.39 36.43 80.74
C VAL F 195 -17.71 36.06 82.06
N THR F 196 -16.43 35.68 81.98
CA THR F 196 -15.66 35.29 83.15
C THR F 196 -15.16 36.53 83.86
N VAL F 197 -15.91 36.96 84.89
CA VAL F 197 -15.54 38.11 85.72
C VAL F 197 -15.54 37.64 87.16
N PRO F 198 -14.51 37.92 87.95
CA PRO F 198 -14.47 37.43 89.33
C PRO F 198 -15.63 37.98 90.15
N SER F 199 -16.16 37.12 91.03
CA SER F 199 -17.36 37.48 91.79
C SER F 199 -17.09 38.55 92.84
N SER F 200 -15.85 38.70 93.28
CA SER F 200 -15.53 39.71 94.29
C SER F 200 -15.28 41.07 93.65
N SER F 201 -16.18 41.49 92.76
CA SER F 201 -16.09 42.81 92.14
C SER F 201 -17.41 43.55 92.08
N LEU F 202 -18.54 42.89 92.31
CA LEU F 202 -19.83 43.54 92.25
C LEU F 202 -20.11 44.27 93.55
N GLY F 203 -20.52 45.53 93.45
CA GLY F 203 -20.74 46.36 94.61
C GLY F 203 -20.16 47.75 94.44
N THR F 204 -19.07 47.83 93.67
CA THR F 204 -18.45 49.10 93.32
C THR F 204 -18.82 49.58 91.92
N GLN F 205 -19.17 48.67 91.03
CA GLN F 205 -19.60 49.02 89.68
C GLN F 205 -20.84 48.20 89.32
N THR F 206 -21.78 48.84 88.64
CA THR F 206 -23.00 48.17 88.25
C THR F 206 -22.76 47.30 87.02
N TYR F 207 -23.41 46.13 86.99
CA TYR F 207 -23.32 45.21 85.87
C TYR F 207 -24.66 45.21 85.15
N ILE F 208 -24.64 45.54 83.86
CA ILE F 208 -25.84 45.64 83.03
C ILE F 208 -25.66 44.70 81.85
N CYS F 209 -26.76 44.07 81.41
CA CYS F 209 -26.71 43.23 80.23
C CYS F 209 -27.66 43.78 79.18
N ASN F 210 -27.24 43.75 77.92
CA ASN F 210 -27.97 44.35 76.80
C ASN F 210 -28.20 43.28 75.74
N VAL F 211 -29.46 42.93 75.51
CA VAL F 211 -29.82 42.04 74.39
C VAL F 211 -30.27 42.94 73.25
N ASN F 212 -29.33 43.25 72.35
CA ASN F 212 -29.61 44.13 71.22
C ASN F 212 -30.41 43.36 70.19
N HIS F 213 -31.73 43.48 70.24
CA HIS F 213 -32.64 42.74 69.38
C HIS F 213 -33.00 43.62 68.18
N LYS F 214 -32.42 43.31 67.03
CA LYS F 214 -32.59 44.10 65.81
C LYS F 214 -33.89 43.83 65.06
N PRO F 215 -34.30 42.55 64.82
CA PRO F 215 -35.48 42.30 63.99
C PRO F 215 -36.73 43.08 64.40
N SER F 216 -37.19 42.91 65.64
CA SER F 216 -38.36 43.62 66.12
C SER F 216 -38.01 44.90 66.89
N ASN F 217 -36.72 45.22 67.00
CA ASN F 217 -36.26 46.42 67.69
C ASN F 217 -36.76 46.47 69.13
N THR F 218 -36.77 45.32 69.80
CA THR F 218 -37.16 45.23 71.20
C THR F 218 -35.88 45.15 72.04
N LYS F 219 -35.27 46.31 72.26
CA LYS F 219 -34.05 46.39 73.05
C LYS F 219 -34.36 46.23 74.52
N VAL F 220 -33.67 45.31 75.18
CA VAL F 220 -33.92 45.00 76.59
C VAL F 220 -32.60 45.05 77.36
N ASP F 221 -32.64 45.69 78.51
CA ASP F 221 -31.53 45.76 79.45
C ASP F 221 -31.95 45.09 80.75
N LYS F 222 -31.01 44.38 81.37
CA LYS F 222 -31.33 43.62 82.58
C LYS F 222 -30.25 43.78 83.62
N ARG F 223 -30.67 43.79 84.88
CA ARG F 223 -29.80 43.94 86.03
C ARG F 223 -29.60 42.57 86.66
N VAL F 224 -28.35 42.24 86.96
CA VAL F 224 -27.98 40.95 87.52
C VAL F 224 -27.79 41.10 89.02
N GLU F 225 -28.60 40.36 89.80
CA GLU F 225 -28.52 40.39 91.26
C GLU F 225 -27.59 39.28 91.74
N PRO F 226 -26.61 39.59 92.59
CA PRO F 226 -25.68 38.55 93.07
C PRO F 226 -26.30 37.55 94.03
N LYS F 227 -27.58 37.71 94.38
CA LYS F 227 -28.28 36.80 95.29
C LYS F 227 -27.59 36.70 96.64
N GLU G 1 -24.52 13.49 42.88
CA GLU G 1 -24.32 12.06 42.98
C GLU G 1 -22.98 11.73 43.64
N ILE G 2 -21.96 12.54 43.35
CA ILE G 2 -20.64 12.29 43.92
C ILE G 2 -20.65 12.63 45.40
N VAL G 3 -20.11 11.72 46.21
CA VAL G 3 -19.78 11.98 47.60
C VAL G 3 -18.26 12.02 47.70
N MET G 4 -17.73 13.18 48.03
CA MET G 4 -16.29 13.47 47.97
C MET G 4 -15.78 13.54 49.41
N THR G 5 -15.35 12.39 49.93
CA THR G 5 -15.14 12.28 51.37
C THR G 5 -13.74 12.76 51.74
N GLN G 6 -13.67 13.68 52.71
CA GLN G 6 -12.43 14.23 53.21
C GLN G 6 -11.95 13.39 54.39
N SER G 7 -10.66 13.06 54.38
CA SER G 7 -10.02 12.32 55.45
C SER G 7 -8.73 13.01 55.84
N PRO G 8 -8.39 12.95 57.12
CA PRO G 8 -9.24 12.48 58.21
C PRO G 8 -10.13 13.59 58.77
N GLY G 9 -11.01 13.28 59.71
CA GLY G 9 -12.02 14.26 60.13
C GLY G 9 -11.43 15.47 60.82
N THR G 10 -10.43 15.27 61.68
CA THR G 10 -9.87 16.37 62.45
C THR G 10 -8.41 16.09 62.77
N LEU G 11 -7.52 17.01 62.38
CA LEU G 11 -6.11 17.00 62.72
C LEU G 11 -5.75 18.18 63.62
N SER G 12 -4.95 17.89 64.65
CA SER G 12 -4.37 18.91 65.49
C SER G 12 -2.89 19.01 65.15
N LEU G 13 -2.41 20.23 64.98
CA LEU G 13 -1.02 20.49 64.65
C LEU G 13 -0.51 21.65 65.50
N SER G 14 0.79 21.61 65.80
CA SER G 14 1.43 22.76 66.40
C SER G 14 1.39 23.93 65.41
N PRO G 15 1.33 25.16 65.91
CA PRO G 15 1.13 26.32 65.01
C PRO G 15 2.17 26.46 63.90
N GLY G 16 3.27 25.70 63.94
CA GLY G 16 4.24 25.75 62.86
C GLY G 16 4.45 24.43 62.14
N GLU G 17 3.43 23.56 62.13
CA GLU G 17 3.55 22.22 61.57
C GLU G 17 2.77 22.10 60.26
N ARG G 18 3.46 21.65 59.23
CA ARG G 18 2.83 21.33 57.96
C ARG G 18 2.10 19.99 58.04
N ALA G 19 1.16 19.80 57.11
CA ALA G 19 0.42 18.55 57.03
C ALA G 19 -0.19 18.45 55.63
N THR G 20 -0.87 17.33 55.38
CA THR G 20 -1.58 17.12 54.13
C THR G 20 -2.99 16.61 54.43
N LEU G 21 -3.93 16.99 53.57
CA LEU G 21 -5.32 16.58 53.69
C LEU G 21 -5.67 15.71 52.48
N SER G 22 -6.15 14.49 52.72
CA SER G 22 -6.40 13.54 51.65
C SER G 22 -7.89 13.35 51.49
N CYS G 23 -8.40 13.56 50.27
CA CYS G 23 -9.84 13.43 50.03
C CYS G 23 -10.03 12.52 48.83
N ARG G 24 -10.92 11.54 48.97
CA ARG G 24 -11.21 10.63 47.88
C ARG G 24 -12.58 10.96 47.27
N ALA G 25 -12.60 11.07 45.95
CA ALA G 25 -13.82 11.31 45.19
C ALA G 25 -14.39 9.96 44.75
N SER G 26 -15.72 9.85 44.80
CA SER G 26 -16.36 8.59 44.46
C SER G 26 -16.09 8.20 43.00
N GLN G 27 -16.40 9.10 42.07
CA GLN G 27 -16.23 8.84 40.65
C GLN G 27 -15.00 9.61 40.17
N SER G 28 -13.92 8.89 39.92
CA SER G 28 -12.63 9.50 39.58
C SER G 28 -12.53 9.72 38.07
N ASP G 29 -13.42 10.57 37.57
CA ASP G 29 -13.39 11.01 36.18
C ASP G 29 -13.25 12.53 36.07
N SER G 30 -12.71 13.16 37.12
CA SER G 30 -12.64 14.62 37.17
C SER G 30 -11.60 15.17 36.20
N SER G 31 -10.53 14.43 35.94
CA SER G 31 -9.36 14.92 35.22
C SER G 31 -8.88 16.24 35.83
N ASN G 32 -8.44 16.13 37.09
CA ASN G 32 -7.89 17.25 37.88
C ASN G 32 -8.76 18.50 37.82
N SER G 33 -10.08 18.30 37.85
CA SER G 33 -11.03 19.40 37.99
C SER G 33 -11.43 19.46 39.46
N LEU G 34 -10.66 20.22 40.24
CA LEU G 34 -10.85 20.24 41.69
C LEU G 34 -10.47 21.61 42.23
N ALA G 35 -10.97 21.91 43.42
CA ALA G 35 -10.60 23.14 44.10
C ALA G 35 -10.61 22.92 45.61
N TRP G 36 -9.86 23.75 46.33
CA TRP G 36 -9.87 23.75 47.78
C TRP G 36 -10.16 25.15 48.30
N TYR G 37 -10.79 25.20 49.47
CA TYR G 37 -11.25 26.44 50.07
C TYR G 37 -10.95 26.41 51.56
N GLN G 38 -10.72 27.60 52.13
CA GLN G 38 -10.49 27.76 53.56
C GLN G 38 -11.49 28.77 54.09
N GLN G 39 -12.45 28.32 54.89
CA GLN G 39 -13.50 29.18 55.41
C GLN G 39 -13.32 29.36 56.92
N GLU G 40 -13.21 30.63 57.33
CA GLU G 40 -13.21 30.95 58.75
C GLU G 40 -14.61 30.75 59.32
N PRO G 41 -14.71 30.42 60.62
CA PRO G 41 -16.04 30.14 61.20
C PRO G 41 -17.02 31.30 61.10
N GLY G 42 -16.54 32.53 61.16
CA GLY G 42 -17.42 33.70 61.14
C GLY G 42 -17.52 34.43 59.83
N GLN G 43 -16.98 33.89 58.74
CA GLN G 43 -16.97 34.57 57.45
C GLN G 43 -17.11 33.53 56.35
N ALA G 44 -16.96 33.98 55.10
CA ALA G 44 -17.18 33.19 53.90
C ALA G 44 -15.94 32.41 53.49
N PRO G 45 -16.10 31.37 52.68
CA PRO G 45 -14.92 30.68 52.13
C PRO G 45 -14.21 31.51 51.08
N ARG G 46 -12.90 31.28 50.95
CA ARG G 46 -12.10 31.81 49.87
C ARG G 46 -11.47 30.66 49.08
N LEU G 47 -11.20 30.95 47.81
CA LEU G 47 -10.52 29.98 46.94
C LEU G 47 -9.04 29.92 47.27
N LEU G 48 -8.47 28.72 47.24
CA LEU G 48 -7.06 28.51 47.51
C LEU G 48 -6.29 28.13 46.26
N ILE G 49 -6.72 27.09 45.55
CA ILE G 49 -6.11 26.68 44.28
C ILE G 49 -7.23 26.33 43.31
N HIS G 50 -6.85 26.18 42.04
CA HIS G 50 -7.76 25.73 41.01
C HIS G 50 -7.08 24.69 40.14
N ASP G 51 -7.88 23.80 39.56
CA ASP G 51 -7.42 22.67 38.74
C ASP G 51 -6.55 21.70 39.53
N ALA G 52 -6.58 21.80 40.86
CA ALA G 52 -5.93 20.88 41.79
C ALA G 52 -4.41 21.01 41.76
N SER G 53 -3.87 21.81 40.84
CA SER G 53 -2.43 22.03 40.76
C SER G 53 -2.03 23.48 40.90
N SER G 54 -2.67 24.38 40.16
CA SER G 54 -2.28 25.78 40.11
C SER G 54 -2.96 26.58 41.21
N ARG G 55 -2.31 27.66 41.63
CA ARG G 55 -2.78 28.50 42.72
C ARG G 55 -3.38 29.78 42.19
N ALA G 56 -4.24 30.40 43.00
CA ALA G 56 -4.95 31.61 42.64
C ALA G 56 -4.10 32.84 42.95
N THR G 57 -4.69 34.02 42.79
CA THR G 57 -4.00 35.28 43.01
C THR G 57 -4.09 35.69 44.47
N GLY G 58 -2.95 36.16 45.02
CA GLY G 58 -2.88 36.57 46.40
C GLY G 58 -2.70 35.44 47.40
N ILE G 59 -2.57 34.21 46.93
CA ILE G 59 -2.42 33.04 47.81
C ILE G 59 -1.02 33.04 48.39
N PRO G 60 -0.83 32.58 49.62
CA PRO G 60 0.53 32.32 50.10
C PRO G 60 1.18 31.19 49.32
N ASP G 61 2.50 31.28 49.18
CA ASP G 61 3.24 30.27 48.43
C ASP G 61 3.27 28.92 49.14
N ARG G 62 2.96 28.89 50.43
CA ARG G 62 3.01 27.64 51.17
C ARG G 62 1.92 26.67 50.72
N PHE G 63 0.75 27.19 50.35
CA PHE G 63 -0.37 26.36 49.92
C PHE G 63 -0.05 25.82 48.52
N SER G 64 0.40 24.57 48.46
CA SER G 64 0.77 23.95 47.18
C SER G 64 0.54 22.45 47.30
N GLY G 65 -0.50 21.97 46.63
CA GLY G 65 -0.85 20.55 46.70
C GLY G 65 -1.14 20.01 45.31
N SER G 66 -0.91 18.70 45.16
CA SER G 66 -1.15 18.01 43.90
C SER G 66 -1.72 16.63 44.20
N GLY G 67 -2.56 16.15 43.29
CA GLY G 67 -3.15 14.82 43.43
C GLY G 67 -3.69 14.33 42.12
N SER G 68 -3.81 13.00 42.03
CA SER G 68 -4.31 12.36 40.82
C SER G 68 -5.06 11.09 41.22
N GLY G 69 -5.92 10.63 40.32
CA GLY G 69 -6.73 9.48 40.64
C GLY G 69 -7.82 9.83 41.65
N THR G 70 -8.36 8.80 42.28
CA THR G 70 -9.40 9.01 43.29
C THR G 70 -8.85 9.78 44.49
N ASP G 71 -7.61 9.48 44.89
CA ASP G 71 -6.99 10.12 46.04
C ASP G 71 -6.42 11.47 45.62
N PHE G 72 -7.07 12.55 46.05
CA PHE G 72 -6.56 13.90 45.81
C PHE G 72 -6.07 14.48 47.13
N THR G 73 -4.81 14.89 47.16
CA THR G 73 -4.18 15.36 48.39
C THR G 73 -3.71 16.79 48.22
N LEU G 74 -3.91 17.60 49.26
CA LEU G 74 -3.40 18.96 49.29
C LEU G 74 -2.38 19.08 50.41
N ILE G 75 -1.21 19.61 50.08
CA ILE G 75 -0.09 19.73 51.02
C ILE G 75 0.14 21.20 51.31
N ILE G 76 0.42 21.51 52.58
CA ILE G 76 0.79 22.84 53.03
C ILE G 76 2.27 22.80 53.42
N SER G 77 3.02 23.84 53.04
CA SER G 77 4.46 23.81 53.25
C SER G 77 4.82 24.03 54.72
N ARG G 78 4.17 24.98 55.38
CA ARG G 78 4.39 25.26 56.80
C ARG G 78 3.07 25.71 57.40
N LEU G 79 3.11 26.14 58.66
CA LEU G 79 1.90 26.55 59.35
C LEU G 79 2.11 27.91 60.03
N GLU G 80 1.02 28.65 60.12
CA GLU G 80 0.92 29.94 60.78
C GLU G 80 -0.37 29.92 61.59
N PRO G 81 -0.50 30.79 62.60
CA PRO G 81 -1.77 30.88 63.32
C PRO G 81 -2.92 31.46 62.51
N GLU G 82 -3.26 30.81 61.40
CA GLU G 82 -4.46 31.12 60.63
C GLU G 82 -5.22 29.87 60.19
N ASP G 83 -4.63 28.68 60.31
CA ASP G 83 -5.19 27.43 59.82
C ASP G 83 -6.40 26.96 60.62
N PHE G 84 -6.81 27.68 61.66
CA PHE G 84 -7.98 27.30 62.45
C PHE G 84 -9.23 27.71 61.67
N ALA G 85 -9.54 26.91 60.66
CA ALA G 85 -10.67 27.15 59.78
C ALA G 85 -11.13 25.79 59.27
N VAL G 86 -12.06 25.79 58.33
CA VAL G 86 -12.58 24.57 57.73
C VAL G 86 -12.14 24.53 56.28
N TYR G 87 -11.48 23.45 55.88
CA TYR G 87 -11.03 23.27 54.52
C TYR G 87 -12.11 22.49 53.76
N TYR G 88 -12.72 23.14 52.78
CA TYR G 88 -13.75 22.53 51.94
C TYR G 88 -13.20 22.26 50.55
N CYS G 89 -13.22 21.00 50.15
CA CYS G 89 -12.83 20.59 48.81
C CYS G 89 -14.04 20.60 47.89
N GLN G 90 -13.77 20.72 46.59
CA GLN G 90 -14.84 20.91 45.60
C GLN G 90 -14.52 20.10 44.35
N LEU G 91 -15.31 19.06 44.12
CA LEU G 91 -15.47 18.48 42.80
C LEU G 91 -16.55 19.27 42.06
N TYR G 92 -16.76 18.94 40.78
CA TYR G 92 -17.59 19.78 39.93
C TYR G 92 -19.02 19.84 40.46
N GLY G 93 -19.56 18.69 40.91
CA GLY G 93 -20.92 18.64 41.39
C GLY G 93 -21.09 18.23 42.84
N SER G 94 -20.11 18.51 43.69
CA SER G 94 -20.18 18.09 45.08
C SER G 94 -19.28 18.98 45.93
N PHE G 95 -19.49 18.91 47.25
CA PHE G 95 -18.69 19.62 48.23
C PHE G 95 -18.31 18.67 49.35
N GLY G 96 -17.13 18.90 49.93
CA GLY G 96 -16.66 18.06 51.01
C GLY G 96 -17.31 18.42 52.34
N GLN G 97 -17.27 17.45 53.28
CA GLN G 97 -17.83 17.68 54.60
C GLN G 97 -17.04 18.74 55.37
N GLY G 98 -15.74 18.85 55.12
CA GLY G 98 -14.90 19.80 55.82
C GLY G 98 -14.03 19.16 56.88
N THR G 99 -12.79 19.64 57.00
CA THR G 99 -11.84 19.14 57.98
C THR G 99 -11.45 20.27 58.91
N ARG G 100 -11.46 20.00 60.21
CA ARG G 100 -11.12 21.00 61.21
C ARG G 100 -9.64 20.87 61.57
N LEU G 101 -8.91 21.97 61.44
CA LEU G 101 -7.49 22.02 61.79
C LEU G 101 -7.35 22.80 63.09
N GLU G 102 -6.83 22.15 64.13
CA GLU G 102 -6.75 22.72 65.46
C GLU G 102 -5.31 22.92 65.88
N ILE G 103 -5.07 23.98 66.66
CA ILE G 103 -3.75 24.23 67.23
C ILE G 103 -3.57 23.35 68.46
N LYS G 104 -2.49 22.56 68.47
CA LYS G 104 -2.27 21.62 69.55
C LYS G 104 -1.80 22.34 70.81
N ARG G 105 -2.07 21.71 71.95
CA ARG G 105 -1.69 22.28 73.25
C ARG G 105 -1.64 21.14 74.26
N THR G 106 -1.02 21.42 75.40
CA THR G 106 -0.97 20.45 76.48
C THR G 106 -2.36 20.21 77.05
N VAL G 107 -2.57 19.00 77.57
CA VAL G 107 -3.88 18.65 78.13
C VAL G 107 -4.15 19.48 79.37
N ALA G 108 -5.33 20.08 79.43
CA ALA G 108 -5.73 20.94 80.53
C ALA G 108 -6.89 20.30 81.29
N ALA G 109 -6.88 20.46 82.61
CA ALA G 109 -7.95 19.93 83.45
C ALA G 109 -9.15 20.87 83.39
N PRO G 110 -10.32 20.39 82.99
CA PRO G 110 -11.51 21.26 82.95
C PRO G 110 -11.96 21.63 84.35
N SER G 111 -12.63 22.78 84.45
CA SER G 111 -13.26 23.19 85.70
C SER G 111 -14.76 23.26 85.48
N VAL G 112 -15.52 22.53 86.31
CA VAL G 112 -16.96 22.36 86.11
C VAL G 112 -17.69 23.13 87.20
N PHE G 113 -18.64 23.96 86.78
CA PHE G 113 -19.52 24.69 87.69
C PHE G 113 -20.97 24.41 87.35
N ILE G 114 -21.78 24.10 88.36
CA ILE G 114 -23.19 23.82 88.20
C ILE G 114 -23.98 24.98 88.77
N PHE G 115 -24.86 25.57 87.95
CA PHE G 115 -25.72 26.66 88.37
C PHE G 115 -27.17 26.20 88.34
N PRO G 116 -27.84 26.24 89.49
CA PRO G 116 -29.27 25.88 89.56
C PRO G 116 -30.14 27.03 89.10
N PRO G 117 -31.41 26.76 88.78
CA PRO G 117 -32.35 27.84 88.49
C PRO G 117 -32.62 28.70 89.71
N SER G 118 -32.88 29.98 89.47
CA SER G 118 -33.16 30.93 90.54
C SER G 118 -34.67 31.02 90.79
N ASP G 119 -35.08 31.99 91.59
CA ASP G 119 -36.49 32.10 91.97
C ASP G 119 -37.35 32.57 90.81
N GLU G 120 -36.86 33.53 90.02
CA GLU G 120 -37.61 33.99 88.86
C GLU G 120 -37.74 32.90 87.81
N GLN G 121 -36.72 32.05 87.66
CA GLN G 121 -36.86 30.87 86.81
C GLN G 121 -37.78 29.85 87.44
N LEU G 122 -37.85 29.83 88.77
CA LEU G 122 -38.74 28.89 89.46
C LEU G 122 -40.21 29.26 89.23
N LYS G 123 -40.53 30.55 89.16
CA LYS G 123 -41.93 30.94 88.97
C LYS G 123 -42.35 30.89 87.51
N SER G 124 -41.42 30.74 86.57
CA SER G 124 -41.79 30.71 85.15
C SER G 124 -42.52 29.41 84.80
N GLY G 125 -42.11 28.30 85.40
CA GLY G 125 -42.70 27.00 85.12
C GLY G 125 -41.77 25.98 84.50
N THR G 126 -40.57 26.38 84.08
CA THR G 126 -39.58 25.46 83.54
C THR G 126 -38.24 25.70 84.24
N ALA G 127 -37.67 24.65 84.80
CA ALA G 127 -36.39 24.71 85.49
C ALA G 127 -35.27 24.29 84.55
N SER G 128 -34.18 25.05 84.57
CA SER G 128 -32.99 24.75 83.79
C SER G 128 -31.80 24.67 84.72
N VAL G 129 -31.06 23.57 84.64
CA VAL G 129 -29.82 23.37 85.39
C VAL G 129 -28.67 23.41 84.41
N VAL G 130 -27.73 24.32 84.62
CA VAL G 130 -26.66 24.54 83.64
C VAL G 130 -25.33 24.08 84.22
N CYS G 131 -24.56 23.36 83.41
CA CYS G 131 -23.22 22.91 83.76
C CYS G 131 -22.22 23.49 82.77
N LEU G 132 -21.16 24.10 83.31
CA LEU G 132 -20.17 24.81 82.51
C LEU G 132 -18.79 24.21 82.76
N LEU G 133 -18.23 23.61 81.72
CA LEU G 133 -16.81 23.23 81.70
C LEU G 133 -16.01 24.40 81.15
N ASN G 134 -15.02 24.86 81.92
CA ASN G 134 -14.25 26.04 81.60
C ASN G 134 -12.76 25.68 81.54
N ASN G 135 -12.07 26.27 80.56
CA ASN G 135 -10.64 26.07 80.34
C ASN G 135 -10.33 24.57 80.18
N PHE G 136 -10.88 24.00 79.11
CA PHE G 136 -10.80 22.58 78.84
C PHE G 136 -10.16 22.33 77.48
N TYR G 137 -9.25 21.35 77.43
CA TYR G 137 -8.57 20.94 76.20
C TYR G 137 -8.01 19.55 76.44
N PRO G 138 -8.00 18.66 75.44
CA PRO G 138 -8.55 18.81 74.07
C PRO G 138 -10.08 18.80 74.03
N ARG G 139 -10.66 18.99 72.86
CA ARG G 139 -12.12 19.12 72.71
C ARG G 139 -12.76 17.74 72.52
N GLU G 140 -12.79 17.00 73.63
CA GLU G 140 -13.58 15.77 73.70
C GLU G 140 -13.82 15.44 75.17
N ALA G 141 -15.06 15.15 75.52
CA ALA G 141 -15.46 14.83 76.88
C ALA G 141 -16.90 14.35 76.85
N LYS G 142 -17.33 13.76 77.97
CA LYS G 142 -18.73 13.39 78.15
C LYS G 142 -19.22 13.93 79.48
N VAL G 143 -20.41 14.53 79.45
CA VAL G 143 -21.05 15.14 80.60
C VAL G 143 -22.31 14.33 80.91
N GLN G 144 -22.46 13.92 82.16
CA GLN G 144 -23.59 13.11 82.57
C GLN G 144 -24.26 13.73 83.80
N TRP G 145 -25.58 13.53 83.89
CA TRP G 145 -26.38 14.11 84.95
C TRP G 145 -26.97 13.01 85.82
N LYS G 146 -27.11 13.31 87.11
CA LYS G 146 -27.65 12.38 88.10
C LYS G 146 -28.84 13.05 88.77
N VAL G 147 -30.03 12.49 88.55
CA VAL G 147 -31.26 12.91 89.22
C VAL G 147 -31.67 11.80 90.18
N ASP G 148 -31.81 12.14 91.45
CA ASP G 148 -32.15 11.19 92.50
C ASP G 148 -31.20 10.00 92.50
N ASN G 149 -29.92 10.31 92.36
CA ASN G 149 -28.85 9.30 92.31
C ASN G 149 -29.07 8.28 91.19
N ALA G 150 -29.62 8.75 90.06
CA ALA G 150 -29.85 7.90 88.91
C ALA G 150 -29.52 8.68 87.64
N LEU G 151 -28.72 8.07 86.77
CA LEU G 151 -28.37 8.72 85.51
C LEU G 151 -29.56 8.74 84.56
N GLN G 152 -29.61 9.77 83.71
CA GLN G 152 -30.65 9.88 82.70
C GLN G 152 -30.05 10.52 81.45
N SER G 153 -30.70 10.31 80.32
CA SER G 153 -30.26 10.89 79.06
C SER G 153 -31.48 11.14 78.18
N GLY G 154 -31.25 11.78 77.04
CA GLY G 154 -32.31 12.10 76.12
C GLY G 154 -33.16 13.29 76.51
N ASN G 155 -32.76 14.06 77.51
CA ASN G 155 -33.52 15.21 77.98
C ASN G 155 -32.69 16.49 78.11
N SER G 156 -31.37 16.40 78.09
CA SER G 156 -30.49 17.55 78.22
C SER G 156 -29.91 17.92 76.86
N GLN G 157 -29.48 19.18 76.74
CA GLN G 157 -28.88 19.70 75.52
C GLN G 157 -27.47 20.20 75.82
N GLU G 158 -26.55 19.93 74.90
CA GLU G 158 -25.14 20.26 75.06
C GLU G 158 -24.72 21.18 73.93
N SER G 159 -23.83 22.14 74.23
CA SER G 159 -23.35 23.05 73.21
C SER G 159 -21.85 23.23 73.37
N VAL G 160 -21.20 23.53 72.24
CA VAL G 160 -19.75 23.71 72.19
C VAL G 160 -19.45 25.14 71.75
N THR G 161 -18.33 25.66 72.23
CA THR G 161 -17.88 27.00 71.87
C THR G 161 -16.53 26.91 71.15
N GLU G 162 -16.35 27.73 70.13
CA GLU G 162 -15.14 27.70 69.33
C GLU G 162 -13.94 28.12 70.17
N GLN G 163 -12.78 27.55 69.82
CA GLN G 163 -11.56 27.79 70.59
C GLN G 163 -11.15 29.24 70.52
N ASP G 164 -10.74 29.79 71.66
CA ASP G 164 -10.24 31.16 71.70
C ASP G 164 -8.85 31.22 71.08
N SER G 165 -8.43 32.45 70.74
CA SER G 165 -7.15 32.65 70.08
C SER G 165 -6.04 33.09 71.03
N LYS G 166 -6.37 33.70 72.17
CA LYS G 166 -5.34 34.19 73.07
C LYS G 166 -4.66 33.07 73.85
N ASP G 167 -5.40 32.01 74.20
CA ASP G 167 -4.85 30.90 74.96
C ASP G 167 -5.22 29.53 74.41
N SER G 168 -6.01 29.46 73.34
CA SER G 168 -6.37 28.20 72.68
C SER G 168 -7.07 27.24 73.66
N THR G 169 -8.23 27.68 74.15
CA THR G 169 -9.06 26.84 75.01
C THR G 169 -10.52 27.13 74.70
N TYR G 170 -11.39 26.19 75.06
CA TYR G 170 -12.81 26.28 74.78
C TYR G 170 -13.60 25.93 76.05
N SER G 171 -14.83 26.42 76.09
CA SER G 171 -15.75 26.17 77.19
C SER G 171 -17.00 25.48 76.66
N LEU G 172 -17.48 24.49 77.41
CA LEU G 172 -18.66 23.71 77.03
C LEU G 172 -19.77 23.96 78.02
N SER G 173 -20.93 24.37 77.53
CA SER G 173 -22.08 24.65 78.39
C SER G 173 -23.23 23.72 78.02
N SER G 174 -23.87 23.16 79.03
CA SER G 174 -24.96 22.22 78.84
C SER G 174 -26.12 22.61 79.74
N THR G 175 -27.34 22.45 79.23
CA THR G 175 -28.53 22.81 80.00
C THR G 175 -29.49 21.64 80.03
N LEU G 176 -30.05 21.38 81.21
CA LEU G 176 -31.08 20.37 81.40
C LEU G 176 -32.38 21.09 81.75
N THR G 177 -33.39 20.92 80.89
CA THR G 177 -34.68 21.58 81.04
C THR G 177 -35.73 20.57 81.48
N LEU G 178 -36.55 20.96 82.46
CA LEU G 178 -37.59 20.08 82.95
C LEU G 178 -38.72 20.92 83.54
N SER G 179 -39.88 20.29 83.71
CA SER G 179 -40.98 20.98 84.36
C SER G 179 -40.83 20.92 85.87
N LYS G 180 -41.53 21.82 86.56
CA LYS G 180 -41.40 21.93 88.01
C LYS G 180 -41.90 20.68 88.73
N ALA G 181 -42.81 19.92 88.12
CA ALA G 181 -43.34 18.73 88.77
C ALA G 181 -42.25 17.71 89.04
N ASP G 182 -41.35 17.49 88.07
CA ASP G 182 -40.22 16.59 88.32
C ASP G 182 -39.22 17.24 89.27
N TYR G 183 -38.97 18.54 89.11
CA TYR G 183 -37.92 19.19 89.90
C TYR G 183 -38.23 19.16 91.39
N GLU G 184 -39.50 19.35 91.77
CA GLU G 184 -39.85 19.35 93.19
C GLU G 184 -39.73 17.97 93.82
N LYS G 185 -39.92 16.90 93.03
CA LYS G 185 -39.82 15.55 93.60
C LYS G 185 -38.38 15.23 93.99
N HIS G 186 -37.42 15.57 93.14
CA HIS G 186 -36.03 15.24 93.40
C HIS G 186 -35.36 16.28 94.29
N LYS G 187 -34.25 15.89 94.89
CA LYS G 187 -33.53 16.76 95.82
C LYS G 187 -32.07 16.92 95.44
N VAL G 188 -31.44 15.85 94.94
CA VAL G 188 -30.02 15.83 94.63
C VAL G 188 -29.85 15.87 93.12
N TYR G 189 -29.02 16.78 92.63
CA TYR G 189 -28.68 16.84 91.21
C TYR G 189 -27.17 16.90 91.08
N ALA G 190 -26.60 15.93 90.38
CA ALA G 190 -25.15 15.82 90.26
C ALA G 190 -24.75 15.89 88.80
N CYS G 191 -23.53 16.38 88.55
CA CYS G 191 -22.97 16.38 87.22
C CYS G 191 -21.57 15.80 87.26
N GLU G 192 -21.31 14.84 86.37
CA GLU G 192 -19.99 14.25 86.26
C GLU G 192 -19.44 14.50 84.86
N VAL G 193 -18.12 14.65 84.79
CA VAL G 193 -17.40 14.84 83.55
C VAL G 193 -16.33 13.77 83.44
N THR G 194 -16.26 13.12 82.28
CA THR G 194 -15.24 12.12 81.99
C THR G 194 -14.27 12.67 80.95
N HIS G 195 -12.98 12.56 81.25
CA HIS G 195 -11.92 12.97 80.32
C HIS G 195 -10.76 12.00 80.40
N GLN G 196 -10.16 11.72 79.25
CA GLN G 196 -8.98 10.85 79.21
C GLN G 196 -7.78 11.49 79.89
N GLY G 197 -7.74 12.82 79.92
CA GLY G 197 -6.65 13.53 80.55
C GLY G 197 -6.80 13.74 82.05
N LEU G 198 -7.87 13.23 82.63
CA LEU G 198 -8.13 13.37 84.06
C LEU G 198 -7.83 12.04 84.75
N SER G 199 -7.22 12.13 85.94
CA SER G 199 -6.90 10.93 86.69
C SER G 199 -8.16 10.17 87.09
N SER G 200 -9.19 10.90 87.52
CA SER G 200 -10.47 10.33 87.89
C SER G 200 -11.58 11.21 87.35
N PRO G 201 -12.73 10.62 86.98
CA PRO G 201 -13.86 11.44 86.55
C PRO G 201 -14.29 12.40 87.66
N VAL G 202 -14.68 13.61 87.27
CA VAL G 202 -14.96 14.68 88.23
C VAL G 202 -16.46 14.76 88.44
N THR G 203 -16.89 14.58 89.68
CA THR G 203 -18.30 14.67 90.06
C THR G 203 -18.52 15.88 90.95
N LYS G 204 -19.66 16.56 90.76
CA LYS G 204 -20.03 17.70 91.58
C LYS G 204 -21.51 17.58 91.92
N SER G 205 -21.83 17.65 93.21
CA SER G 205 -23.18 17.46 93.71
C SER G 205 -23.82 18.81 94.03
N PHE G 206 -25.14 18.87 93.88
CA PHE G 206 -25.93 20.07 94.19
C PHE G 206 -27.17 19.66 94.96
N ASN G 207 -27.46 20.38 96.03
CA ASN G 207 -28.62 20.13 96.88
C ASN G 207 -29.69 21.16 96.58
N ARG G 208 -30.89 20.69 96.29
CA ARG G 208 -31.99 21.56 95.93
C ARG G 208 -32.45 22.39 97.13
N GLY G 209 -33.04 23.54 96.83
CA GLY G 209 -33.48 24.46 97.87
C GLY G 209 -32.40 25.38 98.40
N GLU G 210 -31.20 25.35 97.83
CA GLU G 210 -30.07 26.18 98.25
C GLU G 210 -29.77 25.85 99.70
N CYS G 211 -29.83 26.81 100.63
CA CYS G 211 -29.55 26.55 102.04
C CYS G 211 -30.51 27.31 102.94
N GLU H 1 55.17 -24.96 36.19
CA GLU H 1 53.74 -25.24 36.34
C GLU H 1 53.04 -24.10 37.08
N VAL H 2 51.97 -24.43 37.80
CA VAL H 2 51.17 -23.46 38.54
C VAL H 2 51.37 -23.71 40.03
N GLN H 3 51.92 -22.72 40.73
CA GLN H 3 52.14 -22.80 42.16
C GLN H 3 51.91 -21.43 42.78
N LEU H 4 51.67 -21.44 44.09
CA LEU H 4 51.51 -20.21 44.87
C LEU H 4 52.54 -20.23 46.00
N VAL H 5 53.36 -19.18 46.05
CA VAL H 5 54.44 -19.08 47.02
C VAL H 5 54.04 -18.09 48.10
N GLU H 6 53.94 -18.58 49.34
CA GLU H 6 53.60 -17.74 50.47
C GLU H 6 54.87 -17.09 51.02
N SER H 7 54.77 -15.79 51.32
CA SER H 7 55.86 -15.02 51.89
C SER H 7 55.37 -14.27 53.12
N GLY H 8 56.28 -14.05 54.06
CA GLY H 8 55.96 -13.46 55.34
C GLY H 8 55.64 -14.51 56.40
N GLY H 9 55.21 -14.02 57.55
CA GLY H 9 54.90 -14.87 58.68
C GLY H 9 56.07 -15.10 59.61
N GLY H 10 55.76 -15.68 60.77
CA GLY H 10 56.76 -16.00 61.78
C GLY H 10 56.30 -15.54 63.14
N LEU H 11 57.27 -15.30 64.03
CA LEU H 11 56.97 -14.88 65.39
C LEU H 11 56.54 -13.42 65.42
N VAL H 12 55.55 -13.12 66.26
CA VAL H 12 55.08 -11.75 66.43
C VAL H 12 54.34 -11.67 67.75
N GLN H 13 54.60 -10.60 68.50
CA GLN H 13 53.92 -10.39 69.77
C GLN H 13 52.44 -10.11 69.55
N PRO H 14 51.58 -10.51 70.50
CA PRO H 14 50.15 -10.23 70.35
C PRO H 14 49.89 -8.73 70.33
N GLY H 15 48.88 -8.34 69.55
CA GLY H 15 48.55 -6.94 69.38
C GLY H 15 49.37 -6.22 68.33
N GLY H 16 50.23 -6.92 67.61
CA GLY H 16 51.04 -6.32 66.57
C GLY H 16 50.37 -6.33 65.22
N SER H 17 51.19 -6.28 64.18
CA SER H 17 50.71 -6.29 62.80
C SER H 17 51.63 -7.14 61.95
N LEU H 18 51.08 -7.64 60.85
CA LEU H 18 51.88 -8.48 59.96
C LEU H 18 51.31 -8.42 58.55
N ARG H 19 52.15 -8.78 57.59
CA ARG H 19 51.80 -8.79 56.18
C ARG H 19 52.09 -10.17 55.61
N LEU H 20 51.13 -10.70 54.85
CA LEU H 20 51.32 -11.98 54.16
C LEU H 20 51.13 -11.78 52.66
N SER H 21 51.98 -12.42 51.87
CA SER H 21 51.94 -12.29 50.42
C SER H 21 51.86 -13.66 49.78
N CYS H 22 51.22 -13.72 48.61
CA CYS H 22 51.08 -14.94 47.82
C CYS H 22 51.45 -14.59 46.39
N ALA H 23 52.66 -14.95 45.99
CA ALA H 23 53.10 -14.79 44.61
C ALA H 23 52.57 -15.93 43.75
N ALA H 24 52.15 -15.58 42.54
CA ALA H 24 51.54 -16.52 41.60
C ALA H 24 52.35 -16.57 40.32
N SER H 25 52.37 -17.75 39.69
CA SER H 25 53.05 -17.93 38.42
C SER H 25 52.40 -19.09 37.67
N GLY H 26 52.25 -18.92 36.35
CA GLY H 26 51.76 -19.97 35.48
C GLY H 26 50.31 -19.85 35.07
N PHE H 27 49.57 -18.87 35.60
CA PHE H 27 48.16 -18.73 35.27
C PHE H 27 47.78 -17.26 35.28
N THR H 28 46.67 -16.94 34.62
CA THR H 28 46.16 -15.58 34.56
C THR H 28 45.59 -15.21 35.93
N PHE H 29 46.36 -14.43 36.69
CA PHE H 29 46.02 -14.18 38.08
C PHE H 29 44.88 -13.16 38.22
N SER H 30 44.75 -12.24 37.26
CA SER H 30 43.73 -11.21 37.35
C SER H 30 42.32 -11.78 37.22
N GLY H 31 42.13 -12.74 36.31
CA GLY H 31 40.80 -13.22 36.00
C GLY H 31 40.17 -14.17 36.99
N TYR H 32 40.91 -14.62 38.00
CA TYR H 32 40.42 -15.59 38.97
C TYR H 32 40.18 -14.90 40.32
N TRP H 33 39.01 -15.14 40.89
CA TRP H 33 38.74 -14.71 42.26
C TRP H 33 39.64 -15.47 43.22
N MET H 34 40.08 -14.80 44.28
CA MET H 34 41.03 -15.38 45.22
C MET H 34 40.42 -15.49 46.61
N HIS H 35 40.95 -16.46 47.36
CA HIS H 35 40.48 -16.82 48.68
C HIS H 35 41.68 -16.95 49.60
N TRP H 36 41.47 -16.68 50.88
CA TRP H 36 42.46 -16.95 51.91
C TRP H 36 41.81 -17.78 53.01
N VAL H 37 42.53 -18.81 53.45
CA VAL H 37 42.11 -19.74 54.48
C VAL H 37 43.29 -20.01 55.39
N ARG H 38 43.03 -20.72 56.49
CA ARG H 38 44.05 -21.03 57.47
C ARG H 38 43.77 -22.40 58.07
N GLN H 39 44.77 -22.95 58.75
CA GLN H 39 44.63 -24.24 59.43
C GLN H 39 45.39 -24.17 60.75
N ALA H 40 44.66 -24.28 61.86
CA ALA H 40 45.32 -24.33 63.15
C ALA H 40 46.08 -25.65 63.33
N PRO H 41 47.13 -25.66 64.14
CA PRO H 41 47.90 -26.88 64.35
C PRO H 41 47.03 -28.01 64.91
N GLY H 42 46.88 -29.08 64.13
CA GLY H 42 46.08 -30.20 64.53
C GLY H 42 44.58 -30.01 64.44
N LYS H 43 44.13 -28.94 63.79
CA LYS H 43 42.71 -28.63 63.68
C LYS H 43 42.34 -28.50 62.21
N GLY H 44 41.03 -28.37 61.96
CA GLY H 44 40.54 -28.29 60.60
C GLY H 44 40.80 -26.95 59.95
N LEU H 45 40.63 -26.93 58.63
CA LEU H 45 40.81 -25.70 57.87
C LEU H 45 39.70 -24.72 58.17
N VAL H 46 40.06 -23.47 58.42
CA VAL H 46 39.10 -22.41 58.72
C VAL H 46 39.23 -21.34 57.64
N TRP H 47 38.10 -21.01 57.01
CA TRP H 47 38.09 -19.99 55.97
C TRP H 47 38.31 -18.60 56.56
N VAL H 48 38.94 -17.73 55.77
CA VAL H 48 39.27 -16.39 56.25
C VAL H 48 38.54 -15.33 55.42
N SER H 49 38.86 -15.24 54.13
CA SER H 49 38.33 -14.10 53.37
C SER H 49 38.32 -14.41 51.88
N ARG H 50 37.69 -13.50 51.13
CA ARG H 50 37.56 -13.51 49.68
C ARG H 50 38.19 -12.25 49.10
N VAL H 51 38.24 -12.20 47.76
CA VAL H 51 38.54 -10.95 47.05
C VAL H 51 38.06 -11.09 45.61
N ASN H 52 37.70 -9.97 44.98
CA ASN H 52 37.17 -9.97 43.63
C ASN H 52 38.32 -9.96 42.61
N ARG H 53 37.98 -9.86 41.32
CA ARG H 53 39.00 -9.80 40.28
C ARG H 53 39.77 -8.50 40.34
N ASP H 54 39.08 -7.38 40.51
CA ASP H 54 39.78 -6.11 40.65
C ASP H 54 40.37 -5.93 42.04
N GLY H 55 39.71 -6.44 43.07
CA GLY H 55 40.25 -6.41 44.41
C GLY H 55 39.68 -5.31 45.29
N SER H 56 38.36 -5.12 45.25
CA SER H 56 37.70 -4.10 46.04
C SER H 56 36.63 -4.62 46.98
N ASP H 57 36.06 -5.80 46.73
CA ASP H 57 34.94 -6.33 47.50
C ASP H 57 35.45 -7.53 48.28
N ALA H 58 35.25 -7.51 49.59
CA ALA H 58 35.63 -8.61 50.46
C ALA H 58 34.53 -8.85 51.48
N ASP H 59 34.50 -10.07 52.02
CA ASP H 59 33.49 -10.51 52.98
C ASP H 59 34.14 -11.19 54.17
N TYR H 60 35.13 -10.50 54.76
CA TYR H 60 35.92 -11.03 55.88
C TYR H 60 35.04 -11.74 56.90
N ALA H 61 35.51 -12.91 57.33
CA ALA H 61 34.74 -13.75 58.23
C ALA H 61 34.53 -13.07 59.59
N ASP H 62 33.59 -13.63 60.35
CA ASP H 62 33.27 -13.06 61.66
C ASP H 62 34.46 -13.13 62.62
N SER H 63 35.31 -14.14 62.47
CA SER H 63 36.48 -14.24 63.33
C SER H 63 37.54 -13.22 62.94
N VAL H 64 37.54 -12.76 61.69
CA VAL H 64 38.61 -11.94 61.15
C VAL H 64 38.11 -10.57 60.69
N LYS H 65 36.95 -10.14 61.17
CA LYS H 65 36.36 -8.89 60.71
C LYS H 65 36.97 -7.70 61.45
N GLY H 66 37.26 -6.64 60.69
CA GLY H 66 37.76 -5.39 61.24
C GLY H 66 39.26 -5.27 61.32
N ARG H 67 39.96 -6.39 61.50
CA ARG H 67 41.41 -6.40 61.70
C ARG H 67 42.16 -7.06 60.56
N PHE H 68 41.46 -7.57 59.55
CA PHE H 68 42.07 -8.20 58.39
C PHE H 68 41.69 -7.44 57.13
N THR H 69 42.69 -7.12 56.31
CA THR H 69 42.45 -6.46 55.03
C THR H 69 43.14 -7.26 53.93
N ILE H 70 42.44 -7.42 52.81
CA ILE H 70 42.94 -8.20 51.69
C ILE H 70 43.04 -7.30 50.47
N SER H 71 44.16 -7.40 49.75
CA SER H 71 44.39 -6.55 48.59
C SER H 71 44.90 -7.38 47.42
N LYS H 72 44.52 -6.99 46.22
CA LYS H 72 44.84 -7.75 45.00
C LYS H 72 45.11 -6.78 43.85
N ASP H 73 46.38 -6.43 43.65
CA ASP H 73 46.76 -5.72 42.44
C ASP H 73 46.99 -6.70 41.30
N ASN H 74 46.61 -6.28 40.10
CA ASN H 74 46.70 -7.14 38.93
C ASN H 74 48.04 -7.07 38.22
N ALA H 75 48.75 -5.95 38.30
CA ALA H 75 50.00 -5.80 37.57
C ALA H 75 51.14 -6.54 38.27
N LYS H 76 51.30 -6.32 39.58
CA LYS H 76 52.40 -6.93 40.30
C LYS H 76 52.21 -8.44 40.47
N ASN H 77 50.98 -8.93 40.29
CA ASN H 77 50.69 -10.37 40.28
C ASN H 77 51.04 -11.03 41.61
N THR H 78 50.39 -10.55 42.67
CA THR H 78 50.54 -11.13 43.99
C THR H 78 49.35 -10.69 44.85
N LEU H 79 49.09 -11.44 45.91
CA LEU H 79 47.95 -11.23 46.77
C LEU H 79 48.40 -10.92 48.20
N PHE H 80 47.75 -9.94 48.84
CA PHE H 80 48.16 -9.50 50.17
C PHE H 80 47.05 -9.70 51.19
N LEU H 81 47.49 -10.03 52.41
CA LEU H 81 46.61 -10.13 53.58
C LEU H 81 47.34 -9.48 54.76
N GLN H 82 46.87 -8.30 55.18
CA GLN H 82 47.46 -7.59 56.30
C GLN H 82 46.59 -7.78 57.54
N MET H 83 47.24 -8.12 58.65
CA MET H 83 46.60 -8.42 59.92
C MET H 83 47.03 -7.40 60.96
N ASN H 84 46.07 -6.92 61.73
CA ASN H 84 46.31 -5.98 62.82
C ASN H 84 45.69 -6.52 64.10
N SER H 85 46.25 -6.11 65.24
CA SER H 85 45.77 -6.49 66.57
C SER H 85 45.52 -8.00 66.67
N LEU H 86 46.57 -8.75 66.36
CA LEU H 86 46.48 -10.20 66.36
C LEU H 86 46.25 -10.72 67.79
N ARG H 87 45.45 -11.78 67.89
CA ARG H 87 45.19 -12.43 69.17
C ARG H 87 45.76 -13.85 69.15
N THR H 88 45.81 -14.45 70.35
CA THR H 88 46.51 -15.71 70.52
C THR H 88 45.86 -16.86 69.77
N GLU H 89 44.53 -16.84 69.62
CA GLU H 89 43.83 -17.97 69.01
C GLU H 89 44.00 -18.03 67.50
N ASP H 90 44.84 -17.18 66.91
CA ASP H 90 45.00 -17.10 65.47
C ASP H 90 46.33 -17.76 65.05
N THR H 91 46.98 -18.48 65.96
CA THR H 91 48.22 -19.19 65.65
C THR H 91 47.92 -20.34 64.68
N ALA H 92 48.35 -20.21 63.42
CA ALA H 92 47.93 -21.18 62.41
C ALA H 92 48.83 -21.07 61.19
N VAL H 93 48.59 -21.93 60.21
CA VAL H 93 49.30 -21.93 58.95
C VAL H 93 48.34 -21.48 57.87
N TYR H 94 48.66 -20.39 57.18
CA TYR H 94 47.77 -19.80 56.20
C TYR H 94 48.03 -20.29 54.78
N TYR H 95 46.95 -20.65 54.09
CA TYR H 95 46.96 -21.00 52.68
C TYR H 95 46.17 -19.97 51.88
N CYS H 96 46.60 -19.75 50.63
CA CYS H 96 45.85 -18.94 49.67
C CYS H 96 45.40 -19.83 48.54
N VAL H 97 44.10 -19.81 48.23
CA VAL H 97 43.49 -20.75 47.30
C VAL H 97 42.64 -20.01 46.29
N ARG H 98 42.64 -20.49 45.04
CA ARG H 98 41.88 -19.84 44.00
C ARG H 98 40.39 -20.16 44.15
N GLU H 99 39.59 -19.55 43.28
CA GLU H 99 38.17 -19.85 43.16
C GLU H 99 37.87 -20.11 41.69
N ALA H 100 37.15 -21.20 41.42
CA ALA H 100 36.91 -21.63 40.05
C ALA H 100 36.02 -20.64 39.32
N THR H 101 36.56 -20.02 38.28
CA THR H 101 35.82 -19.08 37.44
C THR H 101 35.58 -19.72 36.08
N THR H 102 34.32 -19.71 35.65
CA THR H 102 33.94 -20.43 34.44
C THR H 102 34.31 -19.69 33.16
N PHE H 103 34.65 -18.40 33.25
CA PHE H 103 35.11 -17.58 32.13
C PHE H 103 33.99 -17.35 31.10
N GLY H 104 32.76 -17.72 31.43
CA GLY H 104 31.66 -17.65 30.50
C GLY H 104 31.12 -16.25 30.29
N VAL H 105 29.86 -16.18 29.85
CA VAL H 105 29.19 -14.90 29.69
C VAL H 105 29.19 -14.13 31.00
N ILE H 106 29.05 -14.84 32.11
CA ILE H 106 29.27 -14.31 33.45
C ILE H 106 30.44 -15.08 34.06
N ILE H 107 31.32 -14.36 34.76
CA ILE H 107 32.47 -15.02 35.39
C ILE H 107 32.00 -16.15 36.28
N MET H 108 30.97 -15.90 37.09
CA MET H 108 30.21 -16.88 37.85
C MET H 108 31.17 -17.74 38.67
N PRO H 109 31.69 -17.22 39.79
CA PRO H 109 32.51 -18.06 40.68
C PRO H 109 31.72 -19.24 41.21
N GLU H 110 32.40 -20.37 41.34
CA GLU H 110 31.75 -21.61 41.78
C GLU H 110 31.98 -21.91 43.25
N TRP H 111 32.57 -20.97 44.00
CA TRP H 111 32.77 -21.12 45.45
C TRP H 111 33.53 -22.39 45.79
N TYR H 112 34.53 -22.72 44.98
CA TYR H 112 35.34 -23.92 45.17
C TYR H 112 36.81 -23.60 44.93
N PHE H 113 37.67 -24.29 45.65
CA PHE H 113 39.11 -24.11 45.58
C PHE H 113 39.73 -25.27 44.81
N ASP H 114 40.57 -24.95 43.83
CA ASP H 114 41.20 -25.96 42.99
C ASP H 114 42.67 -26.18 43.28
N LEU H 115 43.41 -25.13 43.66
CA LEU H 115 44.83 -25.24 43.92
C LEU H 115 45.14 -24.68 45.30
N TRP H 116 45.96 -25.41 46.06
CA TRP H 116 46.37 -25.01 47.40
C TRP H 116 47.86 -24.70 47.38
N GLY H 117 48.21 -23.47 47.76
CA GLY H 117 49.60 -23.08 47.80
C GLY H 117 50.30 -23.56 49.08
N ARG H 118 51.62 -23.49 49.05
CA ARG H 118 52.44 -23.87 50.20
C ARG H 118 52.46 -22.68 51.16
N GLY H 119 51.78 -22.84 52.31
CA GLY H 119 51.58 -21.74 53.22
C GLY H 119 52.70 -21.58 54.24
N THR H 120 52.50 -20.62 55.14
CA THR H 120 53.46 -20.31 56.18
C THR H 120 52.81 -20.39 57.55
N LEU H 121 53.65 -20.61 58.56
CA LEU H 121 53.22 -20.67 59.95
C LEU H 121 53.31 -19.29 60.58
N VAL H 122 52.23 -18.86 61.22
CA VAL H 122 52.18 -17.63 61.98
C VAL H 122 51.89 -17.99 63.44
N THR H 123 52.69 -17.44 64.35
CA THR H 123 52.62 -17.72 65.77
C THR H 123 52.57 -16.41 66.54
N VAL H 124 51.64 -16.32 67.48
CA VAL H 124 51.49 -15.14 68.34
C VAL H 124 51.62 -15.60 69.78
N SER H 125 52.56 -14.98 70.52
CA SER H 125 52.82 -15.35 71.90
C SER H 125 53.65 -14.25 72.54
N SER H 126 53.66 -14.25 73.87
CA SER H 126 54.40 -13.26 74.64
C SER H 126 55.81 -13.73 75.01
N ALA H 127 56.21 -14.93 74.61
CA ALA H 127 57.52 -15.46 74.95
C ALA H 127 58.56 -14.97 73.95
N SER H 128 59.80 -15.37 74.17
CA SER H 128 60.92 -15.00 73.31
C SER H 128 61.77 -16.22 73.03
N THR H 129 62.58 -16.14 71.98
CA THR H 129 63.40 -17.27 71.57
C THR H 129 64.43 -17.60 72.64
N LYS H 130 64.56 -18.89 72.92
CA LYS H 130 65.52 -19.38 73.90
C LYS H 130 66.06 -20.73 73.45
N GLY H 131 67.27 -21.05 73.88
CA GLY H 131 67.88 -22.31 73.55
C GLY H 131 67.23 -23.47 74.26
N PRO H 132 67.01 -24.57 73.53
CA PRO H 132 66.41 -25.76 74.16
C PRO H 132 67.37 -26.39 75.16
N SER H 133 66.79 -27.03 76.17
CA SER H 133 67.55 -27.75 77.19
C SER H 133 67.35 -29.24 76.99
N VAL H 134 68.45 -29.99 77.02
CA VAL H 134 68.44 -31.41 76.67
C VAL H 134 69.10 -32.21 77.77
N PHE H 135 68.72 -33.49 77.85
CA PHE H 135 69.33 -34.47 78.74
C PHE H 135 68.93 -35.85 78.27
N PRO H 136 69.83 -36.82 78.24
CA PRO H 136 69.50 -38.14 77.68
C PRO H 136 68.48 -38.87 78.55
N LEU H 137 67.74 -39.77 77.91
CA LEU H 137 66.78 -40.63 78.61
C LEU H 137 67.19 -42.08 78.31
N ALA H 138 68.11 -42.60 79.12
CA ALA H 138 68.60 -43.96 78.94
C ALA H 138 68.09 -44.84 80.06
N PRO H 139 67.28 -45.86 79.76
CA PRO H 139 66.81 -46.76 80.83
C PRO H 139 67.97 -47.46 81.52
N SER H 140 67.86 -47.58 82.84
CA SER H 140 68.81 -48.28 83.67
C SER H 140 68.29 -49.70 83.94
N SER H 141 68.93 -50.40 84.87
CA SER H 141 68.47 -51.72 85.26
C SER H 141 67.10 -51.64 85.92
N LYS H 142 66.30 -52.69 85.73
CA LYS H 142 64.96 -52.83 86.28
C LYS H 142 63.97 -51.87 85.63
N SER H 143 64.46 -51.02 84.73
CA SER H 143 63.58 -50.16 83.94
C SER H 143 63.51 -50.55 82.47
N THR H 144 64.51 -51.26 81.96
CA THR H 144 64.47 -51.79 80.60
C THR H 144 63.98 -53.23 80.63
N SER H 145 63.08 -53.56 79.71
CA SER H 145 62.44 -54.87 79.66
C SER H 145 62.89 -55.62 78.41
N GLY H 146 63.43 -56.82 78.61
CA GLY H 146 63.84 -57.66 77.50
C GLY H 146 65.13 -57.17 76.86
N GLY H 147 65.53 -57.90 75.81
CA GLY H 147 66.72 -57.50 75.07
C GLY H 147 66.53 -56.20 74.32
N THR H 148 65.37 -56.03 73.68
CA THR H 148 65.06 -54.79 73.00
C THR H 148 64.68 -53.70 74.00
N ALA H 149 64.93 -52.45 73.62
CA ALA H 149 64.65 -51.32 74.49
C ALA H 149 64.40 -50.09 73.62
N ALA H 150 64.14 -48.96 74.28
CA ALA H 150 63.92 -47.69 73.61
C ALA H 150 64.84 -46.65 74.20
N LEU H 151 65.53 -45.89 73.34
CA LEU H 151 66.50 -44.89 73.77
C LEU H 151 66.17 -43.57 73.08
N GLY H 152 66.15 -42.49 73.85
CA GLY H 152 65.78 -41.21 73.29
C GLY H 152 66.15 -40.01 74.13
N CYS H 153 65.54 -38.87 73.79
CA CYS H 153 65.85 -37.63 74.47
C CYS H 153 64.59 -36.75 74.55
N LEU H 154 64.52 -35.99 75.64
CA LEU H 154 63.49 -34.99 75.89
C LEU H 154 64.10 -33.61 75.72
N VAL H 155 63.44 -32.75 74.95
CA VAL H 155 63.86 -31.36 74.84
C VAL H 155 62.86 -30.47 75.58
N LYS H 156 63.36 -29.47 76.29
CA LYS H 156 62.48 -28.57 77.03
C LYS H 156 62.81 -27.12 76.71
N ASP H 157 61.90 -26.25 77.17
CA ASP H 157 61.92 -24.79 76.96
C ASP H 157 62.43 -24.43 75.56
N TYR H 158 61.76 -24.98 74.55
CA TYR H 158 62.09 -24.67 73.17
C TYR H 158 60.92 -23.87 72.61
N PHE H 159 60.96 -22.55 72.81
CA PHE H 159 59.87 -21.69 72.34
C PHE H 159 59.72 -21.66 70.83
N PRO H 160 60.78 -21.47 70.01
CA PRO H 160 60.55 -21.19 68.58
C PRO H 160 59.93 -22.35 67.82
N GLU H 161 59.71 -22.12 66.51
CA GLU H 161 59.07 -23.05 65.58
C GLU H 161 59.70 -24.44 65.67
N PRO H 162 58.97 -25.50 65.32
CA PRO H 162 59.40 -26.85 65.69
C PRO H 162 60.79 -27.20 65.15
N VAL H 163 61.52 -27.97 65.95
CA VAL H 163 62.90 -28.36 65.67
C VAL H 163 62.93 -29.81 65.23
N THR H 164 63.88 -30.13 64.36
CA THR H 164 64.10 -31.49 63.91
C THR H 164 65.25 -32.15 64.68
N VAL H 165 65.20 -33.47 64.73
CA VAL H 165 66.12 -34.27 65.53
C VAL H 165 66.67 -35.39 64.67
N SER H 166 67.87 -35.86 65.01
CA SER H 166 68.49 -36.95 64.28
C SER H 166 69.46 -37.67 65.22
N TRP H 167 69.93 -38.84 64.77
CA TRP H 167 70.88 -39.63 65.54
C TRP H 167 71.93 -40.19 64.60
N ASN H 168 73.20 -40.11 65.01
CA ASN H 168 74.32 -40.64 64.25
C ASN H 168 74.33 -40.08 62.83
N SER H 169 74.17 -38.77 62.73
CA SER H 169 74.13 -38.03 61.46
C SER H 169 73.08 -38.60 60.52
N GLY H 170 71.98 -39.12 61.07
CA GLY H 170 70.91 -39.67 60.25
C GLY H 170 71.30 -40.89 59.45
N ALA H 171 72.18 -41.74 59.99
CA ALA H 171 72.61 -42.93 59.29
C ALA H 171 71.72 -44.14 59.54
N LEU H 172 70.79 -44.05 60.48
CA LEU H 172 69.89 -45.15 60.78
C LEU H 172 68.55 -44.59 61.27
N THR H 173 67.49 -45.36 61.09
CA THR H 173 66.18 -44.96 61.55
C THR H 173 65.59 -45.92 62.57
N SER H 174 65.67 -47.23 62.34
CA SER H 174 65.14 -48.25 63.26
C SER H 174 63.71 -47.92 63.71
N GLY H 175 62.93 -47.29 62.84
CA GLY H 175 61.60 -46.87 63.20
C GLY H 175 61.58 -45.65 64.10
N VAL H 176 62.01 -44.51 63.59
CA VAL H 176 62.03 -43.27 64.37
C VAL H 176 60.60 -42.85 64.69
N HIS H 177 60.34 -42.54 65.95
CA HIS H 177 59.07 -41.99 66.39
C HIS H 177 59.20 -40.47 66.43
N THR H 178 58.38 -39.78 65.62
CA THR H 178 58.53 -38.34 65.48
C THR H 178 58.24 -37.61 66.79
N PHE H 179 57.18 -38.00 67.50
CA PHE H 179 56.76 -37.34 68.73
C PHE H 179 56.60 -35.84 68.52
N PRO H 180 55.55 -35.39 67.84
CA PRO H 180 55.39 -33.94 67.61
C PRO H 180 55.31 -33.18 68.92
N ALA H 181 55.85 -31.97 68.90
CA ALA H 181 55.95 -31.16 70.11
C ALA H 181 54.58 -30.76 70.62
N VAL H 182 54.53 -30.45 71.91
CA VAL H 182 53.31 -30.03 72.58
C VAL H 182 53.59 -28.72 73.29
N LEU H 183 52.54 -27.90 73.42
CA LEU H 183 52.61 -26.62 74.10
C LEU H 183 52.18 -26.78 75.55
N GLN H 184 53.00 -26.25 76.46
CA GLN H 184 52.68 -26.22 77.89
C GLN H 184 52.63 -24.76 78.36
N SER H 185 52.56 -24.59 79.67
CA SER H 185 52.44 -23.27 80.27
C SER H 185 53.67 -22.42 79.94
N SER H 186 53.47 -21.10 80.00
CA SER H 186 54.48 -20.09 79.71
C SER H 186 55.05 -20.20 78.30
N GLY H 187 54.29 -20.80 77.39
CA GLY H 187 54.68 -20.86 75.99
C GLY H 187 55.93 -21.68 75.73
N LEU H 188 55.86 -22.99 75.97
CA LEU H 188 56.99 -23.89 75.75
C LEU H 188 56.55 -25.04 74.87
N TYR H 189 57.34 -25.32 73.82
CA TYR H 189 57.16 -26.48 72.98
C TYR H 189 58.15 -27.56 73.41
N SER H 190 57.65 -28.76 73.65
CA SER H 190 58.51 -29.85 74.10
C SER H 190 58.17 -31.14 73.37
N LEU H 191 59.20 -31.95 73.10
CA LEU H 191 59.02 -33.24 72.45
C LEU H 191 60.08 -34.20 72.97
N SER H 192 59.72 -35.49 72.96
CA SER H 192 60.58 -36.58 73.44
C SER H 192 60.76 -37.58 72.31
N SER H 193 61.83 -37.40 71.54
CA SER H 193 62.04 -38.26 70.38
C SER H 193 62.86 -39.48 70.80
N VAL H 194 62.30 -40.67 70.58
CA VAL H 194 62.88 -41.93 71.03
C VAL H 194 62.93 -42.90 69.87
N VAL H 195 64.06 -43.58 69.71
CA VAL H 195 64.25 -44.63 68.72
C VAL H 195 64.39 -45.95 69.46
N THR H 196 63.66 -46.97 69.00
CA THR H 196 63.68 -48.28 69.63
C THR H 196 64.95 -49.03 69.19
N VAL H 197 65.94 -49.06 70.07
CA VAL H 197 67.19 -49.79 69.84
C VAL H 197 67.44 -50.70 71.03
N PRO H 198 67.82 -51.96 70.83
CA PRO H 198 68.07 -52.84 71.97
C PRO H 198 69.16 -52.29 72.88
N SER H 199 68.96 -52.46 74.19
CA SER H 199 69.90 -51.92 75.16
C SER H 199 71.25 -52.64 75.12
N SER H 200 71.27 -53.89 74.67
CA SER H 200 72.52 -54.64 74.62
C SER H 200 73.28 -54.37 73.33
N SER H 201 73.43 -53.09 72.99
CA SER H 201 74.22 -52.69 71.83
C SER H 201 75.16 -51.53 72.10
N LEU H 202 75.01 -50.82 73.22
CA LEU H 202 75.89 -49.70 73.54
C LEU H 202 77.18 -50.21 74.15
N GLY H 203 78.31 -49.70 73.66
CA GLY H 203 79.61 -50.14 74.11
C GLY H 203 80.56 -50.39 72.96
N THR H 204 80.01 -50.79 71.81
CA THR H 204 80.79 -50.98 70.60
C THR H 204 80.67 -49.83 69.63
N GLN H 205 79.56 -49.09 69.66
CA GLN H 205 79.35 -47.93 68.82
C GLN H 205 78.80 -46.79 69.66
N THR H 206 79.20 -45.57 69.33
CA THR H 206 78.78 -44.39 70.07
C THR H 206 77.41 -43.92 69.60
N TYR H 207 76.59 -43.49 70.54
CA TYR H 207 75.24 -43.00 70.26
C TYR H 207 75.24 -41.48 70.49
N ILE H 208 74.97 -40.73 69.44
CA ILE H 208 74.99 -39.27 69.48
C ILE H 208 73.64 -38.76 69.00
N CYS H 209 73.05 -37.83 69.76
CA CYS H 209 71.81 -37.19 69.37
C CYS H 209 72.08 -35.78 68.90
N ASN H 210 71.41 -35.36 67.82
CA ASN H 210 71.62 -34.06 67.19
C ASN H 210 70.29 -33.33 67.15
N VAL H 211 70.20 -32.20 67.84
CA VAL H 211 69.01 -31.35 67.79
C VAL H 211 69.32 -30.25 66.78
N ASN H 212 68.87 -30.45 65.54
CA ASN H 212 69.21 -29.53 64.45
C ASN H 212 68.31 -28.32 64.56
N HIS H 213 68.78 -27.28 65.25
CA HIS H 213 68.00 -26.09 65.55
C HIS H 213 68.29 -25.04 64.49
N LYS H 214 67.35 -24.84 63.57
CA LYS H 214 67.49 -23.92 62.44
C LYS H 214 67.22 -22.46 62.79
N PRO H 215 66.12 -22.12 63.53
CA PRO H 215 65.77 -20.70 63.72
C PRO H 215 66.90 -19.80 64.20
N SER H 216 67.49 -20.11 65.36
CA SER H 216 68.59 -19.32 65.88
C SER H 216 69.95 -19.97 65.66
N ASN H 217 69.98 -21.08 64.90
CA ASN H 217 71.23 -21.75 64.53
C ASN H 217 72.04 -22.17 65.74
N THR H 218 71.35 -22.65 66.78
CA THR H 218 72.01 -23.19 67.96
C THR H 218 72.01 -24.71 67.86
N LYS H 219 72.90 -25.22 67.01
CA LYS H 219 73.04 -26.66 66.84
C LYS H 219 73.71 -27.26 68.07
N VAL H 220 73.10 -28.31 68.62
CA VAL H 220 73.59 -28.96 69.83
C VAL H 220 73.59 -30.47 69.61
N ASP H 221 74.64 -31.11 70.11
CA ASP H 221 74.79 -32.55 70.12
C ASP H 221 74.92 -33.03 71.55
N LYS H 222 74.35 -34.19 71.84
CA LYS H 222 74.37 -34.74 73.19
C LYS H 222 74.77 -36.20 73.17
N ARG H 223 75.48 -36.59 74.23
CA ARG H 223 75.96 -37.96 74.43
C ARG H 223 75.11 -38.63 75.51
N VAL H 224 74.66 -39.84 75.23
CA VAL H 224 73.78 -40.60 76.12
C VAL H 224 74.62 -41.61 76.88
N GLU H 225 74.52 -41.57 78.22
CA GLU H 225 75.22 -42.54 79.05
C GLU H 225 74.28 -43.65 79.49
N PRO H 226 74.74 -44.90 79.51
CA PRO H 226 73.85 -46.02 79.87
C PRO H 226 73.53 -46.09 81.36
N LYS H 227 74.08 -45.19 82.18
CA LYS H 227 73.83 -45.16 83.62
C LYS H 227 74.20 -46.48 84.28
N GLU I 1 27.99 -19.40 59.11
CA GLU I 1 26.70 -19.63 59.75
C GLU I 1 26.37 -21.12 59.73
N ILE I 2 26.52 -21.73 58.55
CA ILE I 2 26.26 -23.16 58.40
C ILE I 2 27.27 -23.96 59.20
N VAL I 3 26.80 -25.04 59.84
CA VAL I 3 27.66 -25.99 60.53
C VAL I 3 27.61 -27.31 59.77
N MET I 4 28.78 -27.90 59.54
CA MET I 4 28.89 -29.23 58.93
C MET I 4 29.40 -30.19 60.01
N THR I 5 28.48 -30.96 60.59
CA THR I 5 28.86 -31.98 61.56
C THR I 5 29.12 -33.31 60.85
N GLN I 6 30.31 -33.87 61.04
CA GLN I 6 30.70 -35.11 60.39
C GLN I 6 30.56 -36.27 61.38
N SER I 7 29.94 -37.36 60.92
CA SER I 7 29.73 -38.55 61.74
C SER I 7 30.17 -39.79 60.98
N PRO I 8 30.80 -40.74 61.67
CA PRO I 8 31.21 -40.71 63.09
C PRO I 8 32.45 -39.86 63.31
N GLY I 9 32.78 -39.53 64.56
CA GLY I 9 33.96 -38.73 64.82
C GLY I 9 35.25 -39.45 64.48
N THR I 10 35.33 -40.75 64.79
CA THR I 10 36.49 -41.57 64.47
C THR I 10 36.01 -42.95 64.08
N LEU I 11 36.36 -43.38 62.87
CA LEU I 11 35.95 -44.67 62.34
C LEU I 11 37.17 -45.57 62.20
N SER I 12 37.10 -46.75 62.81
CA SER I 12 38.16 -47.75 62.72
C SER I 12 37.72 -48.86 61.79
N LEU I 13 38.64 -49.32 60.93
CA LEU I 13 38.29 -50.25 59.88
C LEU I 13 39.50 -51.06 59.48
N SER I 14 39.24 -52.28 59.01
CA SER I 14 40.30 -53.15 58.53
C SER I 14 40.83 -52.64 57.19
N PRO I 15 42.04 -53.05 56.80
CA PRO I 15 42.62 -52.53 55.55
C PRO I 15 41.85 -52.90 54.29
N GLY I 16 40.85 -53.77 54.36
CA GLY I 16 40.12 -54.17 53.17
C GLY I 16 38.63 -53.87 53.20
N GLU I 17 38.04 -53.85 54.38
CA GLU I 17 36.60 -53.64 54.49
C GLU I 17 36.24 -52.18 54.24
N ARG I 18 35.09 -51.97 53.59
CA ARG I 18 34.63 -50.65 53.23
C ARG I 18 33.80 -50.02 54.34
N ALA I 19 33.45 -48.75 54.15
CA ALA I 19 32.63 -48.00 55.09
C ALA I 19 32.06 -46.78 54.38
N THR I 20 31.30 -45.98 55.12
CA THR I 20 30.70 -44.74 54.62
C THR I 20 30.91 -43.62 55.63
N LEU I 21 30.96 -42.39 55.13
CA LEU I 21 31.10 -41.21 55.98
C LEU I 21 29.90 -40.30 55.77
N SER I 22 29.24 -39.91 56.86
CA SER I 22 28.03 -39.10 56.77
C SER I 22 28.32 -37.69 57.27
N CYS I 23 27.66 -36.71 56.66
CA CYS I 23 27.78 -35.32 57.08
C CYS I 23 26.39 -34.70 57.14
N ARG I 24 26.15 -33.92 58.18
CA ARG I 24 24.90 -33.20 58.38
C ARG I 24 25.15 -31.72 58.27
N ALA I 25 24.36 -31.05 57.44
CA ALA I 25 24.42 -29.60 57.26
C ALA I 25 23.26 -28.95 58.02
N SER I 26 23.57 -27.84 58.70
CA SER I 26 22.55 -27.16 59.50
C SER I 26 21.41 -26.66 58.61
N GLN I 27 21.74 -26.08 57.46
CA GLN I 27 20.75 -25.48 56.57
C GLN I 27 20.96 -26.06 55.18
N SER I 28 20.05 -26.96 54.78
CA SER I 28 20.23 -27.75 53.56
C SER I 28 19.60 -27.04 52.36
N ASP I 29 20.26 -25.97 51.92
CA ASP I 29 19.92 -25.29 50.68
C ASP I 29 21.11 -25.23 49.73
N SER I 30 22.05 -26.17 49.85
CA SER I 30 23.22 -26.19 48.98
C SER I 30 22.88 -26.58 47.54
N SER I 31 21.75 -27.26 47.34
CA SER I 31 21.36 -27.79 46.02
C SER I 31 22.49 -28.60 45.40
N ASN I 32 23.01 -29.54 46.18
CA ASN I 32 24.05 -30.49 45.76
C ASN I 32 25.37 -29.80 45.45
N SER I 33 25.68 -28.70 46.12
CA SER I 33 26.99 -28.06 46.05
C SER I 33 27.79 -28.51 47.25
N LEU I 34 28.70 -29.45 47.04
CA LEU I 34 29.49 -30.01 48.13
C LEU I 34 30.82 -30.48 47.58
N ALA I 35 31.83 -30.50 48.44
CA ALA I 35 33.13 -31.00 48.03
C ALA I 35 33.72 -31.86 49.14
N TRP I 36 34.55 -32.82 48.74
CA TRP I 36 35.21 -33.71 49.70
C TRP I 36 36.72 -33.67 49.52
N TYR I 37 37.43 -33.85 50.63
CA TYR I 37 38.88 -33.72 50.66
C TYR I 37 39.46 -34.80 51.58
N GLN I 38 40.70 -35.20 51.27
CA GLN I 38 41.45 -36.17 52.07
C GLN I 38 42.83 -35.57 52.32
N GLN I 39 43.15 -35.31 53.58
CA GLN I 39 44.41 -34.66 53.93
C GLN I 39 45.22 -35.53 54.87
N GLU I 40 46.42 -35.91 54.42
CA GLU I 40 47.39 -36.51 55.32
C GLU I 40 47.88 -35.47 56.33
N PRO I 41 48.29 -35.90 57.52
CA PRO I 41 48.71 -34.93 58.55
C PRO I 41 49.90 -34.07 58.16
N GLY I 42 50.71 -34.50 57.20
CA GLY I 42 51.93 -33.77 56.88
C GLY I 42 51.97 -33.10 55.52
N GLN I 43 50.83 -32.96 54.86
CA GLN I 43 50.80 -32.34 53.55
C GLN I 43 49.39 -31.84 53.26
N ALA I 44 49.29 -30.99 52.22
CA ALA I 44 48.10 -30.18 52.00
C ALA I 44 46.89 -31.04 51.61
N PRO I 45 45.67 -30.55 51.87
CA PRO I 45 44.48 -31.32 51.47
C PRO I 45 44.40 -31.52 49.96
N ARG I 46 43.99 -32.71 49.55
CA ARG I 46 43.80 -33.07 48.16
C ARG I 46 42.31 -33.20 47.84
N LEU I 47 41.93 -32.71 46.66
CA LEU I 47 40.53 -32.75 46.26
C LEU I 47 40.13 -34.17 45.86
N LEU I 48 38.92 -34.57 46.27
CA LEU I 48 38.39 -35.89 45.93
C LEU I 48 37.15 -35.82 45.05
N ILE I 49 36.09 -35.16 45.49
CA ILE I 49 34.81 -35.20 44.79
C ILE I 49 34.20 -33.80 44.77
N HIS I 50 33.67 -33.44 43.60
CA HIS I 50 33.02 -32.16 43.33
C HIS I 50 31.54 -32.40 43.07
N ASP I 51 30.72 -31.47 43.53
CA ASP I 51 29.25 -31.52 43.40
C ASP I 51 28.65 -32.73 44.10
N ALA I 52 29.43 -33.39 44.96
CA ALA I 52 29.05 -34.56 45.75
C ALA I 52 28.70 -35.78 44.91
N SER I 53 28.79 -35.69 43.57
CA SER I 53 28.49 -36.81 42.69
C SER I 53 29.65 -37.20 41.80
N SER I 54 30.27 -36.23 41.13
CA SER I 54 31.32 -36.51 40.16
C SER I 54 32.70 -36.48 40.81
N ARG I 55 33.66 -37.12 40.14
CA ARG I 55 35.03 -37.22 40.60
C ARG I 55 35.95 -36.43 39.67
N ALA I 56 37.00 -35.86 40.24
CA ALA I 56 37.94 -35.05 39.49
C ALA I 56 39.01 -35.93 38.86
N THR I 57 40.00 -35.31 38.21
CA THR I 57 41.04 -36.04 37.53
C THR I 57 42.06 -36.59 38.52
N GLY I 58 42.43 -37.86 38.34
CA GLY I 58 43.39 -38.52 39.20
C GLY I 58 42.79 -39.25 40.38
N ILE I 59 41.50 -39.07 40.65
CA ILE I 59 40.85 -39.76 41.75
C ILE I 59 40.49 -41.17 41.30
N PRO I 60 40.85 -42.20 42.06
CA PRO I 60 40.53 -43.57 41.65
C PRO I 60 39.02 -43.82 41.68
N ASP I 61 38.60 -44.82 40.90
CA ASP I 61 37.20 -45.15 40.79
C ASP I 61 36.59 -45.61 42.11
N ARG I 62 37.43 -45.97 43.08
CA ARG I 62 36.93 -46.38 44.39
C ARG I 62 36.16 -45.26 45.09
N PHE I 63 36.68 -44.04 45.02
CA PHE I 63 36.01 -42.90 45.66
C PHE I 63 34.78 -42.52 44.85
N SER I 64 33.60 -42.88 45.36
CA SER I 64 32.34 -42.60 44.67
C SER I 64 31.22 -42.60 45.70
N GLY I 65 30.60 -41.45 45.90
CA GLY I 65 29.48 -41.35 46.82
C GLY I 65 28.45 -40.36 46.30
N SER I 66 27.25 -40.44 46.87
CA SER I 66 26.16 -39.56 46.50
C SER I 66 25.28 -39.29 47.72
N GLY I 67 24.71 -38.09 47.75
CA GLY I 67 23.86 -37.71 48.86
C GLY I 67 22.94 -36.57 48.47
N SER I 68 21.80 -36.50 49.14
CA SER I 68 20.82 -35.44 48.91
C SER I 68 20.21 -35.03 50.24
N GLY I 69 19.73 -33.79 50.29
CA GLY I 69 19.16 -33.28 51.52
C GLY I 69 20.25 -32.96 52.54
N THR I 70 19.82 -32.85 53.80
CA THR I 70 20.76 -32.53 54.87
C THR I 70 21.77 -33.66 55.09
N ASP I 71 21.39 -34.89 54.78
CA ASP I 71 22.27 -36.05 54.97
C ASP I 71 23.07 -36.26 53.71
N PHE I 72 24.35 -35.86 53.73
CA PHE I 72 25.24 -36.10 52.61
C PHE I 72 26.20 -37.23 52.97
N THR I 73 26.14 -38.33 52.23
CA THR I 73 26.92 -39.52 52.53
C THR I 73 27.89 -39.78 51.39
N LEU I 74 29.15 -40.03 51.74
CA LEU I 74 30.18 -40.38 50.77
C LEU I 74 30.66 -41.80 51.05
N ILE I 75 30.66 -42.62 50.01
CA ILE I 75 30.97 -44.04 50.10
C ILE I 75 32.33 -44.29 49.47
N ILE I 76 33.04 -45.27 50.01
CA ILE I 76 34.34 -45.69 49.50
C ILE I 76 34.28 -47.19 49.27
N SER I 77 34.54 -47.63 48.03
CA SER I 77 34.21 -49.00 47.64
C SER I 77 35.08 -50.02 48.36
N ARG I 78 36.41 -49.82 48.35
CA ARG I 78 37.34 -50.73 48.99
C ARG I 78 38.36 -49.90 49.75
N LEU I 79 39.30 -50.58 50.42
CA LEU I 79 40.28 -49.88 51.24
C LEU I 79 41.70 -50.35 50.91
N GLU I 80 42.62 -49.42 51.07
CA GLU I 80 44.06 -49.60 50.86
C GLU I 80 44.75 -48.89 52.01
N PRO I 81 46.00 -49.26 52.32
CA PRO I 81 46.75 -48.52 53.34
C PRO I 81 47.15 -47.11 52.94
N GLU I 82 46.16 -46.25 52.66
CA GLU I 82 46.37 -44.84 52.44
C GLU I 82 45.37 -43.97 53.19
N ASP I 83 44.30 -44.54 53.74
CA ASP I 83 43.23 -43.83 54.43
C ASP I 83 43.63 -43.31 55.80
N PHE I 84 44.91 -43.36 56.18
CA PHE I 84 45.38 -42.75 57.42
C PHE I 84 45.48 -41.23 57.20
N ALA I 85 44.32 -40.61 57.08
CA ALA I 85 44.21 -39.19 56.81
C ALA I 85 42.90 -38.69 57.40
N VAL I 86 42.65 -37.39 57.24
CA VAL I 86 41.45 -36.76 57.75
C VAL I 86 40.59 -36.35 56.56
N TYR I 87 39.32 -36.77 56.58
CA TYR I 87 38.37 -36.43 55.52
C TYR I 87 37.63 -35.17 55.91
N TYR I 88 37.63 -34.18 55.01
CA TYR I 88 36.99 -32.90 55.24
C TYR I 88 35.93 -32.63 54.18
N CYS I 89 34.77 -32.16 54.63
CA CYS I 89 33.71 -31.71 53.73
C CYS I 89 33.77 -30.20 53.58
N GLN I 90 33.21 -29.71 52.48
CA GLN I 90 33.28 -28.28 52.17
C GLN I 90 32.00 -27.82 51.50
N LEU I 91 31.31 -26.90 52.18
CA LEU I 91 30.32 -26.00 51.59
C LEU I 91 31.02 -24.68 51.25
N TYR I 92 30.27 -23.78 50.61
CA TYR I 92 30.87 -22.52 50.19
C TYR I 92 31.33 -21.68 51.38
N GLY I 93 30.61 -21.74 52.50
CA GLY I 93 30.94 -20.89 53.63
C GLY I 93 31.14 -21.61 54.94
N SER I 94 31.49 -22.90 54.89
CA SER I 94 31.66 -23.68 56.11
C SER I 94 32.56 -24.87 55.81
N PHE I 95 32.97 -25.55 56.88
CA PHE I 95 33.82 -26.73 56.79
C PHE I 95 33.42 -27.71 57.88
N GLY I 96 33.89 -28.95 57.74
CA GLY I 96 33.66 -29.97 58.73
C GLY I 96 34.83 -30.09 59.70
N GLN I 97 34.54 -30.65 60.88
CA GLN I 97 35.58 -30.84 61.88
C GLN I 97 36.62 -31.86 61.41
N GLY I 98 36.20 -32.84 60.65
CA GLY I 98 37.11 -33.84 60.11
C GLY I 98 36.93 -35.19 60.79
N THR I 99 37.04 -36.25 60.00
CA THR I 99 36.92 -37.62 60.49
C THR I 99 38.18 -38.39 60.11
N ARG I 100 38.79 -39.06 61.08
CA ARG I 100 40.01 -39.82 60.87
C ARG I 100 39.68 -41.30 60.72
N LEU I 101 40.34 -41.94 59.76
CA LEU I 101 40.18 -43.36 59.51
C LEU I 101 41.42 -44.09 59.99
N GLU I 102 41.22 -45.11 60.84
CA GLU I 102 42.31 -45.84 61.46
C GLU I 102 42.24 -47.31 61.08
N ILE I 103 43.41 -47.90 60.81
CA ILE I 103 43.50 -49.31 60.49
C ILE I 103 43.40 -50.12 61.77
N LYS I 104 42.50 -51.10 61.79
CA LYS I 104 42.26 -51.88 62.98
C LYS I 104 43.41 -52.87 63.24
N ARG I 105 43.55 -53.25 64.50
CA ARG I 105 44.55 -54.21 64.92
C ARG I 105 44.11 -54.81 66.25
N THR I 106 44.70 -55.95 66.60
CA THR I 106 44.39 -56.59 67.86
C THR I 106 44.87 -55.73 69.03
N VAL I 107 44.20 -55.88 70.17
CA VAL I 107 44.53 -55.07 71.34
C VAL I 107 45.96 -55.36 71.79
N ALA I 108 46.68 -54.31 72.14
CA ALA I 108 48.08 -54.40 72.54
C ALA I 108 48.24 -53.89 73.98
N ALA I 109 49.04 -54.59 74.75
CA ALA I 109 49.30 -54.18 76.13
C ALA I 109 50.33 -53.06 76.14
N PRO I 110 50.00 -51.88 76.65
CA PRO I 110 50.98 -50.79 76.70
C PRO I 110 52.10 -51.09 77.67
N SER I 111 53.28 -50.53 77.38
CA SER I 111 54.43 -50.64 78.26
C SER I 111 54.85 -49.23 78.64
N VAL I 112 54.81 -48.92 79.94
CA VAL I 112 55.01 -47.56 80.43
C VAL I 112 56.33 -47.48 81.19
N PHE I 113 57.15 -46.50 80.82
CA PHE I 113 58.41 -46.22 81.50
C PHE I 113 58.37 -44.83 82.12
N ILE I 114 58.88 -44.71 83.33
CA ILE I 114 58.95 -43.44 84.05
C ILE I 114 60.41 -43.00 84.11
N PHE I 115 60.68 -41.79 83.63
CA PHE I 115 62.00 -41.19 83.68
C PHE I 115 61.97 -39.97 84.61
N PRO I 116 62.81 -39.96 85.64
CA PRO I 116 62.87 -38.81 86.55
C PRO I 116 63.77 -37.73 86.00
N PRO I 117 63.74 -36.53 86.58
CA PRO I 117 64.66 -35.47 86.16
C PRO I 117 66.12 -35.82 86.46
N SER I 118 67.01 -35.33 85.60
CA SER I 118 68.44 -35.56 85.75
C SER I 118 69.04 -34.51 86.68
N ASP I 119 70.37 -34.59 86.90
CA ASP I 119 71.05 -33.60 87.73
C ASP I 119 71.15 -32.25 87.01
N GLU I 120 71.40 -32.27 85.70
CA GLU I 120 71.37 -31.06 84.91
C GLU I 120 70.00 -30.40 84.99
N GLN I 121 68.95 -31.22 84.95
CA GLN I 121 67.60 -30.74 85.22
C GLN I 121 67.44 -30.29 86.67
N LEU I 122 68.15 -30.95 87.59
CA LEU I 122 67.97 -30.64 89.01
C LEU I 122 68.49 -29.24 89.35
N LYS I 123 69.57 -28.82 88.70
CA LYS I 123 70.09 -27.49 89.03
C LYS I 123 69.38 -26.37 88.30
N SER I 124 68.58 -26.67 87.27
CA SER I 124 67.92 -25.61 86.51
C SER I 124 66.88 -24.87 87.34
N GLY I 125 66.10 -25.60 88.14
CA GLY I 125 65.06 -25.00 88.96
C GLY I 125 63.67 -25.53 88.68
N THR I 126 63.46 -26.31 87.62
CA THR I 126 62.17 -26.92 87.33
C THR I 126 62.37 -28.41 87.11
N ALA I 127 61.60 -29.23 87.81
CA ALA I 127 61.69 -30.68 87.70
C ALA I 127 60.55 -31.20 86.83
N SER I 128 60.90 -32.07 85.89
CA SER I 128 59.92 -32.72 85.02
C SER I 128 60.06 -34.22 85.17
N VAL I 129 58.94 -34.90 85.37
CA VAL I 129 58.86 -36.35 85.42
C VAL I 129 58.06 -36.81 84.21
N VAL I 130 58.62 -37.72 83.42
CA VAL I 130 58.02 -38.10 82.15
C VAL I 130 57.60 -39.57 82.19
N CYS I 131 56.39 -39.84 81.70
CA CYS I 131 55.85 -41.18 81.57
C CYS I 131 55.61 -41.46 80.10
N LEU I 132 56.10 -42.60 79.63
CA LEU I 132 56.09 -42.96 78.21
C LEU I 132 55.36 -44.29 78.05
N LEU I 133 54.15 -44.24 77.51
CA LEU I 133 53.43 -45.43 77.06
C LEU I 133 53.89 -45.77 75.65
N ASN I 134 54.37 -47.01 75.46
CA ASN I 134 54.93 -47.47 74.20
C ASN I 134 54.22 -48.74 73.77
N ASN I 135 54.01 -48.86 72.45
CA ASN I 135 53.42 -50.02 71.80
C ASN I 135 52.03 -50.34 72.38
N PHE I 136 51.12 -49.40 72.15
CA PHE I 136 49.79 -49.42 72.75
C PHE I 136 48.78 -49.23 71.63
N TYR I 137 47.73 -50.05 71.65
CA TYR I 137 46.59 -49.92 70.75
C TYR I 137 45.39 -50.56 71.42
N PRO I 138 44.16 -50.03 71.23
CA PRO I 138 43.75 -48.84 70.46
C PRO I 138 43.82 -47.52 71.23
N ARG I 139 43.55 -46.41 70.55
CA ARG I 139 43.81 -45.06 71.06
C ARG I 139 42.71 -44.63 72.02
N GLU I 140 42.78 -45.15 73.24
CA GLU I 140 41.91 -44.71 74.33
C GLU I 140 42.49 -45.21 75.66
N ALA I 141 42.88 -44.29 76.53
CA ALA I 141 43.40 -44.64 77.84
C ALA I 141 43.44 -43.38 78.71
N LYS I 142 43.75 -43.59 79.98
CA LYS I 142 43.95 -42.48 80.92
C LYS I 142 45.19 -42.75 81.77
N VAL I 143 45.96 -41.69 81.99
CA VAL I 143 47.19 -41.72 82.77
C VAL I 143 47.00 -40.83 83.99
N GLN I 144 47.45 -41.32 85.15
CA GLN I 144 47.26 -40.63 86.42
C GLN I 144 48.57 -40.60 87.20
N TRP I 145 48.79 -39.51 87.92
CA TRP I 145 49.98 -39.32 88.73
C TRP I 145 49.62 -39.41 90.20
N LYS I 146 50.45 -40.13 90.96
CA LYS I 146 50.30 -40.27 92.41
C LYS I 146 51.52 -39.63 93.05
N VAL I 147 51.33 -38.43 93.60
CA VAL I 147 52.39 -37.70 94.29
C VAL I 147 52.13 -37.78 95.78
N ASP I 148 53.11 -38.30 96.53
CA ASP I 148 52.98 -38.51 97.97
C ASP I 148 51.74 -39.35 98.30
N ASN I 149 51.52 -40.39 97.50
CA ASN I 149 50.37 -41.29 97.64
C ASN I 149 49.06 -40.52 97.59
N ALA I 150 49.01 -39.50 96.73
CA ALA I 150 47.81 -38.68 96.57
C ALA I 150 47.72 -38.22 95.12
N LEU I 151 46.58 -38.47 94.49
CA LEU I 151 46.39 -38.10 93.10
C LEU I 151 46.17 -36.60 92.96
N GLN I 152 46.54 -36.08 91.80
CA GLN I 152 46.33 -34.67 91.48
C GLN I 152 46.24 -34.51 89.97
N SER I 153 45.63 -33.42 89.54
CA SER I 153 45.47 -33.13 88.12
C SER I 153 45.53 -31.62 87.91
N GLY I 154 45.43 -31.22 86.65
CA GLY I 154 45.53 -29.82 86.30
C GLY I 154 46.94 -29.25 86.30
N ASN I 155 47.96 -30.11 86.38
CA ASN I 155 49.34 -29.66 86.44
C ASN I 155 50.27 -30.35 85.44
N SER I 156 49.87 -31.48 84.88
CA SER I 156 50.69 -32.24 83.93
C SER I 156 50.14 -32.07 82.52
N GLN I 157 50.98 -32.37 81.53
CA GLN I 157 50.60 -32.27 80.13
C GLN I 157 50.83 -33.60 79.43
N GLU I 158 49.87 -33.97 78.58
CA GLU I 158 49.90 -35.23 77.85
C GLU I 158 50.04 -34.96 76.36
N SER I 159 50.84 -35.78 75.69
CA SER I 159 51.07 -35.67 74.26
C SER I 159 50.92 -37.03 73.61
N VAL I 160 50.38 -37.02 72.39
CA VAL I 160 50.10 -38.22 71.63
C VAL I 160 50.80 -38.11 70.28
N THR I 161 51.06 -39.26 69.68
CA THR I 161 51.77 -39.33 68.41
C THR I 161 50.92 -40.06 67.37
N GLU I 162 51.12 -39.68 66.10
CA GLU I 162 50.43 -40.32 65.00
C GLU I 162 50.87 -41.78 64.88
N GLN I 163 49.91 -42.64 64.53
CA GLN I 163 50.19 -44.07 64.43
C GLN I 163 51.18 -44.35 63.31
N ASP I 164 52.11 -45.27 63.59
CA ASP I 164 53.14 -45.63 62.63
C ASP I 164 52.55 -46.46 61.49
N SER I 165 53.30 -46.55 60.39
CA SER I 165 52.87 -47.29 59.22
C SER I 165 53.50 -48.67 59.11
N LYS I 166 54.66 -48.89 59.73
CA LYS I 166 55.33 -50.18 59.60
C LYS I 166 54.63 -51.27 60.41
N ASP I 167 54.13 -50.92 61.59
CA ASP I 167 53.48 -51.91 62.46
C ASP I 167 52.17 -51.41 63.07
N SER I 168 51.70 -50.21 62.72
CA SER I 168 50.41 -49.69 63.17
C SER I 168 50.34 -49.61 64.70
N THR I 169 51.23 -48.79 65.26
CA THR I 169 51.23 -48.54 66.70
C THR I 169 51.71 -47.12 66.94
N TYR I 170 51.37 -46.60 68.11
CA TYR I 170 51.71 -45.23 68.46
C TYR I 170 52.44 -45.18 69.79
N SER I 171 52.63 -43.98 70.34
CA SER I 171 53.18 -43.82 71.67
C SER I 171 52.63 -42.54 72.28
N LEU I 172 52.61 -42.49 73.61
CA LEU I 172 52.13 -41.32 74.33
C LEU I 172 53.15 -40.91 75.38
N SER I 173 53.46 -39.62 75.45
CA SER I 173 54.43 -39.11 76.40
C SER I 173 53.79 -37.99 77.21
N SER I 174 53.89 -38.09 78.53
CA SER I 174 53.28 -37.11 79.42
C SER I 174 54.31 -36.61 80.41
N THR I 175 54.37 -35.29 80.57
CA THR I 175 55.36 -34.66 81.43
C THR I 175 54.67 -33.87 82.53
N LEU I 176 55.14 -34.04 83.76
CA LEU I 176 54.67 -33.28 84.91
C LEU I 176 55.80 -32.36 85.35
N THR I 177 55.52 -31.06 85.36
CA THR I 177 56.51 -30.03 85.69
C THR I 177 56.14 -29.35 87.00
N LEU I 178 57.14 -29.14 87.86
CA LEU I 178 56.91 -28.48 89.13
C LEU I 178 58.20 -27.82 89.60
N SER I 179 58.07 -26.96 90.60
CA SER I 179 59.24 -26.33 91.18
C SER I 179 60.00 -27.31 92.07
N LYS I 180 61.28 -27.03 92.29
CA LYS I 180 62.10 -27.90 93.13
C LYS I 180 61.65 -27.86 94.58
N ALA I 181 61.16 -26.71 95.06
CA ALA I 181 60.73 -26.60 96.45
C ALA I 181 59.57 -27.54 96.74
N ASP I 182 58.63 -27.66 95.81
CA ASP I 182 57.56 -28.63 95.96
C ASP I 182 58.05 -30.06 95.71
N TYR I 183 59.02 -30.21 94.80
CA TYR I 183 59.47 -31.56 94.43
C TYR I 183 60.18 -32.24 95.59
N GLU I 184 60.96 -31.47 96.38
CA GLU I 184 61.75 -32.07 97.44
C GLU I 184 60.89 -32.55 98.62
N LYS I 185 59.69 -31.99 98.79
CA LYS I 185 58.86 -32.39 99.92
C LYS I 185 58.44 -33.85 99.83
N HIS I 186 58.05 -34.29 98.63
CA HIS I 186 57.55 -35.64 98.42
C HIS I 186 58.68 -36.59 98.06
N LYS I 187 58.43 -37.88 98.27
CA LYS I 187 59.43 -38.92 98.06
C LYS I 187 58.99 -40.00 97.09
N VAL I 188 57.70 -40.30 97.00
CA VAL I 188 57.19 -41.36 96.14
C VAL I 188 56.41 -40.73 95.00
N TYR I 189 56.73 -41.14 93.76
CA TYR I 189 56.00 -40.67 92.59
C TYR I 189 55.61 -41.89 91.75
N ALA I 190 54.31 -42.06 91.54
CA ALA I 190 53.82 -43.25 90.86
C ALA I 190 53.00 -42.85 89.65
N CYS I 191 53.00 -43.73 88.65
CA CYS I 191 52.20 -43.56 87.44
C CYS I 191 51.23 -44.73 87.34
N GLU I 192 49.96 -44.41 87.18
CA GLU I 192 48.90 -45.40 86.99
C GLU I 192 48.36 -45.26 85.58
N VAL I 193 48.26 -46.36 84.86
CA VAL I 193 47.71 -46.37 83.52
C VAL I 193 46.50 -47.29 83.52
N THR I 194 45.38 -46.81 82.96
CA THR I 194 44.16 -47.59 82.84
C THR I 194 43.84 -47.82 81.37
N HIS I 195 43.43 -49.05 81.06
CA HIS I 195 43.11 -49.43 79.69
C HIS I 195 42.08 -50.55 79.71
N GLN I 196 41.08 -50.44 78.83
CA GLN I 196 40.03 -51.45 78.78
C GLN I 196 40.54 -52.80 78.30
N GLY I 197 41.65 -52.82 77.56
CA GLY I 197 42.25 -54.06 77.11
C GLY I 197 43.19 -54.71 78.10
N LEU I 198 43.34 -54.13 79.28
CA LEU I 198 44.21 -54.66 80.32
C LEU I 198 43.37 -55.34 81.39
N SER I 199 43.88 -56.47 81.90
CA SER I 199 43.17 -57.18 82.96
C SER I 199 43.05 -56.33 84.22
N SER I 200 44.14 -55.65 84.58
CA SER I 200 44.17 -54.76 85.74
C SER I 200 44.94 -53.51 85.39
N PRO I 201 44.57 -52.37 85.97
CA PRO I 201 45.35 -51.15 85.75
C PRO I 201 46.77 -51.33 86.24
N VAL I 202 47.72 -50.73 85.51
CA VAL I 202 49.14 -50.97 85.76
C VAL I 202 49.70 -49.80 86.56
N THR I 203 50.33 -50.11 87.69
CA THR I 203 50.94 -49.14 88.58
C THR I 203 52.46 -49.28 88.56
N LYS I 204 53.17 -48.15 88.54
CA LYS I 204 54.63 -48.16 88.61
C LYS I 204 55.09 -47.06 89.54
N SER I 205 55.78 -47.44 90.61
CA SER I 205 56.22 -46.51 91.64
C SER I 205 57.71 -46.20 91.49
N PHE I 206 58.09 -44.96 91.78
CA PHE I 206 59.47 -44.51 91.73
C PHE I 206 59.80 -43.80 93.03
N ASN I 207 61.02 -44.04 93.52
CA ASN I 207 61.53 -43.45 94.74
C ASN I 207 62.48 -42.31 94.40
N ARG I 208 62.31 -41.18 95.07
CA ARG I 208 63.11 -40.00 94.79
C ARG I 208 64.54 -40.21 95.30
N GLY I 209 65.47 -39.49 94.70
CA GLY I 209 66.87 -39.59 95.06
C GLY I 209 67.61 -40.75 94.44
N GLU I 210 66.97 -41.48 93.52
CA GLU I 210 67.57 -42.64 92.84
C GLU I 210 67.96 -43.66 93.92
N CYS I 211 69.23 -44.04 94.04
CA CYS I 211 69.63 -45.02 95.05
C CYS I 211 70.94 -44.61 95.70
C1 NAG J . 32.40 -11.31 30.25
C2 NAG J . 31.71 -11.30 28.89
C3 NAG J . 31.90 -12.64 28.18
C4 NAG J . 33.35 -13.12 28.16
C5 NAG J . 33.93 -13.03 29.57
C6 NAG J . 35.43 -13.22 29.66
C7 NAG J . 29.56 -10.31 28.16
C8 NAG J . 28.11 -10.12 28.58
N2 NAG J . 30.31 -10.99 29.05
O3 NAG J . 31.39 -12.51 26.87
O4 NAG J . 33.32 -14.45 27.69
O5 NAG J . 33.73 -11.72 30.08
O6 NAG J . 36.01 -11.95 29.87
O7 NAG J . 29.97 -9.87 27.10
C1 NAG J . 34.39 -14.73 26.75
C2 NAG J . 34.15 -16.09 26.09
C3 NAG J . 35.25 -16.41 25.08
C4 NAG J . 35.57 -15.25 24.14
C5 NAG J . 35.63 -13.93 24.93
C6 NAG J . 35.80 -12.70 24.06
C7 NAG J . 33.28 -18.25 26.89
C8 NAG J . 33.39 -19.30 27.97
N2 NAG J . 34.10 -17.20 27.02
O3 NAG J . 34.82 -17.56 24.39
O4 NAG J . 36.83 -15.50 23.55
O5 NAG J . 34.48 -13.77 25.73
O6 NAG J . 34.87 -12.73 23.00
O7 NAG J . 32.48 -18.37 25.97
C1 BMA J . 36.70 -16.30 22.34
C2 BMA J . 37.77 -15.84 21.36
C3 BMA J . 37.68 -16.66 20.06
C4 BMA J . 37.05 -18.05 20.20
C5 BMA J . 37.09 -18.62 21.62
C6 BMA J . 38.36 -19.42 21.92
O2 BMA J . 39.03 -15.96 22.00
O3 BMA J . 38.98 -16.70 19.52
O4 BMA J . 35.71 -17.92 19.75
O5 BMA J . 36.88 -17.67 22.65
O6 BMA J . 38.22 -19.96 23.22
C1 FUC J . 37.44 -12.03 29.77
C2 FUC J . 37.94 -10.63 29.37
C3 FUC J . 37.60 -9.65 30.47
C4 FUC J . 38.20 -10.11 31.80
C5 FUC J . 37.70 -11.54 32.08
C6 FUC J . 38.28 -12.15 33.33
O2 FUC J . 37.33 -10.30 28.15
O3 FUC J . 38.06 -8.38 30.07
O4 FUC J . 39.60 -10.05 31.70
O5 FUC J . 38.03 -12.38 30.99
C1 NAG K . -1.94 -34.64 5.38
C2 NAG K . -1.39 -33.64 6.41
C3 NAG K . 0.13 -33.59 6.31
C4 NAG K . 0.74 -34.97 6.47
C5 NAG K . 0.03 -35.99 5.55
C6 NAG K . 0.43 -37.41 5.83
C7 NAG K . -2.74 -31.71 7.12
C8 NAG K . -3.24 -30.35 6.70
N2 NAG K . -1.97 -32.33 6.21
O3 NAG K . 0.60 -32.69 7.28
O4 NAG K . 2.10 -34.84 6.13
O5 NAG K . -1.39 -35.91 5.67
O6 NAG K . 0.52 -37.61 7.22
O7 NAG K . -3.03 -32.19 8.20
C1 NAG K . 2.96 -35.34 7.19
C2 NAG K . 4.16 -36.01 6.52
C3 NAG K . 5.22 -36.41 7.54
C4 NAG K . 5.57 -35.22 8.42
C5 NAG K . 4.28 -34.69 9.06
C6 NAG K . 4.50 -33.53 10.01
C7 NAG K . 3.69 -37.22 4.42
C8 NAG K . 3.23 -38.54 3.85
N2 NAG K . 3.75 -37.17 5.76
O3 NAG K . 6.33 -36.89 6.84
O4 NAG K . 6.50 -35.68 9.38
O5 NAG K . 3.41 -34.29 8.03
O6 NAG K . 5.18 -33.95 11.15
O7 NAG K . 3.97 -36.27 3.69
C1 NAG L . 12.87 -23.49 -81.46
C2 NAG L . 13.27 -24.51 -82.54
C3 NAG L . 12.04 -25.33 -82.95
C4 NAG L . 11.40 -25.95 -81.72
C5 NAG L . 11.07 -24.85 -80.73
C6 NAG L . 10.43 -25.33 -79.45
C7 NAG L . 15.16 -24.05 -84.03
C8 NAG L . 15.59 -23.29 -85.26
N2 NAG L . 13.87 -23.88 -83.68
O3 NAG L . 12.46 -26.29 -83.88
O4 NAG L . 10.24 -26.64 -82.15
O5 NAG L . 12.26 -24.16 -80.39
O6 NAG L . 10.32 -24.28 -78.53
O7 NAG L . 15.94 -24.76 -83.40
C1 NAG L . 10.44 -28.06 -81.97
C2 NAG L . 9.09 -28.69 -81.61
C3 NAG L . 9.24 -30.21 -81.49
C4 NAG L . 9.90 -30.78 -82.75
C5 NAG L . 11.21 -30.04 -83.00
C6 NAG L . 11.95 -30.52 -84.23
C7 NAG L . 7.49 -27.33 -80.34
C8 NAG L . 7.12 -26.86 -78.96
N2 NAG L . 8.56 -28.13 -80.40
O3 NAG L . 7.97 -30.75 -81.26
O4 NAG L . 10.10 -32.16 -82.52
O5 NAG L . 10.94 -28.66 -83.14
O6 NAG L . 11.13 -30.39 -85.37
O7 NAG L . 6.85 -26.98 -81.33
C1 NAG M . -8.72 -22.49 -76.83
C2 NAG M . -9.27 -23.48 -77.85
C3 NAG M . -10.34 -24.33 -77.20
C4 NAG M . -9.81 -25.04 -75.96
C5 NAG M . -9.06 -24.04 -75.07
C6 NAG M . -8.32 -24.71 -73.93
C7 NAG M . -9.36 -23.09 -80.27
C8 NAG M . -10.06 -22.31 -81.36
N2 NAG M . -9.81 -22.85 -79.03
O3 NAG M . -10.81 -25.21 -78.18
O4 NAG M . -10.96 -25.55 -75.30
O5 NAG M . -8.14 -23.24 -75.79
O6 NAG M . -9.26 -25.27 -73.05
O7 NAG M . -8.46 -23.86 -80.53
C1 NAG M . -10.92 -26.99 -75.17
C2 NAG M . -12.14 -27.38 -74.32
C3 NAG M . -12.17 -28.90 -74.14
C4 NAG M . -12.16 -29.56 -75.52
C5 NAG M . -10.96 -29.05 -76.32
C6 NAG M . -10.89 -29.65 -77.71
C7 NAG M . -12.95 -25.66 -72.78
C8 NAG M . -12.80 -25.07 -71.40
N2 NAG M . -12.14 -26.70 -73.06
O3 NAG M . -13.33 -29.23 -73.43
O4 NAG M . -12.09 -30.95 -75.30
O5 NAG M . -11.01 -27.65 -76.42
O6 NAG M . -9.70 -29.24 -78.34
O7 NAG M . -13.75 -25.21 -73.58
C1 NAG N . 29.44 -19.28 -94.04
C2 NAG N . 29.75 -20.71 -94.47
C3 NAG N . 29.97 -20.78 -95.98
C4 NAG N . 28.79 -20.16 -96.72
C5 NAG N . 28.56 -18.74 -96.18
C6 NAG N . 27.40 -18.04 -96.83
C7 NAG N . 30.86 -22.05 -92.73
C8 NAG N . 32.21 -22.43 -92.15
N2 NAG N . 30.91 -21.21 -93.78
O3 NAG N . 30.15 -22.14 -96.33
O4 NAG N . 29.11 -20.14 -98.09
O5 NAG N . 28.34 -18.81 -94.79
O6 NAG N . 26.23 -18.79 -96.65
O7 NAG N . 29.82 -22.47 -92.25
C1 NAG N . 28.15 -20.95 -98.80
C2 NAG N . 28.34 -20.71 -100.30
C3 NAG N . 27.36 -21.58 -101.09
C4 NAG N . 27.51 -23.04 -100.68
C5 NAG N . 27.38 -23.15 -99.16
C6 NAG N . 27.55 -24.56 -98.64
C7 NAG N . 29.15 -18.46 -100.90
C8 NAG N . 28.73 -17.05 -101.20
N2 NAG N . 28.15 -19.31 -100.63
O3 NAG N . 27.62 -21.39 -102.46
O4 NAG N . 26.52 -23.77 -101.35
O5 NAG N . 28.33 -22.32 -98.54
O6 NAG N . 28.81 -25.07 -99.01
O7 NAG N . 30.34 -18.79 -100.89
C1 NAG O . 43.75 -4.50 -94.88
C2 NAG O . 45.03 -5.22 -94.45
C3 NAG O . 46.18 -4.21 -94.38
C4 NAG O . 46.33 -3.45 -95.68
C5 NAG O . 44.99 -2.84 -96.07
C6 NAG O . 45.00 -2.16 -97.43
C7 NAG O . 45.35 -7.09 -92.87
C8 NAG O . 45.14 -7.52 -91.44
N2 NAG O . 44.94 -5.83 -93.15
O3 NAG O . 47.34 -4.92 -94.02
O4 NAG O . 47.29 -2.43 -95.47
O5 NAG O . 44.02 -3.87 -96.11
O6 NAG O . 43.68 -1.98 -97.88
O7 NAG O . 45.85 -7.83 -93.70
C1 NAG O . 48.53 -2.77 -96.13
C2 NAG O . 49.22 -1.47 -96.55
C3 NAG O . 50.62 -1.76 -97.11
C4 NAG O . 51.41 -2.64 -96.15
C5 NAG O . 50.60 -3.89 -95.84
C6 NAG O . 51.28 -4.86 -94.90
C7 NAG O . 47.95 0.48 -97.36
C8 NAG O . 47.15 1.01 -98.52
N2 NAG O . 48.44 -0.76 -97.52
O3 NAG O . 51.25 -0.53 -97.34
O4 NAG O . 52.64 -2.94 -96.77
O5 NAG O . 49.37 -3.50 -95.26
O6 NAG O . 51.47 -4.25 -93.64
O7 NAG O . 48.13 1.14 -96.35
C1 NAG P . -31.44 -18.61 16.99
C2 NAG P . -31.75 -18.19 15.54
C3 NAG P . -33.09 -17.48 15.46
C4 NAG P . -34.16 -18.23 16.25
C5 NAG P . -33.70 -18.32 17.69
C6 NAG P . -34.73 -18.95 18.58
C7 NAG P . -30.38 -17.28 13.71
C8 NAG P . -29.08 -16.61 13.39
N2 NAG P . -30.70 -17.36 15.01
O3 NAG P . -33.48 -17.33 14.10
O4 NAG P . -35.42 -17.56 16.19
O5 NAG P . -32.52 -19.14 17.73
O6 NAG P . -35.25 -20.16 17.99
O7 NAG P . -31.12 -17.73 12.84
C1 NAG P . -36.46 -18.19 15.52
C2 NAG P . -37.76 -17.55 16.04
C3 NAG P . -38.95 -17.99 15.20
C4 NAG P . -38.66 -17.88 13.71
C5 NAG P . -37.41 -18.70 13.40
C6 NAG P . -37.04 -18.68 11.93
C7 NAG P . -37.95 -17.02 18.42
C8 NAG P . -38.00 -17.59 19.81
N2 NAG P . -37.98 -17.90 17.42
O3 NAG P . -40.09 -17.22 15.57
O4 NAG P . -39.77 -18.40 12.97
O5 NAG P . -36.30 -18.12 14.12
O6 NAG P . -37.22 -17.38 11.39
O7 NAG P . -37.88 -15.81 18.21
C1 BMA P . -40.72 -17.53 12.41
C2 BMA P . -41.65 -18.24 11.45
C3 BMA P . -43.10 -18.09 11.87
C4 BMA P . -43.47 -16.62 12.01
C5 BMA P . -42.41 -15.88 12.83
C6 BMA P . -43.00 -15.11 13.99
O2 BMA P . -41.29 -19.62 11.34
O3 BMA P . -43.30 -18.76 13.11
O4 BMA P . -43.56 -16.00 10.73
O5 BMA P . -41.50 -16.84 13.39
O6 BMA P . -43.18 -15.94 15.14
C1 FUC P . -35.96 -21.04 18.83
C2 FUC P . -36.76 -21.92 17.93
C3 FUC P . -35.86 -22.70 17.00
C4 FUC P . -34.77 -23.44 17.77
C5 FUC P . -34.05 -22.48 18.70
C6 FUC P . -33.05 -23.16 19.61
O2 FUC P . -37.70 -21.15 17.19
O3 FUC P . -36.63 -23.63 16.24
O4 FUC P . -35.33 -24.52 18.52
O5 FUC P . -35.02 -21.83 19.56
C1 NAG Q . -39.41 14.73 -2.09
C2 NAG Q . -38.94 13.46 -1.37
C3 NAG Q . -39.48 12.25 -2.13
C4 NAG Q . -40.98 12.35 -2.42
C5 NAG Q . -41.35 13.77 -2.92
C6 NAG Q . -42.83 14.02 -3.08
C7 NAG Q . -36.77 12.80 -0.39
C8 NAG Q . -35.28 12.92 -0.55
N2 NAG Q . -37.51 13.43 -1.32
O3 NAG Q . -39.18 11.10 -1.37
O4 NAG Q . -41.20 11.35 -3.39
O5 NAG Q . -40.82 14.76 -2.06
O6 NAG Q . -43.51 13.64 -1.90
O7 NAG Q . -37.26 12.17 0.55
C1 NAG Q . -42.42 10.62 -3.14
C2 NAG Q . -43.04 10.29 -4.50
C3 NAG Q . -44.40 9.66 -4.26
C4 NAG Q . -44.23 8.42 -3.38
C5 NAG Q . -43.42 8.75 -2.12
C6 NAG Q . -43.11 7.54 -1.27
C7 NAG Q . -42.23 11.76 -6.29
C8 NAG Q . -42.49 13.04 -7.05
N2 NAG Q . -43.12 11.47 -5.32
O3 NAG Q . -44.98 9.36 -5.50
O4 NAG Q . -45.52 7.96 -3.07
O5 NAG Q . -42.22 9.40 -2.47
O6 NAG Q . -44.28 7.00 -0.73
O7 NAG Q . -41.25 11.07 -6.54
C1 NAG R . -7.60 18.90 -85.89
C2 NAG R . -8.08 19.54 -87.21
C3 NAG R . -8.13 21.04 -87.16
C4 NAG R . -9.02 21.45 -86.01
C5 NAG R . -8.50 20.76 -84.75
C6 NAG R . -9.22 21.11 -83.46
C7 NAG R . -7.89 18.33 -89.35
C8 NAG R . -6.94 17.97 -90.45
N2 NAG R . -7.34 19.08 -88.37
O3 NAG R . -8.64 21.47 -88.42
O4 NAG R . -8.98 22.87 -85.96
O5 NAG R . -8.49 19.33 -84.90
O6 NAG R . -8.43 20.78 -82.35
O7 NAG R . -9.05 17.95 -89.37
C1 NAG R . -10.23 23.44 -86.40
C2 NAG R . -10.30 24.88 -85.86
C3 NAG R . -11.62 25.50 -86.26
C4 NAG R . -11.80 25.43 -87.77
C5 NAG R . -11.60 23.99 -88.25
C6 NAG R . -11.70 23.83 -89.76
C7 NAG R . -8.99 25.33 -83.83
C8 NAG R . -8.99 25.21 -82.32
N2 NAG R . -10.10 24.86 -84.44
O3 NAG R . -11.65 26.83 -85.80
O4 NAG R . -13.11 25.89 -88.06
O5 NAG R . -10.34 23.52 -87.80
O6 NAG R . -10.95 24.83 -90.40
O7 NAG R . -8.06 25.83 -84.43
C1 NAG S . -0.27 35.30 -73.82
C2 NAG S . -0.12 36.54 -74.72
C3 NAG S . -0.48 37.79 -73.91
C4 NAG S . -1.81 37.62 -73.17
C5 NAG S . -1.89 36.28 -72.43
C6 NAG S . -3.23 35.94 -71.81
C7 NAG S . 1.55 37.05 -76.48
C8 NAG S . 3.03 37.02 -76.78
N2 NAG S . 1.24 36.62 -75.25
O3 NAG S . -0.51 38.87 -74.83
O4 NAG S . -1.88 38.72 -72.29
O5 NAG S . -1.59 35.25 -73.34
O6 NAG S . -3.37 36.58 -70.56
O7 NAG S . 0.73 37.42 -77.33
C1 NAG S . -3.17 39.34 -72.36
C2 NAG S . -3.34 40.20 -71.11
C3 NAG S . -4.73 40.84 -71.12
C4 NAG S . -4.97 41.60 -72.42
C5 NAG S . -4.64 40.69 -73.62
C6 NAG S . -4.79 41.35 -74.97
C7 NAG S . -2.08 39.44 -69.12
C8 NAG S . -2.11 38.46 -67.98
N2 NAG S . -3.14 39.38 -69.95
O3 NAG S . -4.83 41.68 -69.99
O4 NAG S . -6.33 42.01 -72.43
O5 NAG S . -3.32 40.19 -73.49
O6 NAG S . -4.44 40.43 -75.98
O7 NAG S . -1.16 40.23 -69.26
C1 NAG T . -7.37 6.03 -102.88
C2 NAG T . -8.56 6.76 -103.51
C3 NAG T . -8.31 7.01 -104.99
C4 NAG T . -6.98 7.73 -105.18
C5 NAG T . -5.88 6.92 -104.49
C6 NAG T . -4.50 7.54 -104.59
C7 NAG T . -10.73 6.35 -102.44
C8 NAG T . -11.93 5.43 -102.40
N2 NAG T . -9.77 6.02 -103.32
O3 NAG T . -9.38 7.75 -105.50
O4 NAG T . -6.74 7.86 -106.56
O5 NAG T . -6.20 6.77 -103.12
O6 NAG T . -4.53 8.84 -104.03
O7 NAG T . -10.65 7.32 -101.70
C1 NAG T . -6.76 9.26 -106.91
C2 NAG T . -5.98 9.43 -108.22
C3 NAG T . -6.06 10.88 -108.69
C4 NAG T . -7.52 11.33 -108.75
C5 NAG T . -8.18 11.08 -107.40
C6 NAG T . -9.64 11.49 -107.33
C7 NAG T . -4.04 7.98 -108.62
C8 NAG T . -2.58 7.76 -108.30
N2 NAG T . -4.61 9.04 -108.05
O3 NAG T . -5.43 10.98 -109.93
O4 NAG T . -7.53 12.70 -109.11
O5 NAG T . -8.08 9.71 -107.09
O6 NAG T . -10.41 10.58 -108.08
O7 NAG T . -4.64 7.21 -109.36
C1 NAG U . -0.67 -12.92 -105.84
C2 NAG U . -1.87 -13.88 -105.90
C3 NAG U . -1.34 -15.31 -106.06
C4 NAG U . -0.40 -15.40 -107.26
C5 NAG U . 0.69 -14.34 -107.15
C6 NAG U . 1.62 -14.29 -108.34
C7 NAG U . -4.00 -13.48 -104.77
C8 NAG U . -4.67 -13.41 -103.41
N2 NAG U . -2.69 -13.76 -104.74
O3 NAG U . -2.44 -16.16 -106.17
O4 NAG U . 0.16 -16.69 -107.26
O5 NAG U . 0.09 -13.07 -107.02
O6 NAG U . 2.45 -13.15 -108.26
O7 NAG U . -4.63 -13.30 -105.80
C1 NAG U . -0.35 -17.42 -108.39
C2 NAG U . 0.77 -18.35 -108.91
C3 NAG U . 0.25 -19.25 -110.02
C4 NAG U . -1.02 -19.97 -109.58
C5 NAG U . -2.04 -18.92 -109.10
C6 NAG U . -3.35 -19.50 -108.64
C7 NAG U . 3.10 -17.54 -108.77
C8 NAG U . 4.12 -16.67 -109.45
N2 NAG U . 1.89 -17.58 -109.37
O3 NAG U . 1.27 -20.16 -110.35
O4 NAG U . -1.50 -20.68 -110.70
O5 NAG U . -1.47 -18.20 -108.03
O6 NAG U . -3.13 -20.39 -107.57
O7 NAG U . 3.36 -18.16 -107.76
C1 NAG V . -16.66 32.47 21.83
C2 NAG V . -16.44 32.87 20.36
C3 NAG V . -15.20 33.76 20.32
C4 NAG V . -15.19 34.89 21.37
C5 NAG V . -15.69 34.40 22.72
C6 NAG V . -16.00 35.51 23.69
C7 NAG V . -16.20 31.72 18.16
C8 NAG V . -15.89 30.39 17.54
N2 NAG V . -16.20 31.73 19.51
O3 NAG V . -15.04 34.31 19.05
O4 NAG V . -13.84 35.33 21.49
O5 NAG V . -16.89 33.67 22.53
O6 NAG V . -16.95 36.36 23.09
O7 NAG V . -16.43 32.70 17.47
C1 NAG V . -13.73 36.71 21.09
C2 NAG V . -12.89 37.46 22.13
C3 NAG V . -12.70 38.92 21.69
C4 NAG V . -12.19 39.02 20.26
C5 NAG V . -13.05 38.15 19.35
C6 NAG V . -12.59 38.12 17.91
C7 NAG V . -12.84 37.37 24.59
C8 NAG V . -13.70 37.39 25.83
N2 NAG V . -13.50 37.46 23.42
O3 NAG V . -11.83 39.52 22.61
O4 NAG V . -12.29 40.39 19.91
O5 NAG V . -13.10 36.83 19.84
O6 NAG V . -11.25 37.68 17.86
O7 NAG V . -11.62 37.28 24.66
C1 BMA V . -10.99 40.97 19.71
C2 BMA V . -11.22 42.45 19.41
C3 BMA V . -9.87 43.17 19.16
C4 BMA V . -8.66 42.50 19.81
C5 BMA V . -8.99 41.60 21.01
C6 BMA V . -9.05 42.37 22.33
O2 BMA V . -11.95 43.00 20.47
O3 BMA V . -10.06 44.50 19.58
O4 BMA V . -8.02 41.75 18.78
O5 BMA V . -10.16 40.82 20.85
O6 BMA V . -9.17 41.42 23.37
C1 FUC V . -17.29 37.42 24.00
C2 FUC V . -18.19 38.42 23.24
C3 FUC V . -19.51 37.75 22.88
C4 FUC V . -20.19 37.21 24.13
C5 FUC V . -19.22 36.27 24.83
C6 FUC V . -19.74 35.73 26.16
O2 FUC V . -17.48 38.87 22.13
O3 FUC V . -20.28 38.71 22.18
O4 FUC V . -20.57 38.31 24.94
O5 FUC V . -17.99 36.93 25.11
C1 NAG W . 18.63 23.80 11.79
C2 NAG W . 17.19 24.33 11.73
C3 NAG W . 17.16 25.72 11.12
C4 NAG W . 18.10 26.68 11.84
C5 NAG W . 19.45 26.00 12.11
C6 NAG W . 20.35 26.87 12.97
C7 NAG W . 15.43 22.63 11.68
C8 NAG W . 14.55 21.79 10.79
N2 NAG W . 16.28 23.45 11.04
O3 NAG W . 15.83 26.16 11.16
O4 NAG W . 18.28 27.81 10.99
O5 NAG W . 19.28 24.70 12.65
O6 NAG W . 19.56 27.65 13.82
O7 NAG W . 15.37 22.55 12.89
C1 NAG W . 17.69 29.00 11.57
C2 NAG W . 17.95 30.15 10.57
C3 NAG W . 17.34 31.43 11.13
C4 NAG W . 15.86 31.22 11.45
C5 NAG W . 15.71 30.01 12.38
C6 NAG W . 14.28 29.66 12.75
C7 NAG W . 19.88 30.32 9.07
C8 NAG W . 21.38 30.51 9.02
N2 NAG W . 19.34 30.31 10.30
O3 NAG W . 17.53 32.45 10.18
O4 NAG W . 15.39 32.41 12.02
O5 NAG W . 16.31 28.87 11.78
O6 NAG W . 13.69 30.73 13.45
O7 NAG W . 19.22 30.20 8.04
C1 NAG X . 37.81 16.02 -75.19
C2 NAG X . 38.95 16.52 -76.09
C3 NAG X . 40.23 15.75 -75.79
C4 NAG X . 40.56 15.83 -74.31
C5 NAG X . 39.34 15.40 -73.49
C6 NAG X . 39.55 15.49 -72.00
C7 NAG X . 38.37 17.46 -78.28
C8 NAG X . 38.02 17.11 -79.70
N2 NAG X . 38.61 16.41 -77.48
O3 NAG X . 41.25 16.26 -76.59
O4 NAG X . 41.66 14.97 -74.07
O5 NAG X . 38.24 16.19 -73.86
O6 NAG X . 38.38 15.09 -71.32
O7 NAG X . 38.40 18.63 -77.89
C1 NAG X . 42.81 15.77 -73.71
C2 NAG X . 43.69 14.96 -72.74
C3 NAG X . 44.89 15.80 -72.36
C4 NAG X . 45.64 16.22 -73.62
C5 NAG X . 44.68 16.93 -74.57
C6 NAG X . 45.31 17.32 -75.89
C7 NAG X . 42.82 13.28 -71.17
C8 NAG X . 42.03 13.08 -69.90
N2 NAG X . 42.96 14.55 -71.56
O3 NAG X . 45.70 15.02 -71.51
O4 NAG X . 46.70 17.06 -73.21
O5 NAG X . 43.57 16.10 -74.84
O6 NAG X . 45.70 16.15 -76.58
O7 NAG X . 43.31 12.33 -71.77
C1 NAG Y . 44.33 -1.50 -63.01
C2 NAG Y . 45.64 -2.17 -63.44
C3 NAG Y . 46.55 -2.38 -62.24
C4 NAG Y . 46.77 -1.09 -61.47
C5 NAG Y . 45.42 -0.40 -61.20
C6 NAG Y . 45.56 0.98 -60.60
C7 NAG Y . 45.91 -3.71 -65.33
C8 NAG Y . 45.51 -5.07 -65.86
N2 NAG Y . 45.39 -3.41 -64.13
O3 NAG Y . 47.75 -2.93 -62.69
O4 NAG Y . 47.41 -1.46 -60.28
O5 NAG Y . 44.67 -0.28 -62.39
O6 NAG Y . 44.83 1.90 -61.37
O7 NAG Y . 46.64 -2.97 -65.95
C1 NAG Y . 48.66 -0.76 -60.09
C2 NAG Y . 48.82 -0.55 -58.58
C3 NAG Y . 50.20 0.01 -58.23
C4 NAG Y . 51.27 -0.85 -58.87
C5 NAG Y . 51.01 -0.91 -60.38
C6 NAG Y . 52.07 -1.67 -61.15
C7 NAG Y . 46.68 -0.15 -57.44
C8 NAG Y . 45.73 0.92 -56.97
N2 NAG Y . 47.79 0.30 -58.06
O3 NAG Y . 50.32 0.04 -56.84
O4 NAG Y . 52.52 -0.27 -58.57
O5 NAG Y . 49.74 -1.50 -60.61
O6 NAG Y . 51.84 -1.52 -62.54
O7 NAG Y . 46.45 -1.33 -57.27
C1 NAG Z . 32.58 26.22 -92.41
C2 NAG Z . 34.00 26.79 -92.51
C3 NAG Z . 34.44 26.80 -93.96
C4 NAG Z . 34.51 25.34 -94.40
C5 NAG Z . 33.17 24.64 -94.09
C6 NAG Z . 33.26 23.15 -94.37
C7 NAG Z . 34.78 28.27 -90.76
C8 NAG Z . 34.80 29.68 -90.25
N2 NAG Z . 34.11 28.08 -91.90
O3 NAG Z . 35.67 27.46 -94.01
O4 NAG Z . 34.82 25.31 -95.78
O5 NAG Z . 32.71 24.87 -92.76
O6 NAG Z . 34.44 22.62 -93.80
O7 NAG Z . 35.33 27.36 -90.17
C1 NAG Z . 36.17 24.79 -95.96
C2 NAG Z . 36.40 24.53 -97.46
C3 NAG Z . 37.84 24.16 -97.72
C4 NAG Z . 38.78 25.21 -97.13
C5 NAG Z . 38.46 25.36 -95.64
C6 NAG Z . 39.31 26.39 -94.95
C7 NAG Z . 34.52 23.70 -98.82
C8 NAG Z . 33.75 22.46 -99.20
N2 NAG Z . 35.53 23.49 -97.95
O3 NAG Z . 38.01 24.04 -99.11
O4 NAG Z . 40.09 24.75 -97.34
O5 NAG Z . 37.11 25.74 -95.50
O6 NAG Z . 38.88 27.67 -95.36
O7 NAG Z . 34.25 24.80 -99.27
C1 NAG AA . 14.88 30.00 -101.51
C2 NAG AA . 14.79 31.54 -101.42
C3 NAG AA . 13.46 31.99 -102.03
C4 NAG AA . 13.39 31.56 -103.50
C5 NAG AA . 13.68 30.06 -103.57
C6 NAG AA . 13.78 29.53 -104.98
C7 NAG AA . 15.91 33.04 -99.91
C8 NAG AA . 16.07 33.53 -98.49
N2 NAG AA . 15.02 32.06 -100.10
O3 NAG AA . 13.41 33.38 -101.86
O4 NAG AA . 12.08 31.85 -103.95
O5 NAG AA . 14.89 29.73 -102.89
O6 NAG AA . 14.10 28.17 -104.95
O7 NAG AA . 16.57 33.53 -100.80
C1 NAG AA . 12.03 32.97 -104.85
C2 NAG AA . 10.77 32.84 -105.72
C3 NAG AA . 10.59 34.05 -106.63
C4 NAG AA . 10.61 35.33 -105.81
C5 NAG AA . 11.90 35.35 -104.99
C6 NAG AA . 12.00 36.59 -104.12
C7 NAG AA . 9.86 30.66 -106.42
C8 NAG AA . 10.06 29.51 -107.35
N2 NAG AA . 10.78 31.64 -106.52
O3 NAG AA . 9.39 33.90 -107.33
O4 NAG AA . 10.52 36.41 -106.71
O5 NAG AA . 11.97 34.20 -104.15
O6 NAG AA . 10.78 36.81 -103.46
O7 NAG AA . 8.93 30.70 -105.63
C1 NAG BA . -48.51 17.82 -30.95
C2 NAG BA . -48.93 16.65 -30.07
C3 NAG BA . -49.87 15.79 -30.92
C4 NAG BA . -51.09 16.54 -31.43
C5 NAG BA . -50.78 17.98 -31.86
C6 NAG BA . -51.95 18.92 -31.68
C7 NAG BA . -47.69 15.41 -28.37
C8 NAG BA . -46.54 14.50 -28.14
N2 NAG BA . -47.85 15.80 -29.65
O3 NAG BA . -50.26 14.70 -30.13
O4 NAG BA . -51.59 15.78 -32.52
O5 NAG BA . -49.75 18.47 -31.09
O6 NAG BA . -51.50 20.24 -31.45
O7 NAG BA . -48.42 15.77 -27.47
C1 NAG CA . -21.59 42.76 -31.66
C2 NAG CA . -22.63 42.89 -32.77
C3 NAG CA . -22.41 44.16 -33.59
C4 NAG CA . -22.28 45.37 -32.68
C5 NAG CA . -21.17 45.10 -31.67
C6 NAG CA . -20.91 46.26 -30.73
C7 NAG CA . -23.70 41.03 -33.99
C8 NAG CA . -23.43 39.87 -34.92
N2 NAG CA . -22.61 41.75 -33.65
O3 NAG CA . -23.47 44.29 -34.50
O4 NAG CA . -21.98 46.48 -33.50
O5 NAG CA . -21.52 43.96 -30.91
O6 NAG CA . -19.61 46.16 -30.20
O7 NAG CA . -24.82 41.28 -33.59
C1 NAG DA . -40.13 -27.24 -9.08
C2 NAG DA . -41.32 -27.27 -10.07
C3 NAG DA . -41.58 -28.65 -10.63
C4 NAG DA . -40.23 -29.27 -10.97
C5 NAG DA . -39.54 -29.57 -9.65
C6 NAG DA . -38.06 -29.89 -9.80
C7 NAG DA . -42.95 -25.46 -9.86
C8 NAG DA . -44.22 -25.02 -9.18
N2 NAG DA . -42.51 -26.68 -9.51
O3 NAG DA . -42.40 -28.52 -11.77
O4 NAG DA . -40.46 -30.43 -11.74
O5 NAG DA . -39.68 -28.53 -8.69
O6 NAG DA . -37.47 -30.00 -8.53
O7 NAG DA . -42.38 -24.75 -10.68
C1 NAG EA . -22.81 25.88 -50.66
C2 NAG EA . -21.51 25.48 -51.37
C3 NAG EA . -20.54 26.64 -51.26
C4 NAG EA . -21.17 27.90 -51.82
C5 NAG EA . -22.28 28.25 -50.83
C6 NAG EA . -23.48 28.90 -51.48
C7 NAG EA . -20.58 23.20 -50.98
C8 NAG EA . -19.94 22.42 -49.87
N2 NAG EA . -20.91 24.44 -50.60
O3 NAG EA . -19.35 26.30 -51.92
O4 NAG EA . -20.17 28.90 -51.95
O5 NAG EA . -22.69 27.15 -50.01
O6 NAG EA . -23.19 29.09 -52.83
O7 NAG EA . -20.77 22.70 -52.07
C1 NAG FA . -34.58 -10.43 -43.28
C2 NAG FA . -33.59 -11.47 -43.85
C3 NAG FA . -34.31 -12.54 -44.67
C4 NAG FA . -35.46 -13.14 -43.89
C5 NAG FA . -36.40 -12.00 -43.47
C6 NAG FA . -37.59 -12.48 -42.67
C7 NAG FA . -31.28 -11.13 -44.68
C8 NAG FA . -30.45 -10.38 -45.67
N2 NAG FA . -32.61 -10.86 -44.71
O3 NAG FA . -33.36 -13.50 -45.04
O4 NAG FA . -36.10 -14.08 -44.72
O5 NAG FA . -35.67 -11.09 -42.67
O6 NAG FA . -37.15 -13.31 -41.62
O7 NAG FA . -30.79 -11.94 -43.90
C1 NAG GA . -36.33 -2.54 -62.49
C2 NAG GA . -37.68 -2.06 -61.89
C3 NAG GA . -38.56 -3.18 -61.33
C4 NAG GA . -38.66 -4.26 -62.39
C5 NAG GA . -37.25 -4.61 -62.90
C6 NAG GA . -37.18 -5.81 -63.82
C7 NAG GA . -37.85 0.31 -61.16
C8 NAG GA . -37.63 1.26 -60.00
N2 NAG GA . -37.54 -0.99 -60.91
O3 NAG GA . -39.84 -2.64 -60.96
O4 NAG GA . -39.34 -5.34 -61.83
O5 NAG GA . -36.64 -3.46 -63.49
O6 NAG GA . -36.15 -6.67 -63.43
O7 NAG GA . -38.25 0.73 -62.24
C1 NAG HA . -9.27 -13.18 -91.98
C2 NAG HA . -8.19 -13.96 -92.73
C3 NAG HA . -8.72 -14.52 -94.03
C4 NAG HA . -10.00 -15.32 -93.77
C5 NAG HA . -10.98 -14.41 -93.03
C6 NAG HA . -12.32 -15.09 -92.75
C7 NAG HA . -5.94 -13.12 -92.21
C8 NAG HA . -4.88 -12.13 -92.62
N2 NAG HA . -7.06 -13.09 -92.95
O3 NAG HA . -7.72 -15.33 -94.60
O4 NAG HA . -10.49 -15.74 -95.02
O5 NAG HA . -10.41 -14.00 -91.81
O6 NAG HA . -13.19 -14.16 -92.14
O7 NAG HA . -5.77 -13.90 -91.28
C1 NAG IA . -14.89 0.76 -88.87
C2 NAG IA . -15.65 1.88 -88.12
C3 NAG IA . -16.62 1.33 -87.07
C4 NAG IA . -17.55 0.34 -87.78
C5 NAG IA . -16.70 -0.77 -88.42
C6 NAG IA . -17.52 -1.85 -89.08
C7 NAG IA . -14.85 4.19 -87.70
C8 NAG IA . -13.88 5.02 -86.89
N2 NAG IA . -14.81 2.86 -87.46
O3 NAG IA . -17.32 2.40 -86.50
O4 NAG IA . -18.44 -0.13 -86.81
O5 NAG IA . -15.83 -0.18 -89.38
O6 NAG IA . -18.39 -2.47 -88.15
O7 NAG IA . -15.60 4.71 -88.53
C1 NAG JA . -43.28 24.51 12.63
C2 NAG JA . -44.20 23.36 12.22
C3 NAG JA . -44.47 22.40 13.38
C4 NAG JA . -43.18 21.99 14.07
C5 NAG JA . -42.44 23.27 14.49
C6 NAG JA . -41.15 23.01 15.22
C7 NAG JA . -46.01 23.43 10.54
C8 NAG JA . -47.33 24.08 10.21
N2 NAG JA . -45.45 23.84 11.70
O3 NAG JA . -45.17 21.31 12.87
O4 NAG JA . -43.53 21.19 15.17
O5 NAG JA . -42.15 24.02 13.33
O6 NAG JA . -40.41 24.20 15.30
O7 NAG JA . -45.49 22.61 9.80
C1 NAG KA . 32.74 38.34 -6.41
C2 NAG KA . 32.20 39.02 -7.67
C3 NAG KA . 32.95 40.33 -7.86
C4 NAG KA . 32.77 41.20 -6.63
C5 NAG KA . 33.11 40.42 -5.35
C6 NAG KA . 32.77 41.17 -4.08
C7 NAG KA . 31.27 37.54 -9.42
C8 NAG KA . 29.91 37.79 -8.80
N2 NAG KA . 32.31 38.16 -8.83
O3 NAG KA . 32.49 40.94 -9.03
O4 NAG KA . 33.60 42.32 -6.80
O5 NAG KA . 32.45 39.18 -5.32
O6 NAG KA . 33.54 42.35 -3.99
O7 NAG KA . 31.39 36.81 -10.40
C1 NAG LA . 46.53 12.32 21.00
C2 NAG LA . 46.24 13.84 21.06
C3 NAG LA . 45.94 14.40 22.46
C4 NAG LA . 45.29 13.42 23.41
C5 NAG LA . 46.07 12.11 23.33
C6 NAG LA . 45.62 11.06 24.32
C7 NAG LA . 47.69 15.84 20.41
C8 NAG LA . 49.03 16.14 19.78
N2 NAG LA . 47.41 14.51 20.50
O3 NAG LA . 45.14 15.54 22.31
O4 NAG LA . 45.34 13.99 24.69
O5 NAG LA . 45.85 11.63 22.03
O6 NAG LA . 44.23 10.83 24.17
O7 NAG LA . 46.97 16.75 20.78
C1 NAG MA . 45.62 3.30 -16.89
C2 NAG MA . 46.53 4.39 -17.43
C3 NAG MA . 47.84 3.80 -17.96
C4 NAG MA . 48.47 2.86 -16.94
C5 NAG MA . 47.42 1.83 -16.51
C6 NAG MA . 47.91 0.81 -15.52
C7 NAG MA . 45.64 6.46 -18.44
C8 NAG MA . 44.93 7.01 -19.66
N2 NAG MA . 45.88 5.14 -18.46
O3 NAG MA . 48.70 4.86 -18.29
O4 NAG MA . 49.59 2.25 -17.55
O5 NAG MA . 46.33 2.53 -15.94
O6 NAG MA . 46.87 -0.10 -15.22
O7 NAG MA . 45.96 7.19 -17.51
C1 NAG NA . -15.90 48.80 -2.92
C2 NAG NA . -14.99 49.70 -3.76
C3 NAG NA . -15.82 50.69 -4.57
C4 NAG NA . -16.90 49.95 -5.36
C5 NAG NA . -17.71 49.07 -4.40
C6 NAG NA . -18.82 48.29 -5.08
C7 NAG NA . -12.74 50.19 -2.86
C8 NAG NA . -11.98 51.07 -1.91
N2 NAG NA . -14.07 50.42 -2.91
O3 NAG NA . -14.96 51.40 -5.42
O4 NAG NA . -17.71 50.92 -5.98
O5 NAG NA . -16.84 48.17 -3.75
O6 NAG NA . -18.29 47.55 -6.16
O7 NAG NA . -12.18 49.34 -3.53
C1 NAG OA . 38.96 18.39 -35.81
C2 NAG OA . 38.91 16.88 -36.13
C3 NAG OA . 40.30 16.24 -36.25
C4 NAG OA . 41.17 17.05 -37.19
C5 NAG OA . 41.22 18.47 -36.63
C6 NAG OA . 42.09 19.39 -37.44
C7 NAG OA . 37.02 15.48 -35.41
C8 NAG OA . 36.39 14.78 -34.22
N2 NAG OA . 38.14 16.17 -35.13
O3 NAG OA . 40.19 14.90 -36.71
O4 NAG OA . 42.44 16.44 -37.23
O5 NAG OA . 39.92 19.01 -36.63
O6 NAG OA . 41.73 19.34 -38.81
O7 NAG OA . 36.53 15.40 -36.53
C1 NAG PA . 8.06 43.17 -30.25
C2 NAG PA . 6.84 42.78 -31.10
C3 NAG PA . 6.06 44.08 -31.37
C4 NAG PA . 5.77 44.92 -30.12
C5 NAG PA . 7.08 45.13 -29.35
C6 NAG PA . 6.91 45.87 -28.05
C7 NAG PA . 6.41 41.59 -33.20
C8 NAG PA . 7.02 41.15 -34.48
N2 NAG PA . 7.24 42.26 -32.37
O3 NAG PA . 4.87 43.81 -32.06
O4 NAG PA . 5.22 46.14 -30.54
O5 NAG PA . 7.58 43.84 -29.09
O6 NAG PA . 5.59 45.75 -27.62
O7 NAG PA . 5.23 41.35 -32.94
C1 NAG QA . 23.72 45.85 -45.97
C2 NAG QA . 24.60 46.48 -44.88
C3 NAG QA . 23.87 47.69 -44.30
C4 NAG QA . 23.28 48.64 -45.34
C5 NAG QA . 22.52 47.83 -46.39
C6 NAG QA . 21.92 48.63 -47.53
C7 NAG QA . 25.95 45.19 -43.31
C8 NAG QA . 25.81 44.31 -42.11
N2 NAG QA . 24.77 45.62 -43.76
O3 NAG QA . 24.75 48.37 -43.45
O4 NAG QA . 22.40 49.48 -44.61
O5 NAG QA . 23.43 46.88 -46.89
O6 NAG QA . 21.15 47.77 -48.32
O7 NAG QA . 27.05 45.45 -43.77
C1 NAG RA . 13.71 34.75 -85.99
C2 NAG RA . 12.71 34.43 -87.12
C3 NAG RA . 12.89 35.38 -88.30
C4 NAG RA . 12.88 36.83 -87.81
C5 NAG RA . 13.88 36.99 -86.66
C6 NAG RA . 13.96 38.41 -86.13
C7 NAG RA . 11.98 32.11 -87.23
C8 NAG RA . 12.34 30.72 -87.71
N2 NAG RA . 12.89 33.06 -87.50
O3 NAG RA . 11.85 35.14 -89.20
O4 NAG RA . 13.19 37.65 -88.91
O5 NAG RA . 13.57 36.10 -85.61
O6 NAG RA . 14.88 38.45 -85.06
O7 NAG RA . 10.93 32.32 -86.64
C1 NAG SA . 28.22 30.82 -78.85
C2 NAG SA . 29.48 31.07 -78.02
C3 NAG SA . 29.67 32.55 -77.62
C4 NAG SA . 29.03 33.47 -78.64
C5 NAG SA . 27.53 33.17 -78.61
C6 NAG SA . 26.79 33.77 -79.79
C7 NAG SA . 30.16 29.47 -76.23
C8 NAG SA . 29.66 28.87 -74.94
N2 NAG SA . 29.31 30.35 -76.80
O3 NAG SA . 31.04 32.79 -77.43
O4 NAG SA . 29.32 34.80 -78.28
O5 NAG SA . 27.24 31.77 -78.48
O6 NAG SA . 27.71 34.08 -80.81
O7 NAG SA . 31.24 29.17 -76.71
C1 NAG TA . 24.20 16.14 28.69
C2 NAG TA . 23.61 17.52 28.40
C3 NAG TA . 22.78 18.13 29.53
C4 NAG TA . 22.11 17.11 30.44
C5 NAG TA . 23.13 16.05 30.83
C6 NAG TA . 22.58 15.03 31.81
C7 NAG TA . 24.63 19.69 27.59
C8 NAG TA . 25.99 20.37 27.48
N2 NAG TA . 24.69 18.44 28.13
O3 NAG TA . 21.83 19.01 28.97
O4 NAG TA . 21.64 17.80 31.57
O5 NAG TA . 23.47 15.39 29.64
O6 NAG TA . 23.09 13.74 31.51
O7 NAG TA . 23.61 20.24 27.19
C1 NAG UA . 9.24 -47.65 -17.66
C2 NAG UA . 9.94 -46.30 -17.87
C3 NAG UA . 11.35 -46.47 -17.31
C4 NAG UA . 11.26 -46.87 -15.84
C5 NAG UA . 10.31 -48.06 -15.63
C6 NAG UA . 10.05 -48.37 -14.17
C7 NAG UA . 9.28 -44.84 -19.72
C8 NAG UA . 9.41 -44.59 -21.20
N2 NAG UA . 9.95 -45.91 -19.25
O3 NAG UA . 12.04 -45.27 -17.49
O4 NAG UA . 12.57 -47.19 -15.42
O5 NAG UA . 9.06 -47.83 -16.27
O6 NAG UA . 11.20 -48.95 -13.60
O7 NAG UA . 8.63 -44.10 -19.00
C1 NAG VA . -22.67 -36.98 -32.89
C2 NAG VA . -22.17 -37.82 -34.06
C3 NAG VA . -23.31 -37.92 -35.08
C4 NAG VA . -24.55 -38.42 -34.32
C5 NAG VA . -24.81 -37.61 -33.05
C6 NAG VA . -26.07 -37.98 -32.29
C7 NAG VA . -19.79 -37.81 -34.78
C8 NAG VA . -18.67 -36.96 -35.32
N2 NAG VA . -20.97 -37.19 -34.58
O3 NAG VA . -22.91 -38.77 -36.14
O4 NAG VA . -25.62 -38.32 -35.21
O5 NAG VA . -23.66 -37.67 -32.20
O6 NAG VA . -27.16 -37.26 -32.81
O7 NAG VA . -19.61 -39.00 -34.56
C1 NAG WA . 37.82 -8.94 7.87
C2 NAG WA . 37.93 -10.35 7.25
C3 NAG WA . 39.24 -10.51 6.46
C4 NAG WA . 39.34 -9.44 5.38
C5 NAG WA . 39.23 -8.07 6.04
C6 NAG WA . 39.07 -6.98 5.00
C7 NAG WA . 37.23 -12.58 8.05
C8 NAG WA . 36.40 -12.69 6.79
N2 NAG WA . 37.92 -11.43 8.21
O3 NAG WA . 39.27 -11.80 5.92
O4 NAG WA . 40.59 -9.61 4.75
O5 NAG WA . 38.08 -8.00 6.85
O6 NAG WA . 38.02 -7.32 4.12
O7 NAG WA . 37.25 -13.50 8.86
C1 NAG XA . -0.42 -33.84 -45.76
C2 NAG XA . -1.50 -32.78 -46.07
C3 NAG XA . -2.60 -33.27 -47.02
C4 NAG XA . -1.94 -33.95 -48.20
C5 NAG XA . -1.18 -35.16 -47.66
C6 NAG XA . -0.57 -36.02 -48.73
C7 NAG XA . -2.24 -30.93 -44.60
C8 NAG XA . -2.93 -30.60 -43.31
N2 NAG XA . -2.11 -32.26 -44.86
O3 NAG XA . -3.31 -32.12 -47.41
O4 NAG XA . -2.96 -34.32 -49.10
O5 NAG XA . -0.12 -34.67 -46.85
O6 NAG XA . 0.51 -35.32 -49.30
O7 NAG XA . -1.82 -30.07 -45.37
C1 NAG YA . 31.95 -23.13 -26.11
C2 NAG YA . 32.47 -22.00 -27.02
C3 NAG YA . 33.95 -22.22 -27.39
C4 NAG YA . 34.78 -22.47 -26.14
C5 NAG YA . 34.17 -23.64 -25.38
C6 NAG YA . 34.91 -24.00 -24.11
C7 NAG YA . 31.08 -20.81 -28.68
C8 NAG YA . 30.31 -20.97 -29.96
N2 NAG YA . 31.68 -21.93 -28.23
O3 NAG YA . 34.38 -21.10 -28.10
O4 NAG YA . 36.09 -22.75 -26.56
O5 NAG YA . 32.83 -23.30 -25.02
O6 NAG YA . 34.93 -22.91 -23.23
O7 NAG YA . 31.14 -19.74 -28.09
C1 NAG ZA . 33.43 -32.81 -44.72
C2 NAG ZA . 33.26 -34.00 -43.78
C3 NAG ZA . 34.20 -33.89 -42.58
C4 NAG ZA . 35.64 -33.72 -43.10
C5 NAG ZA . 35.69 -32.57 -44.12
C6 NAG ZA . 37.06 -32.36 -44.71
C7 NAG ZA . 31.20 -35.31 -43.32
C8 NAG ZA . 29.77 -35.20 -42.87
N2 NAG ZA . 31.88 -34.14 -43.37
O3 NAG ZA . 34.07 -35.04 -41.79
O4 NAG ZA . 36.45 -33.48 -41.97
O5 NAG ZA . 34.76 -32.80 -45.17
O6 NAG ZA . 36.97 -31.50 -45.83
O7 NAG ZA . 31.69 -36.39 -43.62
C1 NAG AB . 41.94 -9.60 -79.13
C2 NAG AB . 42.64 -8.35 -79.67
C3 NAG AB . 43.86 -8.75 -80.49
C4 NAG AB . 44.79 -9.55 -79.59
C5 NAG AB . 44.02 -10.73 -78.97
C6 NAG AB . 44.86 -11.55 -78.02
C7 NAG AB . 41.32 -6.32 -79.97
C8 NAG AB . 40.34 -5.61 -80.87
N2 NAG AB . 41.71 -7.53 -80.40
O3 NAG AB . 44.45 -7.58 -80.97
O4 NAG AB . 45.86 -9.98 -80.38
O5 NAG AB . 42.86 -10.27 -78.29
O6 NAG AB . 44.17 -12.72 -77.65
O7 NAG AB . 41.72 -5.80 -78.93
C1 NAG BB . 31.39 -20.30 -77.20
C2 NAG BB . 30.62 -21.58 -76.80
C3 NAG BB . 31.20 -22.22 -75.54
C4 NAG BB . 32.69 -22.44 -75.75
C5 NAG BB . 33.36 -21.11 -76.04
C6 NAG BB . 34.84 -21.23 -76.28
C7 NAG BB . 28.24 -22.14 -77.04
C8 NAG BB . 26.84 -21.69 -76.74
N2 NAG BB . 29.22 -21.33 -76.60
O3 NAG BB . 30.52 -23.41 -75.28
O4 NAG BB . 33.21 -23.02 -74.57
O5 NAG BB . 32.78 -20.53 -77.21
O6 NAG BB . 35.11 -22.39 -77.05
O7 NAG BB . 28.47 -23.19 -77.64
#